data_4PE5
#
_entry.id   4PE5
#
_cell.length_a   116.825
_cell.length_b   163.186
_cell.length_c   163.137
_cell.angle_alpha   90.00
_cell.angle_beta   93.81
_cell.angle_gamma   90.00
#
_symmetry.space_group_name_H-M   'P 1 21 1'
#
loop_
_entity.id
_entity.type
_entity.pdbx_description
1 polymer 'Glutamate receptor ionotropic, NMDA 1'
2 polymer 'Glutamate receptor ionotropic, NMDA 2B'
3 branched alpha-D-mannopyranose-(1-6)-beta-D-mannopyranose-(1-4)-2-acetamido-2-deoxy-beta-D-glucopyranose-(1-4)-2-acetamido-2-deoxy-beta-D-glucopyranose
4 branched alpha-D-mannopyranose-(1-3)-alpha-D-mannopyranose-(1-6)-[alpha-D-mannopyranose-(1-3)]beta-D-mannopyranose-(1-4)-2-acetamido-2-deoxy-beta-D-glucopyranose-(1-4)-2-acetamido-2-deoxy-beta-D-glucopyranose
5 branched alpha-D-mannopyranose-(1-6)-alpha-D-mannopyranose-(1-6)-alpha-D-mannopyranose-(1-6)-beta-D-mannopyranose-(1-4)-2-acetamido-2-deoxy-beta-D-glucopyranose-(1-4)-2-acetamido-2-deoxy-beta-D-glucopyranose
6 branched 2-acetamido-2-deoxy-beta-D-glucopyranose-(1-4)-2-acetamido-2-deoxy-beta-D-glucopyranose
7 non-polymer 'TUNGSTEN ION'
8 non-polymer GLYCINE
9 non-polymer 2-acetamido-2-deoxy-beta-D-glucopyranose
10 non-polymer 4-[(1R,2S)-2-(4-benzylpiperidin-1-yl)-1-hydroxypropyl]phenol
11 non-polymer 'GLUTAMIC ACID'
#
loop_
_entity_poly.entity_id
_entity_poly.type
_entity_poly.pdbx_seq_one_letter_code
_entity_poly.pdbx_strand_id
1 'polypeptide(L)'
;DPKIVNIGAVLSTRKHEQMFREAVNQANKRHGSWKIQLQATSVTHKPNAIQMALSVCEDLISSQVYAILVSHPPTPNDHF
TPTPVSYTAGFYRIPVLGLTTRMSIYSDKSIHLSFLRTVPPYSHQSSVWFEMMRVYNWNHIILLVSDDHEGRAAQKRLET
LLEERESKAEKVLQFDPGTKNVTALLMEARELEARVIILSASEDDAATVYRAAAMLDMTGSGYVWLVGEREISGNALRYA
PDGIIGLQLINGKNESAHISDAVGVVAQAVHELLEKENITDPPRGCVGNTNIWKTGPLFKRVLMSSKYADGVTGRVEFNE
DGDRKFAQYSIMNLQNRKLVQVGIYNGTHVIPNDRKIIWPGGETEKPRGYQMSTRLKIVTIHQEPFVYVKPTMSDGTCKE
EFTVNGDPVKKVICTGPNDTSPGSPRHTVPQCCYGFCIDLLIKLARTMQFTYEVHLVADGKFGTQERVQNSNKKEWNGMM
GELLSGQADMIVAPLTINNERAQYIEFSKPFKYQGLTILVKKEIPRSTLDSFMQPFQSCLWLLVGLSVHVVAVMLYLLDR
FSPFGRFKVNSQSESTDALTLSSAMWFSWGVLLNSGIGEGAPRSFSARILGMVWAGFAMIIVASYTANLAAFLVLDRPEE
RITGINDPRLRNPSDKFIYATVKQSSVDIYFRRQVELSTMYRHMEKHNYESAAEAIQAVRDNKLHAFIWDSAVLEFEASQ
KCDLVTTGELFFRSGFGIGMRKDSPWKQQVSLSILKSHENGFMEDLDKTWVRYQECDSRSNAPATLTCENMAGVFMLVAG
GIVAGIFLIFIEIAYKRHKDANGAQ
;
A,C
2 'polypeptide(L)'
;RSQKSPPSIGIAVILVGTSDEVAIKDAHEKDDFHHLSVVPRVELVAMNETDPKSIITRICDLMSDRKIQGVVFADDTDQE
AIAQILDFISAQTLTPILGIHGGSSMIMADKDESSMFFQFGPSIEQQASVMLNIMEEYDWYIFSIVTTYFPGYQDFVNKI
RSTIENSFVGWELEEVLLLDMSLDDGDCKIQNQLKKLQSPIILLYCTKEEATYIFEVANSVGLTGYGYTWIVPSLVAGDT
DTVPSEFPTGLISVSYDEWDYGLPARVRDGIAIITTAASDMLSEHSFIPEPKSSCYNTHEKRIYQSNMLNRYLINVTFEG
RDLSFSEDGYQMHPKLVIILLNKERKWERVGKWKDKSLQMKYYVWPRMTQDDHLSIVTLEEAPFVIVESVDPLSGTCMRN
TVPCQKRIISENKTDEEPGYIKKCCKGFCIDILKKISKSVKFTYDLYLVTNGKHGKKINGTWNGMIGEVVMKRAYMAVGS
LTINEERSEVVDFSVPFIETGISVMVSRSNGTVSPSAFLEPFSACVWVMMFVMLLIVSAVAVFVFEYFSPVGYNRSLADG
REPGGPSFTIGKAIWLLWGLVFNNSVPVQNPKGTTSKIMVSVWAFFAVIFLASYTANLAAFMIQEEYVDQVSGLSDKKFQ
RPNDFSPPFRFGTVPNGSTERNIRNNYAEMHAYMGKFNQRGVDDALLSLKTGKLDAFIYDAAVLNYMAGRDEGCKLVTIG
SGKVFASTGYGIAIQKDSGWKRQVDLAILQLFGDGEMEELEALWLTGICHNEKNEVMSSQLDCDNMAGVFYMLGAAMALS
LITFISEHLFYWQFRHSFMG
;
B,D
#
# COMPACT_ATOMS: atom_id res chain seq x y z
N LYS A 3 -12.08 47.68 36.37
CA LYS A 3 -13.18 46.87 35.84
C LYS A 3 -13.87 47.57 34.68
N ILE A 4 -13.34 48.73 34.29
CA ILE A 4 -13.96 49.52 33.23
C ILE A 4 -13.45 49.11 31.85
N VAL A 5 -14.36 48.60 31.02
CA VAL A 5 -14.00 48.15 29.69
C VAL A 5 -14.47 49.14 28.62
N ASN A 6 -13.53 49.83 28.00
CA ASN A 6 -13.86 50.80 26.96
C ASN A 6 -14.15 50.15 25.62
N ILE A 7 -15.25 50.56 24.99
CA ILE A 7 -15.49 50.21 23.59
C ILE A 7 -15.33 51.46 22.73
N GLY A 8 -14.68 51.33 21.58
CA GLY A 8 -14.52 52.47 20.69
C GLY A 8 -15.41 52.39 19.48
N ALA A 9 -15.53 53.51 18.76
CA ALA A 9 -16.25 53.53 17.49
C ALA A 9 -15.86 54.73 16.63
N VAL A 10 -15.67 54.50 15.34
CA VAL A 10 -15.60 55.58 14.37
C VAL A 10 -16.89 55.63 13.55
N LEU A 11 -17.73 56.61 13.83
CA LEU A 11 -19.03 56.69 13.18
C LEU A 11 -19.20 57.95 12.33
N SER A 12 -20.34 58.03 11.64
CA SER A 12 -20.57 59.07 10.65
C SER A 12 -20.81 60.44 11.28
N THR A 13 -21.70 60.49 12.28
CA THR A 13 -22.11 61.76 12.87
C THR A 13 -22.15 61.68 14.39
N ARG A 14 -22.17 62.85 15.03
CA ARG A 14 -22.43 62.97 16.46
C ARG A 14 -23.73 62.28 16.89
N LYS A 15 -24.74 62.28 16.02
CA LYS A 15 -26.00 61.63 16.33
C LYS A 15 -25.79 60.13 16.51
N HIS A 16 -25.07 59.53 15.57
CA HIS A 16 -24.74 58.12 15.64
C HIS A 16 -23.80 57.85 16.81
N GLU A 17 -23.03 58.85 17.21
CA GLU A 17 -22.19 58.76 18.38
C GLU A 17 -23.07 58.60 19.62
N GLN A 18 -24.14 59.40 19.66
CA GLN A 18 -25.06 59.41 20.78
C GLN A 18 -25.83 58.10 20.82
N MET A 19 -26.04 57.54 19.62
CA MET A 19 -26.68 56.23 19.50
C MET A 19 -25.77 55.15 20.06
N PHE A 20 -24.49 55.17 19.68
CA PHE A 20 -23.49 54.28 20.25
C PHE A 20 -23.47 54.37 21.77
N ARG A 21 -23.35 55.59 22.29
CA ARG A 21 -23.37 55.85 23.73
C ARG A 21 -24.59 55.25 24.41
N GLU A 22 -25.75 55.36 23.76
CA GLU A 22 -26.99 54.92 24.38
C GLU A 22 -27.10 53.40 24.32
N ALA A 23 -26.54 52.82 23.26
CA ALA A 23 -26.49 51.38 23.10
C ALA A 23 -25.61 50.79 24.18
N VAL A 24 -24.53 51.50 24.50
CA VAL A 24 -23.58 51.01 25.49
C VAL A 24 -24.20 51.12 26.87
N ASN A 25 -24.77 52.28 27.15
CA ASN A 25 -25.57 52.49 28.37
C ASN A 25 -26.61 51.40 28.59
N GLN A 26 -27.31 51.04 27.51
CA GLN A 26 -28.29 49.96 27.56
C GLN A 26 -27.65 48.61 27.84
N ALA A 27 -26.51 48.35 27.21
CA ALA A 27 -25.76 47.13 27.47
C ALA A 27 -25.43 47.02 28.96
N ASN A 28 -25.01 48.15 29.54
CA ASN A 28 -24.75 48.23 30.97
C ASN A 28 -26.00 47.93 31.77
N LYS A 29 -27.13 48.46 31.30
CA LYS A 29 -28.41 48.27 31.98
C LYS A 29 -28.82 46.80 31.94
N ARG A 30 -28.68 46.20 30.75
CA ARG A 30 -29.18 44.84 30.53
C ARG A 30 -28.21 43.81 31.10
N ILE A 36 -18.12 44.72 36.49
CA ILE A 36 -17.56 45.49 35.37
C ILE A 36 -18.64 46.32 34.69
N GLN A 37 -18.31 47.57 34.36
CA GLN A 37 -19.23 48.44 33.65
C GLN A 37 -18.58 49.10 32.43
N LEU A 38 -19.31 49.13 31.33
CA LEU A 38 -18.78 49.66 30.07
C LEU A 38 -18.87 51.18 30.04
N GLN A 39 -17.94 51.80 29.33
CA GLN A 39 -18.02 53.23 29.04
C GLN A 39 -17.77 53.47 27.56
N ALA A 40 -18.60 54.31 26.95
CA ALA A 40 -18.51 54.56 25.52
C ALA A 40 -17.51 55.66 25.20
N THR A 41 -16.65 55.40 24.23
CA THR A 41 -15.68 56.36 23.73
C THR A 41 -15.69 56.33 22.21
N SER A 42 -15.91 57.47 21.57
CA SER A 42 -16.05 57.48 20.13
C SER A 42 -15.51 58.74 19.47
N VAL A 43 -15.21 58.63 18.17
CA VAL A 43 -14.85 59.75 17.32
C VAL A 43 -15.48 59.57 15.95
N THR A 44 -15.36 60.61 15.11
CA THR A 44 -15.81 60.50 13.72
C THR A 44 -14.61 60.30 12.80
N HIS A 45 -14.89 59.95 11.54
CA HIS A 45 -13.84 59.69 10.58
C HIS A 45 -12.95 60.90 10.34
N LYS A 46 -11.66 60.65 10.16
CA LYS A 46 -10.71 61.70 9.80
C LYS A 46 -10.68 61.90 8.27
N PRO A 47 -10.15 63.05 7.81
CA PRO A 47 -10.18 63.36 6.37
C PRO A 47 -9.29 62.44 5.54
N ASN A 48 -8.24 61.89 6.13
CA ASN A 48 -7.38 60.94 5.42
C ASN A 48 -6.88 59.79 6.29
N ALA A 49 -6.33 58.78 5.64
CA ALA A 49 -5.88 57.54 6.28
C ALA A 49 -4.81 57.70 7.37
N ILE A 50 -3.83 58.57 7.15
CA ILE A 50 -2.83 58.84 8.19
C ILE A 50 -3.43 59.49 9.43
N GLN A 51 -4.22 60.54 9.21
CA GLN A 51 -4.92 61.19 10.32
C GLN A 51 -5.89 60.22 10.98
N MET A 52 -6.40 59.27 10.21
CA MET A 52 -7.33 58.30 10.75
C MET A 52 -6.61 57.33 11.68
N ALA A 53 -5.47 56.82 11.25
CA ALA A 53 -4.63 55.96 12.09
C ALA A 53 -4.23 56.68 13.38
N LEU A 54 -3.82 57.93 13.22
CA LEU A 54 -3.35 58.71 14.36
C LEU A 54 -4.51 58.95 15.32
N SER A 55 -5.69 59.16 14.75
CA SER A 55 -6.87 59.37 15.56
C SER A 55 -7.19 58.10 16.35
N VAL A 56 -7.13 56.96 15.67
CA VAL A 56 -7.26 55.66 16.33
C VAL A 56 -6.35 55.55 17.56
N CYS A 57 -5.08 55.91 17.39
CA CYS A 57 -4.15 55.83 18.53
C CYS A 57 -4.43 56.82 19.66
N GLU A 58 -4.58 58.10 19.30
CA GLU A 58 -4.67 59.16 20.30
C GLU A 58 -6.02 59.25 21.00
N ASP A 59 -7.08 58.85 20.29
CA ASP A 59 -8.43 59.04 20.80
C ASP A 59 -9.06 57.76 21.33
N LEU A 60 -8.73 56.62 20.70
CA LEU A 60 -9.39 55.36 21.04
C LEU A 60 -8.47 54.44 21.82
N ILE A 61 -7.38 54.00 21.20
CA ILE A 61 -6.46 53.04 21.80
C ILE A 61 -5.84 53.64 23.07
N SER A 62 -5.87 54.98 23.16
CA SER A 62 -5.37 55.72 24.31
C SER A 62 -6.23 55.50 25.54
N SER A 63 -7.42 54.94 25.33
CA SER A 63 -8.40 54.76 26.39
C SER A 63 -8.55 53.26 26.66
N GLN A 64 -7.65 52.50 26.04
CA GLN A 64 -7.59 51.05 26.20
C GLN A 64 -8.90 50.37 25.80
N VAL A 65 -9.27 50.52 24.53
CA VAL A 65 -10.50 49.91 24.03
C VAL A 65 -10.26 48.43 23.76
N TYR A 66 -11.22 47.59 24.14
CA TYR A 66 -11.14 46.17 23.88
C TYR A 66 -11.53 45.84 22.44
N ALA A 67 -12.19 46.78 21.78
CA ALA A 67 -12.73 46.56 20.44
C ALA A 67 -13.11 47.90 19.80
N ILE A 68 -13.14 47.92 18.47
CA ILE A 68 -13.48 49.15 17.75
C ILE A 68 -14.54 48.94 16.67
N LEU A 69 -15.72 49.47 16.90
CA LEU A 69 -16.77 49.52 15.88
C LEU A 69 -16.38 50.50 14.78
N VAL A 70 -16.61 50.11 13.53
CA VAL A 70 -16.29 50.97 12.39
C VAL A 70 -17.40 50.95 11.33
N SER A 71 -17.85 52.14 10.96
CA SER A 71 -18.88 52.29 9.94
C SER A 71 -18.30 52.89 8.67
N HIS A 72 -19.09 52.90 7.60
CA HIS A 72 -18.71 53.61 6.38
C HIS A 72 -19.12 55.07 6.44
N THR A 81 -13.75 53.50 4.23
CA THR A 81 -12.40 52.98 4.32
C THR A 81 -12.00 52.64 5.75
N PRO A 82 -12.48 51.50 6.26
CA PRO A 82 -12.06 51.02 7.59
C PRO A 82 -10.61 50.54 7.64
N THR A 83 -9.96 50.48 6.49
CA THR A 83 -8.62 49.89 6.38
C THR A 83 -7.57 50.41 7.39
N PRO A 84 -7.36 51.74 7.47
CA PRO A 84 -6.40 52.22 8.47
C PRO A 84 -6.72 51.80 9.92
N VAL A 85 -8.00 51.62 10.21
CA VAL A 85 -8.44 51.23 11.55
C VAL A 85 -8.16 49.77 11.79
N SER A 86 -8.37 48.95 10.76
CA SER A 86 -8.06 47.53 10.84
C SER A 86 -6.57 47.30 10.99
N TYR A 87 -5.77 47.94 10.13
CA TYR A 87 -4.33 47.88 10.26
C TYR A 87 -3.83 48.33 11.65
N THR A 88 -4.27 49.50 12.09
CA THR A 88 -3.78 50.07 13.34
C THR A 88 -4.18 49.23 14.55
N ALA A 89 -5.44 48.82 14.59
CA ALA A 89 -5.96 48.06 15.73
C ALA A 89 -5.36 46.67 15.70
N GLY A 90 -5.17 46.15 14.49
CA GLY A 90 -4.62 44.82 14.28
C GLY A 90 -3.15 44.77 14.66
N PHE A 91 -2.49 45.94 14.66
CA PHE A 91 -1.09 46.01 15.08
C PHE A 91 -1.02 45.47 16.50
N TYR A 92 -2.04 45.77 17.28
CA TYR A 92 -2.13 45.36 18.67
C TYR A 92 -3.01 44.14 18.83
N ARG A 93 -3.65 43.73 17.73
CA ARG A 93 -4.64 42.64 17.71
C ARG A 93 -5.90 43.03 18.47
N ILE A 94 -6.20 44.32 18.47
CA ILE A 94 -7.50 44.81 18.93
C ILE A 94 -8.53 44.61 17.83
N PRO A 95 -9.59 43.84 18.12
CA PRO A 95 -10.62 43.51 17.13
C PRO A 95 -11.40 44.71 16.61
N VAL A 96 -11.71 44.67 15.32
CA VAL A 96 -12.54 45.68 14.68
C VAL A 96 -13.85 45.08 14.19
N LEU A 97 -14.97 45.74 14.51
CA LEU A 97 -16.28 45.32 14.03
C LEU A 97 -16.81 46.28 12.97
N GLY A 98 -16.70 45.90 11.70
CA GLY A 98 -17.26 46.67 10.61
C GLY A 98 -18.78 46.66 10.66
N LEU A 99 -19.38 47.85 10.67
CA LEU A 99 -20.83 47.95 10.72
C LEU A 99 -21.49 47.99 9.35
N THR A 100 -20.80 48.52 8.34
CA THR A 100 -21.42 48.70 7.04
C THR A 100 -20.53 48.37 5.84
N THR A 101 -19.26 48.08 6.06
CA THR A 101 -18.40 47.75 4.92
C THR A 101 -18.66 46.34 4.40
N ARG A 102 -18.73 46.23 3.08
CA ARG A 102 -19.03 44.96 2.42
C ARG A 102 -17.90 44.47 1.50
N MET A 103 -16.81 45.22 1.41
CA MET A 103 -15.68 44.80 0.58
C MET A 103 -15.01 43.51 1.05
N SER A 104 -14.73 42.64 0.10
CA SER A 104 -14.24 41.29 0.38
C SER A 104 -12.81 41.30 0.92
N ILE A 105 -12.09 42.39 0.68
CA ILE A 105 -10.69 42.48 1.09
C ILE A 105 -10.54 42.37 2.60
N TYR A 106 -11.58 42.72 3.34
CA TYR A 106 -11.54 42.66 4.80
C TYR A 106 -11.74 41.24 5.31
N SER A 107 -11.82 40.28 4.40
CA SER A 107 -12.08 38.90 4.76
C SER A 107 -10.79 38.10 4.71
N ASP A 108 -9.72 38.78 4.30
CA ASP A 108 -8.41 38.15 4.15
C ASP A 108 -7.67 38.27 5.48
N LYS A 109 -7.64 37.17 6.24
CA LYS A 109 -6.95 37.11 7.52
C LYS A 109 -5.49 37.58 7.44
N SER A 110 -4.85 37.33 6.30
CA SER A 110 -3.47 37.79 6.08
C SER A 110 -3.30 39.30 6.20
N ILE A 111 -4.28 40.06 5.72
CA ILE A 111 -4.15 41.51 5.68
C ILE A 111 -4.90 42.14 6.86
N HIS A 112 -6.09 41.63 7.12
CA HIS A 112 -6.94 42.13 8.20
C HIS A 112 -7.11 41.07 9.29
N LEU A 113 -6.16 41.05 10.22
CA LEU A 113 -5.96 39.94 11.14
C LEU A 113 -7.10 39.79 12.13
N SER A 114 -7.64 40.91 12.60
CA SER A 114 -8.67 40.86 13.63
C SER A 114 -9.88 41.73 13.27
N PHE A 115 -10.52 41.40 12.16
CA PHE A 115 -11.60 42.20 11.61
C PHE A 115 -12.85 41.34 11.55
N LEU A 116 -13.92 41.80 12.18
CA LEU A 116 -15.24 41.21 11.98
C LEU A 116 -16.22 42.26 11.46
N ARG A 117 -17.32 41.81 10.89
CA ARG A 117 -18.34 42.73 10.42
C ARG A 117 -19.75 42.15 10.57
N THR A 118 -20.70 43.02 10.88
CA THR A 118 -22.09 42.63 11.10
C THR A 118 -22.89 42.59 9.80
N VAL A 119 -22.19 42.78 8.68
CA VAL A 119 -22.79 42.60 7.37
C VAL A 119 -21.96 41.64 6.53
N PRO A 120 -22.61 40.94 5.59
CA PRO A 120 -21.83 39.99 4.77
C PRO A 120 -21.09 40.72 3.66
N PRO A 121 -20.01 40.13 3.16
CA PRO A 121 -19.34 40.74 2.00
C PRO A 121 -20.16 40.58 0.73
N TYR A 122 -20.05 41.54 -0.17
CA TYR A 122 -20.71 41.52 -1.47
C TYR A 122 -20.71 40.14 -2.13
N SER A 123 -19.52 39.54 -2.21
CA SER A 123 -19.33 38.24 -2.84
C SER A 123 -20.24 37.10 -2.35
N HIS A 124 -20.73 37.19 -1.12
CA HIS A 124 -21.61 36.13 -0.62
C HIS A 124 -22.95 36.12 -1.34
N GLN A 125 -23.21 37.18 -2.11
CA GLN A 125 -24.43 37.25 -2.90
C GLN A 125 -24.45 36.07 -3.87
N SER A 126 -23.26 35.56 -4.18
CA SER A 126 -23.13 34.38 -5.03
C SER A 126 -23.93 33.20 -4.54
N SER A 127 -23.99 33.01 -3.22
CA SER A 127 -24.80 31.96 -2.62
C SER A 127 -26.25 32.04 -3.04
N VAL A 128 -26.75 33.27 -3.16
CA VAL A 128 -28.12 33.50 -3.52
C VAL A 128 -28.21 33.20 -5.00
N TRP A 129 -27.22 33.69 -5.74
CA TRP A 129 -27.19 33.41 -7.16
C TRP A 129 -27.27 31.90 -7.32
N PHE A 130 -26.49 31.18 -6.51
CA PHE A 130 -26.48 29.72 -6.62
C PHE A 130 -27.86 29.16 -6.33
N GLU A 131 -28.49 29.68 -5.28
CA GLU A 131 -29.81 29.22 -4.88
C GLU A 131 -30.82 29.60 -5.95
N MET A 132 -30.51 30.68 -6.66
CA MET A 132 -31.41 31.18 -7.67
C MET A 132 -31.31 30.25 -8.85
N MET A 133 -30.09 29.78 -9.15
CA MET A 133 -29.94 28.78 -10.18
C MET A 133 -30.73 27.53 -9.79
N ARG A 134 -30.78 27.21 -8.51
CA ARG A 134 -31.56 26.05 -8.10
C ARG A 134 -33.00 26.45 -8.26
N VAL A 135 -33.31 27.67 -7.83
CA VAL A 135 -34.67 28.15 -7.92
C VAL A 135 -35.18 28.15 -9.36
N TYR A 136 -34.27 28.02 -10.34
CA TYR A 136 -34.73 28.08 -11.74
C TYR A 136 -34.03 27.12 -12.69
N ASN A 137 -33.29 26.16 -12.15
CA ASN A 137 -32.64 25.12 -12.94
C ASN A 137 -31.79 25.64 -14.10
N TRP A 138 -30.94 26.62 -13.78
CA TRP A 138 -29.96 27.13 -14.74
C TRP A 138 -28.65 26.36 -14.60
N ASN A 139 -28.44 25.42 -15.52
CA ASN A 139 -27.29 24.51 -15.46
C ASN A 139 -26.11 25.04 -16.26
N HIS A 140 -26.35 26.05 -17.09
CA HIS A 140 -25.28 26.60 -17.92
C HIS A 140 -25.29 28.12 -17.82
N ILE A 141 -24.19 28.68 -17.32
CA ILE A 141 -24.14 30.11 -17.02
C ILE A 141 -22.83 30.77 -17.46
N ILE A 142 -22.93 32.06 -17.77
CA ILE A 142 -21.76 32.87 -18.10
C ILE A 142 -21.50 33.80 -16.92
N LEU A 143 -20.25 33.85 -16.44
CA LEU A 143 -19.92 34.74 -15.35
C LEU A 143 -19.13 35.95 -15.83
N LEU A 144 -19.57 37.15 -15.44
CA LEU A 144 -18.85 38.37 -15.75
C LEU A 144 -18.41 39.08 -14.47
N VAL A 145 -17.11 39.19 -14.28
CA VAL A 145 -16.57 39.85 -13.09
C VAL A 145 -15.58 40.95 -13.45
N SER A 146 -15.48 41.96 -12.60
CA SER A 146 -14.45 42.98 -12.72
C SER A 146 -13.12 42.40 -12.30
N ASP A 147 -12.04 42.79 -12.97
CA ASP A 147 -10.73 42.23 -12.67
C ASP A 147 -10.07 42.99 -11.51
N ASP A 148 -10.72 42.94 -10.35
CA ASP A 148 -10.16 43.42 -9.10
C ASP A 148 -10.41 42.38 -8.01
N HIS A 149 -10.15 42.75 -6.76
CA HIS A 149 -10.23 41.81 -5.66
C HIS A 149 -11.65 41.26 -5.48
N GLU A 150 -12.63 42.15 -5.52
CA GLU A 150 -14.02 41.77 -5.28
C GLU A 150 -14.55 40.84 -6.36
N GLY A 151 -14.20 41.14 -7.61
CA GLY A 151 -14.59 40.31 -8.73
C GLY A 151 -14.04 38.92 -8.63
N ARG A 152 -12.73 38.82 -8.38
CA ARG A 152 -12.08 37.53 -8.24
C ARG A 152 -12.62 36.76 -7.05
N ALA A 153 -12.89 37.46 -5.95
CA ALA A 153 -13.53 36.86 -4.79
C ALA A 153 -14.87 36.22 -5.16
N ALA A 154 -15.67 36.95 -5.94
CA ALA A 154 -16.98 36.46 -6.36
C ALA A 154 -16.86 35.26 -7.29
N GLN A 155 -15.85 35.30 -8.15
CA GLN A 155 -15.60 34.20 -9.08
C GLN A 155 -15.19 32.95 -8.31
N LYS A 156 -14.20 33.09 -7.43
CA LYS A 156 -13.73 31.97 -6.63
C LYS A 156 -14.89 31.38 -5.82
N ARG A 157 -15.72 32.26 -5.28
CA ARG A 157 -16.81 31.84 -4.39
C ARG A 157 -17.90 31.10 -5.16
N LEU A 158 -18.16 31.54 -6.38
CA LEU A 158 -19.19 30.88 -7.16
C LEU A 158 -18.66 29.60 -7.77
N GLU A 159 -17.38 29.57 -8.12
CA GLU A 159 -16.80 28.34 -8.65
C GLU A 159 -16.79 27.32 -7.53
N THR A 160 -16.58 27.81 -6.31
CA THR A 160 -16.66 26.98 -5.11
C THR A 160 -18.05 26.39 -4.96
N LEU A 161 -19.08 27.21 -5.17
CA LEU A 161 -20.46 26.72 -5.01
C LEU A 161 -20.82 25.75 -6.14
N LEU A 162 -20.22 25.95 -7.31
CA LEU A 162 -20.46 25.13 -8.49
C LEU A 162 -19.71 23.81 -8.41
N GLU A 163 -18.60 23.81 -7.69
CA GLU A 163 -17.81 22.61 -7.55
C GLU A 163 -17.88 22.15 -6.09
N GLU A 164 -19.06 22.35 -5.53
CA GLU A 164 -19.49 21.67 -4.32
C GLU A 164 -20.61 20.72 -4.72
N ARG A 165 -20.97 20.74 -6.01
CA ARG A 165 -22.05 19.93 -6.54
C ARG A 165 -22.02 19.81 -8.07
N GLU A 166 -20.84 19.55 -8.63
CA GLU A 166 -20.67 19.22 -10.06
C GLU A 166 -21.04 20.32 -11.06
N SER A 167 -21.83 21.29 -10.61
CA SER A 167 -22.23 22.45 -11.43
C SER A 167 -21.03 23.15 -12.07
N LYS A 168 -21.19 23.66 -13.29
CA LYS A 168 -20.05 24.23 -13.99
C LYS A 168 -20.32 25.60 -14.61
N ALA A 169 -19.26 26.38 -14.70
CA ALA A 169 -19.22 27.67 -15.36
C ALA A 169 -18.90 27.50 -16.84
N GLU A 170 -19.76 28.02 -17.72
CA GLU A 170 -19.52 27.84 -19.14
C GLU A 170 -18.37 28.74 -19.58
N LYS A 171 -18.26 29.89 -18.92
CA LYS A 171 -17.11 30.79 -19.13
C LYS A 171 -17.06 31.87 -18.07
N VAL A 172 -15.85 32.36 -17.80
CA VAL A 172 -15.67 33.49 -16.89
C VAL A 172 -15.00 34.64 -17.62
N LEU A 173 -15.64 35.80 -17.64
CA LEU A 173 -15.02 36.94 -18.31
C LEU A 173 -14.57 37.99 -17.30
N GLN A 174 -13.41 38.57 -17.54
CA GLN A 174 -12.88 39.57 -16.64
C GLN A 174 -12.55 40.85 -17.41
N PHE A 175 -12.85 42.00 -16.82
CA PHE A 175 -12.59 43.26 -17.51
C PHE A 175 -11.83 44.23 -16.63
N ASP A 176 -10.99 45.06 -17.25
CA ASP A 176 -10.22 46.05 -16.53
C ASP A 176 -11.16 47.13 -15.99
N PRO A 177 -11.16 47.36 -14.67
CA PRO A 177 -12.03 48.40 -14.11
C PRO A 177 -11.78 49.74 -14.78
N GLY A 178 -12.84 50.48 -15.10
CA GLY A 178 -12.68 51.79 -15.72
C GLY A 178 -12.71 51.74 -17.23
N THR A 179 -12.70 50.53 -17.78
CA THR A 179 -12.87 50.33 -19.22
C THR A 179 -14.28 50.70 -19.62
N LYS A 180 -14.39 51.58 -20.61
CA LYS A 180 -15.68 52.14 -21.02
C LYS A 180 -16.27 51.39 -22.21
N ASN A 181 -15.43 50.72 -22.99
CA ASN A 181 -15.93 49.87 -24.04
C ASN A 181 -15.65 48.39 -23.75
N VAL A 182 -16.70 47.63 -23.42
CA VAL A 182 -16.58 46.22 -23.03
C VAL A 182 -17.15 45.30 -24.10
N THR A 183 -17.41 45.86 -25.27
CA THR A 183 -17.95 45.15 -26.43
C THR A 183 -17.23 43.86 -26.79
N ALA A 184 -15.91 43.85 -26.70
CA ALA A 184 -15.11 42.65 -26.95
C ALA A 184 -15.55 41.50 -26.04
N LEU A 185 -15.52 41.75 -24.74
CA LEU A 185 -15.92 40.76 -23.73
C LEU A 185 -17.33 40.23 -23.99
N LEU A 186 -18.26 41.15 -24.26
CA LEU A 186 -19.64 40.72 -24.42
C LEU A 186 -19.78 39.95 -25.72
N MET A 187 -18.92 40.23 -26.70
CA MET A 187 -18.98 39.50 -27.96
C MET A 187 -18.42 38.10 -27.71
N GLU A 188 -17.53 38.02 -26.71
CA GLU A 188 -16.96 36.77 -26.24
C GLU A 188 -18.05 35.95 -25.54
N ALA A 189 -19.04 36.66 -25.02
CA ALA A 189 -20.16 36.03 -24.32
C ALA A 189 -21.32 35.70 -25.26
N ARG A 190 -21.39 36.37 -26.40
CA ARG A 190 -22.39 36.06 -27.41
C ARG A 190 -22.14 34.69 -28.03
N GLU A 191 -20.87 34.35 -28.21
CA GLU A 191 -20.49 33.11 -28.89
C GLU A 191 -20.79 31.87 -28.05
N LEU A 192 -20.89 32.04 -26.74
CA LEU A 192 -21.24 30.91 -25.87
C LEU A 192 -22.74 30.58 -25.94
N GLU A 193 -23.08 29.37 -25.53
CA GLU A 193 -24.46 28.90 -25.60
C GLU A 193 -25.32 29.51 -24.50
N ALA A 194 -24.88 29.33 -23.26
CA ALA A 194 -25.56 29.84 -22.06
C ALA A 194 -26.06 31.26 -22.19
N ARG A 195 -27.32 31.47 -21.83
CA ARG A 195 -27.97 32.77 -22.02
C ARG A 195 -28.23 33.44 -20.67
N VAL A 196 -27.90 32.72 -19.60
CA VAL A 196 -27.94 33.27 -18.25
C VAL A 196 -26.64 33.99 -17.95
N ILE A 197 -26.72 35.26 -17.57
CA ILE A 197 -25.51 36.06 -17.37
C ILE A 197 -25.45 36.68 -15.98
N ILE A 198 -24.36 36.38 -15.28
CA ILE A 198 -24.15 36.86 -13.92
C ILE A 198 -23.09 37.95 -13.93
N LEU A 199 -23.34 39.03 -13.21
CA LEU A 199 -22.43 40.19 -13.23
C LEU A 199 -21.95 40.64 -11.85
N SER A 200 -20.65 40.91 -11.76
CA SER A 200 -20.08 41.54 -10.57
C SER A 200 -19.21 42.73 -11.02
N ALA A 201 -19.55 43.92 -10.55
CA ALA A 201 -18.89 45.15 -10.98
C ALA A 201 -19.25 46.32 -10.07
N SER A 202 -18.47 47.40 -10.13
CA SER A 202 -18.80 48.59 -9.35
C SER A 202 -19.99 49.29 -9.98
N GLU A 203 -20.46 50.37 -9.37
CA GLU A 203 -21.54 51.17 -9.96
C GLU A 203 -21.27 51.61 -11.39
N ASP A 204 -20.14 52.27 -11.61
CA ASP A 204 -19.85 52.87 -12.91
C ASP A 204 -19.56 51.81 -13.97
N ASP A 205 -19.06 50.67 -13.50
CA ASP A 205 -18.80 49.56 -14.39
C ASP A 205 -20.09 48.82 -14.68
N ALA A 206 -20.95 48.69 -13.68
CA ALA A 206 -22.27 48.14 -13.93
C ALA A 206 -22.94 48.98 -15.01
N ALA A 207 -22.80 50.29 -14.89
CA ALA A 207 -23.37 51.20 -15.88
C ALA A 207 -22.81 50.95 -17.27
N THR A 208 -21.49 50.85 -17.36
CA THR A 208 -20.83 50.57 -18.63
C THR A 208 -21.20 49.23 -19.29
N VAL A 209 -21.40 48.21 -18.46
CA VAL A 209 -21.73 46.89 -18.99
C VAL A 209 -23.18 46.95 -19.45
N TYR A 210 -24.06 47.54 -18.66
CA TYR A 210 -25.47 47.61 -18.99
C TYR A 210 -25.67 48.34 -20.32
N ARG A 211 -24.96 49.47 -20.44
CA ARG A 211 -24.97 50.25 -21.67
C ARG A 211 -24.50 49.45 -22.87
N ALA A 212 -23.27 48.94 -22.82
CA ALA A 212 -22.74 48.13 -23.91
C ALA A 212 -23.69 46.98 -24.27
N ALA A 213 -24.11 46.25 -23.24
CA ALA A 213 -25.04 45.13 -23.37
C ALA A 213 -26.25 45.52 -24.18
N ALA A 214 -26.83 46.66 -23.84
CA ALA A 214 -28.06 47.08 -24.50
C ALA A 214 -27.72 47.38 -25.95
N MET A 215 -26.66 48.17 -26.15
CA MET A 215 -26.19 48.51 -27.49
C MET A 215 -25.85 47.24 -28.28
N LEU A 216 -25.49 46.19 -27.55
CA LEU A 216 -25.20 44.88 -28.11
C LEU A 216 -26.42 43.96 -28.11
N ASP A 217 -27.58 44.53 -27.78
CA ASP A 217 -28.89 43.86 -27.78
C ASP A 217 -28.88 42.53 -27.03
N MET A 218 -28.50 42.58 -25.76
CA MET A 218 -28.42 41.38 -24.93
C MET A 218 -29.39 41.49 -23.75
N THR A 219 -30.34 42.41 -23.85
CA THR A 219 -31.24 42.72 -22.74
C THR A 219 -32.68 42.38 -23.11
N GLY A 220 -32.85 41.72 -24.25
CA GLY A 220 -34.19 41.38 -24.72
C GLY A 220 -34.49 39.91 -24.46
N SER A 221 -35.43 39.36 -25.21
CA SER A 221 -35.86 37.98 -25.02
C SER A 221 -34.72 36.97 -25.06
N GLY A 222 -34.80 35.96 -24.20
CA GLY A 222 -33.81 34.91 -24.15
C GLY A 222 -32.72 35.08 -23.09
N TYR A 223 -32.34 36.33 -22.85
CA TYR A 223 -31.31 36.63 -21.86
C TYR A 223 -31.83 36.87 -20.45
N VAL A 224 -31.15 36.28 -19.48
CA VAL A 224 -31.43 36.54 -18.06
C VAL A 224 -30.23 37.26 -17.45
N TRP A 225 -30.49 38.34 -16.70
CA TRP A 225 -29.40 39.03 -16.02
C TRP A 225 -29.56 38.98 -14.51
N LEU A 226 -28.61 38.34 -13.85
CA LEU A 226 -28.61 38.21 -12.40
C LEU A 226 -27.40 38.90 -11.77
N VAL A 227 -27.65 39.76 -10.78
CA VAL A 227 -26.66 40.73 -10.33
C VAL A 227 -26.71 40.85 -8.81
N GLY A 228 -25.84 41.70 -8.26
CA GLY A 228 -25.78 41.91 -6.83
C GLY A 228 -26.38 43.25 -6.44
N GLU A 229 -25.86 43.85 -5.37
CA GLU A 229 -26.41 45.12 -4.91
C GLU A 229 -25.75 46.33 -5.59
N ARG A 230 -24.43 46.26 -5.80
CA ARG A 230 -23.72 47.41 -6.37
C ARG A 230 -24.19 47.69 -7.79
N GLU A 231 -24.72 46.65 -8.44
CA GLU A 231 -25.06 46.72 -9.86
C GLU A 231 -26.49 47.19 -10.06
N ILE A 232 -27.17 47.47 -8.96
CA ILE A 232 -28.50 48.08 -8.99
C ILE A 232 -28.58 49.22 -7.99
N SER A 233 -27.47 49.92 -7.79
CA SER A 233 -27.42 51.06 -6.89
C SER A 233 -27.03 52.35 -7.61
N GLY A 234 -27.55 53.46 -7.09
CA GLY A 234 -27.31 54.80 -7.61
C GLY A 234 -27.33 54.95 -9.12
N ASN A 235 -26.21 55.39 -9.70
CA ASN A 235 -26.19 55.74 -11.11
C ASN A 235 -26.35 54.49 -11.96
N ALA A 236 -25.97 53.35 -11.40
CA ALA A 236 -26.00 52.10 -12.14
C ALA A 236 -27.45 51.77 -12.44
N LEU A 237 -28.36 52.33 -11.65
CA LEU A 237 -29.79 52.15 -11.86
C LEU A 237 -30.29 52.98 -13.04
N ARG A 238 -29.67 54.14 -13.24
CA ARG A 238 -30.10 55.08 -14.27
C ARG A 238 -30.07 54.48 -15.68
N TYR A 239 -29.24 53.46 -15.88
CA TYR A 239 -29.08 52.88 -17.20
C TYR A 239 -29.27 51.37 -17.16
N ALA A 240 -29.74 50.86 -16.02
CA ALA A 240 -29.94 49.44 -15.83
C ALA A 240 -31.14 48.96 -16.65
N PRO A 241 -30.98 47.85 -17.37
CA PRO A 241 -32.09 47.32 -18.18
C PRO A 241 -33.25 46.85 -17.30
N ASP A 242 -34.44 46.75 -17.88
CA ASP A 242 -35.61 46.33 -17.12
C ASP A 242 -35.69 44.81 -17.08
N GLY A 243 -36.29 44.28 -16.01
CA GLY A 243 -36.41 42.85 -15.85
C GLY A 243 -35.21 42.21 -15.19
N ILE A 244 -34.17 43.01 -14.95
CA ILE A 244 -33.02 42.58 -14.17
C ILE A 244 -33.43 42.10 -12.77
N ILE A 245 -32.79 41.03 -12.31
CA ILE A 245 -32.94 40.60 -10.92
C ILE A 245 -31.70 40.97 -10.12
N GLY A 246 -31.93 41.56 -8.95
CA GLY A 246 -30.88 42.05 -8.08
C GLY A 246 -31.15 41.77 -6.62
N LEU A 247 -30.24 42.18 -5.76
CA LEU A 247 -30.33 41.90 -4.34
C LEU A 247 -30.11 43.17 -3.54
N GLN A 248 -30.80 43.27 -2.40
CA GLN A 248 -30.48 44.28 -1.37
C GLN A 248 -30.38 43.70 0.03
N LEU A 249 -29.29 43.99 0.70
CA LEU A 249 -29.13 43.56 2.09
C LEU A 249 -30.13 44.27 3.00
N ILE A 250 -31.01 43.48 3.60
CA ILE A 250 -32.03 43.98 4.52
C ILE A 250 -31.40 44.61 5.76
N ASN A 251 -31.85 45.83 6.07
CA ASN A 251 -31.28 46.63 7.16
C ASN A 251 -29.84 47.05 6.87
N GLY A 252 -29.36 46.74 5.67
CA GLY A 252 -27.97 46.94 5.32
C GLY A 252 -27.45 48.36 5.44
N LYS A 253 -28.34 49.34 5.55
CA LYS A 253 -27.89 50.72 5.55
C LYS A 253 -28.27 51.46 6.84
N ASN A 254 -28.92 50.75 7.77
CA ASN A 254 -29.29 51.37 9.04
C ASN A 254 -28.11 51.27 9.99
N GLU A 255 -27.25 52.29 9.94
CA GLU A 255 -26.09 52.39 10.83
C GLU A 255 -26.47 52.26 12.31
N SER A 256 -27.58 52.87 12.70
CA SER A 256 -28.04 52.80 14.09
C SER A 256 -28.32 51.37 14.57
N ALA A 257 -29.02 50.59 13.75
CA ALA A 257 -29.37 49.22 14.14
C ALA A 257 -28.12 48.39 14.33
N HIS A 258 -27.16 48.59 13.43
CA HIS A 258 -25.95 47.79 13.44
C HIS A 258 -25.06 48.22 14.58
N ILE A 259 -25.17 49.49 14.97
CA ILE A 259 -24.45 49.97 16.13
C ILE A 259 -25.03 49.28 17.36
N SER A 260 -26.35 49.25 17.44
CA SER A 260 -27.06 48.62 18.55
C SER A 260 -26.67 47.16 18.73
N ASP A 261 -26.67 46.44 17.61
CA ASP A 261 -26.38 45.01 17.63
C ASP A 261 -24.91 44.76 17.90
N ALA A 262 -24.04 45.55 17.26
CA ALA A 262 -22.61 45.40 17.48
C ALA A 262 -22.29 45.63 18.95
N VAL A 263 -22.98 46.59 19.56
CA VAL A 263 -22.71 46.92 20.96
C VAL A 263 -23.21 45.80 21.86
N GLY A 264 -24.32 45.18 21.47
CA GLY A 264 -24.83 44.07 22.26
C GLY A 264 -23.89 42.89 22.20
N VAL A 265 -23.42 42.57 20.99
CA VAL A 265 -22.49 41.48 20.77
C VAL A 265 -21.16 41.71 21.46
N VAL A 266 -20.66 42.94 21.40
CA VAL A 266 -19.37 43.27 21.98
C VAL A 266 -19.48 43.23 23.50
N ALA A 267 -20.59 43.71 24.05
CA ALA A 267 -20.79 43.66 25.50
C ALA A 267 -20.84 42.21 25.98
N GLN A 268 -21.59 41.39 25.24
CA GLN A 268 -21.70 39.96 25.55
C GLN A 268 -20.33 39.29 25.52
N ALA A 269 -19.55 39.66 24.51
CA ALA A 269 -18.23 39.09 24.32
C ALA A 269 -17.28 39.53 25.42
N VAL A 270 -17.39 40.80 25.80
CA VAL A 270 -16.57 41.36 26.87
C VAL A 270 -16.84 40.58 28.15
N HIS A 271 -18.11 40.38 28.47
CA HIS A 271 -18.46 39.69 29.71
C HIS A 271 -18.04 38.22 29.71
N GLU A 272 -18.25 37.55 28.58
CA GLU A 272 -17.73 36.19 28.43
C GLU A 272 -16.21 36.13 28.57
N LEU A 273 -15.53 37.13 28.02
CA LEU A 273 -14.08 37.17 28.10
C LEU A 273 -13.64 37.34 29.56
N LEU A 274 -14.38 38.19 30.27
CA LEU A 274 -14.08 38.48 31.66
C LEU A 274 -14.64 37.42 32.59
N GLU A 275 -15.20 36.36 31.99
CA GLU A 275 -15.62 35.20 32.75
C GLU A 275 -14.42 34.26 32.88
N LYS A 276 -13.35 34.62 32.18
CA LYS A 276 -12.10 33.84 32.20
C LYS A 276 -11.02 34.45 33.08
N GLU A 277 -9.92 33.70 33.19
CA GLU A 277 -8.83 33.99 34.11
C GLU A 277 -7.61 34.47 33.31
N ASN A 278 -6.74 35.22 33.98
CA ASN A 278 -5.48 35.68 33.38
C ASN A 278 -5.77 36.61 32.19
N ILE A 279 -6.78 37.46 32.38
CA ILE A 279 -7.10 38.54 31.45
C ILE A 279 -6.21 39.77 31.67
N THR A 280 -5.45 40.16 30.66
CA THR A 280 -4.67 41.39 30.76
C THR A 280 -5.42 42.52 30.07
N ASP A 281 -5.14 43.76 30.45
CA ASP A 281 -5.73 44.90 29.75
C ASP A 281 -5.03 45.13 28.41
N PRO A 282 -5.74 45.73 27.45
CA PRO A 282 -5.13 46.19 26.19
C PRO A 282 -4.12 47.33 26.39
N PRO A 283 -3.26 47.57 25.38
CA PRO A 283 -2.32 48.70 25.36
C PRO A 283 -3.05 50.03 25.49
N ARG A 284 -2.46 51.00 26.16
CA ARG A 284 -3.04 52.34 26.21
C ARG A 284 -2.43 53.19 25.11
N GLY A 285 -1.51 54.09 25.44
CA GLY A 285 -0.94 54.95 24.43
C GLY A 285 -0.21 54.13 23.38
N CYS A 286 0.14 54.75 22.26
CA CYS A 286 0.80 54.02 21.19
C CYS A 286 2.29 54.15 21.44
N VAL A 287 2.69 55.31 21.94
CA VAL A 287 4.10 55.70 22.00
C VAL A 287 4.87 54.76 22.93
N GLY A 288 5.78 53.99 22.35
CA GLY A 288 6.63 53.11 23.12
C GLY A 288 6.06 51.72 23.34
N ASN A 289 4.86 51.48 22.84
CA ASN A 289 4.26 50.16 22.92
C ASN A 289 4.30 49.47 21.56
N THR A 290 5.01 48.35 21.48
CA THR A 290 5.13 47.62 20.22
C THR A 290 4.75 46.16 20.35
N ASN A 291 4.24 45.76 21.50
CA ASN A 291 3.76 44.40 21.68
C ASN A 291 2.24 44.30 21.51
N ILE A 292 1.79 43.17 20.98
CA ILE A 292 0.36 42.95 20.77
C ILE A 292 -0.38 42.82 22.09
N TRP A 293 -1.69 43.11 22.08
CA TRP A 293 -2.53 42.81 23.23
C TRP A 293 -2.64 41.30 23.40
N LYS A 294 -2.03 40.80 24.47
CA LYS A 294 -1.95 39.35 24.73
C LYS A 294 -3.30 38.63 24.74
N THR A 295 -4.34 39.31 25.21
CA THR A 295 -5.67 38.72 25.28
C THR A 295 -6.45 38.95 23.97
N GLY A 296 -5.81 39.62 23.03
CA GLY A 296 -6.47 39.94 21.76
C GLY A 296 -7.04 38.79 20.96
N PRO A 297 -6.21 37.78 20.62
CA PRO A 297 -6.69 36.59 19.92
C PRO A 297 -7.80 35.81 20.63
N LEU A 298 -7.79 35.80 21.96
CA LEU A 298 -8.84 35.13 22.71
C LEU A 298 -10.14 35.93 22.70
N PHE A 299 -10.03 37.25 22.90
CA PHE A 299 -11.20 38.10 22.80
C PHE A 299 -11.82 37.94 21.42
N LYS A 300 -10.95 37.86 20.41
CA LYS A 300 -11.39 37.67 19.04
C LYS A 300 -12.13 36.35 18.89
N ARG A 301 -11.59 35.31 19.52
CA ARG A 301 -12.21 33.99 19.47
C ARG A 301 -13.61 34.10 20.06
N VAL A 302 -13.73 34.83 21.16
CA VAL A 302 -15.01 35.05 21.80
C VAL A 302 -16.00 35.76 20.86
N LEU A 303 -15.58 36.85 20.21
CA LEU A 303 -16.49 37.50 19.24
C LEU A 303 -16.90 36.54 18.13
N MET A 304 -15.93 35.87 17.51
CA MET A 304 -16.20 34.95 16.40
C MET A 304 -17.25 33.89 16.77
N SER A 305 -17.37 33.61 18.05
CA SER A 305 -18.20 32.49 18.51
C SER A 305 -19.29 33.01 19.43
N SER A 306 -19.47 34.33 19.45
CA SER A 306 -20.61 34.95 20.12
C SER A 306 -21.93 34.58 19.45
N LYS A 307 -23.00 34.56 20.23
CA LYS A 307 -24.31 34.25 19.69
C LYS A 307 -25.37 35.13 20.34
N TYR A 308 -26.03 35.95 19.54
CA TYR A 308 -27.08 36.83 20.02
C TYR A 308 -28.37 36.59 19.24
N ALA A 309 -29.34 35.95 19.87
CA ALA A 309 -30.50 35.42 19.17
C ALA A 309 -31.52 36.53 18.87
N ASP A 310 -31.66 37.46 19.80
CA ASP A 310 -32.69 38.49 19.70
C ASP A 310 -32.13 39.82 19.21
N GLY A 311 -31.55 39.82 18.02
CA GLY A 311 -30.95 41.02 17.46
C GLY A 311 -31.96 41.80 16.64
N VAL A 312 -31.85 43.12 16.71
CA VAL A 312 -32.68 44.02 15.90
C VAL A 312 -32.60 43.77 14.39
N THR A 313 -31.45 43.29 13.92
CA THR A 313 -31.30 42.99 12.50
C THR A 313 -31.43 41.51 12.18
N GLY A 314 -31.97 40.75 13.12
CA GLY A 314 -32.14 39.32 12.93
C GLY A 314 -31.14 38.56 13.76
N ARG A 315 -30.74 37.38 13.28
CA ARG A 315 -29.82 36.55 14.05
C ARG A 315 -28.38 36.84 13.65
N VAL A 316 -27.60 37.34 14.61
CA VAL A 316 -26.23 37.74 14.36
C VAL A 316 -25.24 36.62 14.74
N GLU A 317 -24.61 36.03 13.73
CA GLU A 317 -23.49 35.14 13.97
C GLU A 317 -22.38 35.39 12.95
N PHE A 318 -21.17 35.00 13.29
CA PHE A 318 -20.03 35.16 12.38
C PHE A 318 -19.48 33.84 11.87
N ASN A 319 -19.08 33.82 10.61
CA ASN A 319 -18.41 32.66 10.04
C ASN A 319 -16.90 32.66 10.30
N GLU A 320 -16.17 31.82 9.56
CA GLU A 320 -14.77 31.55 9.86
C GLU A 320 -13.90 32.75 9.47
N ASP A 321 -14.36 33.53 8.51
CA ASP A 321 -13.67 34.74 8.10
C ASP A 321 -14.09 35.97 8.91
N GLY A 322 -14.98 35.76 9.87
CA GLY A 322 -15.50 36.86 10.68
C GLY A 322 -16.59 37.63 9.96
N ASP A 323 -17.03 37.11 8.83
CA ASP A 323 -18.16 37.68 8.10
C ASP A 323 -19.48 37.24 8.72
N ARG A 324 -20.45 38.16 8.77
CA ARG A 324 -21.80 37.84 9.22
C ARG A 324 -22.37 36.65 8.45
N LYS A 325 -22.95 35.69 9.17
CA LYS A 325 -23.64 34.57 8.53
C LYS A 325 -25.15 34.63 8.74
N PHE A 326 -25.87 33.89 7.90
CA PHE A 326 -27.33 33.82 7.93
C PHE A 326 -27.98 35.17 7.65
N ALA A 327 -27.37 35.97 6.78
CA ALA A 327 -27.96 37.25 6.41
C ALA A 327 -29.17 37.03 5.51
N GLN A 328 -30.11 37.96 5.54
CA GLN A 328 -31.28 37.89 4.69
C GLN A 328 -31.24 38.97 3.61
N TYR A 329 -31.58 38.59 2.38
CA TYR A 329 -31.56 39.55 1.27
C TYR A 329 -32.93 39.71 0.64
N SER A 330 -33.28 40.95 0.30
CA SER A 330 -34.42 41.18 -0.58
C SER A 330 -34.03 40.88 -2.03
N ILE A 331 -34.83 40.04 -2.69
CA ILE A 331 -34.69 39.82 -4.12
C ILE A 331 -35.62 40.78 -4.86
N MET A 332 -34.98 41.67 -5.61
CA MET A 332 -35.58 42.85 -6.24
C MET A 332 -35.61 42.77 -7.77
N ASN A 333 -36.71 43.21 -8.36
CA ASN A 333 -36.87 43.18 -9.81
C ASN A 333 -37.23 44.57 -10.34
N LEU A 334 -36.53 44.99 -11.39
CA LEU A 334 -36.81 46.30 -12.00
C LEU A 334 -37.94 46.22 -13.02
N GLN A 335 -39.08 46.78 -12.65
CA GLN A 335 -40.30 46.70 -13.45
C GLN A 335 -40.75 48.11 -13.81
N ASN A 336 -40.85 48.40 -15.10
CA ASN A 336 -41.17 49.74 -15.58
C ASN A 336 -40.30 50.80 -14.90
N ARG A 337 -38.99 50.53 -14.87
CA ARG A 337 -37.98 51.41 -14.29
C ARG A 337 -38.23 51.67 -12.80
N LYS A 338 -39.01 50.81 -12.18
CA LYS A 338 -39.25 50.87 -10.74
C LYS A 338 -38.71 49.61 -10.10
N LEU A 339 -38.08 49.73 -8.93
CA LEU A 339 -37.60 48.55 -8.21
C LEU A 339 -38.71 47.87 -7.41
N VAL A 340 -38.96 46.61 -7.73
CA VAL A 340 -40.05 45.85 -7.13
C VAL A 340 -39.50 44.62 -6.43
N GLN A 341 -39.94 44.37 -5.20
CA GLN A 341 -39.52 43.17 -4.47
C GLN A 341 -40.27 41.94 -4.93
N VAL A 342 -39.53 40.99 -5.49
CA VAL A 342 -40.11 39.73 -5.93
C VAL A 342 -39.83 38.56 -4.99
N GLY A 343 -39.09 38.80 -3.90
CA GLY A 343 -38.78 37.69 -3.02
C GLY A 343 -37.80 37.94 -1.90
N ILE A 344 -37.55 36.94 -1.06
CA ILE A 344 -36.47 37.03 -0.07
C ILE A 344 -35.60 35.77 -0.04
N TYR A 345 -34.33 35.98 0.25
CA TYR A 345 -33.35 34.97 0.65
C TYR A 345 -33.09 34.86 2.15
N ASN A 346 -33.36 33.70 2.78
CA ASN A 346 -33.37 33.63 4.24
C ASN A 346 -31.97 33.30 4.74
N GLY A 347 -31.74 32.00 4.84
CA GLY A 347 -30.51 31.43 5.36
C GLY A 347 -29.95 30.40 4.41
N THR A 348 -30.86 29.69 3.75
CA THR A 348 -30.52 28.61 2.84
C THR A 348 -31.55 28.47 1.72
N HIS A 349 -32.68 29.16 1.87
CA HIS A 349 -33.80 28.97 0.94
C HIS A 349 -34.36 30.28 0.37
N VAL A 350 -34.66 30.21 -0.92
CA VAL A 350 -35.39 31.25 -1.66
C VAL A 350 -36.91 31.18 -1.50
N ILE A 351 -37.49 32.35 -1.18
CA ILE A 351 -38.93 32.50 -1.03
C ILE A 351 -39.51 33.54 -1.97
N PRO A 352 -40.22 33.08 -3.01
CA PRO A 352 -40.88 33.95 -3.99
C PRO A 352 -42.18 34.47 -3.42
N ASN A 353 -42.40 35.78 -3.49
CA ASN A 353 -43.66 36.37 -3.06
C ASN A 353 -44.73 36.44 -4.14
N ASP A 354 -45.90 36.98 -3.78
CA ASP A 354 -47.05 37.04 -4.67
C ASP A 354 -46.84 37.95 -5.87
N ARG A 355 -45.90 38.89 -5.76
CA ARG A 355 -45.56 39.74 -6.89
C ARG A 355 -44.80 38.95 -7.95
N LYS A 356 -45.31 38.99 -9.18
CA LYS A 356 -44.75 38.19 -10.26
C LYS A 356 -43.49 38.84 -10.82
N ILE A 357 -42.48 38.01 -11.08
CA ILE A 357 -41.29 38.44 -11.80
C ILE A 357 -41.60 38.76 -13.26
N ILE A 358 -41.23 39.98 -13.67
CA ILE A 358 -41.15 40.32 -15.09
C ILE A 358 -39.70 40.23 -15.54
N TRP A 359 -39.43 39.29 -16.44
CA TRP A 359 -38.08 39.06 -16.94
C TRP A 359 -37.69 40.14 -17.95
N PRO A 360 -36.38 40.29 -18.24
CA PRO A 360 -35.93 41.26 -19.24
C PRO A 360 -36.54 41.09 -20.62
N GLY A 361 -37.05 39.89 -20.91
CA GLY A 361 -37.39 39.53 -22.27
C GLY A 361 -38.85 39.17 -22.47
N GLY A 362 -39.19 38.86 -23.71
CA GLY A 362 -40.55 38.48 -24.11
C GLY A 362 -41.34 37.66 -23.12
N GLU A 363 -42.64 37.95 -23.03
CA GLU A 363 -43.57 37.24 -22.16
C GLU A 363 -43.16 37.28 -20.70
N THR A 364 -43.82 36.46 -19.88
CA THR A 364 -43.54 36.42 -18.45
C THR A 364 -43.06 35.03 -18.03
N GLU A 365 -42.80 34.18 -19.02
CA GLU A 365 -42.31 32.83 -18.75
C GLU A 365 -40.81 32.83 -18.53
N LYS A 366 -40.35 31.99 -17.60
CA LYS A 366 -38.93 31.89 -17.29
C LYS A 366 -38.16 31.30 -18.46
N PRO A 367 -37.21 32.08 -19.00
CA PRO A 367 -36.39 31.67 -20.15
C PRO A 367 -35.54 30.43 -19.88
N ARG A 368 -34.97 29.86 -20.92
CA ARG A 368 -34.13 28.68 -20.79
C ARG A 368 -32.71 28.96 -21.26
N GLY A 369 -31.79 29.13 -20.32
CA GLY A 369 -30.40 29.41 -20.64
C GLY A 369 -29.64 28.19 -21.12
N TYR A 370 -30.05 27.66 -22.27
CA TYR A 370 -29.41 26.49 -22.85
C TYR A 370 -29.68 26.42 -24.35
N GLN A 371 -29.69 27.57 -25.00
CA GLN A 371 -29.94 27.64 -26.43
C GLN A 371 -28.80 27.02 -27.23
N MET A 372 -28.97 25.76 -27.62
CA MET A 372 -27.95 25.04 -28.36
C MET A 372 -27.80 25.60 -29.78
N SER A 373 -26.56 25.89 -30.15
CA SER A 373 -26.26 26.42 -31.48
C SER A 373 -26.37 25.32 -32.54
N THR A 374 -26.86 25.69 -33.71
CA THR A 374 -27.01 24.75 -34.82
C THR A 374 -25.65 24.43 -35.43
N ARG A 375 -24.71 25.34 -35.30
CA ARG A 375 -23.37 25.15 -35.83
C ARG A 375 -22.36 24.80 -34.74
N LEU A 376 -21.98 23.52 -34.69
CA LEU A 376 -21.03 23.04 -33.69
C LEU A 376 -19.67 22.79 -34.33
N LYS A 377 -18.69 23.62 -33.96
CA LYS A 377 -17.34 23.49 -34.49
C LYS A 377 -16.65 22.24 -33.97
N ILE A 378 -16.67 21.19 -34.77
CA ILE A 378 -16.04 19.93 -34.40
C ILE A 378 -14.53 19.96 -34.67
N VAL A 379 -13.76 19.47 -33.71
CA VAL A 379 -12.31 19.46 -33.84
C VAL A 379 -11.79 18.02 -33.90
N THR A 380 -10.73 17.79 -34.67
CA THR A 380 -10.14 16.47 -34.79
C THR A 380 -8.63 16.56 -34.99
N ILE A 381 -7.97 15.42 -34.94
CA ILE A 381 -6.51 15.36 -35.12
C ILE A 381 -6.16 14.28 -36.15
N HIS A 382 -5.13 14.53 -36.94
CA HIS A 382 -4.70 13.59 -37.97
C HIS A 382 -4.15 12.30 -37.35
N GLN A 383 -4.94 11.24 -37.41
CA GLN A 383 -4.51 9.94 -36.91
C GLN A 383 -4.47 8.93 -38.05
N GLU A 384 -3.57 7.96 -37.95
CA GLU A 384 -3.30 7.02 -39.04
C GLU A 384 -4.52 6.21 -39.52
N PRO A 385 -5.26 5.56 -38.61
CA PRO A 385 -6.32 4.71 -39.14
C PRO A 385 -7.72 5.34 -39.14
N PHE A 386 -7.88 6.47 -38.44
CA PHE A 386 -9.21 7.04 -38.25
C PHE A 386 -9.44 8.32 -39.02
N VAL A 387 -8.48 9.24 -38.97
CA VAL A 387 -8.64 10.54 -39.61
C VAL A 387 -7.54 10.82 -40.63
N TYR A 388 -7.85 10.59 -41.91
CA TYR A 388 -6.92 10.91 -42.99
C TYR A 388 -7.08 12.36 -43.42
N VAL A 389 -5.96 13.05 -43.56
CA VAL A 389 -5.96 14.44 -44.00
C VAL A 389 -5.19 14.60 -45.31
N LYS A 390 -5.93 14.77 -46.40
CA LYS A 390 -5.33 14.91 -47.73
C LYS A 390 -5.38 16.36 -48.19
N PRO A 391 -4.32 16.82 -48.86
CA PRO A 391 -4.23 18.20 -49.39
C PRO A 391 -5.33 18.49 -50.42
N THR A 392 -5.63 19.77 -50.60
CA THR A 392 -6.64 20.19 -51.56
C THR A 392 -6.18 19.92 -53.00
N MET A 393 -7.14 19.79 -53.91
CA MET A 393 -6.83 19.51 -55.31
C MET A 393 -6.52 20.80 -56.07
N SER A 394 -7.51 21.33 -56.76
CA SER A 394 -7.35 22.55 -57.54
C SER A 394 -7.85 23.77 -56.78
N ASP A 395 -9.06 23.66 -56.23
CA ASP A 395 -9.67 24.75 -55.48
C ASP A 395 -10.54 24.23 -54.34
N GLY A 396 -9.93 23.47 -53.44
CA GLY A 396 -10.65 22.92 -52.30
C GLY A 396 -11.64 21.84 -52.70
N THR A 397 -11.12 20.70 -53.14
CA THR A 397 -11.97 19.59 -53.55
C THR A 397 -11.26 18.26 -53.31
N CYS A 398 -12.04 17.23 -52.95
CA CYS A 398 -11.50 15.91 -52.69
C CYS A 398 -11.89 14.93 -53.79
N LYS A 399 -10.93 14.11 -54.21
CA LYS A 399 -11.16 13.13 -55.26
C LYS A 399 -12.10 12.03 -54.76
N GLU A 400 -13.23 11.87 -55.45
CA GLU A 400 -14.24 10.87 -55.06
C GLU A 400 -13.73 9.46 -55.23
N GLU A 401 -12.87 9.02 -54.31
CA GLU A 401 -12.33 7.66 -54.34
C GLU A 401 -13.30 6.67 -53.71
N PHE A 402 -13.44 5.51 -54.35
CA PHE A 402 -14.34 4.47 -53.84
C PHE A 402 -13.56 3.31 -53.24
N THR A 403 -14.26 2.42 -52.57
CA THR A 403 -13.63 1.27 -51.94
C THR A 403 -13.48 0.11 -52.93
N VAL A 404 -13.22 -1.08 -52.40
CA VAL A 404 -13.05 -2.27 -53.23
C VAL A 404 -14.40 -2.92 -53.51
N ASN A 405 -15.43 -2.49 -52.79
CA ASN A 405 -16.77 -3.02 -52.96
C ASN A 405 -17.67 -2.05 -53.74
N GLY A 406 -17.19 -0.84 -53.94
CA GLY A 406 -17.94 0.17 -54.67
C GLY A 406 -18.67 1.13 -53.75
N ASP A 407 -18.02 1.53 -52.67
CA ASP A 407 -18.60 2.45 -51.70
C ASP A 407 -17.94 3.83 -51.79
N PRO A 408 -18.73 4.86 -52.12
CA PRO A 408 -18.23 6.24 -52.22
C PRO A 408 -17.84 6.82 -50.87
N VAL A 409 -16.54 6.88 -50.59
CA VAL A 409 -16.05 7.43 -49.33
C VAL A 409 -16.27 8.94 -49.26
N LYS A 410 -17.01 9.38 -48.25
CA LYS A 410 -17.31 10.80 -48.09
C LYS A 410 -16.19 11.53 -47.37
N LYS A 411 -15.95 12.78 -47.77
CA LYS A 411 -14.93 13.61 -47.14
C LYS A 411 -15.49 14.97 -46.75
N VAL A 412 -14.79 15.67 -45.87
CA VAL A 412 -15.25 16.98 -45.41
C VAL A 412 -14.10 17.97 -45.33
N ILE A 413 -14.36 19.21 -45.75
CA ILE A 413 -13.35 20.26 -45.68
C ILE A 413 -13.00 20.59 -44.23
N CYS A 414 -11.71 20.54 -43.91
CA CYS A 414 -11.25 20.77 -42.56
C CYS A 414 -10.07 21.74 -42.52
N THR A 415 -10.32 22.94 -42.00
CA THR A 415 -9.28 23.96 -41.92
C THR A 415 -8.21 23.59 -40.89
N GLY A 416 -6.97 23.45 -41.35
CA GLY A 416 -5.88 23.07 -40.47
C GLY A 416 -4.53 23.57 -40.96
N PRO A 417 -3.49 23.42 -40.15
CA PRO A 417 -2.15 23.89 -40.50
C PRO A 417 -1.41 22.96 -41.46
N ASN A 418 -0.49 23.51 -42.24
CA ASN A 418 0.39 22.69 -43.07
C ASN A 418 1.85 23.12 -42.93
N ASP A 419 2.48 22.70 -41.84
CA ASP A 419 3.88 23.04 -41.58
C ASP A 419 4.53 22.06 -40.61
N THR A 428 -2.61 28.50 -42.05
CA THR A 428 -3.88 27.79 -41.90
C THR A 428 -4.60 27.67 -43.23
N VAL A 429 -4.70 26.45 -43.73
CA VAL A 429 -5.35 26.19 -45.02
C VAL A 429 -6.41 25.10 -44.90
N PRO A 430 -7.47 25.20 -45.73
CA PRO A 430 -8.49 24.16 -45.75
C PRO A 430 -7.99 22.86 -46.39
N GLN A 431 -8.26 21.73 -45.72
CA GLN A 431 -7.81 20.43 -46.20
C GLN A 431 -8.98 19.47 -46.35
N CYS A 432 -8.67 18.19 -46.60
CA CYS A 432 -9.71 17.18 -46.78
C CYS A 432 -9.61 16.07 -45.73
N CYS A 433 -10.53 16.08 -44.78
CA CYS A 433 -10.58 15.05 -43.75
C CYS A 433 -11.54 13.92 -44.15
N TYR A 434 -11.08 12.69 -44.01
CA TYR A 434 -11.90 11.53 -44.35
C TYR A 434 -11.44 10.29 -43.60
N GLY A 435 -12.40 9.49 -43.12
CA GLY A 435 -12.07 8.26 -42.42
C GLY A 435 -13.14 7.77 -41.46
N PHE A 436 -12.70 7.13 -40.39
CA PHE A 436 -13.60 6.55 -39.40
C PHE A 436 -14.39 7.60 -38.64
N CYS A 437 -13.68 8.49 -37.96
CA CYS A 437 -14.30 9.53 -37.14
C CYS A 437 -15.13 10.49 -37.99
N ILE A 438 -14.72 10.68 -39.24
CA ILE A 438 -15.44 11.55 -40.16
C ILE A 438 -16.81 10.96 -40.49
N ASP A 439 -16.82 9.70 -40.91
CA ASP A 439 -18.06 9.00 -41.21
C ASP A 439 -18.95 8.89 -39.98
N LEU A 440 -18.31 8.75 -38.82
CA LEU A 440 -19.04 8.71 -37.55
C LEU A 440 -19.71 10.06 -37.29
N LEU A 441 -19.00 11.14 -37.62
CA LEU A 441 -19.55 12.49 -37.48
C LEU A 441 -20.71 12.69 -38.45
N ILE A 442 -20.60 12.08 -39.62
CA ILE A 442 -21.69 12.12 -40.60
C ILE A 442 -22.90 11.38 -40.05
N LYS A 443 -22.66 10.27 -39.36
CA LYS A 443 -23.73 9.49 -38.74
C LYS A 443 -24.42 10.29 -37.64
N LEU A 444 -23.61 10.98 -36.82
CA LEU A 444 -24.15 11.82 -35.76
C LEU A 444 -24.95 13.00 -36.33
N ALA A 445 -24.49 13.52 -37.46
CA ALA A 445 -25.18 14.61 -38.12
C ALA A 445 -26.47 14.12 -38.77
N ARG A 446 -26.50 12.83 -39.11
CA ARG A 446 -27.68 12.22 -39.69
C ARG A 446 -28.75 11.97 -38.63
N THR A 447 -28.32 11.43 -37.48
CA THR A 447 -29.22 11.19 -36.36
C THR A 447 -29.70 12.52 -35.79
N MET A 448 -28.76 13.29 -35.23
CA MET A 448 -29.05 14.62 -34.74
C MET A 448 -28.68 15.66 -35.79
N GLN A 449 -29.68 16.41 -36.27
CA GLN A 449 -29.45 17.38 -37.33
C GLN A 449 -28.71 18.61 -36.83
N PHE A 450 -27.45 18.75 -37.24
CA PHE A 450 -26.65 19.92 -36.89
C PHE A 450 -25.57 20.17 -37.93
N THR A 451 -25.36 21.45 -38.26
CA THR A 451 -24.29 21.83 -39.18
C THR A 451 -22.96 21.80 -38.45
N TYR A 452 -21.91 21.36 -39.15
CA TYR A 452 -20.61 21.21 -38.53
C TYR A 452 -19.50 21.90 -39.33
N GLU A 453 -18.54 22.47 -38.60
CA GLU A 453 -17.39 23.10 -39.22
C GLU A 453 -16.10 22.44 -38.74
N VAL A 454 -15.74 21.34 -39.40
CA VAL A 454 -14.59 20.54 -39.01
C VAL A 454 -13.28 21.31 -39.15
N HIS A 455 -12.40 21.18 -38.15
CA HIS A 455 -11.09 21.80 -38.19
C HIS A 455 -10.08 20.94 -37.44
N LEU A 456 -8.80 21.16 -37.71
CA LEU A 456 -7.74 20.41 -37.03
C LEU A 456 -7.25 21.15 -35.80
N VAL A 457 -6.43 20.47 -34.99
CA VAL A 457 -5.88 21.07 -33.77
C VAL A 457 -4.81 22.10 -34.13
N ALA A 458 -4.75 23.19 -33.37
CA ALA A 458 -3.78 24.25 -33.61
C ALA A 458 -2.35 23.75 -33.45
N ASP A 459 -2.18 22.75 -32.59
CA ASP A 459 -0.87 22.14 -32.39
C ASP A 459 -0.80 20.77 -33.04
N GLY A 460 -0.13 19.82 -32.38
CA GLY A 460 0.00 18.48 -32.90
C GLY A 460 -0.32 17.42 -31.86
N LYS A 461 -0.62 17.86 -30.65
CA LYS A 461 -0.93 16.95 -29.55
C LYS A 461 -2.44 16.73 -29.42
N PHE A 462 -2.83 15.90 -28.47
CA PHE A 462 -4.23 15.59 -28.24
C PHE A 462 -4.85 16.53 -27.20
N GLY A 463 -4.53 16.30 -25.93
CA GLY A 463 -5.05 17.11 -24.85
C GLY A 463 -4.47 16.74 -23.51
N THR A 464 -3.46 17.49 -23.07
CA THR A 464 -2.82 17.24 -21.79
C THR A 464 -2.68 18.52 -20.98
N GLN A 465 -2.81 18.40 -19.66
CA GLN A 465 -2.69 19.56 -18.78
C GLN A 465 -1.23 19.92 -18.52
N GLU A 466 -0.93 21.21 -18.55
CA GLU A 466 0.44 21.68 -18.31
C GLU A 466 0.43 23.00 -17.54
N ARG A 467 1.56 23.34 -16.94
CA ARG A 467 1.67 24.57 -16.17
C ARG A 467 1.82 25.78 -17.08
N VAL A 468 1.42 26.95 -16.58
CA VAL A 468 1.51 28.19 -17.35
C VAL A 468 2.93 28.74 -17.32
N GLN A 469 3.15 29.81 -18.08
CA GLN A 469 4.47 30.44 -18.15
C GLN A 469 4.78 31.21 -16.87
N ASN A 470 3.75 31.62 -16.16
CA ASN A 470 3.92 32.38 -14.93
C ASN A 470 2.79 32.14 -13.93
N SER A 471 3.05 32.43 -12.66
CA SER A 471 2.08 32.33 -11.57
C SER A 471 1.54 30.92 -11.34
N ASN A 472 2.10 29.95 -12.07
CA ASN A 472 1.71 28.54 -11.96
C ASN A 472 0.21 28.32 -12.08
N LYS A 473 -0.29 28.36 -13.31
CA LYS A 473 -1.71 28.15 -13.56
C LYS A 473 -1.94 26.94 -14.45
N LYS A 474 -2.79 26.02 -13.99
CA LYS A 474 -3.08 24.81 -14.74
C LYS A 474 -3.85 25.11 -16.02
N GLU A 475 -3.23 24.84 -17.16
CA GLU A 475 -3.86 25.08 -18.45
C GLU A 475 -3.71 23.88 -19.38
N TRP A 476 -4.81 23.45 -19.98
CA TRP A 476 -4.80 22.32 -20.90
C TRP A 476 -4.34 22.75 -22.29
N ASN A 477 -3.51 21.91 -22.91
CA ASN A 477 -3.05 22.16 -24.27
C ASN A 477 -3.43 21.00 -25.19
N GLY A 478 -3.83 21.34 -26.41
CA GLY A 478 -4.27 20.35 -27.38
C GLY A 478 -5.71 20.61 -27.82
N MET A 479 -6.41 19.54 -28.16
CA MET A 479 -7.81 19.64 -28.59
C MET A 479 -8.68 20.12 -27.43
N MET A 480 -8.39 19.63 -26.23
CA MET A 480 -9.11 20.04 -25.03
C MET A 480 -8.79 21.49 -24.69
N GLY A 481 -7.59 21.93 -25.09
CA GLY A 481 -7.17 23.30 -24.89
C GLY A 481 -8.00 24.25 -25.75
N GLU A 482 -8.55 23.73 -26.84
CA GLU A 482 -9.42 24.50 -27.71
C GLU A 482 -10.88 24.33 -27.30
N LEU A 483 -11.19 23.17 -26.73
CA LEU A 483 -12.55 22.87 -26.29
C LEU A 483 -12.90 23.66 -25.04
N LEU A 484 -11.93 23.83 -24.14
CA LEU A 484 -12.14 24.56 -22.91
C LEU A 484 -12.12 26.07 -23.13
N SER A 485 -11.41 26.50 -24.17
CA SER A 485 -11.29 27.92 -24.47
C SER A 485 -12.44 28.39 -25.37
N GLY A 486 -13.30 27.45 -25.76
CA GLY A 486 -14.46 27.77 -26.57
C GLY A 486 -14.16 27.74 -28.06
N GLN A 487 -12.90 27.50 -28.41
CA GLN A 487 -12.49 27.44 -29.81
C GLN A 487 -13.09 26.22 -30.50
N ALA A 488 -13.38 25.19 -29.74
CA ALA A 488 -13.98 23.97 -30.26
C ALA A 488 -15.29 23.66 -29.55
N ASP A 489 -16.16 22.91 -30.23
CA ASP A 489 -17.46 22.55 -29.66
C ASP A 489 -17.54 21.06 -29.36
N MET A 490 -16.79 20.26 -30.12
CA MET A 490 -16.83 18.81 -29.97
C MET A 490 -15.56 18.16 -30.54
N ILE A 491 -15.04 17.17 -29.82
CA ILE A 491 -13.84 16.46 -30.25
C ILE A 491 -14.19 15.10 -30.83
N VAL A 492 -14.21 15.02 -32.17
CA VAL A 492 -14.46 13.76 -32.85
C VAL A 492 -13.15 13.17 -33.37
N ALA A 493 -12.51 12.36 -32.54
CA ALA A 493 -11.19 11.81 -32.83
C ALA A 493 -10.90 10.65 -31.88
N PRO A 494 -9.88 9.83 -32.18
CA PRO A 494 -9.49 8.80 -31.21
C PRO A 494 -9.03 9.41 -29.90
N LEU A 495 -9.98 9.85 -29.08
CA LEU A 495 -9.69 10.50 -27.81
C LEU A 495 -9.83 9.53 -26.65
N THR A 496 -8.70 9.10 -26.10
CA THR A 496 -8.68 8.10 -25.04
C THR A 496 -9.39 8.60 -23.78
N ILE A 497 -10.34 7.80 -23.30
CA ILE A 497 -11.10 8.13 -22.11
C ILE A 497 -10.34 7.75 -20.84
N ASN A 498 -9.89 8.75 -20.10
CA ASN A 498 -9.16 8.51 -18.86
C ASN A 498 -9.62 9.44 -17.74
N ASN A 499 -9.07 9.22 -16.54
CA ASN A 499 -9.49 9.96 -15.35
C ASN A 499 -9.15 11.45 -15.41
N GLU A 500 -7.94 11.76 -15.88
CA GLU A 500 -7.44 13.12 -15.88
C GLU A 500 -8.24 14.05 -16.79
N ARG A 501 -8.63 13.53 -17.96
CA ARG A 501 -9.35 14.35 -18.94
C ARG A 501 -10.84 14.42 -18.65
N ALA A 502 -11.35 13.46 -17.90
CA ALA A 502 -12.78 13.41 -17.61
C ALA A 502 -13.17 14.32 -16.45
N GLN A 503 -12.17 14.83 -15.74
CA GLN A 503 -12.41 15.72 -14.61
C GLN A 503 -12.67 17.15 -15.07
N TYR A 504 -12.50 17.39 -16.37
CA TYR A 504 -12.73 18.71 -16.93
C TYR A 504 -13.84 18.67 -17.98
N ILE A 505 -13.76 17.71 -18.89
CA ILE A 505 -14.78 17.55 -19.93
C ILE A 505 -15.48 16.20 -19.80
N GLU A 506 -16.68 16.12 -20.40
CA GLU A 506 -17.46 14.89 -20.34
C GLU A 506 -17.23 14.03 -21.57
N PHE A 507 -17.39 12.72 -21.41
CA PHE A 507 -17.21 11.79 -22.53
C PHE A 507 -18.49 10.98 -22.78
N SER A 508 -18.58 10.39 -23.96
CA SER A 508 -19.70 9.53 -24.31
C SER A 508 -19.30 8.07 -24.22
N LYS A 509 -20.22 7.18 -24.58
CA LYS A 509 -19.93 5.75 -24.62
C LYS A 509 -18.85 5.48 -25.67
N PRO A 510 -17.87 4.63 -25.33
CA PRO A 510 -16.73 4.33 -26.20
C PRO A 510 -17.16 3.76 -27.56
N PHE A 511 -16.74 4.41 -28.63
CA PHE A 511 -17.06 3.94 -29.98
C PHE A 511 -15.92 3.09 -30.54
N LYS A 512 -14.87 2.93 -29.74
CA LYS A 512 -13.72 2.11 -30.14
C LYS A 512 -12.98 1.60 -28.91
N TYR A 513 -13.41 0.44 -28.40
CA TYR A 513 -12.80 -0.16 -27.22
C TYR A 513 -11.41 -0.70 -27.55
N GLN A 514 -10.45 0.21 -27.66
CA GLN A 514 -9.08 -0.16 -27.99
C GLN A 514 -8.25 -0.47 -26.75
N GLY A 515 -6.96 -0.15 -26.83
CA GLY A 515 -6.05 -0.40 -25.71
C GLY A 515 -4.64 0.05 -26.05
N LEU A 516 -3.75 0.01 -25.07
CA LEU A 516 -2.37 0.42 -25.29
C LEU A 516 -1.44 -0.77 -25.48
N THR A 517 -0.84 -0.85 -26.65
CA THR A 517 0.15 -1.89 -26.95
C THR A 517 1.45 -1.26 -27.46
N ILE A 518 2.39 -2.11 -27.83
CA ILE A 518 3.70 -1.64 -28.29
C ILE A 518 3.96 -2.02 -29.74
N LEU A 519 4.57 -1.10 -30.49
CA LEU A 519 4.93 -1.36 -31.88
C LEU A 519 6.45 -1.51 -32.01
N VAL A 520 6.87 -2.60 -32.67
CA VAL A 520 8.28 -2.86 -32.85
C VAL A 520 8.58 -3.37 -34.26
N LYS A 521 9.81 -3.14 -34.72
CA LYS A 521 10.23 -3.57 -36.05
C LYS A 521 10.40 -5.09 -36.10
N LYS A 522 10.02 -5.69 -37.22
CA LYS A 522 10.15 -7.13 -37.39
C LYS A 522 11.61 -7.54 -37.60
N GLU A 523 12.00 -8.64 -36.98
CA GLU A 523 13.37 -9.15 -37.10
C GLU A 523 13.62 -9.71 -38.49
N ILE A 524 14.90 -9.93 -38.81
CA ILE A 524 15.28 -10.46 -40.11
C ILE A 524 15.22 -11.99 -40.13
N PRO A 525 14.46 -12.55 -41.08
CA PRO A 525 14.32 -14.01 -41.24
C PRO A 525 15.58 -14.67 -41.78
N ARG A 526 15.67 -15.98 -41.65
CA ARG A 526 16.84 -16.72 -42.11
C ARG A 526 16.58 -17.44 -43.43
N SER A 527 15.30 -17.57 -43.77
CA SER A 527 14.85 -18.19 -45.02
C SER A 527 15.28 -19.66 -45.16
N THR A 528 15.74 -20.25 -44.06
CA THR A 528 16.11 -21.67 -44.00
C THR A 528 17.11 -22.09 -45.08
N LEU A 529 18.20 -21.33 -45.20
CA LEU A 529 19.27 -21.64 -46.14
C LEU A 529 18.77 -21.79 -47.58
N ASP A 530 19.55 -22.48 -48.41
CA ASP A 530 19.20 -22.68 -49.81
C ASP A 530 19.98 -23.82 -50.45
N SER A 531 19.32 -24.54 -51.36
CA SER A 531 19.94 -25.61 -52.14
C SER A 531 20.54 -26.71 -51.27
N PHE A 532 21.75 -27.15 -51.63
CA PHE A 532 22.41 -28.24 -50.93
C PHE A 532 23.24 -27.75 -49.74
N MET A 533 22.72 -26.76 -49.02
CA MET A 533 23.38 -26.25 -47.83
C MET A 533 22.97 -27.07 -46.61
N GLN A 534 23.14 -28.38 -46.71
CA GLN A 534 22.79 -29.29 -45.63
C GLN A 534 23.68 -29.07 -44.41
N PRO A 535 23.19 -29.43 -43.22
CA PRO A 535 23.99 -29.32 -41.99
C PRO A 535 25.28 -30.13 -42.05
N PHE A 536 26.20 -29.85 -41.13
CA PHE A 536 27.53 -30.46 -41.09
C PHE A 536 28.38 -30.08 -42.30
N GLN A 537 27.86 -29.19 -43.13
CA GLN A 537 28.56 -28.65 -44.29
C GLN A 537 29.13 -29.74 -45.21
N SER A 538 30.30 -29.47 -45.77
CA SER A 538 30.95 -30.41 -46.67
C SER A 538 31.79 -31.43 -45.92
N CYS A 539 31.79 -31.34 -44.60
CA CYS A 539 32.53 -32.28 -43.77
C CYS A 539 31.94 -33.69 -43.88
N LEU A 540 30.67 -33.81 -43.50
CA LEU A 540 29.97 -35.09 -43.57
C LEU A 540 29.76 -35.53 -45.01
N TRP A 541 29.71 -34.56 -45.92
CA TRP A 541 29.53 -34.84 -47.34
C TRP A 541 30.78 -35.50 -47.92
N LEU A 542 31.94 -34.90 -47.65
CA LEU A 542 33.21 -35.45 -48.13
C LEU A 542 33.56 -36.73 -47.36
N LEU A 543 33.07 -36.83 -46.13
CA LEU A 543 33.29 -38.03 -45.33
C LEU A 543 32.50 -39.20 -45.92
N VAL A 544 31.25 -38.94 -46.26
CA VAL A 544 30.40 -39.96 -46.87
C VAL A 544 30.85 -40.28 -48.28
N GLY A 545 31.46 -39.29 -48.94
CA GLY A 545 31.99 -39.49 -50.28
C GLY A 545 33.23 -40.37 -50.27
N LEU A 546 34.14 -40.08 -49.35
CA LEU A 546 35.35 -40.87 -49.19
C LEU A 546 35.00 -42.27 -48.69
N SER A 547 33.95 -42.36 -47.87
CA SER A 547 33.47 -43.65 -47.39
C SER A 547 32.80 -44.42 -48.52
N VAL A 548 32.26 -43.70 -49.49
CA VAL A 548 31.63 -44.32 -50.65
C VAL A 548 32.70 -44.86 -51.59
N HIS A 549 33.77 -44.09 -51.77
CA HIS A 549 34.89 -44.52 -52.59
C HIS A 549 35.59 -45.71 -51.94
N VAL A 550 35.67 -45.68 -50.61
CA VAL A 550 36.27 -46.78 -49.86
C VAL A 550 35.36 -48.00 -49.89
N VAL A 551 34.06 -47.76 -50.01
CA VAL A 551 33.08 -48.84 -50.11
C VAL A 551 33.18 -49.52 -51.47
N ALA A 552 33.37 -48.70 -52.51
CA ALA A 552 33.53 -49.23 -53.86
C ALA A 552 34.87 -49.95 -54.00
N VAL A 553 35.88 -49.44 -53.31
CA VAL A 553 37.20 -50.07 -53.32
C VAL A 553 37.18 -51.40 -52.59
N MET A 554 36.47 -51.44 -51.46
CA MET A 554 36.35 -52.67 -50.68
C MET A 554 35.50 -53.70 -51.42
N LEU A 555 34.48 -53.22 -52.13
CA LEU A 555 33.62 -54.09 -52.92
C LEU A 555 34.38 -54.66 -54.11
N TYR A 556 35.24 -53.83 -54.70
CA TYR A 556 36.06 -54.27 -55.83
C TYR A 556 37.15 -55.24 -55.36
N LEU A 557 37.59 -55.06 -54.13
CA LEU A 557 38.61 -55.93 -53.55
C LEU A 557 37.98 -57.25 -53.09
N LEU A 558 36.69 -57.22 -52.80
CA LEU A 558 35.97 -58.41 -52.38
C LEU A 558 35.42 -59.18 -53.58
N ASP A 559 35.31 -58.49 -54.72
CA ASP A 559 34.81 -59.11 -55.94
C ASP A 559 35.93 -59.82 -56.70
N ARG A 560 36.96 -59.05 -57.06
CA ARG A 560 38.09 -59.60 -57.79
C ARG A 560 39.29 -59.83 -56.87
N SER A 583 31.16 -50.87 -62.42
CA SER A 583 30.12 -51.69 -61.84
C SER A 583 29.84 -51.27 -60.39
N ALA A 584 30.89 -51.22 -59.58
CA ALA A 584 30.75 -50.84 -58.18
C ALA A 584 30.34 -49.39 -58.03
N MET A 585 30.76 -48.56 -58.98
CA MET A 585 30.43 -47.14 -58.97
C MET A 585 28.93 -46.94 -59.21
N TRP A 586 28.38 -47.71 -60.14
CA TRP A 586 26.97 -47.63 -60.45
C TRP A 586 26.12 -48.16 -59.31
N PHE A 587 26.68 -49.11 -58.55
CA PHE A 587 25.98 -49.67 -57.41
C PHE A 587 25.98 -48.71 -56.23
N SER A 588 27.12 -48.08 -55.99
CA SER A 588 27.25 -47.11 -54.90
C SER A 588 26.43 -45.87 -55.16
N TRP A 589 26.62 -45.27 -56.34
CA TRP A 589 25.89 -44.07 -56.73
C TRP A 589 24.42 -44.37 -56.96
N GLY A 590 24.12 -45.62 -57.29
CA GLY A 590 22.75 -46.05 -57.51
C GLY A 590 22.01 -46.25 -56.20
N VAL A 591 22.72 -46.73 -55.19
CA VAL A 591 22.12 -46.95 -53.87
C VAL A 591 22.02 -45.64 -53.10
N LEU A 592 22.99 -44.75 -53.31
CA LEU A 592 23.01 -43.47 -52.63
C LEU A 592 21.93 -42.53 -53.17
N LEU A 593 21.79 -42.49 -54.50
CA LEU A 593 20.81 -41.63 -55.14
C LEU A 593 19.52 -42.38 -55.46
N ASN A 594 19.32 -43.50 -54.78
CA ASN A 594 18.13 -44.33 -54.96
C ASN A 594 17.90 -44.74 -56.40
N ALA A 601 25.38 -52.56 -61.56
CA ALA A 601 24.92 -53.08 -60.28
C ALA A 601 25.22 -54.58 -60.17
N PRO A 602 26.43 -54.92 -59.74
CA PRO A 602 26.84 -56.32 -59.58
C PRO A 602 26.22 -56.99 -58.36
N ARG A 603 25.63 -58.17 -58.55
CA ARG A 603 25.02 -58.89 -57.45
C ARG A 603 26.01 -59.87 -56.82
N SER A 604 25.73 -60.27 -55.58
CA SER A 604 26.56 -61.21 -54.83
C SER A 604 28.01 -60.74 -54.74
N PHE A 605 28.91 -61.47 -55.40
CA PHE A 605 30.34 -61.16 -55.41
C PHE A 605 30.93 -61.15 -54.00
N SER A 606 30.32 -61.91 -53.09
CA SER A 606 30.79 -62.04 -51.71
C SER A 606 30.89 -60.68 -50.99
N ALA A 607 30.12 -59.71 -51.47
CA ALA A 607 30.12 -58.38 -50.87
C ALA A 607 28.71 -57.79 -50.89
N ARG A 608 27.72 -58.66 -51.06
CA ARG A 608 26.33 -58.23 -51.09
C ARG A 608 25.87 -57.79 -49.71
N ILE A 609 26.47 -58.36 -48.67
CA ILE A 609 26.16 -57.98 -47.29
C ILE A 609 26.68 -56.57 -47.02
N LEU A 610 27.85 -56.27 -47.55
CA LEU A 610 28.43 -54.93 -47.43
C LEU A 610 27.60 -53.93 -48.22
N GLY A 611 26.97 -54.40 -49.29
CA GLY A 611 26.08 -53.58 -50.09
C GLY A 611 24.78 -53.32 -49.36
N MET A 612 24.34 -54.29 -48.57
CA MET A 612 23.14 -54.15 -47.76
C MET A 612 23.40 -53.18 -46.61
N VAL A 613 24.60 -53.26 -46.05
CA VAL A 613 25.00 -52.35 -44.99
C VAL A 613 25.17 -50.94 -45.55
N TRP A 614 25.64 -50.85 -46.78
CA TRP A 614 25.78 -49.56 -47.46
C TRP A 614 24.40 -48.98 -47.78
N ALA A 615 23.45 -49.86 -48.05
CA ALA A 615 22.07 -49.44 -48.29
C ALA A 615 21.42 -48.97 -47.00
N GLY A 616 21.81 -49.59 -45.89
CA GLY A 616 21.34 -49.19 -44.58
C GLY A 616 21.90 -47.83 -44.19
N PHE A 617 23.18 -47.62 -44.49
CA PHE A 617 23.83 -46.36 -44.23
C PHE A 617 23.27 -45.26 -45.14
N ALA A 618 22.87 -45.65 -46.34
CA ALA A 618 22.27 -44.71 -47.28
C ALA A 618 20.87 -44.31 -46.84
N MET A 619 20.11 -45.28 -46.35
CA MET A 619 18.77 -45.02 -45.84
C MET A 619 18.84 -44.16 -44.58
N ILE A 620 19.85 -44.42 -43.75
CA ILE A 620 20.07 -43.64 -42.54
C ILE A 620 20.51 -42.22 -42.89
N ILE A 621 21.28 -42.10 -43.96
CA ILE A 621 21.73 -40.78 -44.42
C ILE A 621 20.56 -39.97 -44.97
N VAL A 622 19.69 -40.64 -45.71
CA VAL A 622 18.50 -40.00 -46.27
C VAL A 622 17.54 -39.57 -45.17
N ALA A 623 17.35 -40.45 -44.18
CA ALA A 623 16.47 -40.16 -43.06
C ALA A 623 17.01 -39.02 -42.21
N SER A 624 18.33 -39.02 -42.01
CA SER A 624 18.99 -37.97 -41.23
C SER A 624 18.91 -36.64 -41.96
N TYR A 625 19.08 -36.67 -43.27
CA TYR A 625 19.02 -35.47 -44.09
C TYR A 625 17.60 -34.88 -44.10
N THR A 626 16.62 -35.76 -44.20
CA THR A 626 15.22 -35.34 -44.20
C THR A 626 14.81 -34.79 -42.83
N ALA A 627 15.25 -35.45 -41.78
CA ALA A 627 14.94 -35.03 -40.41
C ALA A 627 15.60 -33.70 -40.09
N ASN A 628 16.84 -33.53 -40.55
CA ASN A 628 17.57 -32.28 -40.34
C ASN A 628 16.99 -31.16 -41.19
N LEU A 629 16.44 -31.51 -42.34
CA LEU A 629 15.78 -30.54 -43.21
C LEU A 629 14.44 -30.12 -42.63
N ALA A 630 13.82 -31.01 -41.87
CA ALA A 630 12.55 -30.73 -41.22
C ALA A 630 12.77 -29.97 -39.91
N ALA A 631 13.96 -30.13 -39.34
CA ALA A 631 14.30 -29.46 -38.09
C ALA A 631 14.76 -28.03 -38.32
N PHE A 632 15.45 -27.82 -39.44
CA PHE A 632 15.94 -26.49 -39.81
C PHE A 632 14.92 -25.74 -40.66
N LEU A 633 13.65 -25.97 -40.39
CA LEU A 633 12.57 -25.31 -41.12
C LEU A 633 11.39 -25.02 -40.21
N VAL A 634 11.14 -25.92 -39.26
CA VAL A 634 10.05 -25.75 -38.31
C VAL A 634 10.57 -25.29 -36.96
N ILE A 642 10.24 -8.15 -27.51
CA ILE A 642 9.50 -7.57 -26.39
C ILE A 642 8.32 -8.45 -25.99
N THR A 643 8.30 -8.88 -24.74
CA THR A 643 7.24 -9.74 -24.23
C THR A 643 6.13 -8.92 -23.57
N GLY A 644 5.90 -7.72 -24.08
CA GLY A 644 4.87 -6.85 -23.54
C GLY A 644 5.44 -5.68 -22.76
N ILE A 645 4.64 -5.12 -21.86
CA ILE A 645 5.08 -3.99 -21.05
C ILE A 645 5.93 -4.46 -19.87
N ASN A 646 5.85 -5.76 -19.58
CA ASN A 646 6.60 -6.34 -18.48
C ASN A 646 7.96 -6.87 -18.93
N ASP A 647 8.41 -6.42 -20.09
CA ASP A 647 9.71 -6.83 -20.62
C ASP A 647 10.83 -6.10 -19.89
N PRO A 648 11.88 -6.83 -19.51
CA PRO A 648 13.05 -6.26 -18.81
C PRO A 648 13.77 -5.19 -19.62
N ARG A 649 13.55 -5.18 -20.93
CA ARG A 649 14.17 -4.19 -21.81
C ARG A 649 13.52 -2.82 -21.66
N LEU A 650 12.38 -2.79 -20.98
CA LEU A 650 11.66 -1.53 -20.74
C LEU A 650 11.67 -1.17 -19.26
N ARG A 651 11.75 -2.18 -18.40
CA ARG A 651 11.79 -1.96 -16.96
C ARG A 651 13.04 -1.20 -16.55
N ASN A 652 14.18 -1.65 -17.06
CA ASN A 652 15.45 -0.96 -16.82
C ASN A 652 16.14 -0.63 -18.14
N PRO A 653 15.67 0.42 -18.82
CA PRO A 653 16.16 0.81 -20.15
C PRO A 653 17.58 1.36 -20.14
N SER A 654 18.14 1.52 -21.32
CA SER A 654 19.49 2.06 -21.47
C SER A 654 19.62 2.85 -22.78
N ASP A 655 20.85 3.02 -23.24
CA ASP A 655 21.09 3.72 -24.50
C ASP A 655 21.00 2.76 -25.68
N LYS A 656 20.75 1.48 -25.38
CA LYS A 656 20.64 0.45 -26.41
C LYS A 656 19.19 0.25 -26.84
N PHE A 657 18.29 0.18 -25.86
CA PHE A 657 16.87 -0.02 -26.13
C PHE A 657 16.09 1.28 -25.93
N ILE A 658 16.03 2.09 -26.98
CA ILE A 658 15.33 3.37 -26.92
C ILE A 658 13.88 3.24 -27.33
N TYR A 659 12.97 3.55 -26.40
CA TYR A 659 11.54 3.49 -26.68
C TYR A 659 10.83 4.71 -26.08
N ALA A 660 9.73 5.10 -26.71
CA ALA A 660 8.96 6.26 -26.25
C ALA A 660 7.54 6.24 -26.78
N THR A 661 6.89 7.40 -26.77
CA THR A 661 5.53 7.54 -27.28
C THR A 661 5.31 8.93 -27.85
N VAL A 662 4.05 9.28 -28.09
CA VAL A 662 3.71 10.61 -28.59
C VAL A 662 3.74 11.63 -27.45
N LYS A 663 4.51 12.70 -27.65
CA LYS A 663 4.62 13.76 -26.65
C LYS A 663 3.26 14.40 -26.40
N GLN A 664 2.95 14.62 -25.12
CA GLN A 664 1.67 15.18 -24.70
C GLN A 664 0.50 14.37 -25.24
N SER A 665 0.44 13.11 -24.82
CA SER A 665 -0.64 12.21 -25.21
C SER A 665 -1.19 11.43 -24.02
N SER A 666 -2.14 10.54 -24.27
CA SER A 666 -2.74 9.75 -23.20
C SER A 666 -1.74 8.78 -22.58
N VAL A 667 -0.83 8.27 -23.39
CA VAL A 667 0.23 7.41 -22.89
C VAL A 667 1.14 8.19 -21.96
N ASP A 668 1.44 9.43 -22.34
CA ASP A 668 2.25 10.33 -21.54
C ASP A 668 1.61 10.56 -20.19
N ILE A 669 0.30 10.79 -20.18
CA ILE A 669 -0.46 10.95 -18.94
C ILE A 669 -0.42 9.69 -18.10
N TYR A 670 -0.55 8.54 -18.76
CA TYR A 670 -0.52 7.25 -18.08
C TYR A 670 0.80 7.03 -17.35
N PHE A 671 1.90 7.24 -18.04
CA PHE A 671 3.22 7.03 -17.45
C PHE A 671 3.61 8.15 -16.49
N ARG A 672 2.94 9.29 -16.60
CA ARG A 672 3.25 10.43 -15.75
C ARG A 672 2.80 10.20 -14.30
N ARG A 673 1.50 10.19 -14.09
CA ARG A 673 0.93 10.07 -12.75
C ARG A 673 0.91 8.62 -12.26
N GLN A 674 2.09 8.10 -11.96
CA GLN A 674 2.21 6.75 -11.40
C GLN A 674 3.60 6.56 -10.79
N VAL A 675 3.64 6.13 -9.54
CA VAL A 675 4.90 6.03 -8.79
C VAL A 675 5.80 4.91 -9.29
N GLU A 676 5.21 3.78 -9.67
CA GLU A 676 5.98 2.63 -10.12
C GLU A 676 6.28 2.70 -11.62
N LEU A 677 5.83 3.77 -12.26
CA LEU A 677 6.07 3.98 -13.68
C LEU A 677 6.92 5.22 -13.92
N SER A 678 7.71 5.59 -12.91
CA SER A 678 8.57 6.76 -12.99
C SER A 678 9.71 6.57 -13.97
N THR A 679 10.51 5.54 -13.72
CA THR A 679 11.70 5.24 -14.53
C THR A 679 11.40 5.25 -16.03
N MET A 680 10.44 4.43 -16.43
CA MET A 680 10.01 4.38 -17.83
C MET A 680 9.69 5.77 -18.36
N TYR A 681 8.91 6.52 -17.58
CA TYR A 681 8.56 7.89 -17.96
C TYR A 681 9.82 8.72 -18.12
N ARG A 682 10.73 8.58 -17.16
CA ARG A 682 12.00 9.31 -17.18
C ARG A 682 12.81 8.93 -18.42
N HIS A 683 12.53 7.75 -18.96
CA HIS A 683 13.20 7.30 -20.17
C HIS A 683 12.45 7.75 -21.42
N MET A 684 11.13 7.89 -21.30
CA MET A 684 10.31 8.27 -22.45
C MET A 684 10.29 9.78 -22.66
N GLU A 685 10.41 10.54 -21.58
CA GLU A 685 10.37 11.99 -21.65
C GLU A 685 11.67 12.57 -22.19
N LYS A 686 12.29 11.86 -23.12
CA LYS A 686 13.54 12.30 -23.74
C LYS A 686 13.60 11.83 -25.20
N HIS A 687 12.61 11.03 -25.60
CA HIS A 687 12.56 10.49 -26.95
C HIS A 687 11.16 10.59 -27.55
N ASN A 688 10.26 11.27 -26.84
CA ASN A 688 8.88 11.40 -27.31
C ASN A 688 8.77 12.28 -28.56
N TYR A 689 7.98 11.83 -29.52
CA TYR A 689 7.74 12.58 -30.75
C TYR A 689 6.48 13.41 -30.65
N GLU A 690 6.41 14.49 -31.43
CA GLU A 690 5.28 15.40 -31.39
C GLU A 690 4.01 14.75 -31.92
N SER A 691 4.17 13.82 -32.86
CA SER A 691 3.04 13.11 -33.43
C SER A 691 3.30 11.60 -33.48
N ALA A 692 2.30 10.85 -33.91
CA ALA A 692 2.42 9.41 -34.04
C ALA A 692 3.11 9.03 -35.36
N ALA A 693 2.94 9.87 -36.36
CA ALA A 693 3.51 9.64 -37.68
C ALA A 693 5.03 9.59 -37.63
N GLU A 694 5.63 10.58 -36.98
CA GLU A 694 7.08 10.66 -36.87
C GLU A 694 7.65 9.49 -36.06
N ALA A 695 6.87 9.04 -35.07
CA ALA A 695 7.30 7.93 -34.22
C ALA A 695 7.26 6.60 -34.97
N ILE A 696 6.17 6.39 -35.71
CA ILE A 696 6.03 5.18 -36.53
C ILE A 696 7.10 5.17 -37.63
N GLN A 697 7.34 6.33 -38.23
CA GLN A 697 8.38 6.45 -39.25
C GLN A 697 9.76 6.23 -38.64
N ALA A 698 9.89 6.56 -37.35
CA ALA A 698 11.15 6.36 -36.64
C ALA A 698 11.41 4.88 -36.39
N VAL A 699 10.40 4.19 -35.86
CA VAL A 699 10.54 2.76 -35.56
C VAL A 699 10.60 1.94 -36.85
N ARG A 700 10.15 2.54 -37.95
CA ARG A 700 10.22 1.89 -39.25
C ARG A 700 11.62 2.05 -39.85
N ASP A 701 12.26 3.17 -39.54
CA ASP A 701 13.61 3.45 -40.02
C ASP A 701 14.65 3.03 -38.98
N ASN A 702 14.26 2.14 -38.08
CA ASN A 702 15.14 1.61 -37.04
C ASN A 702 15.75 2.69 -36.15
N LYS A 703 14.99 3.77 -35.91
CA LYS A 703 15.42 4.81 -35.00
C LYS A 703 14.98 4.47 -33.58
N LEU A 704 13.78 3.88 -33.47
CA LEU A 704 13.26 3.43 -32.18
C LEU A 704 13.34 1.91 -32.09
N HIS A 705 13.17 1.38 -30.89
CA HIS A 705 13.15 -0.06 -30.68
C HIS A 705 11.74 -0.50 -30.29
N ALA A 706 10.95 0.45 -29.83
CA ALA A 706 9.57 0.19 -29.43
C ALA A 706 8.77 1.49 -29.41
N PHE A 707 7.44 1.38 -29.50
CA PHE A 707 6.58 2.56 -29.51
C PHE A 707 5.21 2.27 -28.89
N ILE A 708 5.01 2.79 -27.68
CA ILE A 708 3.75 2.61 -26.96
C ILE A 708 2.65 3.48 -27.56
N TRP A 709 1.57 2.83 -28.01
CA TRP A 709 0.44 3.57 -28.58
C TRP A 709 -0.84 2.73 -28.61
N ASP A 710 -1.93 3.35 -29.06
CA ASP A 710 -3.23 2.70 -29.12
C ASP A 710 -3.21 1.45 -30.00
N SER A 711 -3.93 0.42 -29.56
CA SER A 711 -4.01 -0.84 -30.31
C SER A 711 -4.73 -0.63 -31.64
N ALA A 712 -5.74 0.23 -31.63
CA ALA A 712 -6.52 0.51 -32.83
C ALA A 712 -5.68 1.15 -33.92
N VAL A 713 -4.51 1.67 -33.54
CA VAL A 713 -3.60 2.28 -34.50
C VAL A 713 -2.45 1.33 -34.84
N LEU A 714 -1.80 0.79 -33.80
CA LEU A 714 -0.64 -0.06 -33.99
C LEU A 714 -0.97 -1.37 -34.68
N GLU A 715 -2.16 -1.91 -34.42
CA GLU A 715 -2.58 -3.13 -35.10
C GLU A 715 -3.02 -2.82 -36.52
N PHE A 716 -3.26 -1.55 -36.81
CA PHE A 716 -3.57 -1.12 -38.16
C PHE A 716 -2.29 -0.93 -38.95
N GLU A 717 -1.23 -0.52 -38.25
CA GLU A 717 0.08 -0.35 -38.86
C GLU A 717 0.69 -1.70 -39.23
N ALA A 718 0.26 -2.74 -38.52
CA ALA A 718 0.70 -4.10 -38.81
C ALA A 718 -0.17 -4.73 -39.89
N SER A 719 -1.20 -4.00 -40.30
CA SER A 719 -2.11 -4.47 -41.34
C SER A 719 -1.83 -3.78 -42.67
N GLN A 720 -1.08 -2.68 -42.60
CA GLN A 720 -0.71 -1.94 -43.80
C GLN A 720 0.80 -1.96 -44.02
N LYS A 721 1.49 -2.71 -43.15
CA LYS A 721 2.94 -2.84 -43.25
C LYS A 721 3.39 -4.16 -42.61
N CYS A 722 4.19 -4.92 -43.34
CA CYS A 722 4.63 -6.24 -42.87
C CYS A 722 5.96 -6.16 -42.13
N ASP A 723 6.53 -4.97 -42.07
CA ASP A 723 7.80 -4.77 -41.37
C ASP A 723 7.58 -4.27 -39.95
N LEU A 724 6.35 -3.84 -39.67
CA LEU A 724 5.98 -3.37 -38.33
C LEU A 724 5.04 -4.34 -37.64
N VAL A 725 5.46 -4.87 -36.50
CA VAL A 725 4.68 -5.85 -35.76
C VAL A 725 4.40 -5.37 -34.34
N THR A 726 3.18 -5.57 -33.87
CA THR A 726 2.80 -5.23 -32.50
C THR A 726 3.43 -6.20 -31.51
N THR A 727 3.47 -5.79 -30.24
CA THR A 727 4.10 -6.61 -29.20
C THR A 727 3.18 -7.75 -28.76
N GLY A 728 3.48 -8.33 -27.60
CA GLY A 728 2.74 -9.47 -27.10
C GLY A 728 1.58 -9.10 -26.20
N GLU A 729 1.90 -8.63 -25.00
CA GLU A 729 0.89 -8.32 -23.99
C GLU A 729 0.04 -7.11 -24.36
N LEU A 730 -0.95 -6.82 -23.52
CA LEU A 730 -1.82 -5.67 -23.73
C LEU A 730 -2.22 -5.05 -22.39
N PHE A 731 -2.09 -3.73 -22.30
CA PHE A 731 -2.40 -3.02 -21.05
C PHE A 731 -3.24 -1.77 -21.31
N PHE A 732 -3.83 -1.25 -20.24
CA PHE A 732 -4.66 -0.04 -20.28
C PHE A 732 -5.81 -0.20 -21.28
N ARG A 733 -6.76 -1.07 -20.95
CA ARG A 733 -7.91 -1.33 -21.81
C ARG A 733 -8.97 -0.26 -21.65
N SER A 734 -8.69 0.93 -22.19
CA SER A 734 -9.63 2.04 -22.11
C SER A 734 -10.56 2.07 -23.31
N GLY A 735 -10.66 3.24 -23.95
CA GLY A 735 -11.51 3.40 -25.11
C GLY A 735 -11.54 4.83 -25.63
N PHE A 736 -12.01 5.00 -26.86
CA PHE A 736 -12.10 6.31 -27.46
C PHE A 736 -13.52 6.86 -27.37
N GLY A 737 -13.65 8.14 -27.04
CA GLY A 737 -14.95 8.76 -26.88
C GLY A 737 -15.07 10.12 -27.53
N ILE A 738 -16.30 10.61 -27.61
CA ILE A 738 -16.57 11.92 -28.20
C ILE A 738 -16.38 13.03 -27.16
N GLY A 739 -15.52 14.00 -27.47
CA GLY A 739 -15.25 15.10 -26.57
C GLY A 739 -16.44 16.02 -26.38
N MET A 740 -16.76 16.30 -25.13
CA MET A 740 -17.90 17.15 -24.80
C MET A 740 -17.56 18.17 -23.71
N ARG A 741 -17.79 19.45 -24.02
CA ARG A 741 -17.49 20.52 -23.09
C ARG A 741 -18.46 20.55 -21.91
N LYS A 742 -17.94 20.26 -20.72
CA LYS A 742 -18.72 20.26 -19.49
C LYS A 742 -19.95 19.36 -19.57
N ASP A 743 -20.99 19.73 -18.84
CA ASP A 743 -22.25 18.98 -18.83
C ASP A 743 -23.20 19.51 -19.89
N SER A 744 -23.34 18.75 -20.98
CA SER A 744 -24.20 19.16 -22.09
C SER A 744 -25.10 18.01 -22.52
N PRO A 745 -26.35 18.32 -22.91
CA PRO A 745 -27.30 17.30 -23.39
C PRO A 745 -26.80 16.60 -24.66
N TRP A 746 -25.95 17.29 -25.42
CA TRP A 746 -25.37 16.71 -26.62
C TRP A 746 -24.51 15.51 -26.28
N LYS A 747 -23.96 15.48 -25.07
CA LYS A 747 -23.18 14.34 -24.61
C LYS A 747 -24.08 13.10 -24.48
N GLN A 748 -25.26 13.30 -23.89
CA GLN A 748 -26.21 12.21 -23.74
C GLN A 748 -26.74 11.75 -25.09
N GLN A 749 -27.08 12.71 -25.95
CA GLN A 749 -27.56 12.41 -27.29
C GLN A 749 -26.54 11.60 -28.08
N VAL A 750 -25.30 12.07 -28.10
CA VAL A 750 -24.21 11.40 -28.81
C VAL A 750 -23.97 10.01 -28.22
N SER A 751 -23.98 9.91 -26.89
CA SER A 751 -23.76 8.62 -26.22
C SER A 751 -24.82 7.60 -26.62
N LEU A 752 -26.09 8.01 -26.59
CA LEU A 752 -27.19 7.14 -26.99
C LEU A 752 -27.09 6.79 -28.47
N SER A 753 -26.59 7.73 -29.27
CA SER A 753 -26.43 7.50 -30.71
C SER A 753 -25.36 6.46 -31.00
N ILE A 754 -24.27 6.52 -30.23
CA ILE A 754 -23.17 5.56 -30.37
C ILE A 754 -23.60 4.19 -29.88
N LEU A 755 -24.33 4.16 -28.77
CA LEU A 755 -24.86 2.91 -28.23
C LEU A 755 -25.79 2.26 -29.24
N LYS A 756 -26.64 3.07 -29.85
CA LYS A 756 -27.55 2.60 -30.90
C LYS A 756 -26.76 2.15 -32.13
N SER A 757 -25.61 2.77 -32.33
CA SER A 757 -24.74 2.41 -33.44
C SER A 757 -23.96 1.13 -33.14
N HIS A 758 -23.98 0.72 -31.87
CA HIS A 758 -23.29 -0.50 -31.46
C HIS A 758 -24.26 -1.66 -31.32
N GLU A 759 -25.53 -1.36 -31.10
CA GLU A 759 -26.53 -2.41 -30.93
C GLU A 759 -26.79 -3.14 -32.24
N ASN A 760 -26.43 -2.51 -33.36
CA ASN A 760 -26.57 -3.13 -34.67
C ASN A 760 -25.21 -3.35 -35.33
N GLY A 761 -25.20 -3.42 -36.66
CA GLY A 761 -23.98 -3.68 -37.40
C GLY A 761 -23.38 -2.45 -38.05
N PHE A 762 -23.56 -1.30 -37.41
CA PHE A 762 -23.00 -0.04 -37.93
C PHE A 762 -21.50 0.00 -37.73
N MET A 763 -21.07 -0.18 -36.48
CA MET A 763 -19.65 -0.18 -36.14
C MET A 763 -18.93 -1.36 -36.79
N GLU A 764 -19.66 -2.45 -37.01
CA GLU A 764 -19.11 -3.62 -37.68
C GLU A 764 -18.75 -3.28 -39.12
N ASP A 765 -19.65 -2.57 -39.79
CA ASP A 765 -19.42 -2.14 -41.17
C ASP A 765 -18.33 -1.08 -41.22
N LEU A 766 -18.26 -0.24 -40.19
CA LEU A 766 -17.23 0.79 -40.10
C LEU A 766 -15.86 0.17 -39.92
N ASP A 767 -15.80 -0.96 -39.21
CA ASP A 767 -14.54 -1.66 -38.99
C ASP A 767 -14.16 -2.50 -40.20
N LYS A 768 -15.15 -3.01 -40.90
CA LYS A 768 -14.91 -3.88 -42.06
C LYS A 768 -14.53 -3.07 -43.30
N THR A 769 -14.62 -1.75 -43.19
CA THR A 769 -14.29 -0.87 -44.32
C THR A 769 -13.16 0.10 -43.99
N TRP A 770 -12.62 -0.02 -42.78
CA TRP A 770 -11.52 0.84 -42.35
C TRP A 770 -10.48 0.07 -41.54
N VAL A 771 -10.94 -0.65 -40.53
CA VAL A 771 -10.05 -1.38 -39.63
C VAL A 771 -9.69 -2.76 -40.16
N ARG A 772 -10.71 -3.53 -40.53
CA ARG A 772 -10.51 -4.90 -41.01
C ARG A 772 -9.92 -4.91 -42.43
N TYR A 773 -9.92 -3.76 -43.08
CA TYR A 773 -9.35 -3.65 -44.42
C TYR A 773 -7.83 -3.78 -44.40
N GLN A 774 -7.35 -5.00 -44.18
CA GLN A 774 -5.93 -5.27 -44.09
C GLN A 774 -5.35 -5.66 -45.45
N GLU A 775 -4.43 -4.84 -45.96
CA GLU A 775 -3.78 -5.12 -47.23
C GLU A 775 -2.62 -6.11 -47.04
N CYS A 776 -2.21 -6.28 -45.79
CA CYS A 776 -1.12 -7.20 -45.47
C CYS A 776 -1.66 -8.47 -44.83
N ASP A 777 -0.85 -9.53 -44.84
CA ASP A 777 -1.25 -10.80 -44.25
C ASP A 777 -0.97 -10.86 -42.76
N SER A 778 -1.11 -12.04 -42.18
CA SER A 778 -0.88 -12.24 -40.75
C SER A 778 0.23 -13.27 -40.52
N ARG A 779 1.19 -12.92 -39.67
CA ARG A 779 2.30 -13.81 -39.36
C ARG A 779 2.01 -14.62 -38.09
N THR A 787 11.03 -21.87 -49.57
CA THR A 787 11.59 -20.81 -50.39
C THR A 787 11.92 -21.30 -51.79
N CYS A 788 11.59 -20.50 -52.79
CA CYS A 788 11.85 -20.85 -54.18
C CYS A 788 13.33 -20.65 -54.53
N GLU A 789 14.01 -19.83 -53.73
CA GLU A 789 15.42 -19.56 -53.94
C GLU A 789 16.27 -20.82 -53.72
N ASN A 790 15.83 -21.64 -52.77
CA ASN A 790 16.51 -22.90 -52.47
C ASN A 790 16.41 -23.87 -53.65
N MET A 791 15.22 -23.98 -54.21
CA MET A 791 15.00 -24.83 -55.38
C MET A 791 15.71 -24.27 -56.60
N ALA A 792 15.86 -22.94 -56.63
CA ALA A 792 16.56 -22.28 -57.72
C ALA A 792 18.05 -22.60 -57.66
N GLY A 793 18.62 -22.55 -56.46
CA GLY A 793 20.02 -22.88 -56.26
C GLY A 793 20.29 -24.35 -56.51
N VAL A 794 19.36 -25.20 -56.07
CA VAL A 794 19.48 -26.63 -56.29
C VAL A 794 19.39 -26.96 -57.77
N PHE A 795 18.53 -26.24 -58.48
CA PHE A 795 18.41 -26.42 -59.93
C PHE A 795 19.64 -25.92 -60.65
N MET A 796 20.25 -24.86 -60.12
CA MET A 796 21.46 -24.30 -60.70
C MET A 796 22.64 -25.27 -60.53
N LEU A 797 22.73 -25.88 -59.35
CA LEU A 797 23.79 -26.84 -59.07
C LEU A 797 23.58 -28.12 -59.88
N VAL A 798 22.34 -28.57 -59.97
CA VAL A 798 22.01 -29.79 -60.69
C VAL A 798 22.27 -29.63 -62.19
N ALA A 799 21.76 -28.55 -62.77
CA ALA A 799 21.96 -28.28 -64.19
C ALA A 799 23.42 -27.96 -64.49
N GLY A 800 24.10 -27.40 -63.49
CA GLY A 800 25.52 -27.10 -63.63
C GLY A 800 26.35 -28.37 -63.72
N GLY A 801 26.10 -29.29 -62.79
CA GLY A 801 26.79 -30.57 -62.78
C GLY A 801 26.41 -31.41 -63.99
N ILE A 802 25.18 -31.24 -64.46
CA ILE A 802 24.70 -31.96 -65.63
C ILE A 802 25.35 -31.43 -66.90
N VAL A 803 25.61 -30.13 -66.92
CA VAL A 803 26.27 -29.50 -68.07
C VAL A 803 27.75 -29.87 -68.08
N ALA A 804 28.39 -29.80 -66.92
CA ALA A 804 29.79 -30.17 -66.79
C ALA A 804 30.00 -31.65 -67.08
N GLY A 805 28.99 -32.46 -66.78
CA GLY A 805 29.02 -33.87 -67.07
C GLY A 805 28.76 -34.15 -68.54
N ILE A 806 27.92 -33.31 -69.15
CA ILE A 806 27.62 -33.44 -70.57
C ILE A 806 28.83 -33.06 -71.42
N PHE A 807 29.60 -32.09 -70.93
CA PHE A 807 30.81 -31.67 -71.61
C PHE A 807 31.88 -32.76 -71.54
N LEU A 808 32.10 -33.29 -70.35
CA LEU A 808 33.09 -34.34 -70.14
C LEU A 808 32.45 -35.72 -70.27
N LYS B 4 18.49 77.38 -10.10
CA LYS B 4 19.73 77.87 -9.51
C LYS B 4 20.46 76.75 -8.79
N SER B 5 21.68 76.44 -9.26
CA SER B 5 22.54 75.39 -8.70
C SER B 5 21.93 74.00 -8.86
N PRO B 6 22.77 72.95 -8.80
CA PRO B 6 22.24 71.59 -8.85
C PRO B 6 21.28 71.32 -7.71
N PRO B 7 20.01 71.00 -8.03
CA PRO B 7 18.93 70.82 -7.05
C PRO B 7 19.25 69.77 -6.00
N SER B 8 18.87 70.03 -4.75
CA SER B 8 19.14 69.12 -3.66
C SER B 8 17.88 68.42 -3.19
N ILE B 9 17.88 67.09 -3.27
CA ILE B 9 16.74 66.30 -2.81
C ILE B 9 16.90 65.95 -1.34
N GLY B 10 15.78 65.92 -0.62
CA GLY B 10 15.80 65.63 0.81
C GLY B 10 15.64 64.16 1.12
N ILE B 11 16.75 63.52 1.51
CA ILE B 11 16.71 62.11 1.89
C ILE B 11 16.87 61.96 3.40
N ALA B 12 15.81 61.53 4.05
CA ALA B 12 15.81 61.35 5.51
C ALA B 12 16.26 59.95 5.89
N VAL B 13 17.40 59.87 6.57
CA VAL B 13 17.91 58.58 7.05
C VAL B 13 17.49 58.35 8.50
N ILE B 14 16.54 57.46 8.70
CA ILE B 14 16.01 57.17 10.03
C ILE B 14 16.70 55.96 10.65
N LEU B 15 17.33 56.17 11.79
CA LEU B 15 18.00 55.09 12.51
C LEU B 15 17.35 54.86 13.88
N VAL B 16 17.01 53.61 14.16
CA VAL B 16 16.37 53.26 15.42
C VAL B 16 17.25 52.33 16.24
N GLY B 17 17.52 52.70 17.49
CA GLY B 17 18.32 51.89 18.38
C GLY B 17 19.80 52.21 18.28
N THR B 18 20.62 51.31 18.81
CA THR B 18 22.07 51.50 18.80
C THR B 18 22.63 51.42 17.38
N SER B 19 23.14 52.53 16.89
CA SER B 19 23.72 52.60 15.55
C SER B 19 24.83 53.63 15.47
N ASP B 20 25.90 53.28 14.76
CA ASP B 20 27.03 54.19 14.60
C ASP B 20 26.72 55.29 13.60
N GLU B 21 26.24 56.42 14.10
CA GLU B 21 25.89 57.56 13.24
C GLU B 21 27.13 58.17 12.59
N VAL B 22 28.26 58.07 13.30
CA VAL B 22 29.52 58.62 12.80
C VAL B 22 29.99 57.87 11.56
N ALA B 23 30.07 56.55 11.65
CA ALA B 23 30.50 55.72 10.54
C ALA B 23 29.51 55.77 9.38
N ILE B 24 28.23 55.97 9.72
CA ILE B 24 27.17 56.05 8.71
C ILE B 24 27.27 57.35 7.92
N LYS B 25 27.54 58.45 8.63
CA LYS B 25 27.64 59.76 8.01
C LYS B 25 28.98 59.93 7.28
N ASP B 26 29.98 59.15 7.71
CA ASP B 26 31.31 59.23 7.11
C ASP B 26 31.39 58.39 5.83
N ALA B 27 30.39 57.55 5.62
CA ALA B 27 30.35 56.69 4.44
C ALA B 27 29.23 57.09 3.49
N HIS B 28 28.61 58.23 3.78
CA HIS B 28 27.50 58.72 2.96
C HIS B 28 27.76 60.15 2.49
N GLU B 29 28.84 60.76 2.98
CA GLU B 29 29.18 62.13 2.63
C GLU B 29 30.56 62.18 1.97
N LYS B 30 31.36 61.15 2.21
CA LYS B 30 32.72 61.08 1.67
C LYS B 30 32.70 60.95 0.15
N ASP B 31 32.13 59.87 -0.35
CA ASP B 31 32.07 59.62 -1.79
C ASP B 31 31.10 60.58 -2.48
N ASP B 32 31.59 61.79 -2.79
CA ASP B 32 30.79 62.79 -3.47
C ASP B 32 30.45 62.34 -4.89
N PHE B 33 29.17 62.31 -5.22
CA PHE B 33 28.73 61.86 -6.53
C PHE B 33 28.45 63.01 -7.48
N HIS B 34 29.12 63.00 -8.63
CA HIS B 34 28.92 64.02 -9.64
C HIS B 34 28.45 63.40 -10.95
N HIS B 35 28.17 62.10 -10.91
CA HIS B 35 27.71 61.37 -12.09
C HIS B 35 26.18 61.38 -12.17
N LEU B 36 25.55 62.12 -11.26
CA LEU B 36 24.09 62.22 -11.22
C LEU B 36 23.63 63.62 -11.58
N SER B 37 22.41 63.73 -12.08
CA SER B 37 21.83 65.02 -12.45
C SER B 37 21.19 65.69 -11.23
N VAL B 38 21.42 65.11 -10.06
CA VAL B 38 20.88 65.64 -8.81
C VAL B 38 21.82 65.27 -7.65
N VAL B 39 21.88 66.14 -6.64
CA VAL B 39 22.74 65.91 -5.48
C VAL B 39 21.91 65.67 -4.22
N PRO B 40 22.21 64.58 -3.50
CA PRO B 40 21.48 64.23 -2.28
C PRO B 40 21.79 65.13 -1.09
N ARG B 41 20.75 65.56 -0.38
CA ARG B 41 20.92 66.34 0.84
C ARG B 41 20.55 65.48 2.06
N VAL B 42 21.50 64.64 2.47
CA VAL B 42 21.27 63.68 3.54
C VAL B 42 21.03 64.34 4.89
N GLU B 43 19.99 63.90 5.58
CA GLU B 43 19.66 64.42 6.91
C GLU B 43 19.30 63.29 7.86
N LEU B 44 20.27 62.85 8.67
CA LEU B 44 20.07 61.75 9.60
C LEU B 44 19.13 62.13 10.74
N VAL B 45 18.18 61.25 11.04
CA VAL B 45 17.25 61.45 12.14
C VAL B 45 17.13 60.18 12.98
N ALA B 46 17.17 60.35 14.30
CA ALA B 46 17.06 59.22 15.21
C ALA B 46 15.65 59.05 15.73
N MET B 47 15.32 57.84 16.18
CA MET B 47 13.99 57.56 16.71
C MET B 47 14.04 56.38 17.69
N ASN B 48 13.38 56.55 18.84
CA ASN B 48 13.36 55.52 19.87
C ASN B 48 12.36 54.40 19.56
N GLU B 49 11.08 54.75 19.53
CA GLU B 49 10.02 53.76 19.46
C GLU B 49 9.66 53.39 18.02
N THR B 50 9.07 52.21 17.85
CA THR B 50 8.71 51.71 16.53
C THR B 50 7.23 51.36 16.43
N ASP B 51 6.40 52.11 17.15
CA ASP B 51 4.95 51.93 17.08
C ASP B 51 4.38 52.72 15.89
N PRO B 52 3.15 52.38 15.45
CA PRO B 52 2.52 53.09 14.33
C PRO B 52 2.51 54.61 14.49
N LYS B 53 2.00 55.09 15.62
CA LYS B 53 1.86 56.52 15.85
C LYS B 53 3.21 57.24 15.83
N SER B 54 4.22 56.64 16.44
CA SER B 54 5.55 57.26 16.50
C SER B 54 6.19 57.34 15.12
N ILE B 55 6.08 56.26 14.35
CA ILE B 55 6.66 56.22 13.01
C ILE B 55 5.96 57.21 12.09
N ILE B 56 4.62 57.15 12.06
CA ILE B 56 3.82 58.05 11.24
C ILE B 56 4.09 59.51 11.59
N THR B 57 4.07 59.82 12.89
CA THR B 57 4.31 61.19 13.36
C THR B 57 5.71 61.67 12.99
N ARG B 58 6.71 60.84 13.24
CA ARG B 58 8.09 61.20 12.96
C ARG B 58 8.33 61.45 11.48
N ILE B 59 7.81 60.57 10.64
CA ILE B 59 7.98 60.71 9.20
C ILE B 59 7.23 61.92 8.65
N CYS B 60 5.97 62.07 9.06
CA CYS B 60 5.15 63.20 8.61
C CYS B 60 5.75 64.53 9.04
N ASP B 61 6.30 64.57 10.25
CA ASP B 61 6.96 65.78 10.74
C ASP B 61 8.27 66.01 10.00
N LEU B 62 8.92 64.91 9.60
CA LEU B 62 10.15 64.99 8.83
C LEU B 62 9.89 65.50 7.42
N MET B 63 8.66 65.31 6.95
CA MET B 63 8.26 65.78 5.63
C MET B 63 7.66 67.18 5.70
N SER B 64 7.22 67.57 6.90
CA SER B 64 6.64 68.90 7.09
C SER B 64 7.74 69.92 7.35
N ASP B 65 8.75 69.52 8.12
CA ASP B 65 9.88 70.39 8.43
C ASP B 65 10.73 70.64 7.19
N ARG B 66 11.36 69.58 6.69
CA ARG B 66 12.17 69.67 5.49
C ARG B 66 11.45 69.01 4.31
N LYS B 67 11.97 69.21 3.10
CA LYS B 67 11.39 68.62 1.91
C LYS B 67 11.93 67.21 1.70
N ILE B 68 11.43 66.26 2.49
CA ILE B 68 11.87 64.88 2.41
C ILE B 68 11.38 64.21 1.12
N GLN B 69 12.27 64.12 0.14
CA GLN B 69 11.94 63.48 -1.13
C GLN B 69 12.04 61.96 -1.00
N GLY B 70 12.98 61.50 -0.19
CA GLY B 70 13.17 60.09 0.06
C GLY B 70 13.36 59.79 1.53
N VAL B 71 13.05 58.57 1.94
CA VAL B 71 13.18 58.16 3.33
C VAL B 71 13.90 56.83 3.45
N VAL B 72 15.12 56.86 4.00
CA VAL B 72 15.87 55.63 4.25
C VAL B 72 15.65 55.18 5.69
N PHE B 73 15.09 53.99 5.85
CA PHE B 73 14.70 53.50 7.17
C PHE B 73 15.54 52.30 7.61
N ALA B 74 15.88 52.28 8.89
CA ALA B 74 16.63 51.16 9.47
C ALA B 74 16.29 51.01 10.95
N ASP B 75 16.20 49.76 11.41
CA ASP B 75 15.93 49.48 12.81
C ASP B 75 16.73 48.27 13.29
N ASP B 76 16.70 48.01 14.59
CA ASP B 76 17.45 46.91 15.17
C ASP B 76 16.53 45.80 15.68
N THR B 77 15.23 46.00 15.53
CA THR B 77 14.24 45.04 16.01
C THR B 77 13.94 43.98 14.96
N ASP B 78 12.93 43.16 15.24
CA ASP B 78 12.50 42.12 14.31
C ASP B 78 11.01 42.23 14.04
N GLN B 79 10.55 43.46 13.82
CA GLN B 79 9.13 43.71 13.62
C GLN B 79 8.79 43.98 12.16
N GLU B 80 8.15 43.00 11.52
CA GLU B 80 7.70 43.16 10.13
C GLU B 80 6.62 44.24 10.05
N ALA B 81 5.95 44.47 11.17
CA ALA B 81 4.93 45.50 11.28
C ALA B 81 5.52 46.86 10.94
N ILE B 82 6.81 47.04 11.22
CA ILE B 82 7.53 48.25 10.83
C ILE B 82 7.47 48.41 9.32
N ALA B 83 7.87 47.36 8.60
CA ALA B 83 7.87 47.37 7.15
C ALA B 83 6.48 47.61 6.58
N GLN B 84 5.47 47.02 7.22
CA GLN B 84 4.09 47.20 6.76
C GLN B 84 3.61 48.64 6.97
N ILE B 85 3.93 49.21 8.12
CA ILE B 85 3.63 50.60 8.43
C ILE B 85 4.29 51.53 7.41
N LEU B 86 5.57 51.27 7.15
CA LEU B 86 6.34 52.05 6.18
C LEU B 86 5.72 51.96 4.79
N ASP B 87 5.22 50.78 4.45
CA ASP B 87 4.56 50.58 3.16
C ASP B 87 3.28 51.38 3.10
N PHE B 88 2.57 51.45 4.22
CA PHE B 88 1.33 52.23 4.30
C PHE B 88 1.59 53.72 4.14
N ILE B 89 2.62 54.21 4.83
CA ILE B 89 3.00 55.61 4.74
C ILE B 89 3.45 55.94 3.32
N SER B 90 4.25 55.06 2.74
CA SER B 90 4.74 55.22 1.38
C SER B 90 3.62 55.16 0.36
N ALA B 91 2.53 54.50 0.73
CA ALA B 91 1.36 54.39 -0.14
C ALA B 91 0.50 55.65 -0.07
N GLN B 92 0.27 56.14 1.15
CA GLN B 92 -0.61 57.28 1.35
C GLN B 92 0.01 58.60 0.91
N THR B 93 1.30 58.77 1.19
CA THR B 93 1.98 60.03 0.88
C THR B 93 2.73 59.97 -0.45
N LEU B 94 2.74 58.79 -1.06
CA LEU B 94 3.51 58.53 -2.27
C LEU B 94 4.97 58.94 -2.09
N THR B 95 5.53 58.57 -0.95
CA THR B 95 6.91 58.90 -0.62
C THR B 95 7.80 57.65 -0.68
N PRO B 96 8.88 57.72 -1.48
CA PRO B 96 9.84 56.61 -1.58
C PRO B 96 10.44 56.25 -0.23
N ILE B 97 10.20 55.03 0.22
CA ILE B 97 10.75 54.56 1.50
C ILE B 97 11.54 53.28 1.29
N LEU B 98 12.74 53.21 1.88
CA LEU B 98 13.60 52.05 1.72
C LEU B 98 13.95 51.41 3.06
N GLY B 99 13.34 50.25 3.33
CA GLY B 99 13.67 49.48 4.52
C GLY B 99 14.96 48.73 4.30
N ILE B 100 16.04 49.20 4.92
CA ILE B 100 17.37 48.68 4.64
C ILE B 100 17.86 47.68 5.69
N HIS B 101 17.24 47.68 6.86
CA HIS B 101 17.71 46.83 7.95
C HIS B 101 16.63 46.62 9.01
N GLY B 102 16.74 45.52 9.75
CA GLY B 102 15.82 45.22 10.83
C GLY B 102 14.48 44.70 10.35
N GLY B 103 13.43 45.01 11.08
CA GLY B 103 12.09 44.58 10.73
C GLY B 103 11.57 45.24 9.47
N SER B 104 12.10 46.43 9.17
CA SER B 104 11.73 47.15 7.97
C SER B 104 12.26 46.44 6.71
N SER B 105 13.27 45.61 6.91
CA SER B 105 13.85 44.85 5.81
C SER B 105 13.17 43.50 5.64
N MET B 106 12.38 43.10 6.63
CA MET B 106 11.62 41.86 6.56
C MET B 106 10.59 41.94 5.44
N ILE B 107 10.62 40.95 4.55
CA ILE B 107 9.80 40.95 3.34
C ILE B 107 8.30 41.06 3.63
N MET B 108 7.63 41.90 2.83
CA MET B 108 6.18 42.05 2.92
C MET B 108 5.56 41.76 1.56
N ALA B 109 4.77 40.68 1.49
CA ALA B 109 4.12 40.29 0.24
C ALA B 109 2.85 41.09 0.00
N ASP B 110 2.51 41.24 -1.27
CA ASP B 110 1.30 41.96 -1.69
C ASP B 110 1.24 43.37 -1.10
N LYS B 111 2.18 44.21 -1.52
CA LYS B 111 2.20 45.60 -1.08
C LYS B 111 1.07 46.38 -1.72
N ASP B 112 0.91 47.64 -1.30
CA ASP B 112 -0.13 48.50 -1.86
C ASP B 112 0.17 48.80 -3.32
N GLU B 113 -0.87 49.08 -4.09
CA GLU B 113 -0.73 49.37 -5.52
C GLU B 113 0.10 50.62 -5.75
N SER B 114 -0.15 51.65 -4.94
CA SER B 114 0.54 52.92 -5.07
C SER B 114 1.70 53.03 -4.09
N SER B 115 2.12 51.90 -3.55
CA SER B 115 3.23 51.88 -2.60
C SER B 115 4.57 52.05 -3.30
N MET B 116 5.45 52.84 -2.69
CA MET B 116 6.78 53.07 -3.22
C MET B 116 7.82 52.55 -2.23
N PHE B 117 7.42 51.54 -1.47
CA PHE B 117 8.25 50.99 -0.41
C PHE B 117 9.02 49.76 -0.88
N PHE B 118 10.35 49.88 -0.93
CA PHE B 118 11.21 48.79 -1.35
C PHE B 118 12.09 48.32 -0.21
N GLN B 119 12.42 47.03 -0.20
CA GLN B 119 13.16 46.44 0.90
C GLN B 119 14.45 45.79 0.46
N PHE B 120 15.50 45.94 1.27
CA PHE B 120 16.77 45.27 1.01
C PHE B 120 16.74 43.83 1.50
N GLY B 121 15.97 43.00 0.81
CA GLY B 121 15.85 41.60 1.16
C GLY B 121 15.39 40.74 0.01
N PRO B 122 15.63 39.44 0.08
CA PRO B 122 15.22 38.48 -0.96
C PRO B 122 13.72 38.22 -0.92
N SER B 123 13.12 37.92 -2.06
CA SER B 123 11.70 37.62 -2.11
C SER B 123 11.42 36.27 -1.47
N ILE B 124 10.17 36.08 -1.05
CA ILE B 124 9.74 34.83 -0.44
C ILE B 124 9.93 33.66 -1.40
N GLU B 125 9.58 33.89 -2.66
CA GLU B 125 9.77 32.90 -3.71
C GLU B 125 11.25 32.53 -3.85
N GLN B 126 12.10 33.55 -3.85
CA GLN B 126 13.54 33.34 -4.01
C GLN B 126 14.13 32.59 -2.82
N GLN B 127 13.72 32.99 -1.61
CA GLN B 127 14.17 32.32 -0.40
C GLN B 127 13.76 30.86 -0.42
N ALA B 128 12.51 30.61 -0.80
CA ALA B 128 12.00 29.24 -0.92
C ALA B 128 12.82 28.44 -1.93
N SER B 129 13.17 29.08 -3.04
CA SER B 129 13.97 28.45 -4.08
C SER B 129 15.35 28.07 -3.54
N VAL B 130 15.94 28.98 -2.76
CA VAL B 130 17.23 28.71 -2.12
C VAL B 130 17.11 27.53 -1.17
N MET B 131 16.01 27.48 -0.43
CA MET B 131 15.75 26.37 0.49
C MET B 131 15.70 25.04 -0.26
N LEU B 132 14.97 25.02 -1.37
CA LEU B 132 14.89 23.83 -2.20
C LEU B 132 16.25 23.45 -2.76
N ASN B 133 17.06 24.45 -3.09
CA ASN B 133 18.42 24.21 -3.57
C ASN B 133 19.28 23.57 -2.49
N ILE B 134 19.10 24.01 -1.25
CA ILE B 134 19.78 23.41 -0.11
C ILE B 134 19.35 21.96 0.05
N MET B 135 18.05 21.72 -0.13
CA MET B 135 17.51 20.37 -0.06
C MET B 135 18.02 19.49 -1.21
N GLU B 136 18.44 20.12 -2.29
CA GLU B 136 19.04 19.41 -3.41
C GLU B 136 20.50 19.08 -3.13
N GLU B 137 21.19 20.02 -2.52
CA GLU B 137 22.62 19.88 -2.22
C GLU B 137 22.87 18.72 -1.26
N TYR B 138 21.91 18.45 -0.39
CA TYR B 138 22.06 17.38 0.59
C TYR B 138 21.01 16.29 0.42
N ASP B 139 20.35 16.30 -0.74
CA ASP B 139 19.42 15.24 -1.14
C ASP B 139 18.27 15.03 -0.15
N TRP B 140 17.73 16.13 0.37
CA TRP B 140 16.58 16.07 1.26
C TRP B 140 15.28 16.18 0.46
N TYR B 141 14.93 15.11 -0.22
CA TYR B 141 13.81 15.12 -1.16
C TYR B 141 12.45 15.07 -0.46
N ILE B 142 12.39 14.38 0.67
CA ILE B 142 11.14 14.26 1.42
C ILE B 142 11.01 15.35 2.47
N PHE B 143 9.98 16.18 2.34
CA PHE B 143 9.78 17.29 3.26
C PHE B 143 8.33 17.74 3.37
N SER B 144 8.04 18.49 4.43
CA SER B 144 6.72 19.07 4.63
C SER B 144 6.82 20.58 4.83
N ILE B 145 5.73 21.29 4.59
CA ILE B 145 5.71 22.75 4.71
C ILE B 145 4.69 23.20 5.75
N VAL B 146 5.12 24.09 6.64
CA VAL B 146 4.22 24.64 7.65
C VAL B 146 4.23 26.17 7.62
N THR B 147 3.11 26.76 7.20
CA THR B 147 3.01 28.22 7.11
C THR B 147 1.84 28.75 7.93
N THR B 148 1.92 30.02 8.32
CA THR B 148 0.81 30.67 9.00
C THR B 148 0.02 31.53 8.02
N TYR B 149 -0.80 32.42 8.56
CA TYR B 149 -1.60 33.31 7.73
C TYR B 149 -0.85 34.59 7.39
N PHE B 150 0.44 34.62 7.70
CA PHE B 150 1.27 35.77 7.37
C PHE B 150 1.36 35.95 5.86
N PRO B 151 1.20 37.20 5.39
CA PRO B 151 1.23 37.56 3.97
C PRO B 151 2.44 36.99 3.23
N GLY B 152 2.18 36.05 2.32
CA GLY B 152 3.24 35.47 1.51
C GLY B 152 3.33 33.97 1.60
N TYR B 153 2.54 33.37 2.48
CA TYR B 153 2.51 31.92 2.63
C TYR B 153 2.05 31.27 1.34
N GLN B 154 1.09 31.92 0.68
CA GLN B 154 0.56 31.44 -0.59
C GLN B 154 1.64 31.44 -1.66
N ASP B 155 2.36 32.56 -1.77
CA ASP B 155 3.44 32.68 -2.73
C ASP B 155 4.54 31.66 -2.44
N PHE B 156 4.81 31.45 -1.16
CA PHE B 156 5.81 30.47 -0.71
C PHE B 156 5.45 29.06 -1.19
N VAL B 157 4.32 28.56 -0.69
CA VAL B 157 3.88 27.21 -1.02
C VAL B 157 3.70 27.00 -2.52
N ASN B 158 3.12 27.99 -3.20
CA ASN B 158 2.94 27.92 -4.64
C ASN B 158 4.27 27.88 -5.38
N LYS B 159 5.27 28.58 -4.85
CA LYS B 159 6.60 28.56 -5.45
C LYS B 159 7.22 27.18 -5.29
N ILE B 160 7.10 26.61 -4.10
CA ILE B 160 7.60 25.26 -3.85
C ILE B 160 6.95 24.25 -4.79
N ARG B 161 5.63 24.32 -4.90
CA ARG B 161 4.88 23.41 -5.76
C ARG B 161 5.26 23.57 -7.23
N SER B 162 5.36 24.82 -7.69
CA SER B 162 5.70 25.11 -9.07
C SER B 162 7.11 24.63 -9.40
N THR B 163 8.00 24.71 -8.42
CA THR B 163 9.38 24.26 -8.60
C THR B 163 9.45 22.73 -8.59
N ILE B 164 8.59 22.09 -7.80
CA ILE B 164 8.56 20.64 -7.69
C ILE B 164 7.97 19.97 -8.93
N GLU B 165 6.82 20.47 -9.37
CA GLU B 165 6.08 19.85 -10.48
C GLU B 165 6.89 19.79 -11.76
N ASN B 166 7.58 20.89 -12.09
CA ASN B 166 8.38 20.96 -13.31
C ASN B 166 9.81 20.49 -13.08
N SER B 167 9.96 19.37 -12.37
CA SER B 167 11.28 18.82 -12.08
C SER B 167 11.26 17.29 -12.09
N PHE B 168 12.35 16.70 -12.57
CA PHE B 168 12.46 15.25 -12.64
C PHE B 168 13.02 14.69 -11.33
N VAL B 169 13.13 15.54 -10.33
CA VAL B 169 13.62 15.13 -9.01
C VAL B 169 12.47 14.55 -8.18
N GLY B 170 12.71 13.40 -7.55
CA GLY B 170 11.69 12.74 -6.77
C GLY B 170 11.34 13.47 -5.48
N TRP B 171 10.67 14.61 -5.62
CA TRP B 171 10.23 15.37 -4.46
C TRP B 171 9.05 14.70 -3.76
N GLU B 172 9.01 14.83 -2.44
CA GLU B 172 7.94 14.24 -1.66
C GLU B 172 7.36 15.25 -0.67
N LEU B 173 6.36 16.01 -1.12
CA LEU B 173 5.69 16.97 -0.26
C LEU B 173 4.56 16.30 0.51
N GLU B 174 4.87 15.84 1.72
CA GLU B 174 3.93 15.08 2.53
C GLU B 174 2.77 15.94 3.05
N GLU B 175 3.09 16.91 3.91
CA GLU B 175 2.06 17.72 4.55
C GLU B 175 2.24 19.21 4.34
N VAL B 176 1.13 19.92 4.20
CA VAL B 176 1.12 21.37 4.12
C VAL B 176 0.15 21.93 5.16
N LEU B 177 0.71 22.53 6.21
CA LEU B 177 -0.09 23.02 7.33
C LEU B 177 -0.30 24.53 7.26
N LEU B 178 -1.53 24.95 7.56
CA LEU B 178 -1.87 26.36 7.56
C LEU B 178 -2.31 26.79 8.96
N LEU B 179 -1.32 27.07 9.81
CA LEU B 179 -1.58 27.41 11.21
C LEU B 179 -2.23 28.78 11.35
N ASP B 180 -3.34 28.82 12.08
CA ASP B 180 -4.07 30.07 12.29
C ASP B 180 -3.63 30.73 13.60
N MET B 181 -2.95 31.87 13.47
CA MET B 181 -2.46 32.59 14.63
C MET B 181 -3.36 33.77 14.99
N SER B 182 -4.45 33.93 14.24
CA SER B 182 -5.40 35.00 14.50
C SER B 182 -6.20 34.72 15.77
N LEU B 183 -6.41 33.44 16.05
CA LEU B 183 -7.16 33.04 17.23
C LEU B 183 -6.23 32.42 18.27
N ASP B 184 -6.79 31.97 19.38
CA ASP B 184 -6.01 31.31 20.42
C ASP B 184 -5.83 29.84 20.09
N ASP B 185 -5.07 29.13 20.93
CA ASP B 185 -4.85 27.70 20.72
C ASP B 185 -5.14 26.92 22.00
N GLY B 186 -6.38 26.99 22.46
CA GLY B 186 -6.80 26.26 23.64
C GLY B 186 -7.47 24.95 23.27
N ASP B 187 -7.85 24.83 21.99
CA ASP B 187 -8.50 23.63 21.49
C ASP B 187 -7.47 22.64 20.95
N CYS B 188 -6.19 22.99 21.12
CA CYS B 188 -5.07 22.15 20.70
C CYS B 188 -5.12 21.81 19.20
N LYS B 189 -5.51 22.78 18.38
CA LYS B 189 -5.56 22.58 16.94
C LYS B 189 -4.16 22.55 16.34
N ILE B 190 -3.34 23.53 16.71
CA ILE B 190 -1.97 23.63 16.23
C ILE B 190 -1.18 22.39 16.61
N GLN B 191 -1.36 21.93 17.85
CA GLN B 191 -0.70 20.73 18.33
C GLN B 191 -1.01 19.53 17.45
N ASN B 192 -2.26 19.39 17.05
CA ASN B 192 -2.69 18.29 16.20
C ASN B 192 -2.13 18.41 14.78
N GLN B 193 -2.21 19.62 14.23
CA GLN B 193 -1.67 19.87 12.89
C GLN B 193 -0.19 19.50 12.85
N LEU B 194 0.57 19.97 13.82
CA LEU B 194 1.99 19.66 13.91
C LEU B 194 2.21 18.17 14.18
N LYS B 195 1.28 17.55 14.88
CA LYS B 195 1.35 16.12 15.16
C LYS B 195 1.10 15.31 13.89
N LYS B 196 0.52 15.96 12.88
CA LYS B 196 0.27 15.31 11.60
C LYS B 196 1.50 15.35 10.69
N LEU B 197 2.62 15.83 11.23
CA LEU B 197 3.86 15.91 10.46
C LEU B 197 4.66 14.61 10.53
N GLN B 198 5.10 14.13 9.37
CA GLN B 198 5.85 12.88 9.28
C GLN B 198 7.23 13.09 8.68
N SER B 199 7.40 14.20 7.96
CA SER B 199 8.63 14.48 7.22
C SER B 199 9.80 14.81 8.14
N PRO B 200 11.02 14.43 7.74
CA PRO B 200 12.25 14.75 8.49
C PRO B 200 12.71 16.18 8.26
N ILE B 201 12.23 16.80 7.18
CA ILE B 201 12.55 18.19 6.87
C ILE B 201 11.29 19.03 6.83
N ILE B 202 11.24 20.08 7.65
CA ILE B 202 10.05 20.92 7.74
C ILE B 202 10.37 22.37 7.41
N LEU B 203 9.64 22.94 6.44
CA LEU B 203 9.84 24.33 6.05
C LEU B 203 8.84 25.23 6.76
N LEU B 204 9.32 26.02 7.71
CA LEU B 204 8.43 26.86 8.52
C LEU B 204 8.43 28.31 8.06
N TYR B 205 7.25 28.81 7.69
CA TYR B 205 7.10 30.20 7.25
C TYR B 205 6.14 30.97 8.15
N CYS B 206 6.68 31.92 8.90
CA CYS B 206 5.91 32.76 9.81
C CYS B 206 6.77 33.90 10.35
N THR B 207 6.24 34.65 11.31
CA THR B 207 7.02 35.69 11.97
C THR B 207 7.84 35.06 13.09
N LYS B 208 8.86 35.79 13.54
CA LYS B 208 9.74 35.31 14.60
C LYS B 208 8.96 35.05 15.89
N GLU B 209 8.07 35.98 16.23
CA GLU B 209 7.23 35.85 17.41
C GLU B 209 6.33 34.62 17.29
N GLU B 210 5.82 34.39 16.09
CA GLU B 210 5.03 33.20 15.81
C GLU B 210 5.93 31.96 15.78
N ALA B 211 7.14 32.14 15.27
CA ALA B 211 8.09 31.04 15.15
C ALA B 211 8.47 30.47 16.51
N THR B 212 8.53 31.34 17.52
CA THR B 212 8.83 30.91 18.87
C THR B 212 7.75 29.98 19.40
N TYR B 213 6.49 30.36 19.18
CA TYR B 213 5.35 29.58 19.62
C TYR B 213 5.27 28.25 18.87
N ILE B 214 5.44 28.30 17.56
CA ILE B 214 5.37 27.11 16.72
C ILE B 214 6.49 26.13 17.08
N PHE B 215 7.69 26.64 17.30
CA PHE B 215 8.82 25.82 17.72
C PHE B 215 8.58 25.24 19.10
N GLU B 216 7.91 26.00 19.95
CA GLU B 216 7.57 25.54 21.30
C GLU B 216 6.61 24.36 21.25
N VAL B 217 5.55 24.50 20.47
CA VAL B 217 4.55 23.45 20.33
C VAL B 217 5.16 22.21 19.66
N ALA B 218 5.98 22.44 18.64
CA ALA B 218 6.67 21.35 17.96
C ALA B 218 7.61 20.62 18.91
N ASN B 219 8.19 21.36 19.84
CA ASN B 219 9.04 20.78 20.87
C ASN B 219 8.22 19.98 21.87
N SER B 220 6.99 20.44 22.09
CA SER B 220 6.07 19.73 22.99
C SER B 220 5.58 18.44 22.36
N VAL B 221 5.51 18.41 21.03
CA VAL B 221 5.10 17.22 20.31
C VAL B 221 6.29 16.29 20.09
N GLY B 222 7.44 16.88 19.74
CA GLY B 222 8.65 16.11 19.52
C GLY B 222 9.15 16.22 18.09
N LEU B 223 9.31 17.46 17.62
CA LEU B 223 9.75 17.70 16.26
C LEU B 223 10.95 18.64 16.22
N THR B 224 11.53 18.91 17.39
CA THR B 224 12.67 19.80 17.48
C THR B 224 13.97 19.03 17.74
N GLY B 225 13.83 17.79 18.16
CA GLY B 225 14.98 16.94 18.41
C GLY B 225 15.68 16.51 17.14
N TYR B 226 16.67 15.64 17.27
CA TYR B 226 17.39 15.12 16.11
C TYR B 226 16.47 14.26 15.25
N GLY B 227 16.72 14.27 13.94
CA GLY B 227 15.87 13.55 13.01
C GLY B 227 14.86 14.48 12.35
N TYR B 228 14.83 15.72 12.83
CA TYR B 228 13.94 16.74 12.27
C TYR B 228 14.70 18.02 11.98
N THR B 229 14.79 18.38 10.70
CA THR B 229 15.52 19.56 10.29
C THR B 229 14.57 20.67 9.82
N TRP B 230 14.55 21.78 10.53
CA TRP B 230 13.70 22.90 10.19
C TRP B 230 14.42 23.93 9.33
N ILE B 231 13.78 24.38 8.26
CA ILE B 231 14.33 25.43 7.42
C ILE B 231 13.35 26.61 7.36
N VAL B 232 13.86 27.81 7.61
CA VAL B 232 13.03 29.00 7.72
C VAL B 232 13.62 30.15 6.90
N PRO B 233 12.77 31.11 6.48
CA PRO B 233 13.22 32.29 5.74
C PRO B 233 14.04 33.26 6.57
N SER B 234 14.00 34.53 6.22
CA SER B 234 14.80 35.56 6.88
C SER B 234 14.07 36.19 8.07
N LEU B 235 12.77 36.39 7.92
CA LEU B 235 11.97 37.08 8.94
C LEU B 235 11.77 36.21 10.18
N VAL B 236 12.16 34.94 10.10
CA VAL B 236 12.06 34.03 11.23
C VAL B 236 13.24 34.22 12.18
N ALA B 237 14.45 34.10 11.64
CA ALA B 237 15.66 34.31 12.42
C ALA B 237 15.79 35.79 12.78
N GLY B 238 15.94 36.63 11.76
CA GLY B 238 16.06 38.06 11.96
C GLY B 238 17.42 38.45 12.51
N ASP B 239 17.41 39.03 13.70
CA ASP B 239 18.66 39.44 14.35
C ASP B 239 19.42 38.21 14.85
N THR B 240 20.60 38.01 14.28
CA THR B 240 21.42 36.84 14.62
C THR B 240 22.02 36.94 16.01
N ASP B 241 21.94 38.13 16.61
CA ASP B 241 22.44 38.35 17.96
C ASP B 241 21.34 38.13 18.99
N THR B 242 20.13 37.84 18.51
CA THR B 242 19.00 37.59 19.38
C THR B 242 18.33 36.26 19.03
N VAL B 243 18.67 35.22 19.78
CA VAL B 243 18.14 33.89 19.51
C VAL B 243 17.25 33.42 20.66
N PRO B 244 15.96 33.20 20.38
CA PRO B 244 15.00 32.68 21.37
C PRO B 244 15.40 31.28 21.84
N SER B 245 15.06 30.95 23.08
CA SER B 245 15.37 29.64 23.63
C SER B 245 14.55 28.56 22.94
N GLU B 246 13.41 28.94 22.39
CA GLU B 246 12.49 28.00 21.75
C GLU B 246 13.04 27.52 20.40
N PHE B 247 13.99 28.25 19.84
CA PHE B 247 14.58 27.88 18.55
C PHE B 247 15.40 26.61 18.69
N PRO B 248 15.14 25.62 17.82
CA PRO B 248 15.81 24.32 17.86
C PRO B 248 17.24 24.38 17.32
N THR B 249 18.15 23.68 17.99
CA THR B 249 19.53 23.59 17.52
C THR B 249 19.60 22.75 16.26
N GLY B 250 20.07 23.37 15.18
CA GLY B 250 20.11 22.71 13.88
C GLY B 250 19.15 23.39 12.92
N LEU B 251 18.65 24.55 13.33
CA LEU B 251 17.72 25.32 12.51
C LEU B 251 18.46 26.05 11.38
N ILE B 252 18.27 25.58 10.16
CA ILE B 252 18.85 26.22 8.99
C ILE B 252 18.01 27.43 8.60
N SER B 253 18.66 28.51 8.22
CA SER B 253 17.94 29.72 7.83
C SER B 253 18.67 30.50 6.74
N VAL B 254 17.90 31.14 5.87
CA VAL B 254 18.46 32.00 4.83
C VAL B 254 18.34 33.45 5.26
N SER B 255 19.48 34.12 5.43
CA SER B 255 19.48 35.51 5.89
C SER B 255 20.32 36.40 5.00
N TYR B 256 20.35 37.68 5.32
CA TYR B 256 21.15 38.66 4.58
C TYR B 256 22.59 38.62 5.06
N ASP B 257 23.51 38.91 4.14
CA ASP B 257 24.94 38.91 4.47
C ASP B 257 25.31 40.19 5.24
N GLU B 258 24.84 40.28 6.48
CA GLU B 258 25.04 41.47 7.30
C GLU B 258 26.51 41.78 7.56
N TRP B 259 27.35 40.73 7.53
CA TRP B 259 28.78 40.90 7.76
C TRP B 259 29.43 41.64 6.61
N ASP B 260 29.19 41.17 5.39
CA ASP B 260 29.77 41.77 4.20
C ASP B 260 29.02 43.03 3.78
N TYR B 261 27.75 43.11 4.16
CA TYR B 261 26.90 44.23 3.79
C TYR B 261 26.55 45.05 5.03
N GLY B 262 27.47 45.93 5.43
CA GLY B 262 27.31 46.72 6.64
C GLY B 262 26.17 47.72 6.59
N LEU B 263 25.84 48.28 7.74
CA LEU B 263 24.77 49.27 7.85
C LEU B 263 25.10 50.61 7.17
N PRO B 264 26.32 51.14 7.35
CA PRO B 264 26.63 52.36 6.60
C PRO B 264 26.60 52.14 5.09
N ALA B 265 27.01 50.96 4.66
CA ALA B 265 26.96 50.59 3.25
C ALA B 265 25.51 50.51 2.77
N ARG B 266 24.64 50.05 3.65
CA ARG B 266 23.21 49.96 3.35
C ARG B 266 22.59 51.34 3.19
N VAL B 267 22.91 52.23 4.13
CA VAL B 267 22.44 53.61 4.07
C VAL B 267 22.92 54.28 2.79
N ARG B 268 24.22 54.15 2.53
CA ARG B 268 24.83 54.73 1.34
C ARG B 268 24.17 54.20 0.06
N ASP B 269 23.88 52.90 0.04
CA ASP B 269 23.25 52.28 -1.12
C ASP B 269 21.81 52.78 -1.31
N GLY B 270 21.09 52.95 -0.21
CA GLY B 270 19.72 53.44 -0.27
C GLY B 270 19.67 54.88 -0.79
N ILE B 271 20.50 55.73 -0.20
CA ILE B 271 20.65 57.11 -0.64
C ILE B 271 21.01 57.14 -2.12
N ALA B 272 21.92 56.26 -2.51
CA ALA B 272 22.34 56.16 -3.90
C ALA B 272 21.18 55.77 -4.81
N ILE B 273 20.28 54.92 -4.29
CA ILE B 273 19.13 54.47 -5.05
C ILE B 273 18.14 55.61 -5.27
N ILE B 274 17.77 56.29 -4.18
CA ILE B 274 16.85 57.42 -4.27
C ILE B 274 17.40 58.52 -5.17
N THR B 275 18.68 58.82 -4.99
CA THR B 275 19.35 59.86 -5.77
C THR B 275 19.44 59.51 -7.25
N THR B 276 19.82 58.27 -7.54
CA THR B 276 19.92 57.80 -8.92
C THR B 276 18.57 57.81 -9.60
N ALA B 277 17.52 57.46 -8.85
CA ALA B 277 16.17 57.48 -9.37
C ALA B 277 15.73 58.90 -9.69
N ALA B 278 15.98 59.82 -8.75
CA ALA B 278 15.65 61.22 -8.94
C ALA B 278 16.37 61.81 -10.15
N SER B 279 17.64 61.43 -10.30
CA SER B 279 18.46 61.90 -11.41
C SER B 279 17.96 61.36 -12.74
N ASP B 280 17.60 60.08 -12.76
CA ASP B 280 17.10 59.44 -13.96
C ASP B 280 15.73 59.98 -14.35
N MET B 281 15.00 60.49 -13.37
CA MET B 281 13.70 61.09 -13.64
C MET B 281 13.84 62.53 -14.13
N LEU B 282 14.83 63.24 -13.58
CA LEU B 282 15.06 64.63 -13.96
C LEU B 282 15.74 64.74 -15.31
N SER B 283 16.17 63.61 -15.86
CA SER B 283 16.83 63.59 -17.16
C SER B 283 15.99 62.87 -18.21
N GLU B 284 14.77 62.51 -17.83
CA GLU B 284 13.85 61.83 -18.74
C GLU B 284 12.51 62.54 -18.82
N HIS B 285 12.24 63.39 -17.83
CA HIS B 285 11.00 64.17 -17.81
C HIS B 285 11.25 65.57 -17.25
N SER B 286 12.50 65.82 -16.85
CA SER B 286 12.94 67.14 -16.39
C SER B 286 12.14 67.69 -15.23
N PHE B 287 11.71 66.82 -14.33
CA PHE B 287 11.00 67.26 -13.11
C PHE B 287 10.99 66.18 -12.04
N ILE B 288 10.79 66.61 -10.80
CA ILE B 288 10.72 65.72 -9.65
C ILE B 288 9.50 66.05 -8.81
N PRO B 289 8.72 65.02 -8.42
CA PRO B 289 7.51 65.19 -7.61
C PRO B 289 7.76 66.01 -6.35
N GLU B 290 6.94 67.04 -6.14
CA GLU B 290 7.09 67.93 -4.99
C GLU B 290 6.79 67.20 -3.67
N PRO B 291 7.75 67.21 -2.75
CA PRO B 291 7.60 66.60 -1.42
C PRO B 291 6.43 67.19 -0.63
N LYS B 292 5.50 66.35 -0.22
CA LYS B 292 4.35 66.79 0.55
C LYS B 292 4.76 67.32 1.92
N SER B 293 4.41 68.56 2.21
CA SER B 293 4.79 69.20 3.46
C SER B 293 3.73 68.98 4.54
N SER B 294 2.80 68.07 4.29
CA SER B 294 1.74 67.77 5.25
C SER B 294 1.09 66.42 4.96
N CYS B 295 0.76 65.70 6.03
CA CYS B 295 0.06 64.42 5.90
C CYS B 295 -1.44 64.63 6.09
N TYR B 296 -1.84 65.89 6.29
CA TYR B 296 -3.23 66.22 6.54
C TYR B 296 -3.97 66.60 5.26
N ASN B 297 -3.21 66.88 4.19
CA ASN B 297 -3.80 67.27 2.93
C ASN B 297 -3.35 66.38 1.78
N THR B 298 -3.20 65.09 2.06
CA THR B 298 -2.80 64.13 1.04
C THR B 298 -4.02 63.55 0.32
N HIS B 299 -5.19 64.06 0.67
CA HIS B 299 -6.43 63.62 0.05
C HIS B 299 -6.92 64.64 -0.98
N GLU B 300 -6.41 65.86 -0.87
CA GLU B 300 -6.78 66.93 -1.80
C GLU B 300 -5.81 67.00 -2.97
N LYS B 301 -4.51 66.97 -2.66
CA LYS B 301 -3.48 67.03 -3.69
C LYS B 301 -3.08 65.64 -4.16
N ARG B 302 -4.06 64.73 -4.18
CA ARG B 302 -3.81 63.36 -4.62
C ARG B 302 -3.74 63.28 -6.14
N ILE B 303 -4.48 64.15 -6.80
CA ILE B 303 -4.51 64.19 -8.27
C ILE B 303 -3.29 64.92 -8.81
N TYR B 304 -2.54 65.56 -7.92
CA TYR B 304 -1.35 66.30 -8.31
C TYR B 304 -0.09 65.49 -8.03
N GLN B 305 -0.20 64.52 -7.13
CA GLN B 305 0.92 63.65 -6.79
C GLN B 305 0.97 62.44 -7.73
N SER B 306 2.18 62.01 -8.07
CA SER B 306 2.36 60.93 -9.04
C SER B 306 3.12 59.74 -8.45
N ASN B 307 2.98 58.60 -9.13
CA ASN B 307 3.72 57.40 -8.77
C ASN B 307 4.65 57.00 -9.91
N MET B 308 5.53 57.91 -10.29
CA MET B 308 6.38 57.71 -11.47
C MET B 308 7.81 57.35 -11.08
N LEU B 309 8.24 57.75 -9.89
CA LEU B 309 9.61 57.50 -9.44
C LEU B 309 9.93 56.01 -9.33
N ASN B 310 8.89 55.19 -9.17
CA ASN B 310 9.06 53.75 -9.07
C ASN B 310 9.81 53.15 -10.25
N ARG B 311 9.46 53.57 -11.45
CA ARG B 311 10.09 53.06 -12.67
C ARG B 311 11.56 53.47 -12.75
N TYR B 312 11.99 54.34 -11.84
CA TYR B 312 13.39 54.72 -11.74
C TYR B 312 14.01 54.16 -10.47
N LEU B 313 13.17 53.83 -9.49
CA LEU B 313 13.62 53.26 -8.24
C LEU B 313 13.86 51.76 -8.39
N ILE B 314 13.09 51.14 -9.28
CA ILE B 314 13.15 49.71 -9.51
C ILE B 314 14.40 49.32 -10.30
N ASN B 315 15.15 50.33 -10.76
CA ASN B 315 16.22 50.11 -11.70
C ASN B 315 17.43 51.00 -11.42
N VAL B 316 18.21 50.64 -10.40
CA VAL B 316 19.35 51.45 -10.00
C VAL B 316 20.67 50.66 -10.01
N THR B 317 21.60 51.07 -10.86
CA THR B 317 22.94 50.48 -10.87
C THR B 317 23.94 51.46 -10.26
N PHE B 318 24.64 51.02 -9.22
CA PHE B 318 25.54 51.90 -8.49
C PHE B 318 26.88 51.23 -8.17
N GLU B 319 27.96 51.92 -8.54
CA GLU B 319 29.33 51.47 -8.26
C GLU B 319 29.62 50.07 -8.79
N GLY B 320 29.00 49.72 -9.91
CA GLY B 320 29.20 48.41 -10.51
C GLY B 320 28.30 47.34 -9.94
N ARG B 321 27.49 47.72 -8.95
CA ARG B 321 26.56 46.80 -8.33
C ARG B 321 25.13 47.11 -8.76
N ASP B 322 24.37 46.05 -9.08
CA ASP B 322 22.99 46.20 -9.53
C ASP B 322 22.03 46.23 -8.34
N LEU B 323 21.86 47.41 -7.75
CA LEU B 323 20.99 47.57 -6.59
C LEU B 323 19.55 47.84 -7.02
N SER B 324 19.07 47.06 -7.99
CA SER B 324 17.72 47.21 -8.51
C SER B 324 16.71 46.42 -7.67
N PHE B 325 15.44 46.78 -7.82
CA PHE B 325 14.37 46.09 -7.09
C PHE B 325 13.38 45.43 -8.04
N SER B 326 12.29 44.92 -7.48
CA SER B 326 11.24 44.29 -8.27
C SER B 326 9.92 45.02 -8.10
N GLU B 327 8.94 44.65 -8.91
CA GLU B 327 7.62 45.29 -8.87
C GLU B 327 6.93 45.06 -7.53
N ASP B 328 7.16 43.89 -6.93
CA ASP B 328 6.54 43.55 -5.65
C ASP B 328 7.24 44.27 -4.50
N GLY B 329 8.47 44.71 -4.72
CA GLY B 329 9.19 45.49 -3.73
C GLY B 329 10.31 44.74 -3.03
N TYR B 330 11.04 43.93 -3.80
CA TYR B 330 12.18 43.21 -3.24
C TYR B 330 13.40 43.32 -4.15
N GLN B 331 14.57 43.02 -3.59
CA GLN B 331 15.82 43.09 -4.35
C GLN B 331 15.88 42.01 -5.43
N MET B 332 16.33 42.40 -6.62
CA MET B 332 16.45 41.46 -7.74
C MET B 332 17.58 40.46 -7.53
N HIS B 333 18.78 40.97 -7.26
CA HIS B 333 19.93 40.11 -7.06
C HIS B 333 20.58 40.37 -5.69
N PRO B 334 20.00 39.77 -4.63
CA PRO B 334 20.52 39.94 -3.28
C PRO B 334 21.61 38.93 -2.93
N LYS B 335 22.58 39.36 -2.11
CA LYS B 335 23.61 38.46 -1.62
C LYS B 335 23.12 37.73 -0.38
N LEU B 336 22.84 36.44 -0.52
CA LEU B 336 22.25 35.67 0.57
C LEU B 336 23.28 34.84 1.31
N VAL B 337 22.99 34.53 2.56
CA VAL B 337 23.87 33.70 3.38
C VAL B 337 23.07 32.65 4.14
N ILE B 338 23.53 31.40 4.04
CA ILE B 338 22.88 30.29 4.74
C ILE B 338 23.51 30.09 6.10
N ILE B 339 22.75 30.34 7.16
CA ILE B 339 23.24 30.23 8.52
C ILE B 339 22.61 29.05 9.25
N LEU B 340 23.37 28.50 10.20
CA LEU B 340 22.92 27.35 10.97
C LEU B 340 23.04 27.60 12.47
N LEU B 341 21.98 27.26 13.21
CA LEU B 341 21.99 27.40 14.66
C LEU B 341 22.71 26.23 15.30
N ASN B 342 23.84 26.51 15.94
CA ASN B 342 24.65 25.45 16.54
C ASN B 342 24.22 25.11 17.97
N LYS B 343 24.97 24.21 18.61
CA LYS B 343 24.67 23.79 19.98
C LYS B 343 24.97 24.91 20.98
N GLU B 344 25.71 25.92 20.53
CA GLU B 344 26.04 27.06 21.37
C GLU B 344 24.97 28.14 21.28
N ARG B 345 23.85 27.80 20.66
CA ARG B 345 22.72 28.72 20.50
C ARG B 345 23.14 30.02 19.81
N LYS B 346 23.96 29.90 18.78
CA LYS B 346 24.43 31.05 18.03
C LYS B 346 24.37 30.76 16.52
N TRP B 347 24.26 31.82 15.73
CA TRP B 347 24.17 31.67 14.28
C TRP B 347 25.55 31.62 13.63
N GLU B 348 25.79 30.57 12.85
CA GLU B 348 27.05 30.42 12.15
C GLU B 348 26.82 30.24 10.65
N ARG B 349 27.55 31.01 9.85
CA ARG B 349 27.43 30.95 8.39
C ARG B 349 27.92 29.61 7.86
N VAL B 350 27.02 28.87 7.21
CA VAL B 350 27.36 27.55 6.68
C VAL B 350 27.08 27.45 5.19
N GLY B 351 26.82 28.59 4.56
CA GLY B 351 26.57 28.61 3.12
C GLY B 351 26.45 30.02 2.56
N LYS B 352 26.51 30.13 1.24
CA LYS B 352 26.38 31.42 0.58
C LYS B 352 25.65 31.29 -0.76
N TRP B 353 24.78 32.25 -1.04
CA TRP B 353 24.01 32.27 -2.28
C TRP B 353 24.24 33.56 -3.04
N LYS B 354 24.81 33.45 -4.23
CA LYS B 354 25.13 34.64 -5.03
C LYS B 354 25.01 34.37 -6.52
N ASP B 355 24.33 35.28 -7.23
CA ASP B 355 24.15 35.20 -8.67
C ASP B 355 23.58 33.85 -9.11
N LYS B 356 22.50 33.44 -8.45
CA LYS B 356 21.85 32.16 -8.73
C LYS B 356 22.79 30.98 -8.58
N SER B 357 23.80 31.13 -7.72
CA SER B 357 24.74 30.06 -7.44
C SER B 357 24.80 29.76 -5.95
N LEU B 358 24.80 28.47 -5.61
CA LEU B 358 24.81 28.03 -4.22
C LEU B 358 26.13 27.37 -3.85
N GLN B 359 26.83 27.98 -2.89
CA GLN B 359 28.09 27.42 -2.40
C GLN B 359 28.01 27.12 -0.91
N MET B 360 27.91 25.83 -0.58
CA MET B 360 27.80 25.41 0.81
C MET B 360 29.18 25.22 1.45
N LYS B 361 29.22 25.28 2.78
CA LYS B 361 30.47 25.12 3.51
C LYS B 361 30.90 23.66 3.57
N TYR B 362 29.96 22.78 3.91
CA TYR B 362 30.26 21.37 4.04
C TYR B 362 29.68 20.57 2.87
N TYR B 363 30.36 19.48 2.51
CA TYR B 363 29.85 18.58 1.48
C TYR B 363 28.74 17.71 2.03
N VAL B 364 29.03 17.05 3.15
CA VAL B 364 28.02 16.27 3.87
C VAL B 364 27.54 17.06 5.08
N TRP B 365 26.23 17.20 5.22
CA TRP B 365 25.65 17.97 6.31
C TRP B 365 25.98 17.35 7.67
N PRO B 366 26.60 18.14 8.55
CA PRO B 366 27.05 17.69 9.87
C PRO B 366 25.90 17.32 10.81
N ARG B 367 25.47 16.07 10.77
CA ARG B 367 24.44 15.59 11.68
C ARG B 367 25.07 14.79 12.82
N MET B 368 24.47 14.86 14.00
CA MET B 368 24.98 14.17 15.17
C MET B 368 24.96 12.66 14.97
N THR B 369 26.14 12.04 15.02
CA THR B 369 26.26 10.60 14.83
C THR B 369 25.59 9.83 15.96
N GLN B 370 24.27 9.72 15.88
CA GLN B 370 23.50 9.00 16.90
C GLN B 370 23.56 7.50 16.65
N ASP B 371 22.79 6.74 17.44
CA ASP B 371 22.76 5.30 17.32
C ASP B 371 21.74 4.83 16.29
N ASP B 372 21.22 5.78 15.51
CA ASP B 372 20.25 5.48 14.47
C ASP B 372 20.78 5.87 13.09
N HIS B 373 22.05 6.23 13.04
CA HIS B 373 22.69 6.60 11.77
C HIS B 373 23.92 5.75 11.52
N LEU B 374 23.95 5.08 10.36
CA LEU B 374 25.04 4.18 10.02
C LEU B 374 25.69 4.54 8.69
N SER B 375 26.96 4.18 8.54
CA SER B 375 27.67 4.38 7.29
C SER B 375 27.81 3.06 6.54
N ILE B 376 27.20 2.98 5.36
CA ILE B 376 27.17 1.73 4.60
C ILE B 376 27.92 1.84 3.29
N VAL B 377 28.73 0.83 2.98
CA VAL B 377 29.53 0.83 1.76
C VAL B 377 28.97 -0.18 0.76
N THR B 378 29.17 0.09 -0.53
CA THR B 378 28.70 -0.79 -1.58
C THR B 378 29.63 -0.78 -2.79
N LEU B 379 29.59 -1.87 -3.56
CA LEU B 379 30.42 -1.99 -4.75
C LEU B 379 29.56 -2.06 -6.01
N GLU B 380 29.97 -1.32 -7.04
CA GLU B 380 29.23 -1.29 -8.30
C GLU B 380 29.21 -2.64 -8.99
N GLU B 381 28.02 -3.26 -9.04
CA GLU B 381 27.86 -4.55 -9.69
C GLU B 381 26.44 -4.72 -10.22
N ALA B 382 26.32 -4.79 -11.55
CA ALA B 382 25.02 -4.96 -12.18
C ALA B 382 24.53 -6.40 -12.04
N PRO B 383 23.21 -6.57 -11.82
CA PRO B 383 22.23 -5.50 -11.68
C PRO B 383 21.98 -5.14 -10.23
N PHE B 384 22.72 -5.77 -9.33
CA PHE B 384 22.53 -5.57 -7.89
C PHE B 384 22.84 -4.14 -7.47
N VAL B 385 23.96 -3.60 -7.94
CA VAL B 385 24.32 -2.22 -7.66
C VAL B 385 24.70 -1.50 -8.95
N ILE B 386 23.73 -0.82 -9.55
CA ILE B 386 23.96 -0.06 -10.76
C ILE B 386 24.20 1.41 -10.43
N VAL B 387 25.42 1.88 -10.69
CA VAL B 387 25.77 3.27 -10.39
C VAL B 387 25.62 4.16 -11.63
N GLU B 388 24.58 4.99 -11.60
CA GLU B 388 24.34 5.94 -12.68
C GLU B 388 24.76 7.34 -12.27
N SER B 389 25.17 8.15 -13.25
CA SER B 389 25.59 9.51 -12.98
C SER B 389 24.42 10.36 -12.49
N VAL B 390 24.73 11.40 -11.72
CA VAL B 390 23.71 12.29 -11.18
C VAL B 390 23.03 13.08 -12.29
N ASP B 391 21.80 13.50 -12.05
CA ASP B 391 21.03 14.26 -13.03
C ASP B 391 21.64 15.64 -13.25
N PRO B 392 22.07 15.93 -14.48
CA PRO B 392 22.69 17.22 -14.82
C PRO B 392 21.66 18.33 -14.97
N LEU B 393 20.39 17.96 -15.05
CA LEU B 393 19.31 18.93 -15.22
C LEU B 393 18.85 19.51 -13.88
N SER B 394 19.53 19.12 -12.81
CA SER B 394 19.18 19.59 -11.47
C SER B 394 20.42 19.76 -10.60
N GLY B 395 21.40 18.87 -10.79
CA GLY B 395 22.63 18.92 -10.01
C GLY B 395 22.61 17.93 -8.86
N THR B 396 21.50 17.21 -8.71
CA THR B 396 21.36 16.22 -7.65
C THR B 396 20.95 14.86 -8.21
N CYS B 397 20.71 13.92 -7.31
CA CYS B 397 20.31 12.57 -7.70
C CYS B 397 18.81 12.54 -8.00
N MET B 398 18.46 11.91 -9.12
CA MET B 398 17.06 11.88 -9.58
C MET B 398 16.41 10.52 -9.37
N ARG B 399 15.13 10.44 -9.74
CA ARG B 399 14.34 9.21 -9.66
C ARG B 399 14.32 8.61 -8.25
N ASN B 400 14.03 7.32 -8.17
CA ASN B 400 13.97 6.62 -6.89
C ASN B 400 15.34 6.10 -6.47
N THR B 401 16.37 6.55 -7.17
CA THR B 401 17.75 6.15 -6.85
C THR B 401 18.21 6.80 -5.54
N VAL B 402 19.18 6.18 -4.89
CA VAL B 402 19.71 6.71 -3.64
C VAL B 402 21.10 7.31 -3.84
N PRO B 403 21.41 8.40 -3.13
CA PRO B 403 22.70 9.08 -3.29
C PRO B 403 23.85 8.34 -2.62
N CYS B 404 25.00 8.27 -3.29
CA CYS B 404 26.18 7.66 -2.73
C CYS B 404 27.44 8.36 -3.24
N GLN B 405 28.41 8.55 -2.35
CA GLN B 405 29.63 9.27 -2.69
C GLN B 405 30.73 8.34 -3.17
N LYS B 406 31.72 8.90 -3.87
CA LYS B 406 32.84 8.13 -4.38
C LYS B 406 34.11 8.99 -4.42
N ARG B 407 35.08 8.66 -3.58
CA ARG B 407 36.32 9.41 -3.51
C ARG B 407 37.17 9.22 -4.76
N GLY B 419 36.93 14.95 -0.77
CA GLY B 419 37.37 14.66 -2.12
C GLY B 419 36.55 13.57 -2.78
N TYR B 420 35.26 13.55 -2.47
CA TYR B 420 34.35 12.55 -3.03
C TYR B 420 33.28 13.20 -3.91
N ILE B 421 32.97 12.55 -5.01
CA ILE B 421 31.95 13.05 -5.93
C ILE B 421 30.62 12.35 -5.69
N LYS B 422 29.52 13.00 -6.08
CA LYS B 422 28.18 12.44 -5.88
C LYS B 422 27.78 11.56 -7.07
N LYS B 423 27.18 10.41 -6.75
CA LYS B 423 26.72 9.49 -7.78
C LYS B 423 25.42 8.81 -7.35
N CYS B 424 24.55 8.54 -8.31
CA CYS B 424 23.28 7.90 -8.02
C CYS B 424 23.40 6.37 -8.06
N CYS B 425 22.64 5.70 -7.21
CA CYS B 425 22.69 4.25 -7.11
C CYS B 425 21.30 3.64 -7.20
N LYS B 426 21.18 2.58 -8.00
CA LYS B 426 19.93 1.84 -8.14
C LYS B 426 20.22 0.34 -8.19
N GLY B 427 19.17 -0.45 -8.37
CA GLY B 427 19.34 -1.89 -8.50
C GLY B 427 18.61 -2.71 -7.47
N PHE B 428 18.99 -3.98 -7.36
CA PHE B 428 18.34 -4.92 -6.45
C PHE B 428 18.71 -4.62 -5.00
N CYS B 429 20.00 -4.67 -4.69
CA CYS B 429 20.49 -4.48 -3.33
C CYS B 429 20.19 -3.07 -2.82
N ILE B 430 19.98 -2.14 -3.75
CA ILE B 430 19.57 -0.79 -3.39
C ILE B 430 18.15 -0.79 -2.87
N ASP B 431 17.26 -1.50 -3.57
CA ASP B 431 15.88 -1.66 -3.13
C ASP B 431 15.82 -2.42 -1.81
N ILE B 432 16.68 -3.41 -1.66
CA ILE B 432 16.78 -4.18 -0.42
C ILE B 432 17.20 -3.26 0.73
N LEU B 433 18.22 -2.45 0.48
CA LEU B 433 18.74 -1.53 1.48
C LEU B 433 17.68 -0.50 1.89
N LYS B 434 16.94 -0.01 0.90
CA LYS B 434 15.88 0.96 1.17
C LYS B 434 14.75 0.32 1.99
N LYS B 435 14.42 -0.92 1.64
CA LYS B 435 13.36 -1.66 2.32
C LYS B 435 13.71 -1.92 3.79
N ILE B 436 14.95 -2.38 4.03
CA ILE B 436 15.38 -2.67 5.38
C ILE B 436 15.66 -1.40 6.17
N SER B 437 15.94 -0.30 5.47
CA SER B 437 16.11 0.99 6.13
C SER B 437 14.75 1.54 6.53
N LYS B 438 13.73 1.17 5.76
CA LYS B 438 12.36 1.56 6.07
C LYS B 438 11.73 0.62 7.09
N SER B 439 12.36 -0.54 7.28
CA SER B 439 11.87 -1.53 8.24
C SER B 439 12.55 -1.40 9.60
N VAL B 440 13.88 -1.48 9.59
CA VAL B 440 14.67 -1.37 10.81
C VAL B 440 14.67 0.07 11.32
N LYS B 441 14.35 1.01 10.42
CA LYS B 441 14.28 2.43 10.73
C LYS B 441 15.63 2.98 11.19
N PHE B 442 16.46 3.36 10.21
CA PHE B 442 17.76 3.96 10.49
C PHE B 442 18.25 4.73 9.26
N THR B 443 18.79 5.92 9.49
CA THR B 443 19.35 6.71 8.40
C THR B 443 20.72 6.17 8.01
N TYR B 444 21.01 6.19 6.71
CA TYR B 444 22.26 5.60 6.23
C TYR B 444 22.96 6.50 5.20
N ASP B 445 24.28 6.54 5.30
CA ASP B 445 25.09 7.26 4.32
C ASP B 445 25.84 6.28 3.43
N LEU B 446 25.31 6.07 2.23
CA LEU B 446 25.89 5.11 1.29
C LEU B 446 27.08 5.72 0.56
N TYR B 447 28.09 4.90 0.27
CA TYR B 447 29.26 5.36 -0.48
C TYR B 447 29.98 4.19 -1.15
N LEU B 448 30.61 4.48 -2.28
CA LEU B 448 31.34 3.47 -3.03
C LEU B 448 32.76 3.28 -2.49
N VAL B 449 33.21 2.04 -2.43
CA VAL B 449 34.55 1.72 -1.95
C VAL B 449 35.60 2.10 -2.99
N THR B 450 36.64 2.80 -2.54
CA THR B 450 37.71 3.25 -3.43
C THR B 450 39.00 2.48 -3.18
N ASN B 451 38.94 1.50 -2.29
CA ASN B 451 40.09 0.68 -1.96
C ASN B 451 39.83 -0.80 -2.20
N GLY B 452 39.96 -1.24 -3.45
CA GLY B 452 39.72 -2.61 -3.82
C GLY B 452 38.35 -2.83 -4.44
N LYS B 453 37.81 -4.03 -4.26
CA LYS B 453 36.50 -4.36 -4.78
C LYS B 453 35.63 -5.04 -3.73
N HIS B 454 35.39 -6.33 -3.93
CA HIS B 454 34.55 -7.10 -3.00
C HIS B 454 35.25 -7.30 -1.66
N GLY B 455 36.38 -8.00 -1.68
CA GLY B 455 37.13 -8.25 -0.47
C GLY B 455 38.17 -9.35 -0.64
N LYS B 456 39.44 -9.00 -0.38
CA LYS B 456 40.52 -9.96 -0.47
C LYS B 456 41.47 -9.81 0.71
N LYS B 457 42.46 -10.70 0.79
CA LYS B 457 43.44 -10.66 1.87
C LYS B 457 44.85 -10.49 1.33
N ILE B 458 45.38 -9.28 1.45
CA ILE B 458 46.72 -8.97 0.99
C ILE B 458 47.77 -9.67 1.84
N ASN B 459 48.16 -9.02 2.93
CA ASN B 459 49.14 -9.59 3.86
C ASN B 459 48.45 -10.11 5.12
N GLY B 460 48.18 -9.20 6.05
CA GLY B 460 47.50 -9.56 7.28
C GLY B 460 46.18 -8.81 7.43
N THR B 461 45.99 -7.79 6.61
CA THR B 461 44.77 -7.00 6.64
C THR B 461 44.02 -7.11 5.32
N TRP B 462 42.73 -6.77 5.35
CA TRP B 462 41.88 -6.85 4.17
C TRP B 462 42.00 -5.59 3.31
N ASN B 463 41.49 -5.65 2.09
CA ASN B 463 41.55 -4.53 1.17
C ASN B 463 40.33 -4.46 0.26
N GLY B 464 39.14 -4.67 0.83
CA GLY B 464 37.91 -4.59 0.08
C GLY B 464 36.79 -3.98 0.92
N MET B 465 35.55 -4.32 0.59
CA MET B 465 34.40 -3.85 1.35
C MET B 465 34.45 -4.38 2.78
N ILE B 466 34.85 -5.64 2.90
CA ILE B 466 35.04 -6.28 4.20
C ILE B 466 36.06 -5.51 5.01
N GLY B 467 37.11 -5.05 4.34
CA GLY B 467 38.13 -4.23 4.97
C GLY B 467 37.57 -2.89 5.40
N GLU B 468 36.65 -2.35 4.59
CA GLU B 468 35.99 -1.10 4.90
C GLU B 468 35.09 -1.25 6.11
N VAL B 469 34.63 -2.48 6.36
CA VAL B 469 33.78 -2.75 7.51
C VAL B 469 34.58 -2.98 8.78
N VAL B 470 35.62 -3.82 8.68
CA VAL B 470 36.41 -4.21 9.83
C VAL B 470 37.27 -3.06 10.36
N MET B 471 37.54 -2.08 9.49
CA MET B 471 38.36 -0.94 9.87
C MET B 471 37.52 0.21 10.42
N LYS B 472 36.26 -0.09 10.73
CA LYS B 472 35.32 0.88 11.28
C LYS B 472 35.15 2.10 10.38
N ARG B 473 35.34 1.91 9.08
CA ARG B 473 35.17 2.98 8.11
C ARG B 473 33.75 2.96 7.56
N ALA B 474 33.11 1.79 7.65
CA ALA B 474 31.72 1.63 7.26
C ALA B 474 31.07 0.58 8.15
N TYR B 475 29.87 0.87 8.63
CA TYR B 475 29.19 -0.03 9.55
C TYR B 475 28.68 -1.27 8.82
N MET B 476 27.93 -1.05 7.74
CA MET B 476 27.37 -2.15 6.96
C MET B 476 27.91 -2.16 5.54
N ALA B 477 27.74 -3.28 4.85
CA ALA B 477 28.19 -3.40 3.47
C ALA B 477 27.16 -4.12 2.61
N VAL B 478 26.52 -3.38 1.71
CA VAL B 478 25.48 -3.96 0.87
C VAL B 478 25.97 -4.14 -0.57
N GLY B 479 25.29 -5.01 -1.32
CA GLY B 479 25.65 -5.27 -2.69
C GLY B 479 26.00 -6.73 -2.93
N SER B 480 26.53 -7.02 -4.11
CA SER B 480 26.93 -8.38 -4.46
C SER B 480 28.12 -8.83 -3.61
N LEU B 481 27.82 -9.45 -2.47
CA LEU B 481 28.86 -9.89 -1.56
C LEU B 481 28.69 -11.35 -1.16
N THR B 482 29.53 -12.21 -1.70
CA THR B 482 29.46 -13.64 -1.43
C THR B 482 29.91 -13.96 0.00
N ILE B 483 29.10 -14.74 0.71
CA ILE B 483 29.40 -15.13 2.07
C ILE B 483 30.22 -16.41 2.14
N ASN B 484 31.35 -16.37 2.84
CA ASN B 484 32.19 -17.54 3.03
C ASN B 484 32.76 -17.60 4.44
N GLU B 485 33.49 -18.67 4.73
CA GLU B 485 34.07 -18.86 6.06
C GLU B 485 35.20 -17.88 6.34
N GLU B 486 35.82 -17.38 5.28
CA GLU B 486 36.93 -16.45 5.40
C GLU B 486 36.48 -15.07 5.87
N ARG B 487 35.53 -14.49 5.15
CA ARG B 487 35.04 -13.14 5.45
C ARG B 487 34.21 -13.11 6.73
N SER B 488 33.53 -14.21 7.03
CA SER B 488 32.66 -14.29 8.20
C SER B 488 33.46 -14.45 9.49
N GLU B 489 34.78 -14.47 9.38
CA GLU B 489 35.65 -14.61 10.54
C GLU B 489 35.93 -13.24 11.18
N VAL B 490 36.10 -12.23 10.34
CA VAL B 490 36.41 -10.88 10.81
C VAL B 490 35.15 -10.05 11.01
N VAL B 491 34.16 -10.25 10.14
CA VAL B 491 32.90 -9.53 10.23
C VAL B 491 31.73 -10.50 10.28
N ASP B 492 30.52 -9.97 10.40
CA ASP B 492 29.32 -10.80 10.41
C ASP B 492 28.56 -10.67 9.11
N PHE B 493 27.62 -11.60 8.88
CA PHE B 493 26.80 -11.57 7.68
C PHE B 493 25.32 -11.76 8.01
N SER B 494 24.46 -11.18 7.18
CA SER B 494 23.02 -11.31 7.35
C SER B 494 22.51 -12.55 6.63
N VAL B 495 21.25 -12.90 6.85
CA VAL B 495 20.63 -14.01 6.16
C VAL B 495 20.60 -13.73 4.65
N PRO B 496 21.08 -14.69 3.85
CA PRO B 496 21.16 -14.52 2.40
C PRO B 496 19.83 -14.18 1.74
N PHE B 497 19.80 -13.09 0.99
CA PHE B 497 18.59 -12.66 0.31
C PHE B 497 18.60 -13.13 -1.15
N ILE B 498 19.79 -13.47 -1.64
CA ILE B 498 19.93 -14.04 -2.97
C ILE B 498 20.90 -15.22 -2.95
N GLU B 499 20.40 -16.39 -3.33
CA GLU B 499 21.21 -17.61 -3.37
C GLU B 499 22.10 -17.61 -4.61
N THR B 500 23.38 -17.90 -4.42
CA THR B 500 24.32 -17.93 -5.54
C THR B 500 25.47 -18.91 -5.26
N GLY B 501 26.60 -18.69 -5.92
CA GLY B 501 27.76 -19.53 -5.75
C GLY B 501 28.63 -19.55 -6.98
N ILE B 502 29.44 -20.60 -7.11
CA ILE B 502 30.35 -20.74 -8.24
C ILE B 502 29.67 -21.46 -9.40
N SER B 503 29.77 -20.88 -10.59
CA SER B 503 29.19 -21.47 -11.79
C SER B 503 29.97 -21.12 -13.05
N VAL B 504 29.69 -21.83 -14.13
CA VAL B 504 30.37 -21.61 -15.41
C VAL B 504 29.37 -21.30 -16.51
N MET B 505 29.78 -20.45 -17.45
CA MET B 505 28.92 -20.06 -18.57
C MET B 505 29.65 -20.22 -19.90
N VAL B 506 29.43 -21.34 -20.57
CA VAL B 506 30.06 -21.61 -21.85
C VAL B 506 29.36 -20.86 -22.99
N SER B 507 29.96 -20.89 -24.16
CA SER B 507 29.41 -20.21 -25.33
C SER B 507 28.37 -21.08 -26.04
N LEU B 519 19.91 -43.97 -35.40
CA LEU B 519 19.45 -45.28 -34.94
C LEU B 519 18.72 -45.17 -33.60
N GLU B 520 18.77 -43.98 -33.01
CA GLU B 520 18.10 -43.72 -31.73
C GLU B 520 16.58 -43.89 -31.75
N PRO B 521 15.87 -43.37 -32.79
CA PRO B 521 14.41 -43.53 -32.76
C PRO B 521 13.96 -44.99 -32.83
N PHE B 522 14.65 -45.80 -33.63
CA PHE B 522 14.31 -47.21 -33.75
C PHE B 522 14.58 -47.95 -32.45
N SER B 523 13.56 -48.63 -31.93
CA SER B 523 13.70 -49.38 -30.69
C SER B 523 14.63 -50.58 -30.87
N ALA B 524 15.07 -51.14 -29.74
CA ALA B 524 15.97 -52.29 -29.77
C ALA B 524 15.25 -53.54 -30.27
N CYS B 525 13.92 -53.53 -30.14
CA CYS B 525 13.10 -54.66 -30.58
C CYS B 525 12.78 -54.56 -32.07
N VAL B 526 12.88 -53.35 -32.61
CA VAL B 526 12.57 -53.11 -34.01
C VAL B 526 13.62 -53.73 -34.93
N TRP B 527 14.86 -53.77 -34.46
CA TRP B 527 15.97 -54.34 -35.24
C TRP B 527 15.86 -55.85 -35.30
N VAL B 528 15.37 -56.46 -34.23
CA VAL B 528 15.24 -57.91 -34.17
C VAL B 528 13.97 -58.38 -34.89
N MET B 529 12.95 -57.54 -34.86
CA MET B 529 11.68 -57.87 -35.51
C MET B 529 11.81 -57.76 -37.03
N MET B 530 12.71 -56.91 -37.49
CA MET B 530 12.95 -56.73 -38.91
C MET B 530 13.77 -57.88 -39.48
N PHE B 531 14.71 -58.38 -38.68
CA PHE B 531 15.54 -59.50 -39.10
C PHE B 531 14.77 -60.81 -39.05
N VAL B 532 13.81 -60.88 -38.12
CA VAL B 532 12.97 -62.08 -37.99
C VAL B 532 11.95 -62.14 -39.12
N MET B 533 11.45 -60.99 -39.53
CA MET B 533 10.49 -60.91 -40.63
C MET B 533 11.17 -61.17 -41.96
N LEU B 534 12.45 -60.81 -42.04
CA LEU B 534 13.24 -61.04 -43.24
C LEU B 534 13.64 -62.51 -43.37
N LEU B 535 13.75 -63.18 -42.23
CA LEU B 535 14.09 -64.60 -42.20
C LEU B 535 12.89 -65.45 -42.61
N ILE B 536 11.69 -64.94 -42.35
CA ILE B 536 10.46 -65.64 -42.71
C ILE B 536 10.12 -65.43 -44.18
N VAL B 537 10.64 -64.35 -44.75
CA VAL B 537 10.40 -64.03 -46.15
C VAL B 537 11.64 -63.45 -46.81
N ILE B 570 16.49 -69.59 -48.40
CA ILE B 570 16.67 -68.14 -48.53
C ILE B 570 17.47 -67.79 -49.77
N GLY B 571 18.73 -67.42 -49.57
CA GLY B 571 19.60 -67.05 -50.68
C GLY B 571 19.41 -65.61 -51.11
N LYS B 572 18.71 -65.42 -52.22
CA LYS B 572 18.44 -64.08 -52.74
C LYS B 572 17.17 -63.50 -52.13
N ALA B 573 16.42 -64.34 -51.42
CA ALA B 573 15.19 -63.91 -50.79
C ALA B 573 15.45 -62.91 -49.68
N ILE B 574 16.53 -63.13 -48.93
CA ILE B 574 16.92 -62.22 -47.86
C ILE B 574 17.37 -60.88 -48.42
N TRP B 575 18.10 -60.93 -49.53
CA TRP B 575 18.59 -59.73 -50.18
C TRP B 575 17.44 -58.94 -50.81
N LEU B 576 16.43 -59.65 -51.27
CA LEU B 576 15.26 -59.02 -51.87
C LEU B 576 14.37 -58.40 -50.80
N LEU B 577 14.23 -59.08 -49.67
CA LEU B 577 13.41 -58.60 -48.56
C LEU B 577 14.06 -57.40 -47.88
N TRP B 578 15.37 -57.49 -47.65
CA TRP B 578 16.10 -56.40 -47.03
C TRP B 578 16.34 -55.26 -48.00
N GLY B 579 16.32 -55.58 -49.29
CA GLY B 579 16.51 -54.58 -50.33
C GLY B 579 15.25 -53.76 -50.56
N LEU B 580 14.11 -54.39 -50.39
CA LEU B 580 12.82 -53.71 -50.56
C LEU B 580 12.45 -52.91 -49.32
N VAL B 581 13.19 -53.13 -48.23
CA VAL B 581 12.95 -52.43 -46.98
C VAL B 581 13.44 -50.99 -47.04
N PHE B 582 14.43 -50.74 -47.89
CA PHE B 582 14.99 -49.41 -48.05
C PHE B 582 14.51 -48.78 -49.36
N ASN B 583 15.42 -48.10 -50.05
CA ASN B 583 15.09 -47.46 -51.31
C ASN B 583 16.11 -47.78 -52.40
N ILE B 598 3.59 -62.07 -56.34
CA ILE B 598 3.42 -60.66 -56.05
C ILE B 598 2.94 -60.43 -54.62
N MET B 599 3.23 -61.40 -53.75
CA MET B 599 2.85 -61.31 -52.35
C MET B 599 3.82 -60.46 -51.54
N VAL B 600 4.95 -60.12 -52.16
CA VAL B 600 5.96 -59.31 -51.50
C VAL B 600 5.55 -57.84 -51.48
N SER B 601 4.60 -57.48 -52.34
CA SER B 601 4.12 -56.12 -52.46
C SER B 601 3.64 -55.59 -51.11
N VAL B 602 2.85 -56.40 -50.40
CA VAL B 602 2.41 -56.05 -49.05
C VAL B 602 3.61 -55.76 -48.17
N TRP B 603 4.60 -56.65 -48.22
CA TRP B 603 5.82 -56.50 -47.42
C TRP B 603 6.55 -55.21 -47.79
N ALA B 604 6.37 -54.75 -49.02
CA ALA B 604 6.94 -53.48 -49.45
C ALA B 604 6.17 -52.34 -48.82
N PHE B 605 4.84 -52.44 -48.85
CA PHE B 605 3.97 -51.40 -48.28
C PHE B 605 4.34 -51.17 -46.83
N PHE B 606 4.34 -52.25 -46.05
CA PHE B 606 4.78 -52.18 -44.66
C PHE B 606 6.16 -51.52 -44.55
N ALA B 607 7.07 -51.94 -45.42
CA ALA B 607 8.42 -51.40 -45.42
C ALA B 607 8.37 -49.89 -45.63
N VAL B 608 7.51 -49.46 -46.55
CA VAL B 608 7.34 -48.04 -46.81
C VAL B 608 6.93 -47.34 -45.53
N ILE B 609 5.98 -47.93 -44.81
CA ILE B 609 5.55 -47.38 -43.53
C ILE B 609 6.74 -47.34 -42.59
N PHE B 610 7.50 -48.43 -42.57
CA PHE B 610 8.68 -48.54 -41.72
C PHE B 610 9.69 -47.45 -42.07
N LEU B 611 9.66 -46.99 -43.31
CA LEU B 611 10.52 -45.88 -43.71
C LEU B 611 9.96 -44.57 -43.14
N ALA B 612 8.66 -44.37 -43.34
CA ALA B 612 8.00 -43.14 -42.93
C ALA B 612 8.26 -42.86 -41.46
N SER B 613 7.92 -43.84 -40.61
CA SER B 613 8.18 -43.75 -39.19
C SER B 613 9.65 -43.44 -38.94
N TYR B 614 10.54 -44.18 -39.61
CA TYR B 614 11.98 -44.03 -39.43
C TYR B 614 12.43 -42.61 -39.71
N THR B 615 11.63 -41.87 -40.46
CA THR B 615 11.90 -40.46 -40.68
C THR B 615 11.18 -39.64 -39.62
N ALA B 616 9.88 -39.90 -39.47
CA ALA B 616 9.03 -39.12 -38.58
C ALA B 616 9.60 -39.08 -37.17
N ASN B 617 9.75 -40.26 -36.58
CA ASN B 617 10.35 -40.40 -35.26
C ASN B 617 11.68 -39.68 -35.16
N LEU B 618 12.49 -39.76 -36.21
CA LEU B 618 13.79 -39.12 -36.22
C LEU B 618 13.62 -37.63 -35.98
N ALA B 619 12.69 -37.03 -36.73
CA ALA B 619 12.39 -35.61 -36.56
C ALA B 619 12.00 -35.33 -35.11
N ALA B 620 11.17 -36.22 -34.56
CA ALA B 620 10.74 -36.07 -33.18
C ALA B 620 11.96 -36.17 -32.25
N PHE B 621 12.84 -37.11 -32.57
CA PHE B 621 14.05 -37.31 -31.78
C PHE B 621 14.99 -36.12 -31.94
N MET B 622 14.77 -35.32 -32.98
CA MET B 622 15.56 -34.12 -33.20
C MET B 622 14.92 -32.92 -32.51
N ILE B 623 13.64 -33.04 -32.17
CA ILE B 623 12.92 -31.95 -31.54
C ILE B 623 12.90 -32.12 -30.02
N GLN B 624 13.21 -33.33 -29.57
CA GLN B 624 13.20 -33.65 -28.15
C GLN B 624 14.52 -33.31 -27.48
N GLU B 625 15.54 -34.11 -27.78
CA GLU B 625 16.86 -33.96 -27.14
C GLU B 625 17.52 -32.63 -27.51
N GLU B 626 17.98 -31.92 -26.49
CA GLU B 626 18.71 -30.67 -26.69
C GLU B 626 20.11 -30.78 -26.11
N TYR B 627 20.95 -31.58 -26.75
CA TYR B 627 22.31 -31.81 -26.29
C TYR B 627 23.17 -30.57 -26.40
N VAL B 628 24.15 -30.44 -25.51
CA VAL B 628 25.05 -29.31 -25.50
C VAL B 628 26.39 -29.68 -24.88
N ASP B 629 27.44 -28.96 -25.26
CA ASP B 629 28.78 -29.20 -24.73
C ASP B 629 28.88 -28.72 -23.27
N GLN B 630 28.16 -29.39 -22.38
CA GLN B 630 28.13 -29.00 -20.98
C GLN B 630 29.41 -29.40 -20.26
N VAL B 631 29.86 -28.54 -19.34
CA VAL B 631 31.02 -28.83 -18.52
C VAL B 631 30.71 -29.97 -17.56
N SER B 632 31.67 -30.88 -17.39
CA SER B 632 31.46 -32.06 -16.55
C SER B 632 31.66 -31.76 -15.07
N GLY B 633 31.69 -30.47 -14.72
CA GLY B 633 31.80 -30.07 -13.34
C GLY B 633 33.22 -29.81 -12.87
N LEU B 634 33.36 -29.47 -11.59
CA LEU B 634 34.68 -29.20 -11.01
C LEU B 634 35.37 -30.49 -10.58
N SER B 635 34.59 -31.58 -10.51
CA SER B 635 35.13 -32.88 -10.14
C SER B 635 35.59 -33.66 -11.37
N ASP B 636 35.72 -32.96 -12.49
CA ASP B 636 36.13 -33.58 -13.74
C ASP B 636 37.60 -33.33 -14.04
N LYS B 637 38.13 -34.08 -15.01
CA LYS B 637 39.52 -33.92 -15.42
C LYS B 637 39.62 -33.00 -16.62
N LYS B 638 38.48 -32.56 -17.13
CA LYS B 638 38.43 -31.66 -18.28
C LYS B 638 38.98 -30.28 -17.91
N PHE B 639 38.87 -29.93 -16.63
CA PHE B 639 39.39 -28.67 -16.14
C PHE B 639 40.55 -28.89 -15.19
N GLN B 640 40.65 -30.10 -14.64
CA GLN B 640 41.74 -30.44 -13.74
C GLN B 640 43.00 -30.82 -14.52
N ARG B 641 42.82 -31.10 -15.81
CA ARG B 641 43.95 -31.43 -16.67
C ARG B 641 43.72 -30.92 -18.09
N PRO B 642 43.93 -29.62 -18.31
CA PRO B 642 43.72 -29.00 -19.62
C PRO B 642 44.84 -29.34 -20.61
N ASN B 643 46.01 -29.71 -20.09
CA ASN B 643 47.15 -30.06 -20.92
C ASN B 643 47.08 -31.50 -21.41
N ASP B 644 46.11 -32.25 -20.90
CA ASP B 644 45.93 -33.64 -21.27
C ASP B 644 45.39 -33.76 -22.70
N PHE B 645 44.30 -33.07 -22.99
CA PHE B 645 43.70 -33.07 -24.32
C PHE B 645 44.59 -32.32 -25.31
N SER B 646 44.20 -32.33 -26.58
CA SER B 646 45.01 -31.69 -27.62
C SER B 646 44.87 -30.16 -27.60
N PRO B 647 43.63 -29.63 -27.63
CA PRO B 647 43.58 -28.17 -27.46
C PRO B 647 43.34 -27.78 -26.00
N PRO B 648 44.31 -27.07 -25.40
CA PRO B 648 44.22 -26.66 -23.99
C PRO B 648 43.01 -25.77 -23.73
N PHE B 649 42.08 -26.25 -22.92
CA PHE B 649 40.87 -25.50 -22.58
C PHE B 649 41.22 -24.22 -21.83
N ARG B 650 40.86 -23.08 -22.41
CA ARG B 650 41.16 -21.78 -21.81
C ARG B 650 40.01 -21.28 -20.95
N PHE B 651 40.15 -21.43 -19.64
CA PHE B 651 39.16 -20.94 -18.70
C PHE B 651 39.84 -20.20 -17.55
N GLY B 652 39.16 -19.18 -17.03
CA GLY B 652 39.72 -18.38 -15.94
C GLY B 652 38.66 -17.72 -15.09
N THR B 653 39.11 -16.89 -14.16
CA THR B 653 38.21 -16.17 -13.26
C THR B 653 38.78 -14.82 -12.89
N VAL B 654 38.02 -14.04 -12.13
CA VAL B 654 38.48 -12.73 -11.68
C VAL B 654 39.35 -12.86 -10.43
N PRO B 655 40.39 -12.03 -10.34
CA PRO B 655 41.27 -12.05 -9.17
C PRO B 655 40.59 -11.40 -7.95
N ASN B 656 41.09 -11.72 -6.75
CA ASN B 656 40.58 -11.16 -5.51
C ASN B 656 39.11 -11.44 -5.26
N GLY B 657 38.58 -12.46 -5.92
CA GLY B 657 37.18 -12.82 -5.80
C GLY B 657 36.94 -13.94 -4.82
N SER B 658 35.67 -14.22 -4.54
CA SER B 658 35.30 -15.32 -3.65
C SER B 658 35.46 -16.65 -4.37
N THR B 659 35.17 -16.65 -5.67
CA THR B 659 35.32 -17.85 -6.49
C THR B 659 36.80 -18.23 -6.64
N GLU B 660 37.65 -17.21 -6.74
CA GLU B 660 39.08 -17.43 -6.86
C GLU B 660 39.66 -17.91 -5.53
N ARG B 661 39.09 -17.41 -4.44
CA ARG B 661 39.54 -17.79 -3.10
C ARG B 661 39.01 -19.17 -2.71
N ASN B 662 37.96 -19.60 -3.37
CA ASN B 662 37.36 -20.90 -3.10
C ASN B 662 37.95 -21.99 -4.00
N ILE B 663 38.35 -21.60 -5.20
CA ILE B 663 38.94 -22.54 -6.15
C ILE B 663 40.35 -22.93 -5.72
N ARG B 664 41.09 -21.97 -5.18
CA ARG B 664 42.45 -22.19 -4.72
C ARG B 664 42.49 -22.99 -3.42
N ASN B 665 41.34 -23.09 -2.76
CA ASN B 665 41.23 -23.82 -1.51
C ASN B 665 40.50 -25.15 -1.66
N ASN B 666 40.13 -25.46 -2.89
CA ASN B 666 39.43 -26.72 -3.19
C ASN B 666 40.15 -27.52 -4.27
N TYR B 667 40.91 -26.82 -5.11
CA TYR B 667 41.67 -27.47 -6.17
C TYR B 667 42.82 -26.57 -6.63
N ALA B 668 44.03 -26.92 -6.19
CA ALA B 668 45.21 -26.12 -6.48
C ALA B 668 45.51 -26.03 -7.97
N GLU B 669 45.18 -27.09 -8.70
CA GLU B 669 45.45 -27.16 -10.14
C GLU B 669 44.69 -26.07 -10.90
N MET B 670 43.45 -25.83 -10.49
CA MET B 670 42.61 -24.82 -11.12
C MET B 670 43.25 -23.43 -11.02
N HIS B 671 43.57 -23.03 -9.80
CA HIS B 671 44.18 -21.72 -9.56
C HIS B 671 45.57 -21.64 -10.17
N ALA B 672 46.23 -22.79 -10.29
CA ALA B 672 47.55 -22.85 -10.89
C ALA B 672 47.49 -22.58 -12.39
N TYR B 673 46.48 -23.15 -13.05
CA TYR B 673 46.32 -22.99 -14.49
C TYR B 673 45.68 -21.65 -14.84
N MET B 674 44.81 -21.16 -13.96
CA MET B 674 44.12 -19.89 -14.19
C MET B 674 44.97 -18.71 -13.70
N GLY B 675 46.21 -19.00 -13.33
CA GLY B 675 47.12 -17.96 -12.88
C GLY B 675 47.50 -17.00 -13.99
N LYS B 676 47.43 -17.48 -15.23
CA LYS B 676 47.72 -16.66 -16.39
C LYS B 676 46.48 -16.50 -17.26
N PHE B 677 45.42 -17.21 -16.89
CA PHE B 677 44.17 -17.16 -17.64
C PHE B 677 43.15 -16.24 -16.95
N ASN B 678 43.60 -15.52 -15.93
CA ASN B 678 42.73 -14.61 -15.20
C ASN B 678 42.50 -13.32 -15.97
N GLN B 679 41.27 -12.82 -15.92
CA GLN B 679 40.91 -11.60 -16.64
C GLN B 679 40.27 -10.58 -15.71
N ARG B 680 40.54 -9.30 -15.95
CA ARG B 680 39.99 -8.22 -15.13
C ARG B 680 38.76 -7.62 -15.80
N GLY B 681 37.61 -7.76 -15.15
CA GLY B 681 36.36 -7.24 -15.68
C GLY B 681 35.44 -8.34 -16.15
N VAL B 682 34.19 -8.29 -15.70
CA VAL B 682 33.19 -9.29 -16.06
C VAL B 682 32.78 -9.13 -17.53
N ASP B 683 32.51 -7.89 -17.93
CA ASP B 683 32.12 -7.58 -19.30
C ASP B 683 33.23 -7.94 -20.28
N ASP B 684 34.47 -7.65 -19.91
CA ASP B 684 35.62 -7.98 -20.73
C ASP B 684 35.76 -9.49 -20.88
N ALA B 685 35.43 -10.22 -19.81
CA ALA B 685 35.47 -11.67 -19.83
C ALA B 685 34.40 -12.22 -20.76
N LEU B 686 33.23 -11.59 -20.71
CA LEU B 686 32.12 -11.99 -21.58
C LEU B 686 32.47 -11.75 -23.04
N LEU B 687 33.11 -10.62 -23.31
CA LEU B 687 33.55 -10.28 -24.66
C LEU B 687 34.66 -11.21 -25.11
N SER B 688 35.44 -11.71 -24.16
CA SER B 688 36.49 -12.68 -24.46
C SER B 688 35.87 -14.02 -24.81
N LEU B 689 34.75 -14.33 -24.16
CA LEU B 689 34.00 -15.54 -24.48
C LEU B 689 33.38 -15.44 -25.87
N LYS B 690 32.86 -14.26 -26.19
CA LYS B 690 32.23 -14.03 -27.48
C LYS B 690 33.24 -14.00 -28.61
N THR B 691 34.46 -13.53 -28.30
CA THR B 691 35.51 -13.43 -29.30
C THR B 691 36.04 -14.82 -29.68
N GLY B 692 36.50 -15.56 -28.68
CA GLY B 692 37.04 -16.90 -28.91
C GLY B 692 38.37 -17.10 -28.22
N LYS B 693 38.78 -16.12 -27.42
CA LYS B 693 40.04 -16.21 -26.69
C LYS B 693 39.84 -16.87 -25.34
N LEU B 694 38.59 -17.20 -25.02
CA LEU B 694 38.27 -17.85 -23.76
C LEU B 694 37.15 -18.88 -23.95
N ASP B 695 37.38 -20.10 -23.48
CA ASP B 695 36.40 -21.17 -23.62
C ASP B 695 35.21 -20.95 -22.68
N ALA B 696 35.45 -21.11 -21.39
CA ALA B 696 34.41 -20.92 -20.39
C ALA B 696 34.81 -19.87 -19.36
N PHE B 697 33.88 -19.53 -18.48
CA PHE B 697 34.14 -18.51 -17.45
C PHE B 697 33.62 -18.97 -16.09
N ILE B 698 34.53 -19.10 -15.14
CA ILE B 698 34.17 -19.43 -13.76
C ILE B 698 33.88 -18.16 -12.97
N TYR B 699 32.62 -17.98 -12.58
CA TYR B 699 32.23 -16.75 -11.89
C TYR B 699 30.99 -16.99 -11.02
N ASP B 700 30.54 -15.94 -10.33
CA ASP B 700 29.38 -15.99 -9.48
C ASP B 700 28.14 -16.51 -10.22
N ALA B 701 27.31 -17.27 -9.52
CA ALA B 701 26.14 -17.90 -10.13
C ALA B 701 25.07 -16.91 -10.54
N ALA B 702 24.70 -16.02 -9.62
CA ALA B 702 23.63 -15.07 -9.87
C ALA B 702 23.95 -14.12 -11.03
N VAL B 703 25.17 -13.59 -11.02
CA VAL B 703 25.62 -12.66 -12.05
C VAL B 703 25.62 -13.33 -13.42
N LEU B 704 26.05 -14.58 -13.47
CA LEU B 704 26.08 -15.35 -14.70
C LEU B 704 24.66 -15.66 -15.19
N ASN B 705 23.76 -15.92 -14.25
CA ASN B 705 22.36 -16.18 -14.58
C ASN B 705 21.70 -14.95 -15.19
N TYR B 706 21.90 -13.80 -14.55
CA TYR B 706 21.36 -12.55 -15.06
C TYR B 706 21.98 -12.19 -16.41
N MET B 707 23.28 -12.41 -16.54
CA MET B 707 23.99 -12.10 -17.77
C MET B 707 23.50 -12.99 -18.92
N ALA B 708 23.16 -14.23 -18.58
CA ALA B 708 22.61 -15.16 -19.56
C ALA B 708 21.19 -14.77 -19.91
N GLY B 709 20.47 -14.22 -18.94
CA GLY B 709 19.12 -13.75 -19.16
C GLY B 709 19.09 -12.46 -19.95
N ARG B 710 19.97 -11.53 -19.59
CA ARG B 710 20.05 -10.24 -20.27
C ARG B 710 21.37 -10.11 -21.04
N ASP B 711 21.31 -10.36 -22.34
CA ASP B 711 22.50 -10.29 -23.19
C ASP B 711 22.15 -9.63 -24.53
N GLU B 712 23.16 -9.14 -25.22
CA GLU B 712 22.96 -8.53 -26.55
C GLU B 712 22.38 -9.54 -27.51
N GLY B 713 22.77 -10.80 -27.34
CA GLY B 713 22.22 -11.90 -28.10
C GLY B 713 21.72 -12.99 -27.17
N CYS B 714 21.72 -14.23 -27.64
CA CYS B 714 21.32 -15.36 -26.81
C CYS B 714 22.20 -16.57 -27.08
N LYS B 715 23.50 -16.38 -26.97
CA LYS B 715 24.47 -17.45 -27.20
C LYS B 715 25.06 -17.94 -25.88
N LEU B 716 25.20 -17.03 -24.92
CA LEU B 716 25.76 -17.37 -23.62
C LEU B 716 24.73 -18.11 -22.76
N VAL B 717 25.19 -19.11 -22.02
CA VAL B 717 24.31 -19.91 -21.18
C VAL B 717 25.11 -20.58 -20.07
N THR B 718 24.52 -20.63 -18.87
CA THR B 718 25.16 -21.27 -17.72
C THR B 718 25.39 -22.76 -17.96
N ILE B 719 26.33 -23.34 -17.21
CA ILE B 719 26.64 -24.75 -17.33
C ILE B 719 25.53 -25.62 -16.73
N GLY B 720 25.03 -26.56 -17.52
CA GLY B 720 23.97 -27.45 -17.07
C GLY B 720 22.62 -26.77 -17.06
N SER B 721 21.69 -27.32 -16.28
CA SER B 721 20.34 -26.76 -16.18
C SER B 721 20.31 -25.52 -15.29
N GLY B 722 21.40 -25.28 -14.59
CA GLY B 722 21.51 -24.14 -13.70
C GLY B 722 22.14 -24.48 -12.37
N LYS B 723 22.89 -25.58 -12.35
CA LYS B 723 23.57 -26.02 -11.13
C LYS B 723 24.67 -25.04 -10.74
N VAL B 724 25.05 -25.07 -9.47
CA VAL B 724 26.08 -24.17 -8.95
C VAL B 724 26.96 -24.86 -7.92
N PHE B 725 28.27 -24.91 -8.20
CA PHE B 725 29.23 -25.47 -7.27
C PHE B 725 29.44 -24.52 -6.10
N ALA B 726 29.71 -25.08 -4.92
CA ALA B 726 29.88 -24.31 -3.69
C ALA B 726 28.67 -23.42 -3.44
N SER B 727 27.58 -24.03 -3.01
CA SER B 727 26.32 -23.33 -2.80
C SER B 727 26.41 -22.30 -1.67
N THR B 728 26.27 -21.03 -2.01
CA THR B 728 26.29 -19.96 -1.02
C THR B 728 25.22 -18.93 -1.35
N GLY B 729 25.45 -17.69 -0.93
CA GLY B 729 24.49 -16.62 -1.19
C GLY B 729 25.02 -15.25 -0.81
N TYR B 730 24.47 -14.22 -1.44
CA TYR B 730 24.83 -12.84 -1.13
C TYR B 730 24.34 -12.46 0.27
N GLY B 731 24.86 -11.36 0.80
CA GLY B 731 24.47 -10.92 2.13
C GLY B 731 24.92 -9.50 2.43
N ILE B 732 24.77 -9.11 3.69
CA ILE B 732 25.18 -7.77 4.12
C ILE B 732 26.18 -7.86 5.27
N ALA B 733 27.42 -7.43 5.00
CA ALA B 733 28.47 -7.48 6.01
C ALA B 733 28.37 -6.30 6.96
N ILE B 734 28.18 -6.59 8.24
CA ILE B 734 28.11 -5.55 9.26
C ILE B 734 29.25 -5.72 10.27
N GLN B 735 29.33 -4.78 11.22
CA GLN B 735 30.34 -4.85 12.27
C GLN B 735 30.14 -6.07 13.15
N LYS B 736 31.23 -6.70 13.54
CA LYS B 736 31.18 -7.91 14.37
C LYS B 736 30.63 -7.60 15.76
N ASP B 737 29.88 -8.55 16.31
CA ASP B 737 29.29 -8.44 17.64
C ASP B 737 28.43 -7.18 17.79
N SER B 738 27.71 -6.84 16.73
CA SER B 738 26.84 -5.66 16.74
C SER B 738 25.48 -5.99 17.32
N GLY B 739 24.51 -5.11 17.11
CA GLY B 739 23.16 -5.31 17.59
C GLY B 739 22.14 -5.15 16.49
N TRP B 740 22.62 -4.99 15.27
CA TRP B 740 21.74 -4.80 14.11
C TRP B 740 21.50 -6.11 13.36
N LYS B 741 22.39 -7.08 13.57
CA LYS B 741 22.31 -8.37 12.88
C LYS B 741 20.95 -9.03 13.05
N ARG B 742 20.45 -9.05 14.27
CA ARG B 742 19.15 -9.62 14.58
C ARG B 742 18.03 -8.96 13.78
N GLN B 743 17.92 -7.65 13.90
CA GLN B 743 16.84 -6.91 13.27
C GLN B 743 16.94 -6.93 11.75
N VAL B 744 18.17 -6.92 11.23
CA VAL B 744 18.39 -7.01 9.80
C VAL B 744 17.95 -8.37 9.27
N ASP B 745 18.33 -9.42 10.00
CA ASP B 745 17.90 -10.78 9.65
C ASP B 745 16.38 -10.88 9.64
N LEU B 746 15.75 -10.39 10.69
CA LEU B 746 14.29 -10.39 10.80
C LEU B 746 13.66 -9.60 9.65
N ALA B 747 14.33 -8.53 9.24
CA ALA B 747 13.83 -7.69 8.16
C ALA B 747 13.86 -8.42 6.82
N ILE B 748 15.02 -9.00 6.48
CA ILE B 748 15.18 -9.73 5.24
C ILE B 748 14.24 -10.93 5.17
N LEU B 749 14.13 -11.65 6.29
CA LEU B 749 13.23 -12.78 6.37
C LEU B 749 11.77 -12.34 6.26
N GLN B 750 11.49 -11.12 6.74
CA GLN B 750 10.17 -10.53 6.59
C GLN B 750 9.91 -10.23 5.12
N LEU B 751 10.96 -9.86 4.40
CA LEU B 751 10.87 -9.63 2.96
C LEU B 751 10.60 -10.96 2.24
N PHE B 752 11.18 -12.04 2.76
CA PHE B 752 10.90 -13.37 2.23
C PHE B 752 9.43 -13.74 2.44
N GLY B 753 8.96 -13.59 3.67
CA GLY B 753 7.60 -13.94 4.03
C GLY B 753 6.55 -13.12 3.29
N ASP B 754 6.82 -11.82 3.13
CA ASP B 754 5.89 -10.93 2.45
C ASP B 754 5.79 -11.28 0.96
N GLY B 755 6.89 -11.77 0.40
CA GLY B 755 6.92 -12.15 -1.01
C GLY B 755 7.39 -11.02 -1.90
N GLU B 756 7.80 -9.92 -1.29
CA GLU B 756 8.30 -8.77 -2.02
C GLU B 756 9.65 -9.09 -2.68
N MET B 757 10.35 -10.06 -2.11
CA MET B 757 11.63 -10.50 -2.64
C MET B 757 11.47 -11.06 -4.05
N GLU B 758 10.35 -11.75 -4.28
CA GLU B 758 10.04 -12.28 -5.60
C GLU B 758 9.80 -11.16 -6.60
N GLU B 759 9.13 -10.11 -6.13
CA GLU B 759 8.85 -8.95 -6.97
C GLU B 759 10.15 -8.23 -7.36
N LEU B 760 11.02 -8.05 -6.38
CA LEU B 760 12.31 -7.39 -6.62
C LEU B 760 13.22 -8.26 -7.47
N GLU B 761 13.01 -9.57 -7.41
CA GLU B 761 13.78 -10.51 -8.23
C GLU B 761 13.25 -10.54 -9.65
N ALA B 762 11.98 -10.19 -9.80
CA ALA B 762 11.35 -10.15 -11.12
C ALA B 762 11.45 -8.75 -11.72
N LEU B 763 11.97 -7.81 -10.93
CA LEU B 763 12.12 -6.43 -11.39
C LEU B 763 13.53 -6.17 -11.90
N TRP B 764 14.52 -6.77 -11.25
CA TRP B 764 15.92 -6.55 -11.61
C TRP B 764 16.57 -7.78 -12.21
N LEU B 765 16.33 -8.94 -11.60
CA LEU B 765 16.97 -10.18 -12.03
C LEU B 765 16.19 -10.90 -13.11
N THR B 766 15.26 -10.20 -13.75
CA THR B 766 14.45 -10.77 -14.82
C THR B 766 15.25 -10.87 -16.11
N GLY B 767 15.17 -12.02 -16.77
CA GLY B 767 15.89 -12.25 -18.01
C GLY B 767 14.97 -12.32 -19.21
N ILE B 768 15.51 -12.01 -20.38
CA ILE B 768 14.73 -12.00 -21.61
C ILE B 768 15.03 -13.24 -22.47
N CYS B 769 16.21 -13.81 -22.27
CA CYS B 769 16.61 -15.01 -23.00
C CYS B 769 16.12 -16.27 -22.29
N HIS B 770 16.50 -17.42 -22.82
CA HIS B 770 16.11 -18.72 -22.28
C HIS B 770 14.59 -18.85 -22.16
N VAL B 789 26.59 -43.54 -36.83
CA VAL B 789 26.20 -43.78 -38.21
C VAL B 789 27.34 -44.43 -39.00
N PHE B 790 28.41 -43.68 -39.21
CA PHE B 790 29.57 -44.18 -39.93
C PHE B 790 30.31 -45.24 -39.11
N TYR B 791 30.17 -45.15 -37.79
CA TYR B 791 30.78 -46.12 -36.90
C TYR B 791 30.15 -47.49 -37.08
N MET B 792 28.86 -47.52 -37.39
CA MET B 792 28.17 -48.76 -37.67
C MET B 792 28.63 -49.34 -39.00
N LEU B 793 28.97 -48.45 -39.93
CA LEU B 793 29.50 -48.87 -41.23
C LEU B 793 30.91 -49.42 -41.06
N GLY B 794 31.63 -48.90 -40.07
CA GLY B 794 32.96 -49.39 -39.76
C GLY B 794 32.89 -50.78 -39.15
N ALA B 795 31.81 -51.04 -38.41
CA ALA B 795 31.57 -52.35 -37.82
C ALA B 795 31.17 -53.34 -38.90
N ALA B 796 30.57 -52.83 -39.97
CA ALA B 796 30.19 -53.66 -41.11
C ALA B 796 31.44 -54.12 -41.86
N MET B 797 32.47 -53.28 -41.83
CA MET B 797 33.75 -53.63 -42.43
C MET B 797 34.41 -54.75 -41.64
N ALA B 798 34.21 -54.74 -40.32
CA ALA B 798 34.71 -55.79 -39.46
C ALA B 798 33.90 -57.07 -39.68
N LEU B 799 32.63 -56.91 -39.99
CA LEU B 799 31.76 -58.04 -40.31
C LEU B 799 32.09 -58.57 -41.71
N SER B 800 32.58 -57.68 -42.56
CA SER B 800 33.01 -58.05 -43.90
C SER B 800 34.30 -58.85 -43.84
N LEU B 801 35.15 -58.52 -42.87
CA LEU B 801 36.38 -59.26 -42.65
C LEU B 801 36.10 -60.63 -42.06
N ILE B 802 35.04 -60.71 -41.26
CA ILE B 802 34.61 -61.97 -40.67
C ILE B 802 33.95 -62.85 -41.72
N THR B 803 33.34 -62.21 -42.72
CA THR B 803 32.71 -62.92 -43.82
C THR B 803 33.74 -63.33 -44.87
N PHE B 804 34.87 -62.60 -44.88
CA PHE B 804 35.96 -62.91 -45.80
C PHE B 804 36.78 -64.10 -45.31
N ILE B 805 36.65 -64.39 -44.02
CA ILE B 805 37.36 -65.52 -43.42
C ILE B 805 36.57 -66.81 -43.63
N SER B 806 35.28 -66.68 -43.88
CA SER B 806 34.42 -67.84 -44.11
C SER B 806 34.43 -68.23 -45.59
N GLU B 807 34.82 -67.30 -46.45
CA GLU B 807 34.88 -67.55 -47.88
C GLU B 807 36.09 -68.41 -48.24
N HIS B 808 37.15 -68.28 -47.45
CA HIS B 808 38.37 -69.05 -47.67
C HIS B 808 38.49 -70.19 -46.67
N LEU B 809 37.35 -70.72 -46.24
CA LEU B 809 37.31 -71.82 -45.28
C LEU B 809 37.10 -73.15 -45.99
N LYS C 3 -8.58 28.85 52.25
CA LYS C 3 -7.15 29.12 52.08
C LYS C 3 -6.30 28.06 52.79
N ILE C 4 -6.90 27.38 53.76
CA ILE C 4 -6.18 26.39 54.56
C ILE C 4 -6.22 25.03 53.87
N VAL C 5 -5.05 24.52 53.48
CA VAL C 5 -4.96 23.25 52.79
C VAL C 5 -4.43 22.16 53.72
N ASN C 6 -5.31 21.23 54.10
CA ASN C 6 -4.94 20.13 54.98
C ASN C 6 -4.18 19.01 54.28
N ILE C 7 -3.08 18.56 54.88
CA ILE C 7 -2.43 17.33 54.46
C ILE C 7 -2.65 16.26 55.53
N GLY C 8 -2.93 15.03 55.11
CA GLY C 8 -3.12 13.95 56.06
C GLY C 8 -1.95 12.98 56.06
N ALA C 9 -1.91 12.11 57.07
CA ALA C 9 -0.93 11.04 57.13
C ALA C 9 -1.35 9.92 58.07
N VAL C 10 -1.18 8.68 57.64
CA VAL C 10 -1.25 7.53 58.54
C VAL C 10 0.16 7.00 58.84
N LEU C 11 0.64 7.28 60.05
CA LEU C 11 2.01 6.89 60.40
C LEU C 11 2.07 5.89 61.54
N SER C 12 3.29 5.44 61.83
CA SER C 12 3.51 4.36 62.78
C SER C 12 3.27 4.77 64.24
N THR C 13 3.85 5.90 64.63
CA THR C 13 3.81 6.32 66.04
C THR C 13 3.50 7.81 66.17
N ARG C 14 3.11 8.22 67.37
CA ARG C 14 2.97 9.63 67.71
C ARG C 14 4.25 10.42 67.44
N LYS C 15 5.41 9.78 67.60
CA LYS C 15 6.68 10.44 67.33
C LYS C 15 6.77 10.82 65.85
N HIS C 16 6.44 9.88 64.99
CA HIS C 16 6.41 10.13 63.55
C HIS C 16 5.32 11.12 63.20
N GLU C 17 4.26 11.17 64.02
CA GLU C 17 3.21 12.17 63.84
C GLU C 17 3.80 13.55 64.07
N GLN C 18 4.63 13.66 65.11
CA GLN C 18 5.25 14.92 65.47
C GLN C 18 6.25 15.33 64.42
N MET C 19 6.86 14.31 63.79
CA MET C 19 7.78 14.54 62.68
C MET C 19 7.02 15.11 61.49
N PHE C 20 5.89 14.47 61.15
CA PHE C 20 5.00 15.00 60.12
C PHE C 20 4.62 16.45 60.38
N ARG C 21 4.12 16.71 61.59
CA ARG C 21 3.76 18.06 62.02
C ARG C 21 4.89 19.06 61.83
N GLU C 22 6.11 18.65 62.16
CA GLU C 22 7.24 19.57 62.11
C GLU C 22 7.68 19.79 60.67
N ALA C 23 7.51 18.75 59.85
CA ALA C 23 7.83 18.83 58.44
C ALA C 23 6.87 19.81 57.77
N VAL C 24 5.61 19.77 58.21
CA VAL C 24 4.58 20.61 57.62
C VAL C 24 4.82 22.06 58.04
N ASN C 25 5.04 22.25 59.33
CA ASN C 25 5.45 23.54 59.87
C ASN C 25 6.64 24.15 59.12
N GLN C 26 7.64 23.33 58.83
CA GLN C 26 8.79 23.75 58.06
C GLN C 26 8.43 24.11 56.62
N ALA C 27 7.57 23.30 56.00
CA ALA C 27 7.09 23.61 54.66
C ALA C 27 6.42 24.98 54.62
N ASN C 28 5.61 25.25 55.65
CA ASN C 28 4.96 26.55 55.81
C ASN C 28 5.98 27.67 55.96
N LYS C 29 7.04 27.40 56.73
CA LYS C 29 8.08 28.39 56.98
C LYS C 29 8.85 28.76 55.71
N ARG C 30 9.24 27.74 54.94
CA ARG C 30 10.11 27.96 53.79
C ARG C 30 9.33 28.48 52.59
N HIS C 31 8.04 28.14 52.53
CA HIS C 31 7.16 28.65 51.48
C HIS C 31 6.55 29.98 51.87
N GLY C 32 6.12 30.74 50.86
CA GLY C 32 5.32 31.93 51.08
C GLY C 32 3.88 31.57 51.36
N SER C 33 3.41 31.89 52.56
CA SER C 33 2.13 31.37 53.03
C SER C 33 1.22 32.51 53.50
N TRP C 34 1.22 33.60 52.75
CA TRP C 34 0.30 34.71 52.98
C TRP C 34 -1.09 34.34 52.47
N LYS C 35 -1.13 33.73 51.29
CA LYS C 35 -2.38 33.32 50.66
C LYS C 35 -2.89 32.01 51.23
N ILE C 36 -2.09 30.95 51.10
CA ILE C 36 -2.47 29.63 51.60
C ILE C 36 -1.45 29.10 52.59
N GLN C 37 -1.94 28.52 53.68
CA GLN C 37 -1.08 27.91 54.70
C GLN C 37 -1.54 26.51 55.06
N LEU C 38 -0.58 25.59 55.16
CA LEU C 38 -0.88 24.18 55.44
C LEU C 38 -1.14 23.93 56.92
N GLN C 39 -1.97 22.94 57.20
CA GLN C 39 -2.15 22.46 58.56
C GLN C 39 -2.07 20.93 58.59
N ALA C 40 -1.33 20.40 59.56
CA ALA C 40 -1.12 18.96 59.65
C ALA C 40 -2.24 18.25 60.42
N THR C 41 -2.71 17.16 59.84
CA THR C 41 -3.71 16.30 60.45
C THR C 41 -3.29 14.85 60.27
N SER C 42 -3.19 14.09 61.36
CA SER C 42 -2.67 12.73 61.26
C SER C 42 -3.30 11.77 62.25
N VAL C 43 -3.20 10.48 61.92
CA VAL C 43 -3.59 9.39 62.80
C VAL C 43 -2.60 8.23 62.69
N THR C 44 -2.75 7.24 63.55
CA THR C 44 -1.94 6.02 63.45
C THR C 44 -2.77 4.91 62.83
N HIS C 45 -2.10 3.81 62.46
CA HIS C 45 -2.77 2.69 61.81
C HIS C 45 -3.86 2.07 62.69
N LYS C 46 -4.95 1.66 62.06
CA LYS C 46 -6.00 0.91 62.73
C LYS C 46 -5.70 -0.59 62.76
N PRO C 47 -6.37 -1.35 63.64
CA PRO C 47 -6.04 -2.78 63.79
C PRO C 47 -6.41 -3.61 62.56
N ASN C 48 -7.40 -3.16 61.80
CA ASN C 48 -7.80 -3.84 60.57
C ASN C 48 -8.20 -2.89 59.44
N ALA C 49 -8.28 -3.45 58.23
CA ALA C 49 -8.55 -2.70 57.01
C ALA C 49 -9.86 -1.90 57.01
N ILE C 50 -10.93 -2.48 57.55
CA ILE C 50 -12.21 -1.77 57.66
C ILE C 50 -12.11 -0.58 58.61
N GLN C 51 -11.55 -0.80 59.79
CA GLN C 51 -11.33 0.29 60.74
C GLN C 51 -10.40 1.32 60.14
N MET C 52 -9.51 0.88 59.26
CA MET C 52 -8.57 1.80 58.63
C MET C 52 -9.30 2.71 57.63
N ALA C 53 -10.15 2.12 56.80
CA ALA C 53 -10.98 2.88 55.87
C ALA C 53 -11.85 3.89 56.62
N LEU C 54 -12.47 3.43 57.70
CA LEU C 54 -13.38 4.25 58.46
C LEU C 54 -12.59 5.39 59.09
N SER C 55 -11.37 5.08 59.52
CA SER C 55 -10.51 6.09 60.10
C SER C 55 -10.16 7.14 59.06
N VAL C 56 -9.80 6.69 57.86
CA VAL C 56 -9.59 7.60 56.72
C VAL C 56 -10.74 8.58 56.55
N CYS C 57 -11.98 8.08 56.55
CA CYS C 57 -13.13 8.97 56.38
C CYS C 57 -13.37 9.92 57.55
N GLU C 58 -13.40 9.38 58.76
CA GLU C 58 -13.80 10.16 59.93
C GLU C 58 -12.71 11.13 60.43
N ASP C 59 -11.46 10.76 60.22
CA ASP C 59 -10.34 11.51 60.79
C ASP C 59 -9.63 12.39 59.76
N LEU C 60 -9.55 11.92 58.52
CA LEU C 60 -8.75 12.61 57.51
C LEU C 60 -9.64 13.31 56.49
N ILE C 61 -10.41 12.54 55.72
CA ILE C 61 -11.24 13.10 54.66
C ILE C 61 -12.28 14.06 55.26
N SER C 62 -12.54 13.89 56.55
CA SER C 62 -13.45 14.76 57.29
C SER C 62 -12.87 16.17 57.46
N SER C 63 -11.59 16.30 57.18
CA SER C 63 -10.87 17.56 57.37
C SER C 63 -10.48 18.11 56.01
N GLN C 64 -11.01 17.49 54.96
CA GLN C 64 -10.79 17.89 53.58
C GLN C 64 -9.32 17.90 53.20
N VAL C 65 -8.68 16.74 53.29
CA VAL C 65 -7.26 16.64 52.94
C VAL C 65 -7.09 16.58 51.43
N TYR C 66 -6.11 17.31 50.93
CA TYR C 66 -5.79 17.31 49.51
C TYR C 66 -4.99 16.07 49.10
N ALA C 67 -4.42 15.40 50.09
CA ALA C 67 -3.52 14.27 49.86
C ALA C 67 -3.29 13.48 51.14
N ILE C 68 -2.91 12.21 51.00
CA ILE C 68 -2.68 11.38 52.18
C ILE C 68 -1.37 10.61 52.11
N LEU C 69 -0.42 11.01 52.96
CA LEU C 69 0.83 10.29 53.17
C LEU C 69 0.57 8.98 53.90
N VAL C 70 1.23 7.90 53.46
CA VAL C 70 1.06 6.60 54.10
C VAL C 70 2.37 5.86 54.29
N SER C 71 2.62 5.43 55.52
CA SER C 71 3.82 4.68 55.87
C SER C 71 3.47 3.23 56.18
N HIS C 72 4.49 2.39 56.35
CA HIS C 72 4.28 1.03 56.81
C HIS C 72 4.28 0.96 58.33
N THR C 81 -0.16 -2.11 55.21
CA THR C 81 -1.43 -2.22 54.47
C THR C 81 -1.97 -0.85 54.07
N PRO C 82 -1.31 -0.17 53.12
CA PRO C 82 -1.88 1.08 52.61
C PRO C 82 -3.13 0.89 51.77
N THR C 83 -3.47 -0.36 51.45
CA THR C 83 -4.55 -0.67 50.52
C THR C 83 -5.89 0.02 50.82
N PRO C 84 -6.43 -0.10 52.05
CA PRO C 84 -7.68 0.61 52.35
C PRO C 84 -7.61 2.12 52.15
N VAL C 85 -6.43 2.69 52.30
CA VAL C 85 -6.25 4.13 52.15
C VAL C 85 -6.24 4.50 50.69
N SER C 86 -5.63 3.66 49.87
CA SER C 86 -5.63 3.86 48.43
C SER C 86 -7.04 3.72 47.86
N TYR C 87 -7.73 2.64 48.21
CA TYR C 87 -9.12 2.46 47.81
C TYR C 87 -10.02 3.63 48.23
N THR C 88 -9.98 3.98 49.51
CA THR C 88 -10.86 5.00 50.05
C THR C 88 -10.58 6.37 49.46
N ALA C 89 -9.31 6.75 49.39
CA ALA C 89 -8.94 8.07 48.88
C ALA C 89 -9.18 8.12 47.38
N GLY C 90 -8.94 6.98 46.73
CA GLY C 90 -9.12 6.87 45.29
C GLY C 90 -10.58 6.92 44.91
N PHE C 91 -11.46 6.61 45.86
CA PHE C 91 -12.89 6.70 45.64
C PHE C 91 -13.21 8.14 45.24
N TYR C 92 -12.50 9.07 45.86
CA TYR C 92 -12.68 10.49 45.63
C TYR C 92 -11.61 11.04 44.68
N ARG C 93 -10.64 10.19 44.35
CA ARG C 93 -9.46 10.57 43.55
C ARG C 93 -8.55 11.50 44.32
N ILE C 94 -8.56 11.37 45.65
CA ILE C 94 -7.57 12.03 46.49
C ILE C 94 -6.27 11.23 46.47
N PRO C 95 -5.18 11.87 46.03
CA PRO C 95 -3.88 11.20 45.89
C PRO C 95 -3.30 10.69 47.21
N VAL C 96 -2.68 9.52 47.13
CA VAL C 96 -1.97 8.93 48.26
C VAL C 96 -0.48 8.82 47.97
N LEU C 97 0.34 9.28 48.91
CA LEU C 97 1.79 9.15 48.78
C LEU C 97 2.35 8.09 49.74
N GLY C 98 2.62 6.90 49.21
CA GLY C 98 3.26 5.86 49.98
C GLY C 98 4.68 6.25 50.33
N LEU C 99 5.01 6.21 51.62
CA LEU C 99 6.35 6.57 52.06
C LEU C 99 7.30 5.39 52.12
N THR C 100 6.78 4.19 52.38
CA THR C 100 7.66 3.04 52.58
C THR C 100 7.20 1.72 51.92
N THR C 101 6.00 1.68 51.36
CA THR C 101 5.56 0.44 50.73
C THR C 101 6.24 0.19 49.37
N ARG C 102 6.67 -1.04 49.16
CA ARG C 102 7.39 -1.43 47.96
C ARG C 102 6.67 -2.48 47.11
N MET C 103 5.49 -2.92 47.53
CA MET C 103 4.73 -3.89 46.75
C MET C 103 4.29 -3.37 45.38
N SER C 104 4.46 -4.21 44.36
CA SER C 104 4.23 -3.80 42.98
C SER C 104 2.76 -3.59 42.68
N ILE C 105 1.89 -4.16 43.51
CA ILE C 105 0.45 -4.09 43.31
C ILE C 105 -0.05 -2.65 43.31
N TYR C 106 0.67 -1.77 44.00
CA TYR C 106 0.26 -0.37 44.08
C TYR C 106 0.63 0.41 42.82
N SER C 107 1.14 -0.29 41.81
CA SER C 107 1.61 0.36 40.59
C SER C 107 0.57 0.13 39.50
N ASP C 108 -0.48 -0.62 39.83
CA ASP C 108 -1.53 -0.94 38.89
C ASP C 108 -2.60 0.14 38.95
N LYS C 109 -2.60 1.02 37.96
CA LYS C 109 -3.58 2.11 37.86
C LYS C 109 -5.03 1.64 37.95
N SER C 110 -5.30 0.43 37.45
CA SER C 110 -6.63 -0.16 37.53
C SER C 110 -7.15 -0.31 38.95
N ILE C 111 -6.26 -0.66 39.87
CA ILE C 111 -6.67 -0.94 41.24
C ILE C 111 -6.41 0.26 42.14
N HIS C 112 -5.23 0.87 41.97
CA HIS C 112 -4.81 2.01 42.75
C HIS C 112 -4.70 3.27 41.89
N LEU C 113 -5.82 3.97 41.75
CA LEU C 113 -6.00 4.98 40.72
C LEU C 113 -5.14 6.22 40.93
N SER C 114 -4.98 6.61 42.19
CA SER C 114 -4.24 7.84 42.48
C SER C 114 -3.20 7.61 43.58
N PHE C 115 -2.26 6.74 43.30
CA PHE C 115 -1.28 6.30 44.29
C PHE C 115 0.11 6.63 43.77
N LEU C 116 0.86 7.40 44.54
CA LEU C 116 2.29 7.58 44.29
C LEU C 116 3.08 7.12 45.50
N ARG C 117 4.37 6.87 45.29
CA ARG C 117 5.24 6.47 46.40
C ARG C 117 6.65 7.03 46.23
N THR C 118 7.26 7.39 47.35
CA THR C 118 8.61 7.95 47.36
C THR C 118 9.69 6.88 47.40
N VAL C 119 9.28 5.62 47.29
CA VAL C 119 10.22 4.52 47.14
C VAL C 119 9.85 3.68 45.93
N PRO C 120 10.85 3.04 45.31
CA PRO C 120 10.53 2.23 44.12
C PRO C 120 9.95 0.88 44.51
N PRO C 121 9.16 0.26 43.62
CA PRO C 121 8.69 -1.10 43.89
C PRO C 121 9.82 -2.12 43.79
N TYR C 122 9.72 -3.19 44.59
CA TYR C 122 10.68 -4.29 44.55
C TYR C 122 11.15 -4.68 43.15
N SER C 123 10.18 -4.91 42.27
CA SER C 123 10.46 -5.33 40.90
C SER C 123 11.45 -4.46 40.11
N HIS C 124 11.58 -3.18 40.46
CA HIS C 124 12.51 -2.33 39.73
C HIS C 124 13.96 -2.72 40.01
N GLN C 125 14.17 -3.59 40.99
CA GLN C 125 15.49 -4.10 41.28
C GLN C 125 16.03 -4.80 40.05
N SER C 126 15.11 -5.28 39.21
CA SER C 126 15.46 -5.90 37.95
C SER C 126 16.37 -5.05 37.07
N SER C 127 16.13 -3.73 37.07
CA SER C 127 16.98 -2.81 36.34
C SER C 127 18.44 -2.93 36.75
N VAL C 128 18.66 -3.13 38.03
CA VAL C 128 20.01 -3.23 38.56
C VAL C 128 20.50 -4.58 38.13
N TRP C 129 19.64 -5.59 38.28
CA TRP C 129 20.00 -6.92 37.84
C TRP C 129 20.44 -6.79 36.40
N PHE C 130 19.66 -6.05 35.60
CA PHE C 130 19.98 -5.92 34.19
C PHE C 130 21.34 -5.27 34.00
N GLU C 131 21.59 -4.21 34.77
CA GLU C 131 22.86 -3.50 34.67
C GLU C 131 23.99 -4.40 35.14
N MET C 132 23.65 -5.32 36.04
CA MET C 132 24.64 -6.22 36.58
C MET C 132 24.95 -7.23 35.50
N MET C 133 23.91 -7.64 34.78
CA MET C 133 24.09 -8.50 33.63
C MET C 133 24.96 -7.77 32.62
N ARG C 134 24.80 -6.45 32.55
CA ARG C 134 25.65 -5.67 31.66
C ARG C 134 27.05 -5.61 32.25
N VAL C 135 27.12 -5.38 33.56
CA VAL C 135 28.40 -5.26 34.25
C VAL C 135 29.27 -6.51 34.11
N TYR C 136 28.74 -7.64 34.57
CA TYR C 136 29.47 -8.91 34.57
C TYR C 136 29.30 -9.72 33.29
N ASN C 137 28.73 -9.10 32.27
CA ASN C 137 28.57 -9.73 30.95
C ASN C 137 27.88 -11.10 31.01
N TRP C 138 26.75 -11.15 31.73
CA TRP C 138 25.91 -12.34 31.77
C TRP C 138 24.83 -12.32 30.68
N ASN C 139 25.08 -13.05 29.60
CA ASN C 139 24.21 -13.04 28.44
C ASN C 139 23.16 -14.15 28.48
N HIS C 140 23.35 -15.11 29.40
CA HIS C 140 22.44 -16.25 29.51
C HIS C 140 22.06 -16.47 30.95
N ILE C 141 20.76 -16.34 31.25
CA ILE C 141 20.30 -16.36 32.63
C ILE C 141 19.04 -17.19 32.86
N ILE C 142 18.91 -17.72 34.07
CA ILE C 142 17.71 -18.45 34.48
C ILE C 142 16.96 -17.56 35.46
N LEU C 143 15.66 -17.38 35.24
CA LEU C 143 14.87 -16.56 36.15
C LEU C 143 13.97 -17.41 37.04
N LEU C 144 14.03 -17.16 38.35
CA LEU C 144 13.15 -17.84 39.29
C LEU C 144 12.27 -16.82 40.01
N VAL C 145 10.96 -16.92 39.82
CA VAL C 145 10.03 -16.01 40.46
C VAL C 145 8.93 -16.75 41.22
N SER C 146 8.42 -16.11 42.27
CA SER C 146 7.26 -16.63 42.98
C SER C 146 6.01 -16.40 42.14
N ASP C 147 5.08 -17.34 42.17
CA ASP C 147 3.88 -17.22 41.35
C ASP C 147 2.82 -16.38 42.05
N ASP C 148 3.16 -15.12 42.32
CA ASP C 148 2.22 -14.13 42.79
C ASP C 148 2.41 -12.85 42.00
N HIS C 149 1.77 -11.76 42.43
CA HIS C 149 1.78 -10.52 41.68
C HIS C 149 3.20 -9.96 41.53
N GLU C 150 3.95 -9.95 42.63
CA GLU C 150 5.29 -9.36 42.64
C GLU C 150 6.26 -10.14 41.75
N GLY C 151 6.17 -11.46 41.81
CA GLY C 151 7.00 -12.32 40.98
C GLY C 151 6.76 -12.08 39.50
N ARG C 152 5.49 -12.10 39.11
CA ARG C 152 5.12 -11.88 37.72
C ARG C 152 5.49 -10.48 37.27
N ALA C 153 5.32 -9.49 38.14
CA ALA C 153 5.77 -8.13 37.85
C ALA C 153 7.26 -8.08 37.54
N ALA C 154 8.05 -8.78 38.36
CA ALA C 154 9.49 -8.80 38.17
C ALA C 154 9.88 -9.53 36.89
N GLN C 155 9.13 -10.57 36.57
CA GLN C 155 9.37 -11.32 35.35
C GLN C 155 9.06 -10.45 34.13
N LYS C 156 7.89 -9.84 34.10
CA LYS C 156 7.50 -8.96 33.01
C LYS C 156 8.53 -7.85 32.83
N ARG C 157 8.99 -7.29 33.95
CA ARG C 157 9.88 -6.14 33.93
C ARG C 157 11.26 -6.52 33.40
N LEU C 158 11.71 -7.72 33.76
CA LEU C 158 13.02 -8.14 33.30
C LEU C 158 12.94 -8.62 31.86
N GLU C 159 11.82 -9.20 31.47
CA GLU C 159 11.63 -9.63 30.10
C GLU C 159 11.60 -8.39 29.23
N THR C 160 11.02 -7.32 29.78
CA THR C 160 10.98 -6.01 29.15
C THR C 160 12.41 -5.50 28.92
N LEU C 161 13.25 -5.65 29.95
CA LEU C 161 14.62 -5.17 29.86
C LEU C 161 15.43 -6.01 28.88
N LEU C 162 15.07 -7.29 28.77
CA LEU C 162 15.75 -8.24 27.90
C LEU C 162 15.34 -8.04 26.45
N GLU C 163 14.13 -7.53 26.25
CA GLU C 163 13.63 -7.29 24.90
C GLU C 163 13.49 -5.79 24.71
N GLU C 164 14.36 -5.07 25.40
CA GLU C 164 14.69 -3.70 25.03
C GLU C 164 16.05 -3.72 24.33
N ARG C 165 16.65 -4.91 24.24
CA ARG C 165 17.98 -5.07 23.64
C ARG C 165 18.32 -6.52 23.27
N GLU C 166 17.35 -7.26 22.76
CA GLU C 166 17.55 -8.61 22.21
C GLU C 166 18.04 -9.67 23.21
N SER C 167 18.43 -9.24 24.40
CA SER C 167 18.80 -10.14 25.50
C SER C 167 17.69 -11.14 25.80
N LYS C 168 18.07 -12.37 26.17
CA LYS C 168 17.05 -13.40 26.33
C LYS C 168 17.16 -14.19 27.62
N ALA C 169 16.00 -14.65 28.09
CA ALA C 169 15.85 -15.54 29.24
C ALA C 169 15.94 -17.00 28.81
N GLU C 170 16.84 -17.76 29.41
CA GLU C 170 17.01 -19.14 28.99
C GLU C 170 15.84 -19.96 29.53
N LYS C 171 15.32 -19.56 30.68
CA LYS C 171 14.10 -20.18 31.22
C LYS C 171 13.55 -19.35 32.37
N VAL C 172 12.24 -19.45 32.57
CA VAL C 172 11.59 -18.80 33.71
C VAL C 172 10.88 -19.84 34.56
N LEU C 173 11.23 -19.93 35.85
CA LEU C 173 10.56 -20.88 36.71
C LEU C 173 9.66 -20.19 37.71
N GLN C 174 8.49 -20.76 37.95
CA GLN C 174 7.53 -20.17 38.87
C GLN C 174 7.12 -21.20 39.93
N PHE C 175 6.98 -20.76 41.17
CA PHE C 175 6.63 -21.69 42.23
C PHE C 175 5.45 -21.18 43.06
N ASP C 176 4.63 -22.11 43.55
CA ASP C 176 3.49 -21.76 44.38
C ASP C 176 3.97 -21.24 45.73
N PRO C 177 3.56 -20.01 46.10
CA PRO C 177 3.98 -19.47 47.40
C PRO C 177 3.59 -20.41 48.53
N GLY C 178 4.48 -20.63 49.49
CA GLY C 178 4.17 -21.50 50.61
C GLY C 178 4.60 -22.94 50.39
N THR C 179 5.01 -23.24 49.16
CA THR C 179 5.60 -24.54 48.84
C THR C 179 6.94 -24.74 49.52
N LYS C 180 7.08 -25.85 50.23
CA LYS C 180 8.27 -26.10 51.05
C LYS C 180 9.28 -26.97 50.32
N ASN C 181 8.84 -27.73 49.32
CA ASN C 181 9.79 -28.47 48.48
C ASN C 181 9.83 -27.96 47.04
N VAL C 182 10.93 -27.29 46.69
CA VAL C 182 11.09 -26.68 45.38
C VAL C 182 12.12 -27.46 44.57
N THR C 183 12.45 -28.65 45.06
CA THR C 183 13.42 -29.56 44.43
C THR C 183 13.15 -29.80 42.94
N ALA C 184 11.88 -29.93 42.57
CA ALA C 184 11.48 -30.10 41.18
C ALA C 184 11.98 -28.93 40.33
N LEU C 185 11.59 -27.72 40.73
CA LEU C 185 11.96 -26.49 40.02
C LEU C 185 13.48 -26.38 39.88
N LEU C 186 14.21 -26.62 40.97
CA LEU C 186 15.65 -26.43 40.93
C LEU C 186 16.28 -27.51 40.07
N MET C 187 15.64 -28.68 39.99
CA MET C 187 16.18 -29.75 39.16
C MET C 187 15.93 -29.36 37.71
N GLU C 188 14.86 -28.59 37.50
CA GLU C 188 14.51 -28.03 36.21
C GLU C 188 15.53 -26.98 35.79
N ALA C 189 16.16 -26.36 36.78
CA ALA C 189 17.16 -25.33 36.53
C ALA C 189 18.56 -25.91 36.41
N ARG C 190 18.79 -27.08 36.98
CA ARG C 190 20.07 -27.75 36.85
C ARG C 190 20.28 -28.21 35.41
N GLU C 191 19.19 -28.64 34.77
CA GLU C 191 19.24 -29.18 33.42
C GLU C 191 19.54 -28.12 32.37
N LEU C 192 19.26 -26.86 32.70
CA LEU C 192 19.56 -25.75 31.79
C LEU C 192 21.05 -25.39 31.77
N GLU C 193 21.46 -24.70 30.72
CA GLU C 193 22.86 -24.34 30.52
C GLU C 193 23.30 -23.18 31.42
N ALA C 194 22.56 -22.07 31.31
CA ALA C 194 22.81 -20.86 32.09
C ALA C 194 23.08 -21.13 33.57
N ARG C 195 24.15 -20.53 34.09
CA ARG C 195 24.57 -20.82 35.46
C ARG C 195 24.33 -19.61 36.34
N VAL C 196 23.89 -18.52 35.72
CA VAL C 196 23.47 -17.32 36.43
C VAL C 196 22.01 -17.46 36.84
N ILE C 197 21.71 -17.31 38.13
CA ILE C 197 20.36 -17.54 38.60
C ILE C 197 19.80 -16.34 39.36
N ILE C 198 18.66 -15.83 38.88
CA ILE C 198 18.01 -14.67 39.48
C ILE C 198 16.77 -15.10 40.25
N LEU C 199 16.60 -14.56 41.44
CA LEU C 199 15.50 -14.97 42.31
C LEU C 199 14.63 -13.82 42.80
N SER C 200 13.31 -14.02 42.75
CA SER C 200 12.36 -13.10 43.36
C SER C 200 11.38 -13.89 44.21
N ALA C 201 11.33 -13.59 45.50
CA ALA C 201 10.52 -14.35 46.45
C ALA C 201 10.40 -13.63 47.78
N SER C 202 9.42 -14.03 48.59
CA SER C 202 9.28 -13.45 49.92
C SER C 202 10.39 -13.95 50.82
N GLU C 203 10.43 -13.47 52.07
CA GLU C 203 11.40 -13.97 53.04
C GLU C 203 11.38 -15.49 53.21
N ASP C 204 10.22 -16.05 53.50
CA ASP C 204 10.11 -17.47 53.84
C ASP C 204 10.34 -18.36 52.62
N ASP C 205 10.02 -17.81 51.44
CA ASP C 205 10.24 -18.55 50.22
C ASP C 205 11.70 -18.44 49.81
N ALA C 206 12.30 -17.27 50.01
CA ALA C 206 13.73 -17.14 49.81
C ALA C 206 14.43 -18.18 50.67
N ALA C 207 13.96 -18.31 51.90
CA ALA C 207 14.52 -19.28 52.81
C ALA C 207 14.40 -20.70 52.28
N THR C 208 13.19 -21.05 51.81
CA THR C 208 12.98 -22.38 51.23
C THR C 208 13.81 -22.70 49.99
N VAL C 209 14.03 -21.70 49.14
CA VAL C 209 14.80 -21.93 47.93
C VAL C 209 16.27 -22.07 48.32
N TYR C 210 16.74 -21.18 49.19
CA TYR C 210 18.14 -21.19 49.61
C TYR C 210 18.49 -22.53 50.24
N ARG C 211 17.59 -22.98 51.13
CA ARG C 211 17.73 -24.27 51.79
C ARG C 211 17.77 -25.43 50.81
N ALA C 212 16.71 -25.58 50.00
CA ALA C 212 16.68 -26.65 49.00
C ALA C 212 17.93 -26.62 48.13
N ALA C 213 18.25 -25.44 47.59
CA ALA C 213 19.41 -25.22 46.74
C ALA C 213 20.66 -25.78 47.40
N ALA C 214 20.83 -25.46 48.67
CA ALA C 214 22.04 -25.84 49.39
C ALA C 214 22.07 -27.36 49.55
N MET C 215 20.96 -27.93 50.01
CA MET C 215 20.86 -29.38 50.17
C MET C 215 21.11 -30.12 48.85
N LEU C 216 20.83 -29.44 47.74
CA LEU C 216 21.09 -29.98 46.41
C LEU C 216 22.44 -29.52 45.87
N ASP C 217 23.22 -28.88 46.73
CA ASP C 217 24.58 -28.44 46.41
C ASP C 217 24.62 -27.63 45.11
N MET C 218 23.84 -26.55 45.07
CA MET C 218 23.74 -25.68 43.91
C MET C 218 24.20 -24.28 44.28
N THR C 219 24.91 -24.18 45.40
CA THR C 219 25.30 -22.90 45.98
C THR C 219 26.81 -22.73 46.01
N GLY C 220 27.54 -23.64 45.37
CA GLY C 220 28.98 -23.59 45.35
C GLY C 220 29.52 -23.01 44.06
N SER C 221 30.77 -23.34 43.75
CA SER C 221 31.45 -22.81 42.57
C SER C 221 30.69 -23.03 41.26
N GLY C 222 30.73 -22.04 40.39
CA GLY C 222 30.09 -22.10 39.09
C GLY C 222 28.74 -21.42 39.05
N TYR C 223 28.00 -21.49 40.15
CA TYR C 223 26.67 -20.87 40.22
C TYR C 223 26.72 -19.43 40.72
N VAL C 224 25.98 -18.55 40.06
CA VAL C 224 25.81 -17.19 40.54
C VAL C 224 24.36 -16.96 40.97
N TRP C 225 24.16 -16.37 42.14
CA TRP C 225 22.81 -16.06 42.60
C TRP C 225 22.63 -14.55 42.79
N LEU C 226 21.72 -13.98 41.99
CA LEU C 226 21.44 -12.56 42.06
C LEU C 226 19.99 -12.27 42.50
N VAL C 227 19.83 -11.42 43.51
CA VAL C 227 18.57 -11.33 44.25
C VAL C 227 18.25 -9.88 44.58
N GLY C 228 17.12 -9.67 45.24
CA GLY C 228 16.69 -8.34 45.62
C GLY C 228 16.84 -8.11 47.12
N GLU C 229 15.98 -7.30 47.71
CA GLU C 229 16.07 -6.99 49.13
C GLU C 229 15.32 -7.99 50.00
N ARG C 230 14.14 -8.41 49.56
CA ARG C 230 13.31 -9.29 50.38
C ARG C 230 13.99 -10.63 50.58
N GLU C 231 14.88 -10.97 49.67
CA GLU C 231 15.50 -12.29 49.63
C GLU C 231 16.78 -12.31 50.44
N ILE C 232 17.12 -11.16 51.03
CA ILE C 232 18.23 -11.06 51.97
C ILE C 232 17.82 -10.28 53.21
N SER C 233 16.56 -10.43 53.60
CA SER C 233 16.05 -9.78 54.80
C SER C 233 15.54 -10.80 55.83
N GLY C 234 15.65 -10.43 57.10
CA GLY C 234 15.21 -11.24 58.22
C GLY C 234 15.56 -12.72 58.16
N ASN C 235 14.54 -13.57 58.18
CA ASN C 235 14.77 -15.00 58.31
C ASN C 235 15.42 -15.54 57.05
N ALA C 236 15.22 -14.86 55.94
CA ALA C 236 15.74 -15.32 54.66
C ALA C 236 17.27 -15.28 54.72
N LEU C 237 17.79 -14.45 55.63
CA LEU C 237 19.22 -14.36 55.85
C LEU C 237 19.77 -15.56 56.63
N ARG C 238 18.94 -16.09 57.52
CA ARG C 238 19.35 -17.20 58.39
C ARG C 238 19.82 -18.43 57.63
N TYR C 239 19.35 -18.61 56.41
CA TYR C 239 19.67 -19.80 55.64
C TYR C 239 20.22 -19.44 54.27
N ALA C 240 20.52 -18.17 54.07
CA ALA C 240 21.02 -17.70 52.78
C ALA C 240 22.45 -18.15 52.55
N PRO C 241 22.74 -18.67 51.36
CA PRO C 241 24.09 -19.13 51.02
C PRO C 241 25.08 -17.98 50.99
N ASP C 242 26.37 -18.29 51.13
CA ASP C 242 27.39 -17.24 51.13
C ASP C 242 27.81 -16.90 49.71
N GLY C 243 28.23 -15.66 49.49
CA GLY C 243 28.63 -15.21 48.17
C GLY C 243 27.50 -14.68 47.32
N ILE C 244 26.28 -14.79 47.82
CA ILE C 244 25.12 -14.18 47.19
C ILE C 244 25.29 -12.67 47.03
N ILE C 245 24.84 -12.14 45.90
CA ILE C 245 24.75 -10.70 45.71
C ILE C 245 23.30 -10.24 45.83
N GLY C 246 23.10 -9.17 46.60
CA GLY C 246 21.78 -8.64 46.88
C GLY C 246 21.76 -7.12 46.87
N LEU C 247 20.57 -6.56 47.12
CA LEU C 247 20.39 -5.11 47.06
C LEU C 247 19.67 -4.62 48.30
N GLN C 248 20.01 -3.40 48.73
CA GLN C 248 19.22 -2.67 49.73
C GLN C 248 18.92 -1.24 49.33
N LEU C 249 17.65 -0.86 49.38
CA LEU C 249 17.24 0.51 49.10
C LEU C 249 17.75 1.49 50.15
N ILE C 250 18.60 2.41 49.71
CA ILE C 250 19.17 3.44 50.56
C ILE C 250 18.09 4.37 51.12
N ASN C 251 18.13 4.56 52.44
CA ASN C 251 17.11 5.33 53.17
C ASN C 251 15.73 4.68 53.16
N GLY C 252 15.65 3.47 52.60
CA GLY C 252 14.38 2.80 52.38
C GLY C 252 13.57 2.55 53.64
N LYS C 253 14.21 2.67 54.80
CA LYS C 253 13.54 2.35 56.05
C LYS C 253 13.50 3.56 56.98
N ASN C 254 14.01 4.69 56.50
CA ASN C 254 14.00 5.92 57.27
C ASN C 254 12.66 6.62 57.10
N GLU C 255 11.70 6.27 57.95
CA GLU C 255 10.39 6.90 57.94
C GLU C 255 10.44 8.42 58.05
N SER C 256 11.30 8.94 58.91
CA SER C 256 11.43 10.39 59.09
C SER C 256 11.84 11.12 57.81
N ALA C 257 12.85 10.60 57.12
CA ALA C 257 13.34 11.24 55.91
C ALA C 257 12.25 11.28 54.84
N HIS C 258 11.52 10.16 54.73
CA HIS C 258 10.54 10.03 53.68
C HIS C 258 9.31 10.88 54.02
N ILE C 259 9.06 11.07 55.30
CA ILE C 259 7.98 11.97 55.72
C ILE C 259 8.37 13.38 55.32
N SER C 260 9.61 13.75 55.62
CA SER C 260 10.14 15.08 55.31
C SER C 260 10.03 15.39 53.82
N ASP C 261 10.44 14.44 53.00
CA ASP C 261 10.45 14.61 51.56
C ASP C 261 9.03 14.60 51.00
N ALA C 262 8.21 13.67 51.49
CA ALA C 262 6.83 13.60 51.04
C ALA C 262 6.13 14.92 51.35
N VAL C 263 6.44 15.50 52.49
CA VAL C 263 5.77 16.73 52.90
C VAL C 263 6.27 17.87 52.02
N GLY C 264 7.55 17.85 51.66
CA GLY C 264 8.06 18.89 50.79
C GLY C 264 7.48 18.84 49.38
N VAL C 265 7.45 17.65 48.80
CA VAL C 265 6.88 17.47 47.46
C VAL C 265 5.40 17.81 47.46
N VAL C 266 4.67 17.38 48.50
CA VAL C 266 3.23 17.61 48.54
C VAL C 266 2.94 19.09 48.75
N ALA C 267 3.75 19.76 49.58
CA ALA C 267 3.57 21.20 49.78
C ALA C 267 3.82 21.96 48.48
N GLN C 268 4.88 21.58 47.78
CA GLN C 268 5.24 22.18 46.50
C GLN C 268 4.10 21.98 45.51
N ALA C 269 3.54 20.79 45.52
CA ALA C 269 2.47 20.42 44.61
C ALA C 269 1.21 21.20 44.94
N VAL C 270 0.93 21.36 46.23
CA VAL C 270 -0.23 22.12 46.68
C VAL C 270 -0.13 23.55 46.16
N HIS C 271 1.05 24.17 46.34
CA HIS C 271 1.20 25.56 45.93
C HIS C 271 1.15 25.73 44.42
N GLU C 272 1.78 24.81 43.69
CA GLU C 272 1.65 24.81 42.24
C GLU C 272 0.20 24.62 41.79
N LEU C 273 -0.53 23.77 42.51
CA LEU C 273 -1.91 23.51 42.18
C LEU C 273 -2.72 24.79 42.39
N LEU C 274 -2.40 25.49 43.48
CA LEU C 274 -3.10 26.72 43.82
C LEU C 274 -2.55 27.91 43.04
N GLU C 275 -1.63 27.62 42.11
CA GLU C 275 -1.17 28.63 41.17
C GLU C 275 -2.10 28.64 39.97
N LYS C 276 -3.01 27.67 39.95
CA LYS C 276 -3.99 27.53 38.88
C LYS C 276 -5.38 28.05 39.27
N GLU C 277 -6.28 28.03 38.29
CA GLU C 277 -7.60 28.63 38.40
C GLU C 277 -8.68 27.55 38.50
N ASN C 278 -9.81 27.92 39.09
CA ASN C 278 -10.98 27.05 39.18
C ASN C 278 -10.68 25.80 40.00
N ILE C 279 -9.93 26.01 41.08
CA ILE C 279 -9.67 24.98 42.08
C ILE C 279 -10.83 24.84 43.06
N THR C 280 -11.42 23.65 43.11
CA THR C 280 -12.48 23.37 44.09
C THR C 280 -11.87 22.67 45.29
N ASP C 281 -12.53 22.75 46.44
CA ASP C 281 -12.08 22.02 47.61
C ASP C 281 -12.45 20.54 47.51
N PRO C 282 -11.67 19.67 48.18
CA PRO C 282 -12.02 18.25 48.33
C PRO C 282 -13.29 18.01 49.14
N PRO C 283 -13.88 16.81 49.03
CA PRO C 283 -15.02 16.38 49.85
C PRO C 283 -14.70 16.43 51.34
N ARG C 284 -15.68 16.77 52.16
CA ARG C 284 -15.48 16.73 53.61
C ARG C 284 -15.94 15.38 54.13
N GLY C 285 -17.11 15.32 54.77
CA GLY C 285 -17.58 14.07 55.33
C GLY C 285 -17.79 13.05 54.23
N CYS C 286 -17.95 11.78 54.60
CA CYS C 286 -18.12 10.74 53.59
C CYS C 286 -19.61 10.60 53.33
N VAL C 287 -20.40 10.76 54.39
CA VAL C 287 -21.81 10.41 54.37
C VAL C 287 -22.60 11.28 53.39
N GLY C 288 -23.10 10.65 52.33
CA GLY C 288 -23.92 11.36 51.37
C GLY C 288 -23.14 11.98 50.23
N ASN C 289 -21.82 11.84 50.27
CA ASN C 289 -20.97 12.32 49.19
C ASN C 289 -20.47 11.16 48.35
N THR C 290 -20.84 11.13 47.07
CA THR C 290 -20.44 10.05 46.19
C THR C 290 -19.76 10.52 44.90
N ASN C 291 -19.49 11.82 44.80
CA ASN C 291 -18.76 12.32 43.64
C ASN C 291 -17.28 12.51 43.92
N ILE C 292 -16.45 12.31 42.91
CA ILE C 292 -15.01 12.45 43.04
C ILE C 292 -14.62 13.91 43.27
N TRP C 293 -13.46 14.13 43.88
CA TRP C 293 -12.88 15.46 43.95
C TRP C 293 -12.48 15.91 42.54
N LYS C 294 -13.20 16.90 42.00
CA LYS C 294 -12.99 17.37 40.63
C LYS C 294 -11.56 17.79 40.30
N THR C 295 -10.86 18.34 41.28
CA THR C 295 -9.48 18.80 41.07
C THR C 295 -8.48 17.66 41.35
N GLY C 296 -9.00 16.50 41.73
CA GLY C 296 -8.17 15.36 42.06
C GLY C 296 -7.16 14.91 41.02
N PRO C 297 -7.62 14.60 39.79
CA PRO C 297 -6.73 14.24 38.69
C PRO C 297 -5.68 15.29 38.34
N LEU C 298 -6.02 16.57 38.47
CA LEU C 298 -5.06 17.63 38.22
C LEU C 298 -4.03 17.75 39.33
N PHE C 299 -4.48 17.67 40.58
CA PHE C 299 -3.55 17.68 41.70
C PHE C 299 -2.59 16.51 41.54
N LYS C 300 -3.13 15.37 41.11
CA LYS C 300 -2.33 14.18 40.86
C LYS C 300 -1.29 14.44 39.79
N ARG C 301 -1.70 15.12 38.72
CA ARG C 301 -0.79 15.44 37.62
C ARG C 301 0.35 16.28 38.16
N VAL C 302 0.01 17.23 39.02
CA VAL C 302 1.00 18.09 39.65
C VAL C 302 1.99 17.27 40.48
N LEU C 303 1.51 16.35 41.32
CA LEU C 303 2.45 15.49 42.05
C LEU C 303 3.33 14.73 41.08
N MET C 304 2.70 14.06 40.11
CA MET C 304 3.42 13.25 39.12
C MET C 304 4.52 14.04 38.43
N SER C 305 4.36 15.36 38.39
CA SER C 305 5.26 16.19 37.59
C SER C 305 5.96 17.20 38.48
N SER C 306 5.84 17.00 39.79
CA SER C 306 6.62 17.75 40.78
C SER C 306 8.11 17.45 40.70
N LYS C 307 8.93 18.42 41.08
CA LYS C 307 10.38 18.24 41.07
C LYS C 307 11.01 18.91 42.29
N TYR C 308 11.64 18.11 43.14
CA TYR C 308 12.32 18.60 44.33
C TYR C 308 13.77 18.15 44.35
N ALA C 309 14.69 19.08 44.09
CA ALA C 309 16.08 18.73 43.82
C ALA C 309 16.85 18.42 45.11
N ASP C 310 16.55 19.17 46.16
CA ASP C 310 17.32 19.08 47.40
C ASP C 310 16.61 18.26 48.47
N GLY C 311 16.33 17.00 48.17
CA GLY C 311 15.64 16.13 49.11
C GLY C 311 16.60 15.38 50.01
N VAL C 312 16.21 15.21 51.27
CA VAL C 312 16.97 14.43 52.24
C VAL C 312 17.32 13.01 51.80
N THR C 313 16.45 12.39 50.99
CA THR C 313 16.71 11.04 50.50
C THR C 313 17.24 11.04 49.07
N GLY C 314 17.69 12.20 48.61
CA GLY C 314 18.22 12.33 47.27
C GLY C 314 17.24 13.08 46.39
N ARG C 315 17.24 12.77 45.09
CA ARG C 315 16.38 13.49 44.16
C ARG C 315 15.05 12.77 43.99
N VAL C 316 13.97 13.43 44.39
CA VAL C 316 12.63 12.84 44.37
C VAL C 316 11.89 13.24 43.09
N GLU C 317 11.68 12.26 42.21
CA GLU C 317 10.78 12.44 41.08
C GLU C 317 9.95 11.18 40.88
N PHE C 318 8.81 11.32 40.21
CA PHE C 318 7.95 10.17 39.96
C PHE C 318 7.87 9.83 38.47
N ASN C 319 7.84 8.53 38.17
CA ASN C 319 7.64 8.06 36.81
C ASN C 319 6.15 7.97 36.42
N GLU C 320 5.87 7.27 35.33
CA GLU C 320 4.54 7.30 34.74
C GLU C 320 3.54 6.51 35.57
N ASP C 321 4.05 5.53 36.33
CA ASP C 321 3.22 4.75 37.24
C ASP C 321 3.14 5.39 38.62
N GLY C 322 3.79 6.54 38.79
CA GLY C 322 3.82 7.21 40.07
C GLY C 322 4.85 6.63 41.01
N ASP C 323 5.67 5.72 40.50
CA ASP C 323 6.78 5.16 41.27
C ASP C 323 7.97 6.11 41.27
N ARG C 324 8.64 6.20 42.41
CA ARG C 324 9.88 6.98 42.53
C ARG C 324 10.89 6.56 41.46
N LYS C 325 11.48 7.55 40.79
CA LYS C 325 12.55 7.27 39.83
C LYS C 325 13.90 7.78 40.33
N PHE C 326 14.96 7.25 39.72
CA PHE C 326 16.34 7.60 40.06
C PHE C 326 16.71 7.23 41.49
N ALA C 327 16.15 6.12 41.99
CA ALA C 327 16.49 5.65 43.32
C ALA C 327 17.91 5.08 43.32
N GLN C 328 18.57 5.13 44.47
CA GLN C 328 19.90 4.56 44.61
C GLN C 328 19.89 3.31 45.48
N TYR C 329 20.60 2.27 45.04
CA TYR C 329 20.63 1.03 45.81
C TYR C 329 22.05 0.67 46.26
N SER C 330 22.18 0.20 47.48
CA SER C 330 23.42 -0.45 47.91
C SER C 330 23.49 -1.87 47.35
N ILE C 331 24.59 -2.20 46.68
CA ILE C 331 24.88 -3.56 46.28
C ILE C 331 25.71 -4.26 47.35
N MET C 332 25.08 -5.27 47.94
CA MET C 332 25.51 -5.95 49.16
C MET C 332 25.93 -7.40 48.92
N ASN C 333 27.01 -7.83 49.57
CA ASN C 333 27.51 -9.19 49.41
C ASN C 333 27.66 -9.88 50.76
N LEU C 334 27.17 -11.11 50.86
CA LEU C 334 27.27 -11.87 52.10
C LEU C 334 28.60 -12.62 52.19
N GLN C 335 29.47 -12.14 53.08
CA GLN C 335 30.82 -12.67 53.22
C GLN C 335 31.03 -13.17 54.65
N ASN C 336 31.36 -14.45 54.78
CA ASN C 336 31.48 -15.08 56.10
C ASN C 336 30.27 -14.80 56.98
N ARG C 337 29.09 -14.99 56.39
CA ARG C 337 27.80 -14.78 57.06
C ARG C 337 27.62 -13.34 57.56
N LYS C 338 28.41 -12.43 56.99
CA LYS C 338 28.27 -11.00 57.29
C LYS C 338 27.89 -10.27 56.01
N LEU C 339 26.98 -9.30 56.12
CA LEU C 339 26.61 -8.48 54.96
C LEU C 339 27.61 -7.37 54.69
N VAL C 340 28.20 -7.40 53.50
CA VAL C 340 29.26 -6.46 53.14
C VAL C 340 28.84 -5.67 51.90
N GLN C 341 29.00 -4.35 51.93
CA GLN C 341 28.69 -3.52 50.77
C GLN C 341 29.79 -3.58 49.73
N VAL C 342 29.47 -4.09 48.55
CA VAL C 342 30.42 -4.15 47.45
C VAL C 342 30.22 -3.09 46.37
N GLY C 343 29.20 -2.25 46.50
CA GLY C 343 28.96 -1.27 45.44
C GLY C 343 27.69 -0.46 45.54
N ILE C 344 27.48 0.47 44.62
CA ILE C 344 26.18 1.13 44.53
C ILE C 344 25.66 1.22 43.10
N TYR C 345 24.34 1.15 42.97
CA TYR C 345 23.56 1.51 41.79
C TYR C 345 22.92 2.91 41.79
N ASN C 346 23.29 3.78 40.85
CA ASN C 346 22.88 5.18 40.95
C ASN C 346 21.55 5.34 40.22
N GLY C 347 21.65 5.92 39.04
CA GLY C 347 20.50 6.23 38.19
C GLY C 347 20.49 5.39 36.94
N THR C 348 21.69 5.08 36.45
CA THR C 348 21.87 4.33 35.21
C THR C 348 23.15 3.51 35.22
N HIS C 349 24.04 3.77 36.19
CA HIS C 349 25.36 3.16 36.18
C HIS C 349 25.70 2.49 37.51
N VAL C 350 26.32 1.31 37.40
CA VAL C 350 26.93 0.58 38.52
C VAL C 350 28.34 1.06 38.89
N ILE C 351 28.54 1.30 40.19
CA ILE C 351 29.83 1.72 40.72
C ILE C 351 30.35 0.77 41.78
N PRO C 352 31.37 -0.04 41.41
CA PRO C 352 32.03 -0.99 42.29
C PRO C 352 33.01 -0.27 43.22
N ASN C 353 32.93 -0.53 44.51
CA ASN C 353 33.88 0.04 45.46
C ASN C 353 35.14 -0.81 45.67
N ASP C 354 36.03 -0.32 46.54
CA ASP C 354 37.31 -0.96 46.78
C ASP C 354 37.17 -2.32 47.45
N ARG C 355 36.04 -2.55 48.11
CA ARG C 355 35.75 -3.85 48.70
C ARG C 355 35.47 -4.87 47.59
N LYS C 356 36.19 -5.98 47.62
CA LYS C 356 36.10 -6.99 46.58
C LYS C 356 34.88 -7.90 46.76
N ILE C 357 34.22 -8.19 45.65
CA ILE C 357 33.16 -9.19 45.64
C ILE C 357 33.73 -10.58 45.88
N ILE C 358 33.17 -11.25 46.88
CA ILE C 358 33.35 -12.69 47.06
C ILE C 358 32.16 -13.48 46.53
N TRP C 359 32.40 -14.27 45.49
CA TRP C 359 31.38 -15.06 44.84
C TRP C 359 31.06 -16.29 45.71
N PRO C 360 29.90 -16.95 45.46
CA PRO C 360 29.56 -18.16 46.22
C PRO C 360 30.60 -19.28 46.15
N GLY C 361 31.55 -19.16 45.24
CA GLY C 361 32.42 -20.26 44.89
C GLY C 361 33.85 -19.97 45.30
N GLY C 362 34.59 -21.03 45.66
CA GLY C 362 35.97 -20.95 46.09
C GLY C 362 36.84 -19.92 45.38
N GLU C 363 36.68 -19.83 44.06
CA GLU C 363 37.48 -18.91 43.25
C GLU C 363 37.13 -17.45 43.52
N THR C 364 38.10 -16.57 43.34
CA THR C 364 37.88 -15.14 43.52
C THR C 364 37.61 -14.46 42.19
N GLU C 365 37.60 -15.24 41.12
CA GLU C 365 37.35 -14.72 39.78
C GLU C 365 35.87 -14.82 39.42
N LYS C 366 35.41 -13.91 38.56
CA LYS C 366 34.02 -13.88 38.14
C LYS C 366 33.69 -15.07 37.24
N PRO C 367 32.71 -15.89 37.65
CA PRO C 367 32.30 -17.08 36.90
C PRO C 367 31.72 -16.75 35.52
N ARG C 368 31.48 -17.78 34.72
CA ARG C 368 30.90 -17.60 33.39
C ARG C 368 29.63 -18.41 33.24
N GLY C 369 28.50 -17.71 33.10
CA GLY C 369 27.22 -18.37 32.97
C GLY C 369 26.96 -18.91 31.58
N TYR C 370 27.74 -19.92 31.18
CA TYR C 370 27.61 -20.53 29.88
C TYR C 370 28.26 -21.92 29.84
N GLN C 371 27.90 -22.75 30.81
CA GLN C 371 28.45 -24.10 30.90
C GLN C 371 27.91 -24.99 29.79
N MET C 372 28.65 -25.08 28.69
CA MET C 372 28.24 -25.86 27.52
C MET C 372 28.16 -27.35 27.84
N SER C 373 26.98 -27.92 27.64
CA SER C 373 26.76 -29.34 27.89
C SER C 373 27.42 -30.19 26.79
N THR C 374 28.10 -31.26 27.22
CA THR C 374 28.78 -32.13 26.28
C THR C 374 27.79 -33.01 25.51
N ARG C 375 26.63 -33.25 26.11
CA ARG C 375 25.60 -34.08 25.48
C ARG C 375 24.36 -33.26 25.19
N LEU C 376 24.19 -32.88 23.92
CA LEU C 376 23.02 -32.12 23.50
C LEU C 376 22.02 -33.02 22.79
N LYS C 377 20.74 -32.78 23.04
CA LYS C 377 19.68 -33.61 22.45
C LYS C 377 19.26 -33.10 21.08
N ILE C 378 19.67 -33.81 20.03
CA ILE C 378 19.32 -33.44 18.67
C ILE C 378 17.91 -33.93 18.32
N VAL C 379 17.09 -33.02 17.80
CA VAL C 379 15.73 -33.37 17.39
C VAL C 379 15.60 -33.27 15.88
N THR C 380 14.78 -34.15 15.30
CA THR C 380 14.55 -34.15 13.86
C THR C 380 13.17 -34.68 13.52
N ILE C 381 12.82 -34.62 12.23
CA ILE C 381 11.54 -35.10 11.77
C ILE C 381 11.71 -35.95 10.50
N HIS C 382 10.88 -36.99 10.36
CA HIS C 382 10.94 -37.87 9.21
C HIS C 382 10.59 -37.14 7.92
N GLN C 383 11.60 -36.83 7.13
CA GLN C 383 11.38 -36.18 5.83
C GLN C 383 11.87 -37.09 4.71
N GLU C 384 11.22 -36.99 3.55
CA GLU C 384 11.46 -37.91 2.44
C GLU C 384 12.91 -37.98 1.94
N PRO C 385 13.54 -36.82 1.64
CA PRO C 385 14.88 -36.97 1.06
C PRO C 385 16.04 -36.80 2.03
N PHE C 386 15.77 -36.30 3.24
CA PHE C 386 16.85 -35.92 4.14
C PHE C 386 16.94 -36.81 5.38
N VAL C 387 15.80 -37.19 5.95
CA VAL C 387 15.79 -38.01 7.15
C VAL C 387 14.95 -39.27 7.00
N TYR C 388 15.60 -40.39 6.73
CA TYR C 388 14.92 -41.68 6.68
C TYR C 388 14.85 -42.31 8.05
N VAL C 389 13.65 -42.71 8.46
CA VAL C 389 13.47 -43.38 9.75
C VAL C 389 12.97 -44.81 9.55
N LYS C 390 13.89 -45.75 9.60
CA LYS C 390 13.56 -47.17 9.42
C LYS C 390 13.56 -47.90 10.77
N PRO C 391 12.61 -48.83 10.94
CA PRO C 391 12.49 -49.62 12.16
C PRO C 391 13.75 -50.42 12.47
N THR C 392 14.05 -50.61 13.76
CA THR C 392 15.22 -51.35 14.17
C THR C 392 15.09 -52.84 13.87
N MET C 393 16.17 -53.58 14.03
CA MET C 393 16.17 -55.02 13.82
C MET C 393 15.64 -55.76 15.04
N SER C 394 15.98 -57.05 15.13
CA SER C 394 15.52 -57.87 16.25
C SER C 394 16.28 -57.55 17.53
N ASP C 395 17.51 -57.07 17.38
CA ASP C 395 18.35 -56.75 18.54
C ASP C 395 18.64 -55.26 18.62
N GLY C 396 17.84 -54.47 17.93
CA GLY C 396 18.02 -53.02 17.94
C GLY C 396 19.27 -52.57 17.24
N THR C 397 19.32 -52.78 15.92
CA THR C 397 20.46 -52.38 15.13
C THR C 397 20.06 -52.07 13.69
N CYS C 398 20.91 -51.35 12.97
CA CYS C 398 20.61 -50.96 11.59
C CYS C 398 21.46 -51.75 10.61
N LYS C 399 20.81 -52.24 9.54
CA LYS C 399 21.50 -52.99 8.51
C LYS C 399 22.48 -52.11 7.74
N GLU C 400 23.77 -52.43 7.83
CA GLU C 400 24.81 -51.64 7.19
C GLU C 400 24.71 -51.71 5.67
N GLU C 401 23.78 -50.97 5.11
CA GLU C 401 23.60 -50.92 3.67
C GLU C 401 24.53 -49.87 3.05
N PHE C 402 25.24 -50.28 1.99
CA PHE C 402 26.17 -49.38 1.32
C PHE C 402 25.56 -48.77 0.06
N THR C 403 26.22 -47.78 -0.50
CA THR C 403 25.75 -47.12 -1.71
C THR C 403 26.12 -47.90 -2.96
N VAL C 404 25.86 -47.31 -4.13
CA VAL C 404 26.19 -47.95 -5.39
C VAL C 404 27.69 -47.87 -5.68
N ASN C 405 28.35 -46.93 -5.02
CA ASN C 405 29.79 -46.75 -5.20
C ASN C 405 30.59 -47.46 -4.12
N GLY C 406 29.90 -47.96 -3.10
CA GLY C 406 30.55 -48.67 -2.01
C GLY C 406 30.78 -47.79 -0.81
N ASP C 407 29.83 -46.89 -0.54
CA ASP C 407 29.93 -45.98 0.60
C ASP C 407 29.07 -46.46 1.76
N PRO C 408 29.71 -46.82 2.88
CA PRO C 408 29.00 -47.29 4.08
C PRO C 408 28.17 -46.19 4.74
N VAL C 409 26.87 -46.18 4.46
CA VAL C 409 25.97 -45.18 5.02
C VAL C 409 25.77 -45.40 6.52
N LYS C 410 26.04 -44.36 7.31
CA LYS C 410 25.90 -44.44 8.76
C LYS C 410 24.46 -44.24 9.20
N LYS C 411 24.14 -44.75 10.39
CA LYS C 411 22.81 -44.59 10.96
C LYS C 411 22.91 -44.36 12.46
N VAL C 412 21.94 -43.64 13.02
CA VAL C 412 21.95 -43.32 14.44
C VAL C 412 20.60 -43.67 15.09
N ILE C 413 20.66 -44.24 16.29
CA ILE C 413 19.45 -44.60 17.03
C ILE C 413 18.66 -43.35 17.42
N CYS C 414 17.43 -43.25 16.91
CA CYS C 414 16.58 -42.10 17.18
C CYS C 414 15.25 -42.51 17.81
N THR C 415 15.07 -42.18 19.08
CA THR C 415 13.85 -42.54 19.80
C THR C 415 12.66 -41.68 19.38
N GLY C 416 11.58 -42.33 18.97
CA GLY C 416 10.39 -41.62 18.53
C GLY C 416 9.14 -42.49 18.57
N PRO C 417 7.99 -41.94 18.15
CA PRO C 417 6.72 -42.68 18.15
C PRO C 417 6.69 -43.81 17.13
N ASN C 418 6.03 -44.92 17.45
CA ASN C 418 5.94 -46.01 16.49
C ASN C 418 4.88 -45.73 15.43
N ASP C 419 3.78 -45.10 15.85
CA ASP C 419 2.72 -44.74 14.93
C ASP C 419 1.84 -43.63 15.51
N GLY C 423 -7.10 -42.21 17.65
CA GLY C 423 -6.77 -42.96 16.46
C GLY C 423 -5.31 -43.40 16.44
N SER C 424 -4.56 -42.98 17.46
CA SER C 424 -3.15 -43.33 17.55
C SER C 424 -2.67 -43.26 19.00
N PRO C 425 -2.44 -44.44 19.61
CA PRO C 425 -1.95 -44.52 20.99
C PRO C 425 -0.48 -44.10 21.11
N ARG C 426 -0.16 -43.39 22.18
CA ARG C 426 1.21 -42.91 22.40
C ARG C 426 2.15 -44.07 22.72
N HIS C 427 3.29 -44.10 22.03
CA HIS C 427 4.26 -45.18 22.21
C HIS C 427 5.65 -44.75 21.76
N THR C 428 6.60 -44.76 22.70
CA THR C 428 7.97 -44.33 22.40
C THR C 428 8.92 -45.51 22.22
N VAL C 429 9.45 -45.66 21.02
CA VAL C 429 10.40 -46.71 20.70
C VAL C 429 11.60 -46.17 19.92
N PRO C 430 12.78 -46.76 20.13
CA PRO C 430 13.98 -46.35 19.38
C PRO C 430 13.96 -46.86 17.95
N GLN C 431 14.35 -46.01 17.01
CA GLN C 431 14.39 -46.38 15.60
C GLN C 431 15.76 -46.09 14.99
N CYS C 432 15.85 -46.18 13.67
CA CYS C 432 17.11 -45.92 12.97
C CYS C 432 16.98 -44.74 12.01
N CYS C 433 17.68 -43.66 12.30
CA CYS C 433 17.67 -42.49 11.44
C CYS C 433 18.93 -42.44 10.57
N TYR C 434 18.73 -42.24 9.26
CA TYR C 434 19.85 -42.15 8.33
C TYR C 434 19.46 -41.27 7.15
N GLY C 435 20.40 -40.44 6.70
CA GLY C 435 20.15 -39.56 5.57
C GLY C 435 21.05 -38.34 5.50
N PHE C 436 20.53 -37.27 4.91
CA PHE C 436 21.28 -36.04 4.72
C PHE C 436 21.60 -35.36 6.05
N CYS C 437 20.55 -35.07 6.83
CA CYS C 437 20.71 -34.38 8.10
C CYS C 437 21.50 -35.21 9.11
N ILE C 438 21.48 -36.53 8.95
CA ILE C 438 22.22 -37.41 9.83
C ILE C 438 23.71 -37.35 9.55
N ASP C 439 24.07 -37.39 8.27
CA ASP C 439 25.47 -37.27 7.86
C ASP C 439 26.00 -35.87 8.20
N LEU C 440 25.14 -34.87 8.04
CA LEU C 440 25.51 -33.50 8.38
C LEU C 440 25.72 -33.37 9.89
N LEU C 441 24.87 -34.03 10.66
CA LEU C 441 25.00 -34.05 12.12
C LEU C 441 26.29 -34.74 12.53
N ILE C 442 26.66 -35.78 11.78
CA ILE C 442 27.91 -36.50 12.03
C ILE C 442 29.10 -35.61 11.71
N LYS C 443 28.95 -34.76 10.70
CA LYS C 443 30.00 -33.83 10.32
C LYS C 443 30.17 -32.74 11.38
N LEU C 444 29.06 -32.24 11.89
CA LEU C 444 29.09 -31.22 12.94
C LEU C 444 29.64 -31.79 14.24
N ALA C 445 29.35 -33.07 14.48
CA ALA C 445 29.86 -33.75 15.66
C ALA C 445 31.35 -34.06 15.49
N ARG C 446 31.77 -34.20 14.24
CA ARG C 446 33.17 -34.45 13.94
C ARG C 446 33.99 -33.18 14.12
N THR C 447 33.47 -32.06 13.62
CA THR C 447 34.13 -30.77 13.79
C THR C 447 34.15 -30.36 15.25
N MET C 448 32.98 -30.07 15.78
CA MET C 448 32.84 -29.76 17.21
C MET C 448 32.56 -31.02 18.00
N GLN C 449 33.55 -31.46 18.78
CA GLN C 449 33.43 -32.69 19.55
C GLN C 449 32.33 -32.60 20.60
N PHE C 450 31.19 -33.21 20.29
CA PHE C 450 30.04 -33.21 21.21
C PHE C 450 29.16 -34.43 20.98
N THR C 451 28.90 -35.16 22.06
CA THR C 451 28.02 -36.33 22.00
C THR C 451 26.58 -35.89 21.77
N TYR C 452 25.81 -36.72 21.07
CA TYR C 452 24.45 -36.39 20.72
C TYR C 452 23.47 -37.55 20.96
N GLU C 453 22.25 -37.21 21.34
CA GLU C 453 21.20 -38.20 21.54
C GLU C 453 20.00 -37.86 20.65
N VAL C 454 20.02 -38.39 19.43
CA VAL C 454 19.00 -38.07 18.44
C VAL C 454 17.62 -38.61 18.84
N HIS C 455 16.60 -37.78 18.69
CA HIS C 455 15.23 -38.19 18.96
C HIS C 455 14.28 -37.54 17.95
N LEU C 456 13.07 -38.09 17.83
CA LEU C 456 12.09 -37.58 16.89
C LEU C 456 11.14 -36.59 17.55
N VAL C 457 10.33 -35.91 16.74
CA VAL C 457 9.37 -34.94 17.23
C VAL C 457 8.17 -35.65 17.87
N ALA C 458 7.70 -35.11 19.00
CA ALA C 458 6.58 -35.71 19.72
C ALA C 458 5.31 -35.74 18.87
N ASP C 459 5.15 -34.73 18.02
CA ASP C 459 4.02 -34.68 17.10
C ASP C 459 4.45 -35.09 15.69
N GLY C 460 3.80 -34.50 14.69
CA GLY C 460 4.12 -34.81 13.30
C GLY C 460 4.42 -33.58 12.48
N LYS C 461 4.37 -32.42 13.11
CA LYS C 461 4.62 -31.16 12.43
C LYS C 461 6.06 -30.68 12.64
N PHE C 462 6.36 -29.49 12.14
CA PHE C 462 7.71 -28.93 12.25
C PHE C 462 7.82 -27.98 13.42
N GLY C 463 7.24 -26.79 13.29
CA GLY C 463 7.29 -25.79 14.33
C GLY C 463 6.50 -24.53 14.01
N THR C 464 5.24 -24.50 14.45
CA THR C 464 4.39 -23.34 14.22
C THR C 464 3.77 -22.87 15.53
N GLN C 465 3.61 -21.56 15.67
CA GLN C 465 2.99 -21.00 16.87
C GLN C 465 1.48 -21.13 16.82
N GLU C 466 0.86 -21.25 17.98
CA GLU C 466 -0.59 -21.37 18.08
C GLU C 466 -1.09 -20.90 19.43
N ARG C 467 -2.37 -20.53 19.50
CA ARG C 467 -2.97 -20.07 20.75
C ARG C 467 -3.17 -21.23 21.71
N VAL C 468 -3.12 -20.93 23.01
CA VAL C 468 -3.32 -21.95 24.03
C VAL C 468 -4.81 -22.26 24.19
N GLN C 469 -5.10 -23.23 25.06
CA GLN C 469 -6.49 -23.63 25.30
C GLN C 469 -7.26 -22.56 26.05
N ASN C 470 -6.54 -21.74 26.82
CA ASN C 470 -7.17 -20.68 27.60
C ASN C 470 -6.22 -19.52 27.88
N SER C 471 -6.79 -18.42 28.36
CA SER C 471 -6.05 -17.22 28.75
C SER C 471 -5.28 -16.56 27.61
N ASN C 472 -5.47 -17.05 26.39
CA ASN C 472 -4.83 -16.51 25.21
C ASN C 472 -3.31 -16.38 25.34
N LYS C 473 -2.63 -17.52 25.36
CA LYS C 473 -1.18 -17.54 25.48
C LYS C 473 -0.51 -18.16 24.25
N LYS C 474 0.36 -17.39 23.61
CA LYS C 474 1.05 -17.86 22.41
C LYS C 474 2.05 -18.96 22.75
N GLU C 475 1.83 -20.15 22.20
CA GLU C 475 2.71 -21.29 22.45
C GLU C 475 3.08 -22.00 21.15
N TRP C 476 4.35 -22.29 20.99
CA TRP C 476 4.84 -22.98 19.79
C TRP C 476 4.66 -24.48 19.89
N ASN C 477 4.22 -25.09 18.79
CA ASN C 477 4.08 -26.53 18.72
C ASN C 477 4.94 -27.12 17.60
N GLY C 478 5.55 -28.27 17.88
CA GLY C 478 6.43 -28.92 16.93
C GLY C 478 7.84 -29.10 17.49
N MET C 479 8.82 -29.15 16.61
CA MET C 479 10.22 -29.28 17.02
C MET C 479 10.67 -28.03 17.77
N MET C 480 10.20 -26.87 17.30
CA MET C 480 10.49 -25.62 17.98
C MET C 480 9.83 -25.58 19.34
N GLY C 481 8.66 -26.23 19.45
CA GLY C 481 7.96 -26.33 20.71
C GLY C 481 8.72 -27.16 21.72
N GLU C 482 9.53 -28.09 21.23
CA GLU C 482 10.37 -28.91 22.09
C GLU C 482 11.68 -28.20 22.40
N LEU C 483 12.13 -27.37 21.46
CA LEU C 483 13.38 -26.63 21.62
C LEU C 483 13.21 -25.51 22.64
N LEU C 484 12.04 -24.87 22.64
CA LEU C 484 11.76 -23.80 23.58
C LEU C 484 11.48 -24.33 24.98
N SER C 485 10.94 -25.53 25.05
CA SER C 485 10.59 -26.14 26.33
C SER C 485 11.79 -26.83 26.97
N GLY C 486 12.92 -26.84 26.27
CA GLY C 486 14.14 -27.43 26.77
C GLY C 486 14.24 -28.91 26.49
N GLN C 487 13.20 -29.47 25.89
CA GLN C 487 13.18 -30.90 25.55
C GLN C 487 14.20 -31.23 24.47
N ALA C 488 14.56 -30.23 23.68
CA ALA C 488 15.57 -30.40 22.63
C ALA C 488 16.65 -29.33 22.74
N ASP C 489 17.82 -29.60 22.17
CA ASP C 489 18.94 -28.66 22.23
C ASP C 489 19.29 -28.10 20.86
N MET C 490 18.95 -28.86 19.81
CA MET C 490 19.26 -28.45 18.44
C MET C 490 18.37 -29.16 17.43
N ILE C 491 17.90 -28.41 16.43
CA ILE C 491 17.05 -28.98 15.40
C ILE C 491 17.83 -29.20 14.10
N VAL C 492 18.23 -30.45 13.87
CA VAL C 492 18.88 -30.82 12.62
C VAL C 492 17.88 -31.53 11.72
N ALA C 493 17.19 -30.75 10.89
CA ALA C 493 16.11 -31.25 10.07
C ALA C 493 15.76 -30.21 9.00
N PRO C 494 14.97 -30.61 7.98
CA PRO C 494 14.50 -29.62 7.01
C PRO C 494 13.70 -28.49 7.68
N LEU C 495 14.41 -27.52 8.24
CA LEU C 495 13.78 -26.42 8.96
C LEU C 495 13.91 -25.12 8.19
N THR C 496 12.81 -24.68 7.60
CA THR C 496 12.79 -23.48 6.77
C THR C 496 13.12 -22.22 7.58
N ILE C 497 14.02 -21.39 7.04
CA ILE C 497 14.39 -20.14 7.68
C ILE C 497 13.41 -19.03 7.31
N ASN C 498 12.58 -18.64 8.25
CA ASN C 498 11.60 -17.58 8.02
C ASN C 498 11.61 -16.54 9.14
N ASN C 499 10.79 -15.51 8.99
CA ASN C 499 10.77 -14.40 9.94
C ASN C 499 10.10 -14.75 11.27
N GLU C 500 9.01 -15.50 11.20
CA GLU C 500 8.23 -15.82 12.39
C GLU C 500 9.01 -16.65 13.39
N ARG C 501 9.71 -17.68 12.91
CA ARG C 501 10.48 -18.56 13.77
C ARG C 501 11.76 -17.90 14.27
N ALA C 502 12.31 -16.99 13.47
CA ALA C 502 13.58 -16.33 13.80
C ALA C 502 13.43 -15.38 14.98
N GLN C 503 12.19 -14.99 15.29
CA GLN C 503 11.93 -14.07 16.40
C GLN C 503 11.98 -14.77 17.75
N TYR C 504 12.19 -16.09 17.73
CA TYR C 504 12.25 -16.86 18.96
C TYR C 504 13.52 -17.69 19.02
N ILE C 505 13.85 -18.35 17.91
CA ILE C 505 15.05 -19.18 17.83
C ILE C 505 15.98 -18.70 16.73
N GLU C 506 17.28 -18.94 16.91
CA GLU C 506 18.28 -18.52 15.93
C GLU C 506 18.53 -19.60 14.89
N PHE C 507 18.86 -19.19 13.68
CA PHE C 507 19.17 -20.12 12.60
C PHE C 507 20.60 -19.93 12.11
N SER C 508 21.18 -21.00 11.59
CA SER C 508 22.52 -20.94 11.02
C SER C 508 22.46 -20.64 9.53
N LYS C 509 23.62 -20.63 8.88
CA LYS C 509 23.67 -20.43 7.43
C LYS C 509 22.97 -21.59 6.73
N PRO C 510 22.17 -21.30 5.70
CA PRO C 510 21.39 -22.30 4.97
C PRO C 510 22.27 -23.40 4.36
N PHE C 511 22.09 -24.63 4.82
CA PHE C 511 22.85 -25.75 4.30
C PHE C 511 22.18 -26.34 3.06
N LYS C 512 20.97 -25.86 2.77
CA LYS C 512 20.24 -26.28 1.58
C LYS C 512 19.32 -25.17 1.10
N TYR C 513 19.82 -24.36 0.17
CA TYR C 513 19.04 -23.27 -0.40
C TYR C 513 17.92 -23.81 -1.28
N GLN C 514 16.82 -24.21 -0.65
CA GLN C 514 15.69 -24.78 -1.37
C GLN C 514 14.69 -23.71 -1.78
N GLY C 515 13.41 -24.08 -1.78
CA GLY C 515 12.34 -23.17 -2.13
C GLY C 515 10.99 -23.83 -1.96
N LEU C 516 9.94 -23.16 -2.44
CA LEU C 516 8.59 -23.72 -2.35
C LEU C 516 7.96 -23.88 -3.73
N THR C 517 7.73 -25.12 -4.14
CA THR C 517 7.10 -25.41 -5.42
C THR C 517 5.87 -26.29 -5.22
N ILE C 518 5.25 -26.69 -6.32
CA ILE C 518 4.02 -27.47 -6.27
C ILE C 518 4.21 -28.85 -6.89
N LEU C 519 3.68 -29.88 -6.24
CA LEU C 519 3.75 -31.24 -6.76
C LEU C 519 2.41 -31.67 -7.34
N VAL C 520 2.45 -32.11 -8.60
CA VAL C 520 1.24 -32.52 -9.31
C VAL C 520 1.44 -33.88 -9.98
N LYS C 521 0.42 -34.74 -9.88
CA LYS C 521 0.45 -36.03 -10.56
C LYS C 521 0.46 -35.85 -12.07
N LYS C 522 1.27 -36.65 -12.76
CA LYS C 522 1.43 -36.53 -14.20
C LYS C 522 0.18 -36.99 -14.95
N GLU C 523 0.05 -36.56 -16.20
CA GLU C 523 -1.09 -36.91 -17.02
C GLU C 523 -1.00 -38.33 -17.57
N ILE C 524 -1.88 -38.66 -18.51
CA ILE C 524 -1.91 -39.99 -19.09
C ILE C 524 -1.10 -40.07 -20.37
N PRO C 525 -0.12 -40.99 -20.43
CA PRO C 525 0.71 -41.21 -21.60
C PRO C 525 0.15 -42.28 -22.53
N ARG C 526 0.39 -43.54 -22.21
CA ARG C 526 -0.10 -44.68 -23.01
C ARG C 526 0.34 -44.59 -24.47
N PHE C 532 0.43 -49.79 -37.24
CA PHE C 532 0.02 -49.44 -38.60
C PHE C 532 -1.32 -48.70 -38.59
N MET C 533 -1.67 -48.12 -37.45
CA MET C 533 -2.89 -47.35 -37.32
C MET C 533 -2.85 -46.13 -38.22
N GLN C 534 -3.62 -46.18 -39.31
CA GLN C 534 -3.62 -45.12 -40.32
C GLN C 534 -4.13 -43.80 -39.76
N PRO C 535 -3.28 -42.77 -39.78
CA PRO C 535 -3.66 -41.42 -39.36
C PRO C 535 -4.46 -40.69 -40.44
N PHE C 536 -4.53 -41.29 -41.62
CA PHE C 536 -5.29 -40.72 -42.73
C PHE C 536 -6.75 -41.15 -42.66
N GLN C 537 -7.07 -41.97 -41.65
CA GLN C 537 -8.42 -42.49 -41.40
C GLN C 537 -8.92 -43.40 -42.50
N SER C 538 -9.91 -44.23 -42.16
CA SER C 538 -10.47 -45.20 -43.09
C SER C 538 -11.19 -44.52 -44.25
N CYS C 539 -11.58 -43.26 -44.05
CA CYS C 539 -12.24 -42.49 -45.10
C CYS C 539 -11.29 -42.27 -46.27
N LEU C 540 -10.16 -41.60 -46.01
CA LEU C 540 -9.18 -41.32 -47.04
C LEU C 540 -8.42 -42.58 -47.43
N TRP C 541 -8.40 -43.57 -46.56
CA TRP C 541 -7.78 -44.86 -46.88
C TRP C 541 -8.58 -45.59 -47.95
N LEU C 542 -9.87 -45.77 -47.69
CA LEU C 542 -10.76 -46.42 -48.64
C LEU C 542 -10.92 -45.57 -49.89
N LEU C 543 -10.79 -44.25 -49.73
CA LEU C 543 -10.83 -43.35 -50.87
C LEU C 543 -9.60 -43.56 -51.75
N VAL C 544 -8.45 -43.78 -51.13
CA VAL C 544 -7.21 -44.03 -51.85
C VAL C 544 -7.26 -45.38 -52.55
N GLY C 545 -7.82 -46.38 -51.88
CA GLY C 545 -7.97 -47.70 -52.46
C GLY C 545 -8.91 -47.69 -53.65
N LEU C 546 -10.05 -47.02 -53.48
CA LEU C 546 -11.04 -46.92 -54.54
C LEU C 546 -10.49 -46.11 -55.72
N SER C 547 -9.67 -45.11 -55.42
CA SER C 547 -9.04 -44.31 -56.45
C SER C 547 -8.00 -45.13 -57.21
N VAL C 548 -7.34 -46.04 -56.49
CA VAL C 548 -6.35 -46.92 -57.10
C VAL C 548 -7.04 -47.93 -58.02
N HIS C 549 -8.15 -48.49 -57.56
CA HIS C 549 -8.92 -49.43 -58.36
C HIS C 549 -9.52 -48.76 -59.59
N VAL C 550 -9.98 -47.53 -59.41
CA VAL C 550 -10.57 -46.76 -60.50
C VAL C 550 -9.50 -46.38 -61.52
N VAL C 551 -8.29 -46.10 -61.02
CA VAL C 551 -7.16 -45.77 -61.89
C VAL C 551 -6.73 -47.01 -62.66
N ALA C 552 -6.84 -48.17 -62.02
CA ALA C 552 -6.50 -49.44 -62.66
C ALA C 552 -7.51 -49.77 -63.74
N VAL C 553 -8.78 -49.50 -63.47
CA VAL C 553 -9.84 -49.73 -64.44
C VAL C 553 -9.72 -48.77 -65.62
N MET C 554 -9.33 -47.53 -65.32
CA MET C 554 -9.13 -46.53 -66.36
C MET C 554 -7.92 -46.87 -67.23
N LEU C 555 -6.89 -47.43 -66.60
CA LEU C 555 -5.70 -47.85 -67.32
C LEU C 555 -6.00 -49.08 -68.19
N TYR C 556 -6.88 -49.94 -67.68
CA TYR C 556 -7.29 -51.13 -68.43
C TYR C 556 -8.22 -50.74 -69.58
N LEU C 557 -8.91 -49.60 -69.42
CA LEU C 557 -9.80 -49.11 -70.45
C LEU C 557 -9.05 -48.28 -71.48
N LEU C 558 -7.87 -47.80 -71.10
CA LEU C 558 -7.04 -46.99 -71.99
C LEU C 558 -6.06 -47.87 -72.77
N ASP C 559 -5.91 -49.12 -72.33
CA ASP C 559 -5.01 -50.05 -72.98
C ASP C 559 -5.69 -50.77 -74.15
N ARG C 560 -7.00 -50.59 -74.26
CA ARG C 560 -7.77 -51.21 -75.32
C ARG C 560 -8.70 -50.20 -75.99
N SER C 583 -1.85 -57.17 -64.85
CA SER C 583 -0.89 -56.25 -65.45
C SER C 583 -1.01 -54.86 -64.83
N ALA C 584 -2.22 -54.32 -64.82
CA ALA C 584 -2.47 -52.99 -64.25
C ALA C 584 -2.47 -53.02 -62.74
N MET C 585 -2.87 -54.16 -62.17
CA MET C 585 -2.90 -54.33 -60.73
C MET C 585 -1.50 -54.28 -60.13
N TRP C 586 -0.56 -54.97 -60.79
CA TRP C 586 0.82 -54.98 -60.33
C TRP C 586 1.46 -53.61 -60.50
N PHE C 587 1.00 -52.86 -61.49
CA PHE C 587 1.51 -51.52 -61.75
C PHE C 587 1.03 -50.54 -60.68
N SER C 588 -0.27 -50.60 -60.36
CA SER C 588 -0.86 -49.73 -59.37
C SER C 588 -0.34 -50.04 -57.97
N TRP C 589 -0.42 -51.31 -57.59
CA TRP C 589 0.04 -51.74 -56.27
C TRP C 589 1.56 -51.66 -56.16
N GLY C 590 2.23 -51.65 -57.31
CA GLY C 590 3.68 -51.53 -57.33
C GLY C 590 4.13 -50.08 -57.21
N VAL C 591 3.34 -49.17 -57.76
CA VAL C 591 3.64 -47.76 -57.70
C VAL C 591 3.25 -47.16 -56.35
N LEU C 592 2.15 -47.66 -55.80
CA LEU C 592 1.66 -47.18 -54.51
C LEU C 592 2.58 -47.63 -53.37
N LEU C 593 3.02 -48.88 -53.43
CA LEU C 593 3.89 -49.44 -52.40
C LEU C 593 5.36 -49.33 -52.81
N ASN C 594 5.64 -48.45 -53.76
CA ASN C 594 7.00 -48.22 -54.26
C ASN C 594 7.66 -49.50 -54.75
N MET C 612 1.96 -41.45 -64.91
CA MET C 612 2.74 -40.33 -64.41
C MET C 612 1.99 -39.58 -63.30
N VAL C 613 0.67 -39.47 -63.46
CA VAL C 613 -0.17 -38.78 -62.49
C VAL C 613 -0.37 -39.65 -61.23
N TRP C 614 -0.49 -40.95 -61.45
CA TRP C 614 -0.69 -41.90 -60.35
C TRP C 614 0.54 -41.96 -59.45
N ALA C 615 1.72 -41.82 -60.07
CA ALA C 615 2.97 -41.79 -59.32
C ALA C 615 3.09 -40.49 -58.54
N GLY C 616 2.50 -39.43 -59.08
CA GLY C 616 2.48 -38.14 -58.41
C GLY C 616 1.57 -38.17 -57.20
N PHE C 617 0.41 -38.80 -57.36
CA PHE C 617 -0.54 -38.95 -56.26
C PHE C 617 -0.01 -39.91 -55.22
N ALA C 618 0.81 -40.87 -55.66
CA ALA C 618 1.43 -41.83 -54.75
C ALA C 618 2.52 -41.15 -53.92
N MET C 619 3.33 -40.34 -54.58
CA MET C 619 4.37 -39.59 -53.89
C MET C 619 3.76 -38.56 -52.94
N ILE C 620 2.63 -38.00 -53.36
CA ILE C 620 1.92 -37.02 -52.53
C ILE C 620 1.29 -37.69 -51.32
N ILE C 621 0.75 -38.89 -51.51
CA ILE C 621 0.15 -39.64 -50.41
C ILE C 621 1.21 -40.11 -49.43
N VAL C 622 2.37 -40.50 -49.95
CA VAL C 622 3.48 -40.93 -49.12
C VAL C 622 4.04 -39.77 -48.31
N ALA C 623 4.22 -38.62 -48.98
CA ALA C 623 4.73 -37.43 -48.33
C ALA C 623 3.75 -36.92 -47.27
N SER C 624 2.46 -37.02 -47.58
CA SER C 624 1.42 -36.60 -46.64
C SER C 624 1.37 -37.54 -45.45
N TYR C 625 1.59 -38.83 -45.69
CA TYR C 625 1.62 -39.81 -44.63
C TYR C 625 2.80 -39.58 -43.69
N THR C 626 3.96 -39.30 -44.28
CA THR C 626 5.16 -39.03 -43.51
C THR C 626 5.02 -37.73 -42.70
N ALA C 627 4.46 -36.71 -43.33
CA ALA C 627 4.27 -35.42 -42.69
C ALA C 627 3.27 -35.51 -41.54
N ASN C 628 2.18 -36.24 -41.76
CA ASN C 628 1.18 -36.43 -40.72
C ASN C 628 1.70 -37.30 -39.58
N LEU C 629 2.53 -38.28 -39.92
CA LEU C 629 3.14 -39.14 -38.92
C LEU C 629 4.18 -38.37 -38.11
N ALA C 630 4.77 -37.34 -38.72
CA ALA C 630 5.72 -36.48 -38.03
C ALA C 630 4.99 -35.49 -37.13
N ALA C 631 3.86 -34.98 -37.61
CA ALA C 631 3.08 -34.01 -36.86
C ALA C 631 2.37 -34.67 -35.68
N PHE C 632 2.03 -35.95 -35.84
CA PHE C 632 1.39 -36.70 -34.77
C PHE C 632 2.42 -37.43 -33.91
N LEU C 633 3.55 -36.78 -33.70
CA LEU C 633 4.63 -37.35 -32.89
C LEU C 633 5.53 -36.27 -32.32
N VAL C 634 5.83 -35.26 -33.14
CA VAL C 634 6.69 -34.16 -32.72
C VAL C 634 5.97 -33.25 -31.72
N LEU C 635 4.66 -33.10 -31.91
CA LEU C 635 3.86 -32.26 -31.04
C LEU C 635 3.34 -33.06 -29.84
N ASP C 636 2.25 -32.60 -29.24
CA ASP C 636 1.68 -33.27 -28.07
C ASP C 636 0.21 -32.92 -27.85
N ARG C 637 -0.36 -33.46 -26.78
CA ARG C 637 -1.73 -33.19 -26.40
C ARG C 637 -1.90 -31.73 -25.98
N PRO C 638 -3.14 -31.22 -25.97
CA PRO C 638 -3.39 -29.85 -25.50
C PRO C 638 -2.83 -29.61 -24.10
N GLU C 639 -2.08 -28.51 -23.96
CA GLU C 639 -1.37 -28.21 -22.72
C GLU C 639 -2.31 -28.09 -21.51
N GLU C 640 -2.06 -28.95 -20.51
CA GLU C 640 -2.85 -28.93 -19.29
C GLU C 640 -1.96 -29.16 -18.07
N ARG C 641 -1.42 -28.08 -17.52
CA ARG C 641 -0.54 -28.18 -16.37
C ARG C 641 -0.60 -26.90 -15.52
N ILE C 642 -0.08 -26.99 -14.30
CA ILE C 642 -0.07 -25.85 -13.38
C ILE C 642 1.13 -24.96 -13.64
N THR C 643 0.86 -23.69 -13.92
CA THR C 643 1.92 -22.73 -14.25
C THR C 643 2.47 -22.03 -13.00
N GLY C 644 2.43 -22.71 -11.87
CA GLY C 644 2.94 -22.16 -10.62
C GLY C 644 1.85 -21.72 -9.67
N ILE C 645 2.22 -20.85 -8.73
CA ILE C 645 1.27 -20.36 -7.74
C ILE C 645 0.30 -19.35 -8.35
N ASN C 646 0.65 -18.83 -9.52
CA ASN C 646 -0.18 -17.84 -10.20
C ASN C 646 -1.22 -18.49 -11.10
N ASP C 647 -1.36 -19.81 -10.99
CA ASP C 647 -2.33 -20.55 -11.79
C ASP C 647 -3.75 -20.25 -11.32
N PRO C 648 -4.65 -19.99 -12.28
CA PRO C 648 -6.06 -19.66 -12.00
C PRO C 648 -6.80 -20.73 -11.19
N ARG C 649 -6.33 -21.96 -11.25
CA ARG C 649 -6.96 -23.06 -10.52
C ARG C 649 -6.63 -23.00 -9.03
N LEU C 650 -5.68 -22.15 -8.67
CA LEU C 650 -5.31 -21.98 -7.27
C LEU C 650 -5.76 -20.62 -6.74
N ARG C 651 -5.81 -19.63 -7.63
CA ARG C 651 -6.27 -18.30 -7.26
C ARG C 651 -7.73 -18.32 -6.83
N ASN C 652 -8.57 -18.95 -7.65
CA ASN C 652 -9.97 -19.13 -7.32
C ASN C 652 -10.34 -20.61 -7.34
N PRO C 653 -9.94 -21.34 -6.29
CA PRO C 653 -10.15 -22.79 -6.23
C PRO C 653 -11.60 -23.18 -6.04
N SER C 654 -11.92 -24.44 -6.30
CA SER C 654 -13.28 -24.95 -6.14
C SER C 654 -13.26 -26.38 -5.63
N ASP C 655 -14.36 -27.09 -5.83
CA ASP C 655 -14.46 -28.49 -5.42
C ASP C 655 -13.84 -29.41 -6.48
N LYS C 656 -13.50 -28.83 -7.62
CA LYS C 656 -12.89 -29.58 -8.72
C LYS C 656 -11.39 -29.73 -8.52
N PHE C 657 -10.73 -28.62 -8.19
CA PHE C 657 -9.28 -28.62 -7.97
C PHE C 657 -8.97 -28.47 -6.49
N ILE C 658 -8.59 -29.57 -5.84
CA ILE C 658 -8.28 -29.57 -4.42
C ILE C 658 -6.78 -29.65 -4.17
N TYR C 659 -6.23 -28.61 -3.55
CA TYR C 659 -4.81 -28.58 -3.22
C TYR C 659 -4.59 -28.16 -1.77
N ALA C 660 -3.48 -28.60 -1.19
CA ALA C 660 -3.16 -28.27 0.20
C ALA C 660 -1.67 -28.46 0.48
N THR C 661 -1.32 -28.47 1.76
CA THR C 661 0.05 -28.69 2.18
C THR C 661 0.08 -29.42 3.52
N VAL C 662 1.26 -29.46 4.14
CA VAL C 662 1.40 -30.09 5.45
C VAL C 662 0.85 -29.18 6.54
N LYS C 663 -0.07 -29.71 7.33
CA LYS C 663 -0.65 -28.96 8.45
C LYS C 663 0.42 -28.56 9.44
N GLN C 664 0.37 -27.30 9.88
CA GLN C 664 1.36 -26.75 10.80
C GLN C 664 2.77 -26.86 10.23
N SER C 665 3.00 -26.18 9.11
CA SER C 665 4.31 -26.18 8.47
C SER C 665 4.69 -24.78 8.01
N SER C 666 5.84 -24.65 7.35
CA SER C 666 6.32 -23.35 6.90
C SER C 666 5.44 -22.78 5.79
N VAL C 667 4.90 -23.67 4.97
CA VAL C 667 3.97 -23.26 3.91
C VAL C 667 2.69 -22.72 4.53
N ASP C 668 2.25 -23.37 5.60
CA ASP C 668 1.06 -22.96 6.33
C ASP C 668 1.25 -21.55 6.89
N ILE C 669 2.43 -21.29 7.45
CA ILE C 669 2.78 -19.97 7.97
C ILE C 669 2.81 -18.93 6.85
N TYR C 670 3.43 -19.32 5.73
CA TYR C 670 3.54 -18.43 4.57
C TYR C 670 2.17 -17.99 4.07
N PHE C 671 1.26 -18.95 3.95
CA PHE C 671 -0.09 -18.65 3.47
C PHE C 671 -0.93 -17.96 4.55
N ARG C 672 -0.51 -18.11 5.81
CA ARG C 672 -1.24 -17.52 6.92
C ARG C 672 -1.08 -16.00 6.97
N ARG C 673 0.13 -15.56 7.30
CA ARG C 673 0.40 -14.14 7.49
C ARG C 673 0.55 -13.38 6.17
N GLN C 674 -0.56 -13.28 5.43
CA GLN C 674 -0.59 -12.50 4.19
C GLN C 674 -2.03 -12.24 3.76
N VAL C 675 -2.32 -11.01 3.37
CA VAL C 675 -3.68 -10.61 3.03
C VAL C 675 -4.10 -11.08 1.64
N GLU C 676 -3.17 -11.08 0.69
CA GLU C 676 -3.48 -11.47 -0.68
C GLU C 676 -3.47 -12.98 -0.84
N LEU C 677 -3.09 -13.68 0.23
CA LEU C 677 -3.10 -15.15 0.23
C LEU C 677 -4.19 -15.67 1.16
N SER C 678 -5.21 -14.85 1.38
CA SER C 678 -6.30 -15.21 2.30
C SER C 678 -7.17 -16.34 1.75
N THR C 679 -7.55 -16.22 0.48
CA THR C 679 -8.41 -17.23 -0.16
C THR C 679 -7.72 -18.58 -0.23
N MET C 680 -6.47 -18.58 -0.69
CA MET C 680 -5.69 -19.80 -0.79
C MET C 680 -5.52 -20.47 0.56
N TYR C 681 -5.25 -19.67 1.59
CA TYR C 681 -5.10 -20.20 2.94
C TYR C 681 -6.40 -20.80 3.44
N ARG C 682 -7.51 -20.11 3.19
CA ARG C 682 -8.83 -20.58 3.58
C ARG C 682 -9.17 -21.88 2.88
N HIS C 683 -8.66 -22.06 1.67
CA HIS C 683 -8.90 -23.27 0.90
C HIS C 683 -8.05 -24.43 1.40
N MET C 684 -6.77 -24.17 1.65
CA MET C 684 -5.85 -25.20 2.08
C MET C 684 -6.14 -25.67 3.51
N GLU C 685 -6.69 -24.77 4.32
CA GLU C 685 -6.92 -25.06 5.73
C GLU C 685 -8.02 -26.11 5.97
N LYS C 686 -8.48 -26.75 4.89
CA LYS C 686 -9.52 -27.76 5.01
C LYS C 686 -9.08 -29.09 4.38
N HIS C 687 -7.86 -29.13 3.85
CA HIS C 687 -7.37 -30.34 3.19
C HIS C 687 -5.93 -30.68 3.58
N ASN C 688 -5.38 -29.93 4.53
CA ASN C 688 -3.99 -30.14 4.95
C ASN C 688 -3.78 -31.47 5.66
N TYR C 689 -2.65 -32.10 5.39
CA TYR C 689 -2.30 -33.38 6.01
C TYR C 689 -1.28 -33.20 7.13
N GLU C 690 -1.25 -34.17 8.05
CA GLU C 690 -0.37 -34.10 9.21
C GLU C 690 1.10 -34.25 8.82
N SER C 691 1.36 -35.10 7.83
CA SER C 691 2.73 -35.32 7.38
C SER C 691 2.87 -35.15 5.87
N ALA C 692 4.10 -35.04 5.40
CA ALA C 692 4.36 -34.88 3.98
C ALA C 692 4.12 -36.18 3.23
N ALA C 693 4.38 -37.29 3.91
CA ALA C 693 4.21 -38.62 3.31
C ALA C 693 2.77 -38.88 2.90
N GLU C 694 1.84 -38.53 3.78
CA GLU C 694 0.42 -38.73 3.51
C GLU C 694 -0.04 -37.84 2.35
N ALA C 695 0.55 -36.66 2.25
CA ALA C 695 0.21 -35.71 1.19
C ALA C 695 0.71 -36.20 -0.17
N ILE C 696 1.95 -36.66 -0.19
CA ILE C 696 2.54 -37.22 -1.41
C ILE C 696 1.76 -38.46 -1.85
N GLN C 697 1.40 -39.29 -0.87
CA GLN C 697 0.62 -40.49 -1.14
C GLN C 697 -0.78 -40.13 -1.64
N ALA C 698 -1.27 -38.97 -1.19
CA ALA C 698 -2.58 -38.49 -1.61
C ALA C 698 -2.54 -38.01 -3.06
N VAL C 699 -1.54 -37.22 -3.41
CA VAL C 699 -1.41 -36.69 -4.76
C VAL C 699 -0.98 -37.80 -5.72
N ARG C 700 -0.47 -38.91 -5.17
CA ARG C 700 -0.08 -40.05 -5.97
C ARG C 700 -1.27 -40.95 -6.26
N ASP C 701 -2.21 -41.00 -5.32
CA ASP C 701 -3.41 -41.82 -5.47
C ASP C 701 -4.58 -41.00 -6.01
N ASN C 702 -4.25 -39.90 -6.69
CA ASN C 702 -5.25 -39.01 -7.28
C ASN C 702 -6.28 -38.49 -6.28
N LYS C 703 -5.84 -38.23 -5.06
CA LYS C 703 -6.71 -37.64 -4.05
C LYS C 703 -6.57 -36.12 -4.06
N LEU C 704 -5.34 -35.66 -4.20
CA LEU C 704 -5.06 -34.22 -4.31
C LEU C 704 -4.86 -33.83 -5.76
N HIS C 705 -5.07 -32.55 -6.06
CA HIS C 705 -4.81 -32.03 -7.40
C HIS C 705 -3.43 -31.37 -7.44
N ALA C 706 -2.94 -31.00 -6.26
CA ALA C 706 -1.64 -30.36 -6.13
C ALA C 706 -1.16 -30.41 -4.68
N PHE C 707 0.14 -30.18 -4.46
CA PHE C 707 0.68 -30.19 -3.11
C PHE C 707 1.90 -29.26 -2.97
N ILE C 708 1.69 -28.14 -2.29
CA ILE C 708 2.75 -27.16 -2.06
C ILE C 708 3.76 -27.65 -1.04
N TRP C 709 5.04 -27.69 -1.42
CA TRP C 709 6.09 -28.12 -0.48
C TRP C 709 7.48 -27.72 -0.97
N ASP C 710 8.50 -28.08 -0.19
CA ASP C 710 9.88 -27.76 -0.50
C ASP C 710 10.34 -28.38 -1.82
N SER C 711 11.12 -27.62 -2.58
CA SER C 711 11.66 -28.09 -3.86
C SER C 711 12.63 -29.24 -3.65
N ALA C 712 13.38 -29.17 -2.55
CA ALA C 712 14.36 -30.21 -2.23
C ALA C 712 13.69 -31.55 -1.94
N VAL C 713 12.38 -31.51 -1.71
CA VAL C 713 11.61 -32.72 -1.46
C VAL C 713 10.80 -33.13 -2.68
N LEU C 714 10.10 -32.15 -3.26
CA LEU C 714 9.21 -32.42 -4.39
C LEU C 714 9.99 -32.81 -5.65
N GLU C 715 11.16 -32.20 -5.86
CA GLU C 715 12.00 -32.56 -6.99
C GLU C 715 12.70 -33.89 -6.74
N PHE C 716 12.74 -34.29 -5.47
CA PHE C 716 13.28 -35.60 -5.12
C PHE C 716 12.24 -36.68 -5.36
N GLU C 717 10.98 -36.32 -5.17
CA GLU C 717 9.88 -37.26 -5.43
C GLU C 717 9.63 -37.40 -6.92
N ALA C 718 10.18 -36.47 -7.70
CA ALA C 718 10.11 -36.54 -9.16
C ALA C 718 11.33 -37.29 -9.69
N SER C 719 12.20 -37.70 -8.77
CA SER C 719 13.40 -38.43 -9.13
C SER C 719 13.30 -39.89 -8.72
N GLN C 720 12.35 -40.19 -7.83
CA GLN C 720 12.11 -41.56 -7.37
C GLN C 720 10.71 -42.01 -7.74
N LYS C 721 10.05 -41.23 -8.58
CA LYS C 721 8.70 -41.54 -9.05
C LYS C 721 8.38 -40.77 -10.32
N CYS C 722 8.11 -41.51 -11.40
CA CYS C 722 7.88 -40.89 -12.70
C CYS C 722 6.46 -40.36 -12.85
N ASP C 723 5.58 -40.74 -11.93
CA ASP C 723 4.18 -40.33 -11.99
C ASP C 723 3.95 -39.00 -11.28
N LEU C 724 4.97 -38.52 -10.57
CA LEU C 724 4.87 -37.26 -9.84
C LEU C 724 5.81 -36.20 -10.43
N VAL C 725 5.24 -35.09 -10.86
CA VAL C 725 6.02 -34.02 -11.48
C VAL C 725 5.79 -32.68 -10.78
N THR C 726 6.88 -31.96 -10.51
CA THR C 726 6.79 -30.64 -9.91
C THR C 726 6.17 -29.65 -10.90
N THR C 727 5.69 -28.52 -10.38
CA THR C 727 5.05 -27.51 -11.21
C THR C 727 6.08 -26.69 -12.00
N GLY C 728 5.62 -25.59 -12.57
CA GLY C 728 6.47 -24.75 -13.41
C GLY C 728 7.29 -23.74 -12.63
N GLU C 729 6.60 -22.78 -12.02
CA GLU C 729 7.28 -21.69 -11.32
C GLU C 729 7.80 -22.10 -9.95
N LEU C 730 8.51 -21.17 -9.30
CA LEU C 730 9.08 -21.40 -7.98
C LEU C 730 9.02 -20.13 -7.14
N PHE C 731 8.50 -20.25 -5.94
CA PHE C 731 8.38 -19.09 -5.05
C PHE C 731 8.95 -19.37 -3.66
N PHE C 732 9.10 -18.31 -2.87
CA PHE C 732 9.64 -18.39 -1.51
C PHE C 732 11.01 -19.05 -1.48
N ARG C 733 11.99 -18.38 -2.08
CA ARG C 733 13.36 -18.88 -2.11
C ARG C 733 14.04 -18.67 -0.76
N SER C 734 13.76 -19.57 0.18
CA SER C 734 14.31 -19.46 1.53
C SER C 734 15.53 -20.35 1.71
N GLY C 735 15.42 -21.33 2.60
CA GLY C 735 16.51 -22.24 2.87
C GLY C 735 16.33 -22.99 4.18
N PHE C 736 17.05 -24.09 4.33
CA PHE C 736 16.97 -24.91 5.55
C PHE C 736 18.16 -24.61 6.45
N GLY C 737 17.90 -24.48 7.75
CA GLY C 737 18.95 -24.17 8.70
C GLY C 737 18.93 -25.03 9.95
N ILE C 738 19.93 -24.84 10.81
CA ILE C 738 20.02 -25.59 12.05
C ILE C 738 19.33 -24.83 13.19
N GLY C 739 18.39 -25.49 13.86
CA GLY C 739 17.64 -24.87 14.94
C GLY C 739 18.49 -24.60 16.17
N MET C 740 18.51 -23.35 16.60
CA MET C 740 19.30 -22.94 17.76
C MET C 740 18.47 -22.20 18.79
N ARG C 741 18.56 -22.65 20.04
CA ARG C 741 17.82 -22.03 21.13
C ARG C 741 18.42 -20.68 21.52
N LYS C 742 17.72 -19.60 21.14
CA LYS C 742 18.14 -18.24 21.45
C LYS C 742 19.54 -17.93 20.96
N ASP C 743 20.21 -16.98 21.62
CA ASP C 743 21.56 -16.58 21.23
C ASP C 743 22.60 -17.49 21.89
N SER C 744 23.18 -18.38 21.09
CA SER C 744 24.18 -19.32 21.60
C SER C 744 25.41 -19.34 20.69
N PRO C 745 26.60 -19.51 21.28
CA PRO C 745 27.84 -19.59 20.51
C PRO C 745 27.87 -20.81 19.58
N TRP C 746 27.10 -21.83 19.93
CA TRP C 746 26.97 -23.02 19.10
C TRP C 746 26.35 -22.68 17.75
N LYS C 747 25.56 -21.61 17.71
CA LYS C 747 24.98 -21.14 16.46
C LYS C 747 26.07 -20.61 15.54
N GLN C 748 26.99 -19.84 16.10
CA GLN C 748 28.11 -19.30 15.35
C GLN C 748 29.04 -20.41 14.89
N GLN C 749 29.29 -21.38 15.78
CA GLN C 749 30.14 -22.52 15.47
C GLN C 749 29.56 -23.34 14.32
N VAL C 750 28.29 -23.72 14.45
CA VAL C 750 27.60 -24.51 13.42
C VAL C 750 27.55 -23.74 12.11
N SER C 751 27.22 -22.45 12.17
CA SER C 751 27.14 -21.62 10.96
C SER C 751 28.49 -21.56 10.25
N LEU C 752 29.56 -21.40 11.02
CA LEU C 752 30.91 -21.37 10.46
C LEU C 752 31.26 -22.72 9.85
N SER C 753 30.78 -23.80 10.47
CA SER C 753 31.03 -25.14 9.98
C SER C 753 30.30 -25.41 8.66
N ILE C 754 29.10 -24.86 8.55
CA ILE C 754 28.31 -25.00 7.32
C ILE C 754 28.93 -24.17 6.21
N LEU C 755 29.40 -22.97 6.56
CA LEU C 755 30.10 -22.11 5.60
C LEU C 755 31.35 -22.79 5.08
N LYS C 756 32.09 -23.43 5.99
CA LYS C 756 33.29 -24.17 5.61
C LYS C 756 32.93 -25.43 4.82
N SER C 757 31.73 -25.93 5.04
CA SER C 757 31.24 -27.11 4.32
C SER C 757 30.91 -26.76 2.87
N HIS C 758 30.30 -25.60 2.68
CA HIS C 758 29.99 -25.11 1.34
C HIS C 758 31.25 -24.58 0.66
N GLU C 759 32.25 -24.24 1.46
CA GLU C 759 33.52 -23.72 0.95
C GLU C 759 34.20 -24.75 0.04
N ASN C 760 34.06 -26.02 0.37
CA ASN C 760 34.60 -27.10 -0.45
C ASN C 760 33.49 -27.90 -1.12
N GLY C 761 33.78 -29.17 -1.42
CA GLY C 761 32.80 -30.02 -2.08
C GLY C 761 32.14 -31.02 -1.15
N PHE C 762 31.91 -30.62 0.09
CA PHE C 762 31.26 -31.48 1.08
C PHE C 762 29.78 -31.61 0.77
N MET C 763 29.11 -30.46 0.64
CA MET C 763 27.68 -30.44 0.33
C MET C 763 27.42 -30.95 -1.07
N GLU C 764 28.41 -30.80 -1.95
CA GLU C 764 28.31 -31.32 -3.32
C GLU C 764 28.26 -32.84 -3.30
N ASP C 765 29.10 -33.45 -2.47
CA ASP C 765 29.11 -34.90 -2.32
C ASP C 765 27.88 -35.38 -1.57
N LEU C 766 27.40 -34.56 -0.63
CA LEU C 766 26.19 -34.89 0.12
C LEU C 766 24.96 -34.84 -0.78
N ASP C 767 25.03 -34.01 -1.82
CA ASP C 767 23.93 -33.89 -2.77
C ASP C 767 24.05 -34.97 -3.85
N LYS C 768 25.28 -35.36 -4.17
CA LYS C 768 25.51 -36.35 -5.20
C LYS C 768 25.24 -37.77 -4.69
N THR C 769 25.15 -37.92 -3.39
CA THR C 769 24.93 -39.24 -2.78
C THR C 769 23.54 -39.37 -2.16
N TRP C 770 22.75 -38.31 -2.26
CA TRP C 770 21.39 -38.33 -1.69
C TRP C 770 20.39 -37.64 -2.62
N VAL C 771 20.69 -36.40 -3.00
CA VAL C 771 19.77 -35.62 -3.82
C VAL C 771 19.92 -35.94 -5.31
N ARG C 772 21.15 -35.88 -5.82
CA ARG C 772 21.41 -36.12 -7.23
C ARG C 772 21.29 -37.60 -7.60
N TYR C 773 21.21 -38.45 -6.58
CA TYR C 773 21.05 -39.88 -6.79
C TYR C 773 19.64 -40.21 -7.25
N GLN C 774 19.31 -39.80 -8.48
CA GLN C 774 17.97 -40.02 -9.03
C GLN C 774 17.82 -41.41 -9.62
N GLU C 775 16.70 -42.06 -9.30
CA GLU C 775 16.42 -43.39 -9.81
C GLU C 775 15.62 -43.30 -11.12
N CYS C 776 14.73 -42.33 -11.19
CA CYS C 776 13.91 -42.12 -12.38
C CYS C 776 14.61 -41.17 -13.36
N ASP C 777 13.84 -40.63 -14.30
CA ASP C 777 14.39 -39.72 -15.30
C ASP C 777 13.52 -38.48 -15.45
N SER C 778 13.92 -37.59 -16.35
CA SER C 778 13.16 -36.37 -16.62
C SER C 778 12.63 -36.36 -18.05
N ARG C 779 11.32 -36.26 -18.19
CA ARG C 779 10.69 -36.28 -19.51
C ARG C 779 10.55 -34.88 -20.10
N SER C 780 11.60 -34.07 -19.97
CA SER C 780 11.62 -32.74 -20.57
C SER C 780 11.65 -32.88 -22.09
N ASN C 781 12.40 -33.86 -22.56
CA ASN C 781 12.40 -34.24 -23.98
C ASN C 781 11.40 -35.37 -24.19
N ALA C 782 10.17 -35.02 -24.54
CA ALA C 782 9.06 -35.97 -24.52
C ALA C 782 9.19 -37.12 -25.53
N PRO C 783 9.32 -36.82 -26.84
CA PRO C 783 9.40 -37.99 -27.72
C PRO C 783 10.78 -38.63 -27.74
N ALA C 784 11.01 -39.57 -26.82
CA ALA C 784 12.30 -40.25 -26.71
C ALA C 784 12.53 -41.17 -27.91
N THR C 785 11.71 -42.21 -28.02
CA THR C 785 11.83 -43.17 -29.11
C THR C 785 10.46 -43.65 -29.58
N LEU C 786 10.42 -44.28 -30.75
CA LEU C 786 9.17 -44.79 -31.31
C LEU C 786 8.66 -45.97 -30.49
N THR C 787 7.35 -45.99 -30.25
CA THR C 787 6.73 -47.07 -29.48
C THR C 787 6.81 -48.39 -30.23
N CYS C 788 7.21 -49.44 -29.52
CA CYS C 788 7.34 -50.77 -30.11
C CYS C 788 5.98 -51.42 -30.29
N GLU C 789 4.97 -50.87 -29.62
CA GLU C 789 3.61 -51.40 -29.71
C GLU C 789 3.02 -51.19 -31.11
N ASN C 790 3.27 -50.00 -31.67
CA ASN C 790 2.80 -49.69 -33.02
C ASN C 790 3.46 -50.57 -34.06
N MET C 791 4.76 -50.81 -33.89
CA MET C 791 5.50 -51.69 -34.78
C MET C 791 5.04 -53.14 -34.62
N ALA C 792 4.59 -53.48 -33.42
CA ALA C 792 4.07 -54.80 -33.14
C ALA C 792 2.72 -55.01 -33.82
N GLY C 793 1.90 -53.96 -33.80
CA GLY C 793 0.61 -54.00 -34.46
C GLY C 793 0.77 -54.05 -35.97
N VAL C 794 1.74 -53.29 -36.47
CA VAL C 794 2.04 -53.28 -37.90
C VAL C 794 2.57 -54.64 -38.35
N PHE C 795 3.39 -55.25 -37.51
CA PHE C 795 3.94 -56.58 -37.79
C PHE C 795 2.85 -57.63 -37.75
N MET C 796 1.90 -57.47 -36.83
CA MET C 796 0.79 -58.40 -36.70
C MET C 796 -0.14 -58.32 -37.91
N LEU C 797 -0.41 -57.09 -38.36
CA LEU C 797 -1.26 -56.88 -39.53
C LEU C 797 -0.59 -57.38 -40.80
N VAL C 798 0.71 -57.10 -40.92
CA VAL C 798 1.47 -57.52 -42.10
C VAL C 798 1.58 -59.03 -42.18
N ALA C 799 1.91 -59.67 -41.06
CA ALA C 799 2.03 -61.12 -41.01
C ALA C 799 0.67 -61.79 -41.18
N GLY C 800 -0.38 -61.10 -40.73
CA GLY C 800 -1.74 -61.61 -40.88
C GLY C 800 -2.16 -61.60 -42.34
N GLY C 801 -1.94 -60.47 -43.01
CA GLY C 801 -2.26 -60.35 -44.42
C GLY C 801 -1.41 -61.27 -45.28
N ILE C 802 -0.16 -61.48 -44.85
CA ILE C 802 0.75 -62.37 -45.56
C ILE C 802 0.34 -63.83 -45.38
N VAL C 803 -0.21 -64.14 -44.21
CA VAL C 803 -0.67 -65.50 -43.93
C VAL C 803 -1.94 -65.80 -44.71
N ALA C 804 -2.89 -64.86 -44.68
CA ALA C 804 -4.13 -65.00 -45.44
C ALA C 804 -3.85 -65.05 -46.93
N GLY C 805 -2.85 -64.29 -47.36
CA GLY C 805 -2.44 -64.28 -48.75
C GLY C 805 -1.76 -65.57 -49.15
N ILE C 806 -1.02 -66.15 -48.23
CA ILE C 806 -0.33 -67.42 -48.48
C ILE C 806 -1.28 -68.59 -48.34
N PHE C 807 -2.47 -68.32 -47.82
CA PHE C 807 -3.48 -69.37 -47.65
C PHE C 807 -4.59 -69.27 -48.70
N LEU C 808 -4.67 -68.12 -49.37
CA LEU C 808 -5.71 -67.90 -50.36
C LEU C 808 -5.14 -67.54 -51.73
N ILE C 809 -4.32 -66.50 -51.77
CA ILE C 809 -3.76 -66.00 -53.03
C ILE C 809 -2.65 -66.90 -53.56
N PHE C 810 -2.24 -67.88 -52.76
CA PHE C 810 -1.18 -68.81 -53.16
C PHE C 810 -1.69 -69.76 -54.24
N ILE C 811 -2.82 -70.41 -53.96
CA ILE C 811 -3.40 -71.36 -54.91
C ILE C 811 -4.82 -70.94 -55.29
N PRO D 6 -35.49 -26.82 61.43
CA PRO D 6 -34.20 -26.45 60.86
C PRO D 6 -33.72 -25.10 61.36
N PRO D 7 -32.38 -24.94 61.49
CA PRO D 7 -31.80 -23.72 62.06
C PRO D 7 -31.88 -22.56 61.09
N SER D 8 -31.81 -21.33 61.60
CA SER D 8 -32.06 -20.16 60.76
C SER D 8 -30.80 -19.32 60.57
N ILE D 9 -30.54 -18.95 59.31
CA ILE D 9 -29.45 -18.06 58.98
C ILE D 9 -29.97 -16.67 58.64
N GLY D 10 -29.27 -15.64 59.10
CA GLY D 10 -29.64 -14.27 58.83
C GLY D 10 -29.17 -13.81 57.46
N ILE D 11 -30.12 -13.36 56.64
CA ILE D 11 -29.80 -12.80 55.34
C ILE D 11 -30.28 -11.35 55.25
N ALA D 12 -29.35 -10.41 55.37
CA ALA D 12 -29.67 -9.00 55.24
C ALA D 12 -29.90 -8.63 53.78
N VAL D 13 -31.00 -7.94 53.51
CA VAL D 13 -31.27 -7.44 52.18
C VAL D 13 -31.30 -5.92 52.17
N ILE D 14 -30.28 -5.32 51.55
CA ILE D 14 -30.13 -3.88 51.58
C ILE D 14 -30.64 -3.25 50.29
N LEU D 15 -31.69 -2.42 50.42
CA LEU D 15 -32.26 -1.76 49.26
C LEU D 15 -31.97 -0.26 49.26
N VAL D 16 -31.30 0.21 48.21
CA VAL D 16 -30.97 1.62 48.07
C VAL D 16 -31.83 2.26 47.00
N GLY D 17 -32.49 3.37 47.34
CA GLY D 17 -33.32 4.08 46.39
C GLY D 17 -34.74 3.53 46.44
N THR D 18 -35.66 4.23 45.79
CA THR D 18 -37.08 3.83 45.81
C THR D 18 -37.26 2.37 45.43
N SER D 19 -37.80 1.60 46.36
CA SER D 19 -38.01 0.16 46.17
C SER D 19 -39.34 -0.27 46.79
N ASP D 20 -39.99 -1.26 46.18
CA ASP D 20 -41.21 -1.79 46.74
C ASP D 20 -40.92 -2.95 47.69
N GLU D 21 -40.88 -2.64 48.98
CA GLU D 21 -40.57 -3.63 50.00
C GLU D 21 -41.69 -4.65 50.15
N VAL D 22 -42.92 -4.20 49.92
CA VAL D 22 -44.08 -5.07 49.97
C VAL D 22 -44.00 -6.19 48.94
N ALA D 23 -43.82 -5.81 47.68
CA ALA D 23 -43.71 -6.78 46.59
C ALA D 23 -42.51 -7.72 46.78
N ILE D 24 -41.42 -7.18 47.30
CA ILE D 24 -40.22 -7.98 47.60
C ILE D 24 -40.49 -9.03 48.66
N LYS D 25 -40.96 -8.60 49.83
CA LYS D 25 -41.17 -9.51 50.95
C LYS D 25 -42.30 -10.49 50.66
N ASP D 26 -43.25 -10.07 49.82
CA ASP D 26 -44.26 -10.98 49.29
C ASP D 26 -43.64 -12.01 48.37
N ALA D 27 -42.65 -11.60 47.58
CA ALA D 27 -41.99 -12.52 46.66
C ALA D 27 -40.77 -13.17 47.29
N HIS D 28 -40.69 -13.11 48.62
CA HIS D 28 -39.57 -13.70 49.34
C HIS D 28 -40.03 -14.57 50.51
N GLU D 29 -41.22 -14.29 51.03
CA GLU D 29 -41.72 -15.03 52.18
C GLU D 29 -42.83 -16.01 51.81
N LYS D 30 -43.36 -15.87 50.59
CA LYS D 30 -44.44 -16.74 50.12
C LYS D 30 -43.95 -18.16 49.86
N ASP D 31 -43.01 -18.28 48.93
CA ASP D 31 -42.47 -19.58 48.55
C ASP D 31 -41.62 -20.19 49.66
N ASP D 32 -42.28 -20.84 50.62
CA ASP D 32 -41.59 -21.48 51.72
C ASP D 32 -40.81 -22.69 51.22
N PHE D 33 -39.51 -22.72 51.49
CA PHE D 33 -38.65 -23.80 51.01
C PHE D 33 -38.36 -24.82 52.11
N HIS D 34 -38.77 -26.06 51.85
CA HIS D 34 -38.52 -27.15 52.79
C HIS D 34 -37.62 -28.20 52.16
N HIS D 35 -37.11 -27.91 50.97
CA HIS D 35 -36.20 -28.80 50.26
C HIS D 35 -34.76 -28.48 50.63
N LEU D 36 -34.59 -27.62 51.62
CA LEU D 36 -33.25 -27.20 52.06
C LEU D 36 -33.00 -27.60 53.51
N SER D 37 -31.74 -27.89 53.81
CA SER D 37 -31.34 -28.37 55.13
C SER D 37 -31.33 -27.22 56.13
N VAL D 38 -31.45 -26.00 55.62
CA VAL D 38 -31.43 -24.80 56.44
C VAL D 38 -32.45 -23.81 55.87
N VAL D 39 -33.01 -22.96 56.73
CA VAL D 39 -34.09 -22.07 56.31
C VAL D 39 -33.71 -20.62 56.58
N PRO D 40 -34.01 -19.73 55.62
CA PRO D 40 -33.65 -18.31 55.71
C PRO D 40 -34.49 -17.50 56.68
N ARG D 41 -33.84 -16.69 57.51
CA ARG D 41 -34.53 -15.68 58.29
C ARG D 41 -34.13 -14.31 57.75
N VAL D 42 -34.83 -13.90 56.69
CA VAL D 42 -34.62 -12.62 56.03
C VAL D 42 -34.89 -11.42 56.93
N GLU D 43 -34.17 -10.32 56.68
CA GLU D 43 -34.48 -9.04 57.31
C GLU D 43 -34.13 -7.90 56.36
N LEU D 44 -35.15 -7.26 55.80
CA LEU D 44 -34.95 -6.11 54.92
C LEU D 44 -34.46 -4.87 55.66
N VAL D 45 -33.38 -4.27 55.16
CA VAL D 45 -32.88 -3.01 55.70
C VAL D 45 -32.76 -1.98 54.59
N ALA D 46 -33.23 -0.76 54.85
CA ALA D 46 -33.04 0.32 53.89
C ALA D 46 -31.71 1.02 54.12
N MET D 47 -31.25 1.76 53.12
CA MET D 47 -30.05 2.56 53.25
C MET D 47 -30.10 3.79 52.34
N ASN D 48 -29.69 4.95 52.86
CA ASN D 48 -29.87 6.22 52.16
C ASN D 48 -28.64 6.59 51.34
N GLU D 49 -27.45 6.34 51.89
CA GLU D 49 -26.22 6.78 51.24
C GLU D 49 -25.43 5.57 50.73
N THR D 50 -24.57 5.82 49.75
CA THR D 50 -23.78 4.76 49.12
C THR D 50 -22.30 5.10 49.04
N ASP D 51 -21.85 6.04 49.85
CA ASP D 51 -20.43 6.25 50.06
C ASP D 51 -19.80 5.09 50.84
N PRO D 52 -18.45 5.00 50.88
CA PRO D 52 -17.80 3.86 51.54
C PRO D 52 -18.05 3.76 53.05
N LYS D 53 -18.05 4.89 53.74
CA LYS D 53 -18.27 4.89 55.18
C LYS D 53 -19.70 4.47 55.54
N SER D 54 -20.66 4.95 54.77
CA SER D 54 -22.06 4.58 55.01
C SER D 54 -22.28 3.07 54.83
N ILE D 55 -21.79 2.53 53.72
CA ILE D 55 -21.99 1.12 53.42
C ILE D 55 -21.23 0.20 54.38
N ILE D 56 -19.96 0.53 54.62
CA ILE D 56 -19.16 -0.23 55.59
C ILE D 56 -19.79 -0.21 56.98
N THR D 57 -20.16 0.98 57.45
CA THR D 57 -20.76 1.10 58.78
C THR D 57 -22.07 0.33 58.86
N ARG D 58 -22.94 0.54 57.87
CA ARG D 58 -24.24 -0.11 57.88
C ARG D 58 -24.16 -1.63 57.83
N ILE D 59 -23.19 -2.14 57.06
CA ILE D 59 -23.01 -3.59 56.99
C ILE D 59 -22.40 -4.16 58.27
N CYS D 60 -21.38 -3.50 58.81
CA CYS D 60 -20.77 -3.97 60.05
C CYS D 60 -21.72 -3.90 61.24
N ASP D 61 -22.63 -2.92 61.21
CA ASP D 61 -23.64 -2.81 62.25
C ASP D 61 -24.69 -3.89 62.07
N LEU D 62 -25.19 -4.05 60.85
CA LEU D 62 -26.16 -5.11 60.57
C LEU D 62 -25.57 -6.44 61.05
N MET D 63 -24.27 -6.60 60.84
CA MET D 63 -23.58 -7.84 61.18
C MET D 63 -23.33 -7.94 62.68
N SER D 64 -23.38 -6.80 63.36
CA SER D 64 -23.11 -6.79 64.79
C SER D 64 -24.41 -6.82 65.62
N ASP D 65 -25.53 -6.67 64.93
CA ASP D 65 -26.84 -6.77 65.58
C ASP D 65 -27.36 -8.20 65.48
N ARG D 66 -27.55 -8.65 64.24
CA ARG D 66 -28.05 -9.99 63.97
C ARG D 66 -26.89 -10.91 63.59
N LYS D 67 -27.18 -12.18 63.40
CA LYS D 67 -26.19 -13.11 62.85
C LYS D 67 -26.40 -13.26 61.36
N ILE D 68 -25.86 -12.30 60.61
CA ILE D 68 -25.95 -12.32 59.15
C ILE D 68 -24.99 -13.34 58.56
N GLN D 69 -25.55 -14.28 57.79
CA GLN D 69 -24.76 -15.33 57.16
C GLN D 69 -24.38 -14.90 55.75
N GLY D 70 -25.26 -14.12 55.13
CA GLY D 70 -25.05 -13.64 53.78
C GLY D 70 -25.70 -12.28 53.62
N VAL D 71 -25.41 -11.61 52.51
CA VAL D 71 -25.95 -10.28 52.28
C VAL D 71 -26.42 -10.12 50.84
N VAL D 72 -27.65 -9.66 50.65
CA VAL D 72 -28.15 -9.38 49.32
C VAL D 72 -28.25 -7.86 49.14
N PHE D 73 -27.57 -7.35 48.14
CA PHE D 73 -27.43 -5.91 47.94
C PHE D 73 -27.98 -5.44 46.59
N ALA D 74 -28.90 -4.48 46.66
CA ALA D 74 -29.45 -3.84 45.48
C ALA D 74 -29.35 -2.33 45.67
N ASP D 75 -29.00 -1.61 44.61
CA ASP D 75 -29.08 -0.15 44.65
C ASP D 75 -29.61 0.46 43.37
N ASP D 76 -30.03 1.71 43.45
CA ASP D 76 -30.61 2.41 42.31
C ASP D 76 -29.63 3.36 41.65
N THR D 77 -28.33 3.08 41.76
CA THR D 77 -27.32 3.99 41.26
C THR D 77 -26.50 3.38 40.14
N ASP D 78 -25.55 4.15 39.61
CA ASP D 78 -24.64 3.68 38.59
C ASP D 78 -23.20 3.64 39.09
N GLN D 79 -23.02 3.47 40.39
CA GLN D 79 -21.71 3.53 41.01
C GLN D 79 -21.04 2.17 41.23
N GLU D 80 -20.17 1.77 40.31
CA GLU D 80 -19.49 0.49 40.37
C GLU D 80 -18.60 0.43 41.63
N ALA D 81 -18.21 1.61 42.10
CA ALA D 81 -17.49 1.70 43.35
C ALA D 81 -18.25 0.95 44.44
N ILE D 82 -19.58 0.93 44.36
CA ILE D 82 -20.35 0.20 45.35
C ILE D 82 -19.94 -1.26 45.31
N ALA D 83 -19.87 -1.80 44.09
CA ALA D 83 -19.42 -3.18 43.85
C ALA D 83 -18.06 -3.44 44.49
N GLN D 84 -17.14 -2.50 44.33
CA GLN D 84 -15.79 -2.73 44.83
C GLN D 84 -15.73 -2.63 46.35
N ILE D 85 -16.49 -1.69 46.90
CA ILE D 85 -16.66 -1.53 48.34
C ILE D 85 -17.17 -2.84 48.93
N LEU D 86 -18.23 -3.37 48.32
CA LEU D 86 -18.85 -4.59 48.81
C LEU D 86 -17.84 -5.71 48.75
N ASP D 87 -17.13 -5.82 47.63
CA ASP D 87 -16.12 -6.86 47.46
C ASP D 87 -15.08 -6.82 48.58
N PHE D 88 -14.63 -5.61 48.88
CA PHE D 88 -13.68 -5.38 49.96
C PHE D 88 -14.23 -5.81 51.31
N ILE D 89 -15.47 -5.43 51.61
CA ILE D 89 -16.11 -5.82 52.86
C ILE D 89 -16.19 -7.34 52.96
N SER D 90 -16.60 -7.95 51.85
CA SER D 90 -16.81 -9.39 51.77
C SER D 90 -15.52 -10.14 51.99
N ALA D 91 -14.42 -9.57 51.48
CA ALA D 91 -13.12 -10.22 51.58
C ALA D 91 -12.53 -10.03 52.97
N GLN D 92 -12.74 -8.85 53.54
CA GLN D 92 -12.27 -8.55 54.88
C GLN D 92 -12.99 -9.37 55.95
N THR D 93 -14.27 -9.64 55.74
CA THR D 93 -15.08 -10.29 56.77
C THR D 93 -15.50 -11.69 56.39
N LEU D 94 -15.09 -12.14 55.21
CA LEU D 94 -15.42 -13.48 54.72
C LEU D 94 -16.93 -13.71 54.87
N THR D 95 -17.69 -12.82 54.26
CA THR D 95 -19.14 -12.92 54.22
C THR D 95 -19.59 -12.91 52.76
N PRO D 96 -20.54 -13.78 52.42
CA PRO D 96 -21.10 -13.69 51.07
C PRO D 96 -21.88 -12.40 50.83
N ILE D 97 -21.69 -11.82 49.65
CA ILE D 97 -22.45 -10.64 49.24
C ILE D 97 -22.86 -10.81 47.78
N LEU D 98 -24.12 -10.54 47.50
CA LEU D 98 -24.64 -10.61 46.13
C LEU D 98 -25.06 -9.24 45.63
N GLY D 99 -24.34 -8.72 44.64
CA GLY D 99 -24.75 -7.48 43.99
C GLY D 99 -25.75 -7.82 42.89
N ILE D 100 -27.03 -7.60 43.18
CA ILE D 100 -28.09 -8.04 42.27
C ILE D 100 -28.62 -6.95 41.37
N HIS D 101 -28.24 -5.69 41.62
CA HIS D 101 -28.86 -4.57 40.93
C HIS D 101 -28.17 -3.25 41.21
N GLY D 102 -27.86 -2.51 40.14
CA GLY D 102 -27.28 -1.20 40.24
C GLY D 102 -25.78 -1.17 40.05
N GLY D 103 -25.12 -0.18 40.64
CA GLY D 103 -23.67 -0.14 40.69
C GLY D 103 -23.11 -1.38 41.36
N SER D 104 -23.86 -1.91 42.33
CA SER D 104 -23.42 -3.08 43.06
C SER D 104 -23.26 -4.26 42.12
N SER D 105 -23.96 -4.21 40.99
CA SER D 105 -23.92 -5.31 40.03
C SER D 105 -23.08 -4.99 38.81
N MET D 106 -22.52 -3.77 38.76
CA MET D 106 -21.60 -3.43 37.68
C MET D 106 -20.35 -4.29 37.81
N ILE D 107 -20.06 -5.05 36.76
CA ILE D 107 -19.06 -6.11 36.83
C ILE D 107 -17.70 -5.64 37.36
N MET D 108 -17.19 -6.33 38.38
CA MET D 108 -15.86 -6.05 38.89
C MET D 108 -14.87 -7.15 38.51
N ALA D 109 -13.77 -6.77 37.89
CA ALA D 109 -12.77 -7.73 37.45
C ALA D 109 -11.67 -7.88 38.49
N ASP D 110 -11.16 -9.09 38.67
CA ASP D 110 -10.06 -9.35 39.62
C ASP D 110 -10.43 -8.98 41.04
N LYS D 111 -11.50 -9.60 41.54
CA LYS D 111 -11.83 -9.53 42.97
C LYS D 111 -10.78 -10.24 43.81
N ASP D 112 -10.70 -9.87 45.08
CA ASP D 112 -9.72 -10.44 46.01
C ASP D 112 -9.75 -11.96 46.02
N GLU D 113 -8.59 -12.57 46.25
CA GLU D 113 -8.48 -14.01 46.41
C GLU D 113 -9.47 -14.59 47.41
N SER D 114 -9.68 -13.89 48.52
CA SER D 114 -10.57 -14.39 49.57
C SER D 114 -11.94 -13.72 49.53
N SER D 115 -12.29 -13.16 48.38
CA SER D 115 -13.59 -12.53 48.23
C SER D 115 -14.71 -13.57 48.21
N MET D 116 -15.85 -13.23 48.83
CA MET D 116 -17.07 -14.01 48.65
C MET D 116 -18.13 -13.08 48.07
N PHE D 117 -17.75 -12.33 47.04
CA PHE D 117 -18.65 -11.38 46.42
C PHE D 117 -19.05 -11.86 45.03
N PHE D 118 -20.35 -11.94 44.78
CA PHE D 118 -20.85 -12.41 43.50
C PHE D 118 -21.91 -11.47 42.95
N GLN D 119 -21.96 -11.33 41.62
CA GLN D 119 -22.80 -10.33 41.01
C GLN D 119 -23.72 -10.95 39.95
N PHE D 120 -24.96 -10.51 39.92
CA PHE D 120 -25.88 -10.90 38.87
C PHE D 120 -25.59 -10.10 37.61
N GLY D 121 -24.97 -10.75 36.64
CA GLY D 121 -24.63 -10.09 35.39
C GLY D 121 -23.61 -10.90 34.61
N PRO D 122 -23.44 -10.56 33.32
CA PRO D 122 -22.54 -11.27 32.42
C PRO D 122 -21.09 -10.82 32.62
N SER D 123 -20.15 -11.74 32.43
CA SER D 123 -18.74 -11.38 32.50
C SER D 123 -18.38 -10.42 31.38
N ILE D 124 -17.29 -9.69 31.58
CA ILE D 124 -16.74 -8.79 30.58
C ILE D 124 -16.50 -9.54 29.28
N GLU D 125 -15.96 -10.74 29.40
CA GLU D 125 -15.56 -11.53 28.24
C GLU D 125 -16.81 -12.00 27.51
N GLN D 126 -17.87 -12.24 28.28
CA GLN D 126 -19.12 -12.72 27.70
C GLN D 126 -19.83 -11.58 27.00
N GLN D 127 -19.88 -10.42 27.64
CA GLN D 127 -20.41 -9.22 26.99
C GLN D 127 -19.68 -8.96 25.69
N ALA D 128 -18.37 -9.16 25.71
CA ALA D 128 -17.55 -8.90 24.54
C ALA D 128 -17.85 -9.90 23.42
N SER D 129 -18.03 -11.16 23.81
CA SER D 129 -18.46 -12.17 22.85
C SER D 129 -19.82 -11.82 22.22
N VAL D 130 -20.80 -11.51 23.05
CA VAL D 130 -22.11 -11.08 22.56
C VAL D 130 -21.98 -9.91 21.59
N MET D 131 -21.08 -9.00 21.91
CA MET D 131 -20.84 -7.83 21.06
C MET D 131 -20.29 -8.23 19.70
N LEU D 132 -19.33 -9.15 19.70
CA LEU D 132 -18.77 -9.65 18.45
C LEU D 132 -19.82 -10.41 17.65
N ASN D 133 -20.74 -11.05 18.35
CA ASN D 133 -21.85 -11.75 17.72
C ASN D 133 -22.79 -10.77 17.03
N ILE D 134 -23.04 -9.65 17.70
CA ILE D 134 -23.85 -8.58 17.13
C ILE D 134 -23.18 -8.05 15.88
N MET D 135 -21.86 -7.81 15.95
CA MET D 135 -21.14 -7.29 14.79
C MET D 135 -21.22 -8.29 13.64
N GLU D 136 -20.97 -9.56 13.94
CA GLU D 136 -21.01 -10.61 12.93
C GLU D 136 -22.38 -10.71 12.28
N GLU D 137 -23.43 -10.50 13.06
CA GLU D 137 -24.80 -10.65 12.57
C GLU D 137 -25.11 -9.62 11.48
N TYR D 138 -24.69 -8.39 11.73
CA TYR D 138 -24.90 -7.28 10.81
C TYR D 138 -23.70 -7.04 9.91
N ASP D 139 -22.81 -8.03 9.87
CA ASP D 139 -21.59 -7.97 9.06
C ASP D 139 -20.79 -6.67 9.22
N TRP D 140 -20.65 -6.25 10.48
CA TRP D 140 -19.73 -5.17 10.86
C TRP D 140 -18.41 -5.79 11.25
N TYR D 141 -17.45 -5.82 10.33
CA TYR D 141 -16.24 -6.59 10.55
C TYR D 141 -15.03 -5.70 10.85
N ILE D 142 -15.14 -4.42 10.49
CA ILE D 142 -14.04 -3.49 10.72
C ILE D 142 -14.37 -2.60 11.92
N PHE D 143 -13.52 -2.61 12.93
CA PHE D 143 -13.82 -1.89 14.16
C PHE D 143 -12.56 -1.52 14.93
N SER D 144 -12.75 -0.75 16.00
CA SER D 144 -11.66 -0.36 16.88
C SER D 144 -12.11 -0.45 18.33
N ILE D 145 -11.14 -0.50 19.24
CA ILE D 145 -11.46 -0.59 20.65
C ILE D 145 -10.88 0.60 21.40
N VAL D 146 -11.67 1.14 22.33
CA VAL D 146 -11.24 2.20 23.22
C VAL D 146 -11.55 1.72 24.63
N THR D 147 -10.57 1.75 25.52
CA THR D 147 -10.85 1.48 26.94
C THR D 147 -10.17 2.47 27.85
N THR D 148 -10.57 2.46 29.13
CA THR D 148 -9.83 3.17 30.16
C THR D 148 -9.00 2.18 30.97
N TYR D 149 -8.51 2.61 32.12
CA TYR D 149 -7.78 1.69 33.00
C TYR D 149 -8.72 0.93 33.93
N PHE D 150 -10.03 1.11 33.75
CA PHE D 150 -11.01 0.42 34.58
C PHE D 150 -10.74 -1.08 34.56
N PRO D 151 -10.69 -1.72 35.73
CA PRO D 151 -10.33 -3.15 35.80
C PRO D 151 -11.17 -4.00 34.85
N GLY D 152 -10.51 -4.88 34.10
CA GLY D 152 -11.22 -5.69 33.12
C GLY D 152 -10.81 -5.41 31.68
N TYR D 153 -10.32 -4.21 31.44
CA TYR D 153 -10.01 -3.75 30.09
C TYR D 153 -9.04 -4.67 29.36
N GLN D 154 -8.13 -5.28 30.11
CA GLN D 154 -7.18 -6.22 29.52
C GLN D 154 -7.89 -7.53 29.17
N ASP D 155 -8.72 -8.01 30.09
CA ASP D 155 -9.58 -9.16 29.85
C ASP D 155 -10.40 -8.96 28.58
N PHE D 156 -10.96 -7.76 28.45
CA PHE D 156 -11.76 -7.37 27.29
C PHE D 156 -10.98 -7.39 25.97
N VAL D 157 -9.90 -6.61 25.92
CA VAL D 157 -9.07 -6.53 24.71
C VAL D 157 -8.50 -7.88 24.32
N ASN D 158 -8.12 -8.69 25.30
CA ASN D 158 -7.56 -10.00 25.00
C ASN D 158 -8.65 -10.96 24.53
N LYS D 159 -9.83 -10.88 25.14
CA LYS D 159 -10.96 -11.67 24.70
C LYS D 159 -11.29 -11.39 23.24
N ILE D 160 -11.28 -10.11 22.86
CA ILE D 160 -11.49 -9.75 21.46
C ILE D 160 -10.38 -10.33 20.59
N ARG D 161 -9.13 -10.05 20.98
CA ARG D 161 -7.98 -10.42 20.17
C ARG D 161 -7.91 -11.92 19.91
N SER D 162 -8.31 -12.71 20.91
CA SER D 162 -8.24 -14.16 20.79
C SER D 162 -9.51 -14.77 20.22
N THR D 163 -10.61 -14.03 20.24
CA THR D 163 -11.78 -14.48 19.50
C THR D 163 -11.50 -14.31 18.02
N ILE D 164 -11.06 -13.10 17.66
CA ILE D 164 -10.59 -12.77 16.32
C ILE D 164 -9.56 -13.77 15.79
N GLU D 165 -8.40 -13.84 16.45
CA GLU D 165 -7.28 -14.68 16.01
C GLU D 165 -7.66 -16.11 15.61
N ASN D 166 -8.60 -16.70 16.31
CA ASN D 166 -8.98 -18.08 16.08
C ASN D 166 -10.22 -18.21 15.20
N SER D 167 -10.40 -17.25 14.30
CA SER D 167 -11.60 -17.21 13.46
C SER D 167 -11.26 -17.12 11.98
N PHE D 168 -12.04 -17.84 11.17
CA PHE D 168 -11.96 -17.76 9.71
C PHE D 168 -12.85 -16.63 9.19
N VAL D 169 -12.85 -15.51 9.89
CA VAL D 169 -13.65 -14.35 9.49
C VAL D 169 -12.76 -13.12 9.39
N GLY D 170 -13.06 -12.26 8.42
CA GLY D 170 -12.21 -11.13 8.08
C GLY D 170 -12.22 -9.97 9.05
N TRP D 171 -12.24 -10.28 10.34
CA TRP D 171 -12.15 -9.26 11.38
C TRP D 171 -10.94 -8.36 11.14
N GLU D 172 -11.07 -7.08 11.47
CA GLU D 172 -9.94 -6.17 11.40
C GLU D 172 -9.96 -5.15 12.52
N LEU D 173 -9.08 -5.33 13.49
CA LEU D 173 -8.95 -4.42 14.62
C LEU D 173 -7.98 -3.30 14.26
N GLU D 174 -8.52 -2.11 14.00
CA GLU D 174 -7.72 -1.00 13.50
C GLU D 174 -6.92 -0.31 14.61
N GLU D 175 -7.54 -0.17 15.77
CA GLU D 175 -6.92 0.55 16.88
C GLU D 175 -7.38 0.03 18.23
N VAL D 176 -6.46 0.04 19.20
CA VAL D 176 -6.81 -0.13 20.60
C VAL D 176 -6.25 1.04 21.40
N LEU D 177 -7.14 1.88 21.90
CA LEU D 177 -6.76 3.02 22.71
C LEU D 177 -6.87 2.75 24.20
N LEU D 178 -5.94 3.32 24.96
CA LEU D 178 -6.01 3.26 26.41
C LEU D 178 -6.02 4.69 26.95
N LEU D 179 -7.09 5.03 27.66
CA LEU D 179 -7.26 6.38 28.16
C LEU D 179 -6.96 6.46 29.65
N ASP D 180 -6.07 7.37 30.03
CA ASP D 180 -5.75 7.55 31.44
C ASP D 180 -6.68 8.58 32.07
N MET D 181 -7.72 8.12 32.75
CA MET D 181 -8.66 9.02 33.41
C MET D 181 -8.19 9.47 34.78
N SER D 182 -6.95 9.15 35.13
CA SER D 182 -6.45 9.51 36.45
C SER D 182 -5.78 10.88 36.39
N LEU D 183 -5.45 11.31 35.18
CA LEU D 183 -4.87 12.63 34.96
C LEU D 183 -5.91 13.59 34.38
N ASP D 184 -5.64 14.89 34.46
CA ASP D 184 -6.48 15.86 33.80
C ASP D 184 -6.31 15.73 32.29
N ASP D 185 -7.20 16.34 31.52
CA ASP D 185 -7.08 16.32 30.07
C ASP D 185 -6.87 17.71 29.49
N GLY D 186 -5.92 18.44 30.07
CA GLY D 186 -5.56 19.76 29.57
C GLY D 186 -4.53 19.76 28.45
N ASP D 187 -3.82 18.64 28.28
CA ASP D 187 -2.87 18.51 27.18
C ASP D 187 -3.55 17.96 25.92
N CYS D 188 -4.85 17.73 26.03
CA CYS D 188 -5.68 17.22 24.94
C CYS D 188 -5.25 15.85 24.42
N LYS D 189 -4.67 15.02 25.28
CA LYS D 189 -4.15 13.73 24.84
C LYS D 189 -5.30 12.85 24.38
N ILE D 190 -6.33 12.80 25.23
CA ILE D 190 -7.51 11.99 25.02
C ILE D 190 -8.16 12.37 23.70
N GLN D 191 -8.31 13.67 23.50
CA GLN D 191 -8.85 14.20 22.25
C GLN D 191 -8.10 13.67 21.04
N ASN D 192 -6.76 13.67 21.10
CA ASN D 192 -5.95 13.24 19.96
C ASN D 192 -5.97 11.74 19.75
N GLN D 193 -6.33 11.02 20.82
CA GLN D 193 -6.48 9.58 20.67
C GLN D 193 -7.81 9.31 20.02
N LEU D 194 -8.88 9.98 20.47
CA LEU D 194 -10.15 9.68 19.85
C LEU D 194 -9.95 10.09 18.39
N LYS D 195 -9.17 11.16 18.20
CA LYS D 195 -8.95 11.73 16.87
C LYS D 195 -7.99 10.84 16.10
N LYS D 196 -7.66 9.68 16.65
CA LYS D 196 -6.77 8.75 15.98
C LYS D 196 -7.59 7.61 15.39
N LEU D 197 -8.86 7.55 15.78
CA LEU D 197 -9.78 6.49 15.35
C LEU D 197 -10.29 6.67 13.93
N GLN D 198 -10.41 5.57 13.19
CA GLN D 198 -10.82 5.62 11.79
C GLN D 198 -12.01 4.69 11.55
N SER D 199 -12.11 3.64 12.35
CA SER D 199 -13.15 2.62 12.18
C SER D 199 -14.56 3.18 12.26
N PRO D 200 -15.51 2.52 11.57
CA PRO D 200 -16.93 2.88 11.68
C PRO D 200 -17.62 2.26 12.89
N ILE D 201 -17.02 1.22 13.47
CA ILE D 201 -17.50 0.68 14.74
C ILE D 201 -16.45 0.90 15.84
N ILE D 202 -16.92 1.34 17.00
CA ILE D 202 -16.04 1.60 18.14
C ILE D 202 -16.59 0.94 19.41
N LEU D 203 -15.83 0.00 19.96
CA LEU D 203 -16.20 -0.65 21.21
C LEU D 203 -15.62 0.12 22.38
N LEU D 204 -16.47 0.54 23.32
CA LEU D 204 -16.00 1.36 24.43
C LEU D 204 -16.08 0.61 25.77
N TYR D 205 -14.96 0.50 26.46
CA TYR D 205 -14.95 -0.05 27.81
C TYR D 205 -14.46 0.96 28.85
N CYS D 206 -15.39 1.35 29.73
CA CYS D 206 -15.14 2.35 30.76
C CYS D 206 -16.35 2.44 31.68
N THR D 207 -16.33 3.37 32.62
CA THR D 207 -17.47 3.55 33.51
C THR D 207 -18.43 4.53 32.87
N LYS D 208 -19.64 4.63 33.41
CA LYS D 208 -20.66 5.50 32.83
C LYS D 208 -20.23 6.96 32.88
N GLU D 209 -19.70 7.38 34.03
CA GLU D 209 -19.26 8.76 34.18
C GLU D 209 -18.09 9.05 33.24
N GLU D 210 -17.25 8.04 33.04
CA GLU D 210 -16.12 8.16 32.12
C GLU D 210 -16.66 8.22 30.70
N ALA D 211 -17.66 7.37 30.44
CA ALA D 211 -18.28 7.27 29.13
C ALA D 211 -18.88 8.60 28.71
N THR D 212 -19.47 9.33 29.65
CA THR D 212 -20.13 10.57 29.28
C THR D 212 -19.11 11.62 28.83
N TYR D 213 -17.92 11.58 29.43
CA TYR D 213 -16.85 12.47 29.04
C TYR D 213 -16.24 12.06 27.72
N ILE D 214 -16.03 10.74 27.55
CA ILE D 214 -15.43 10.23 26.33
C ILE D 214 -16.33 10.60 25.17
N PHE D 215 -17.62 10.30 25.32
CA PHE D 215 -18.60 10.62 24.30
C PHE D 215 -18.61 12.12 24.02
N GLU D 216 -18.62 12.92 25.09
CA GLU D 216 -18.52 14.37 24.93
C GLU D 216 -17.34 14.80 24.05
N VAL D 217 -16.21 14.11 24.20
CA VAL D 217 -15.02 14.47 23.43
C VAL D 217 -15.09 13.97 21.99
N ALA D 218 -15.50 12.72 21.81
CA ALA D 218 -15.65 12.15 20.48
C ALA D 218 -16.62 13.01 19.68
N ASN D 219 -17.67 13.46 20.36
CA ASN D 219 -18.65 14.34 19.75
C ASN D 219 -17.95 15.62 19.36
N SER D 220 -17.15 16.15 20.29
CA SER D 220 -16.37 17.34 20.01
C SER D 220 -15.37 17.12 18.88
N VAL D 221 -15.25 15.87 18.42
CA VAL D 221 -14.28 15.51 17.39
C VAL D 221 -15.07 14.90 16.21
N GLY D 222 -16.40 14.94 16.32
CA GLY D 222 -17.25 14.51 15.22
C GLY D 222 -17.31 13.00 15.03
N LEU D 223 -17.30 12.26 16.13
CA LEU D 223 -17.27 10.79 16.07
C LEU D 223 -18.50 10.13 16.67
N THR D 224 -19.54 10.92 16.94
CA THR D 224 -20.73 10.39 17.59
C THR D 224 -21.87 10.11 16.61
N GLY D 225 -22.02 10.98 15.61
CA GLY D 225 -23.15 10.94 14.70
C GLY D 225 -23.26 9.71 13.81
N TYR D 226 -23.87 9.90 12.64
CA TYR D 226 -23.95 8.82 11.64
C TYR D 226 -22.58 8.54 11.03
N GLY D 227 -22.35 7.29 10.67
CA GLY D 227 -21.06 6.88 10.16
C GLY D 227 -20.21 6.24 11.24
N TYR D 228 -20.62 6.45 12.48
CA TYR D 228 -19.93 5.88 13.64
C TYR D 228 -20.90 5.22 14.60
N THR D 229 -20.72 3.93 14.82
CA THR D 229 -21.55 3.18 15.77
C THR D 229 -20.71 2.72 16.96
N TRP D 230 -21.12 3.14 18.15
CA TRP D 230 -20.48 2.74 19.38
C TRP D 230 -21.20 1.61 20.09
N ILE D 231 -20.47 0.56 20.44
CA ILE D 231 -21.03 -0.53 21.23
C ILE D 231 -20.38 -0.58 22.61
N VAL D 232 -21.20 -0.83 23.63
CA VAL D 232 -20.79 -0.60 25.01
C VAL D 232 -21.39 -1.67 25.94
N PRO D 233 -20.75 -1.90 27.10
CA PRO D 233 -21.20 -2.97 28.00
C PRO D 233 -22.24 -2.47 29.00
N SER D 234 -22.83 -3.40 29.74
CA SER D 234 -23.89 -3.12 30.71
C SER D 234 -23.65 -1.91 31.60
N LEU D 235 -22.42 -1.78 32.10
CA LEU D 235 -22.12 -0.74 33.08
C LEU D 235 -22.07 0.67 32.50
N VAL D 236 -21.90 0.79 31.19
CA VAL D 236 -22.02 2.08 30.53
C VAL D 236 -23.47 2.55 30.43
N ALA D 237 -24.34 1.65 29.96
CA ALA D 237 -25.78 1.89 29.95
C ALA D 237 -26.33 2.20 31.34
N GLY D 238 -25.90 1.42 32.32
CA GLY D 238 -26.37 1.55 33.69
C GLY D 238 -27.88 1.51 33.82
N ASP D 239 -28.44 2.41 34.62
CA ASP D 239 -29.89 2.60 34.65
C ASP D 239 -30.41 3.12 33.31
N THR D 240 -31.16 2.27 32.62
CA THR D 240 -31.73 2.61 31.32
C THR D 240 -32.75 3.76 31.40
N ASP D 241 -33.23 4.03 32.61
CA ASP D 241 -34.07 5.20 32.85
C ASP D 241 -33.24 6.45 33.12
N THR D 242 -31.93 6.35 32.93
CA THR D 242 -31.05 7.49 33.11
C THR D 242 -30.08 7.61 31.94
N VAL D 243 -30.33 8.57 31.07
CA VAL D 243 -29.55 8.72 29.85
C VAL D 243 -28.85 10.08 29.81
N PRO D 244 -27.53 10.08 29.98
CA PRO D 244 -26.75 11.33 29.88
C PRO D 244 -26.95 11.97 28.52
N SER D 245 -26.96 13.31 28.46
CA SER D 245 -27.23 13.99 27.20
C SER D 245 -26.11 13.81 26.20
N GLU D 246 -24.91 13.53 26.68
CA GLU D 246 -23.75 13.37 25.81
C GLU D 246 -23.66 12.00 25.15
N PHE D 247 -24.48 11.05 25.59
CA PHE D 247 -24.59 9.77 24.90
C PHE D 247 -25.08 9.95 23.47
N PRO D 248 -24.38 9.36 22.50
CA PRO D 248 -24.83 9.48 21.11
C PRO D 248 -26.11 8.71 20.82
N THR D 249 -26.99 9.27 20.00
CA THR D 249 -28.11 8.53 19.45
C THR D 249 -27.57 7.37 18.62
N GLY D 250 -28.22 6.20 18.68
CA GLY D 250 -27.75 5.05 17.93
C GLY D 250 -26.79 4.20 18.72
N LEU D 251 -26.60 4.56 19.99
CA LEU D 251 -25.73 3.79 20.88
C LEU D 251 -26.29 2.39 21.11
N ILE D 252 -25.44 1.38 20.97
CA ILE D 252 -25.83 0.01 21.26
C ILE D 252 -25.22 -0.41 22.59
N SER D 253 -25.91 -1.27 23.32
CA SER D 253 -25.44 -1.69 24.63
C SER D 253 -25.95 -3.08 25.01
N VAL D 254 -25.11 -3.86 25.67
CA VAL D 254 -25.58 -5.08 26.31
C VAL D 254 -26.25 -4.62 27.61
N SER D 255 -27.06 -5.48 28.22
CA SER D 255 -27.80 -5.09 29.41
C SER D 255 -28.39 -6.29 30.13
N TYR D 256 -28.28 -6.30 31.46
CA TYR D 256 -28.91 -7.35 32.24
C TYR D 256 -30.42 -7.14 32.19
N ASP D 257 -31.14 -8.19 31.81
CA ASP D 257 -32.56 -8.09 31.48
C ASP D 257 -33.45 -7.76 32.68
N GLU D 258 -33.35 -6.52 33.15
CA GLU D 258 -34.22 -6.02 34.22
C GLU D 258 -35.71 -6.08 33.85
N TRP D 259 -35.99 -6.41 32.59
CA TRP D 259 -37.36 -6.48 32.09
C TRP D 259 -38.10 -7.65 32.72
N ASP D 260 -37.71 -8.86 32.35
CA ASP D 260 -38.39 -10.06 32.81
C ASP D 260 -37.88 -10.49 34.18
N TYR D 261 -36.79 -9.86 34.62
CA TYR D 261 -36.13 -10.24 35.87
C TYR D 261 -36.10 -9.04 36.82
N GLY D 262 -37.18 -8.84 37.55
CA GLY D 262 -37.34 -7.65 38.37
C GLY D 262 -36.68 -7.78 39.73
N LEU D 263 -36.67 -6.68 40.48
CA LEU D 263 -36.02 -6.64 41.80
C LEU D 263 -36.46 -7.78 42.74
N PRO D 264 -37.78 -7.95 42.95
CA PRO D 264 -38.19 -8.97 43.93
C PRO D 264 -37.71 -10.36 43.53
N ALA D 265 -37.68 -10.61 42.23
CA ALA D 265 -37.11 -11.83 41.68
C ALA D 265 -35.63 -11.94 42.02
N ARG D 266 -34.89 -10.86 41.81
CA ARG D 266 -33.45 -10.89 42.06
C ARG D 266 -33.13 -11.16 43.53
N VAL D 267 -33.83 -10.46 44.44
CA VAL D 267 -33.70 -10.75 45.86
C VAL D 267 -34.07 -12.19 46.19
N ARG D 268 -35.13 -12.66 45.53
CA ARG D 268 -35.56 -14.05 45.64
C ARG D 268 -34.41 -15.00 45.38
N ASP D 269 -33.89 -14.95 44.16
CA ASP D 269 -32.78 -15.83 43.76
C ASP D 269 -31.53 -15.62 44.61
N GLY D 270 -31.34 -14.42 45.14
CA GLY D 270 -30.22 -14.13 46.03
C GLY D 270 -30.30 -14.97 47.30
N ILE D 271 -31.45 -14.82 47.96
CA ILE D 271 -31.74 -15.52 49.20
C ILE D 271 -31.69 -17.02 48.92
N ALA D 272 -32.12 -17.38 47.71
CA ALA D 272 -32.14 -18.77 47.29
C ALA D 272 -30.72 -19.28 47.24
N ILE D 273 -29.82 -18.52 46.63
CA ILE D 273 -28.44 -18.95 46.45
C ILE D 273 -27.75 -19.12 47.80
N ILE D 274 -28.01 -18.20 48.73
CA ILE D 274 -27.37 -18.24 50.04
C ILE D 274 -27.93 -19.36 50.93
N THR D 275 -29.23 -19.66 50.75
CA THR D 275 -29.88 -20.70 51.52
C THR D 275 -29.50 -22.07 50.99
N THR D 276 -29.62 -22.26 49.68
CA THR D 276 -29.17 -23.50 49.05
C THR D 276 -27.71 -23.77 49.41
N ALA D 277 -26.85 -22.77 49.27
CA ALA D 277 -25.42 -22.95 49.53
C ALA D 277 -25.18 -23.39 50.97
N ALA D 278 -25.82 -22.68 51.91
CA ALA D 278 -25.70 -23.00 53.32
C ALA D 278 -26.16 -24.43 53.58
N SER D 279 -27.33 -24.77 53.04
CA SER D 279 -27.88 -26.12 53.15
C SER D 279 -26.83 -27.12 52.70
N ASP D 280 -26.37 -26.97 51.47
CA ASP D 280 -25.38 -27.87 50.87
C ASP D 280 -24.16 -28.06 51.76
N MET D 281 -23.81 -27.03 52.52
CA MET D 281 -22.58 -27.10 53.31
C MET D 281 -22.84 -27.68 54.68
N LEU D 282 -24.10 -27.66 55.12
CA LEU D 282 -24.41 -28.36 56.35
C LEU D 282 -24.55 -29.82 55.95
N SER D 283 -25.03 -30.03 54.73
CA SER D 283 -25.34 -31.36 54.25
C SER D 283 -24.12 -31.99 53.59
N GLU D 284 -22.95 -31.39 53.78
CA GLU D 284 -21.74 -32.07 53.35
C GLU D 284 -20.59 -31.80 54.33
N HIS D 285 -20.84 -30.97 55.34
CA HIS D 285 -19.82 -30.69 56.35
C HIS D 285 -20.37 -30.61 57.78
N SER D 286 -21.69 -30.73 57.89
CA SER D 286 -22.37 -30.76 59.20
C SER D 286 -22.13 -29.49 60.00
N PHE D 287 -21.84 -28.38 59.31
CA PHE D 287 -21.64 -27.10 59.98
C PHE D 287 -21.64 -25.92 59.01
N ILE D 288 -21.75 -24.72 59.58
CA ILE D 288 -21.85 -23.49 58.82
C ILE D 288 -21.02 -22.40 59.48
N PRO D 289 -20.34 -21.56 58.68
CA PRO D 289 -19.46 -20.52 59.20
C PRO D 289 -20.17 -19.54 60.12
N GLU D 290 -19.56 -19.26 61.27
CA GLU D 290 -20.16 -18.38 62.27
C GLU D 290 -19.94 -16.91 61.94
N PRO D 291 -21.05 -16.17 61.73
CA PRO D 291 -21.06 -14.71 61.53
C PRO D 291 -20.30 -13.95 62.61
N LYS D 292 -19.14 -13.41 62.25
CA LYS D 292 -18.44 -12.43 63.07
C LYS D 292 -19.38 -11.33 63.56
N SER D 293 -19.41 -11.13 64.88
CA SER D 293 -20.27 -10.13 65.49
C SER D 293 -19.59 -8.76 65.52
N SER D 294 -18.41 -8.67 64.91
CA SER D 294 -17.63 -7.45 64.94
C SER D 294 -16.71 -7.34 63.73
N CYS D 295 -16.55 -6.12 63.22
CA CYS D 295 -15.61 -5.86 62.14
C CYS D 295 -14.26 -5.42 62.71
N TYR D 296 -14.30 -4.78 63.88
CA TYR D 296 -13.09 -4.36 64.57
C TYR D 296 -12.20 -5.50 65.06
N ASN D 297 -12.68 -6.73 64.99
CA ASN D 297 -11.95 -7.86 65.54
C ASN D 297 -11.54 -8.88 64.48
N THR D 298 -11.72 -8.51 63.22
CA THR D 298 -11.61 -9.47 62.11
C THR D 298 -10.17 -9.89 61.82
N HIS D 299 -9.22 -9.31 62.55
CA HIS D 299 -7.81 -9.64 62.34
C HIS D 299 -7.35 -10.88 63.12
N GLU D 300 -7.73 -10.98 64.39
CA GLU D 300 -7.42 -12.18 65.16
C GLU D 300 -8.26 -13.38 64.72
N LYS D 301 -9.58 -13.25 64.86
CA LYS D 301 -10.52 -14.34 64.64
C LYS D 301 -10.45 -14.99 63.25
N ARG D 302 -9.63 -14.44 62.35
CA ARG D 302 -9.60 -14.92 60.98
C ARG D 302 -8.91 -16.27 60.82
N ILE D 303 -8.15 -16.67 61.83
CA ILE D 303 -7.64 -18.04 61.87
C ILE D 303 -8.79 -19.04 61.92
N TYR D 304 -9.93 -18.61 62.45
CA TYR D 304 -11.06 -19.50 62.69
C TYR D 304 -12.14 -19.35 61.62
N GLN D 305 -11.80 -18.68 60.53
CA GLN D 305 -12.75 -18.36 59.47
C GLN D 305 -12.26 -18.88 58.11
N SER D 306 -13.19 -19.17 57.21
CA SER D 306 -12.86 -19.87 55.98
C SER D 306 -13.69 -19.38 54.79
N ASN D 307 -13.08 -19.46 53.61
CA ASN D 307 -13.72 -19.25 52.31
C ASN D 307 -14.74 -20.31 51.86
N MET D 308 -14.97 -21.32 52.69
CA MET D 308 -15.49 -22.61 52.24
C MET D 308 -16.81 -22.57 51.46
N LEU D 309 -17.74 -21.75 51.94
CA LEU D 309 -19.04 -21.62 51.29
C LEU D 309 -18.98 -21.23 49.83
N ASN D 310 -17.83 -20.69 49.40
CA ASN D 310 -17.67 -20.29 48.02
C ASN D 310 -17.96 -21.46 47.09
N ARG D 311 -17.48 -22.64 47.47
CA ARG D 311 -17.60 -23.83 46.60
C ARG D 311 -19.07 -24.19 46.38
N TYR D 312 -19.92 -23.73 47.28
CA TYR D 312 -21.35 -23.97 47.18
C TYR D 312 -22.00 -22.75 46.58
N LEU D 313 -21.56 -21.56 47.00
CA LEU D 313 -22.05 -20.32 46.40
C LEU D 313 -21.94 -20.30 44.87
N ILE D 314 -21.02 -21.09 44.33
CA ILE D 314 -20.70 -21.02 42.90
C ILE D 314 -21.60 -21.88 42.02
N ASN D 315 -22.33 -22.82 42.63
CA ASN D 315 -23.13 -23.78 41.88
C ASN D 315 -24.46 -24.16 42.54
N VAL D 316 -25.35 -23.17 42.58
CA VAL D 316 -26.69 -23.32 43.14
C VAL D 316 -27.75 -23.38 42.04
N THR D 317 -28.44 -24.51 41.96
CA THR D 317 -29.64 -24.64 41.13
C THR D 317 -30.92 -24.34 41.93
N PHE D 318 -31.73 -23.42 41.41
CA PHE D 318 -32.98 -23.05 42.08
C PHE D 318 -34.15 -22.97 41.09
N GLU D 319 -35.24 -23.64 41.44
CA GLU D 319 -36.46 -23.69 40.62
C GLU D 319 -36.19 -24.07 39.18
N GLY D 320 -35.29 -25.03 38.99
CA GLY D 320 -34.92 -25.53 37.68
C GLY D 320 -34.15 -24.52 36.85
N ARG D 321 -33.73 -23.43 37.49
CA ARG D 321 -32.86 -22.45 36.85
C ARG D 321 -31.45 -22.58 37.42
N ASP D 322 -30.45 -22.55 36.55
CA ASP D 322 -29.07 -22.64 37.01
C ASP D 322 -28.54 -21.25 37.37
N LEU D 323 -28.62 -20.92 38.65
CA LEU D 323 -28.29 -19.58 39.13
C LEU D 323 -26.84 -19.56 39.64
N SER D 324 -25.98 -20.33 38.98
CA SER D 324 -24.62 -20.53 39.45
C SER D 324 -23.67 -19.42 39.01
N PHE D 325 -22.53 -19.34 39.69
CA PHE D 325 -21.53 -18.31 39.41
C PHE D 325 -20.20 -18.92 38.96
N SER D 326 -19.40 -18.13 38.27
CA SER D 326 -18.00 -18.46 38.06
C SER D 326 -17.20 -18.15 39.32
N GLU D 327 -15.97 -18.65 39.40
CA GLU D 327 -15.10 -18.31 40.52
C GLU D 327 -14.77 -16.82 40.49
N ASP D 328 -14.64 -16.29 39.28
CA ASP D 328 -14.41 -14.87 39.05
C ASP D 328 -15.57 -14.01 39.55
N GLY D 329 -16.68 -14.65 39.90
CA GLY D 329 -17.76 -14.00 40.63
C GLY D 329 -18.85 -13.39 39.76
N TYR D 330 -18.94 -13.83 38.51
CA TYR D 330 -20.03 -13.41 37.64
C TYR D 330 -20.96 -14.59 37.37
N GLN D 331 -22.13 -14.31 36.80
CA GLN D 331 -23.12 -15.37 36.56
C GLN D 331 -22.69 -16.25 35.38
N MET D 332 -22.96 -17.55 35.49
CA MET D 332 -22.58 -18.50 34.45
C MET D 332 -23.44 -18.36 33.20
N HIS D 333 -24.76 -18.35 33.39
CA HIS D 333 -25.70 -18.23 32.28
C HIS D 333 -26.71 -17.11 32.53
N PRO D 334 -26.28 -15.86 32.36
CA PRO D 334 -27.19 -14.70 32.38
C PRO D 334 -28.06 -14.61 31.13
N LYS D 335 -29.31 -14.22 31.29
CA LYS D 335 -30.14 -13.86 30.15
C LYS D 335 -29.90 -12.39 29.84
N LEU D 336 -29.43 -12.12 28.62
CA LEU D 336 -29.02 -10.77 28.26
C LEU D 336 -29.97 -10.08 27.28
N VAL D 337 -30.08 -8.77 27.38
CA VAL D 337 -30.87 -8.02 26.41
C VAL D 337 -30.00 -6.98 25.73
N ILE D 338 -30.10 -6.93 24.41
CA ILE D 338 -29.41 -5.92 23.61
C ILE D 338 -30.30 -4.71 23.40
N ILE D 339 -29.83 -3.55 23.87
CA ILE D 339 -30.62 -2.32 23.84
C ILE D 339 -30.00 -1.28 22.92
N LEU D 340 -30.84 -0.41 22.38
CA LEU D 340 -30.39 0.63 21.45
C LEU D 340 -30.97 1.99 21.84
N LEU D 341 -30.10 2.98 21.99
CA LEU D 341 -30.53 4.32 22.38
C LEU D 341 -31.15 5.06 21.19
N ASN D 342 -32.44 5.35 21.29
CA ASN D 342 -33.20 5.91 20.18
C ASN D 342 -33.13 7.44 20.08
N LYS D 343 -33.77 7.97 19.05
CA LYS D 343 -33.74 9.41 18.78
C LYS D 343 -34.40 10.25 19.87
N GLU D 344 -35.35 9.66 20.59
CA GLU D 344 -35.99 10.32 21.71
C GLU D 344 -35.19 10.12 23.00
N ARG D 345 -34.01 9.51 22.86
CA ARG D 345 -33.06 9.32 23.95
C ARG D 345 -33.63 8.44 25.06
N LYS D 346 -34.45 7.47 24.65
CA LYS D 346 -34.96 6.44 25.55
C LYS D 346 -34.34 5.11 25.15
N TRP D 347 -34.10 4.23 26.11
CA TRP D 347 -33.49 2.95 25.78
C TRP D 347 -34.55 1.97 25.28
N GLU D 348 -34.29 1.40 24.11
CA GLU D 348 -35.24 0.52 23.45
C GLU D 348 -34.67 -0.88 23.35
N ARG D 349 -35.47 -1.89 23.71
CA ARG D 349 -35.01 -3.26 23.57
C ARG D 349 -35.00 -3.60 22.09
N VAL D 350 -33.89 -4.14 21.60
CA VAL D 350 -33.75 -4.46 20.20
C VAL D 350 -33.11 -5.83 19.97
N GLY D 351 -32.96 -6.60 21.04
CA GLY D 351 -32.35 -7.91 20.90
C GLY D 351 -32.32 -8.73 22.18
N LYS D 352 -32.20 -10.04 22.04
CA LYS D 352 -32.07 -10.92 23.20
C LYS D 352 -30.92 -11.89 23.01
N TRP D 353 -30.14 -12.09 24.07
CA TRP D 353 -29.17 -13.17 24.13
C TRP D 353 -29.59 -14.24 25.13
N LYS D 354 -29.81 -15.45 24.62
CA LYS D 354 -30.29 -16.59 25.39
C LYS D 354 -29.16 -17.59 25.63
N ASP D 355 -28.49 -17.49 26.78
CA ASP D 355 -27.37 -18.38 27.09
C ASP D 355 -26.27 -18.24 26.04
N LYS D 356 -26.45 -18.90 24.90
CA LYS D 356 -25.38 -18.99 23.89
C LYS D 356 -25.97 -18.80 22.50
N SER D 357 -27.22 -18.35 22.47
CA SER D 357 -27.99 -18.17 21.24
C SER D 357 -28.39 -16.70 21.10
N LEU D 358 -27.89 -16.02 20.08
CA LEU D 358 -28.26 -14.62 19.92
C LEU D 358 -29.42 -14.46 18.93
N GLN D 359 -30.50 -13.86 19.41
CA GLN D 359 -31.66 -13.58 18.58
C GLN D 359 -31.98 -12.09 18.52
N MET D 360 -31.74 -11.49 17.36
CA MET D 360 -31.92 -10.04 17.20
C MET D 360 -33.35 -9.75 16.76
N LYS D 361 -33.78 -8.50 16.87
CA LYS D 361 -35.13 -8.13 16.47
C LYS D 361 -35.13 -7.81 14.98
N TYR D 362 -34.19 -6.98 14.57
CA TYR D 362 -34.11 -6.52 13.19
C TYR D 362 -33.10 -7.35 12.42
N TYR D 363 -33.34 -7.58 11.14
CA TYR D 363 -32.34 -8.25 10.32
C TYR D 363 -31.40 -7.21 9.72
N VAL D 364 -31.97 -6.13 9.19
CA VAL D 364 -31.19 -4.99 8.76
C VAL D 364 -31.22 -3.92 9.86
N TRP D 365 -30.06 -3.35 10.18
CA TRP D 365 -29.98 -2.41 11.29
C TRP D 365 -30.57 -1.05 10.95
N PRO D 366 -31.42 -0.52 11.85
CA PRO D 366 -32.14 0.73 11.60
C PRO D 366 -31.17 1.90 11.51
N ARG D 367 -30.65 2.15 10.30
CA ARG D 367 -29.87 3.36 10.06
C ARG D 367 -30.62 4.36 9.20
N MET D 368 -30.44 5.64 9.51
CA MET D 368 -31.08 6.71 8.76
C MET D 368 -30.59 6.75 7.32
N THR D 369 -31.54 6.72 6.38
CA THR D 369 -31.20 6.73 4.96
C THR D 369 -30.66 8.08 4.54
N GLN D 370 -29.42 8.37 4.92
CA GLN D 370 -28.77 9.62 4.58
C GLN D 370 -28.30 9.63 3.13
N ASP D 371 -27.74 10.75 2.69
CA ASP D 371 -27.26 10.88 1.33
C ASP D 371 -25.84 10.34 1.18
N ASP D 372 -25.55 9.23 1.85
CA ASP D 372 -24.25 8.60 1.79
C ASP D 372 -24.38 7.08 1.83
N HIS D 373 -25.62 6.61 1.85
CA HIS D 373 -25.89 5.17 1.91
C HIS D 373 -26.83 4.76 0.77
N LEU D 374 -26.34 3.92 -0.13
CA LEU D 374 -27.11 3.52 -1.30
C LEU D 374 -27.47 2.04 -1.27
N SER D 375 -28.53 1.68 -1.99
CA SER D 375 -28.95 0.29 -2.12
C SER D 375 -28.61 -0.24 -3.51
N ILE D 376 -27.75 -1.25 -3.57
CA ILE D 376 -27.25 -1.76 -4.84
C ILE D 376 -27.62 -3.21 -5.07
N VAL D 377 -28.07 -3.53 -6.27
CA VAL D 377 -28.49 -4.89 -6.62
C VAL D 377 -27.47 -5.54 -7.56
N THR D 378 -27.41 -6.87 -7.53
CA THR D 378 -26.49 -7.61 -8.40
C THR D 378 -27.09 -8.96 -8.80
N LEU D 379 -26.44 -9.61 -9.76
CA LEU D 379 -26.89 -10.91 -10.25
C LEU D 379 -25.73 -11.90 -10.33
N GLU D 380 -25.95 -13.12 -9.82
CA GLU D 380 -24.92 -14.14 -9.80
C GLU D 380 -24.49 -14.55 -11.21
N GLU D 381 -23.25 -14.24 -11.56
CA GLU D 381 -22.68 -14.61 -12.85
C GLU D 381 -21.16 -14.72 -12.78
N ALA D 382 -20.67 -15.95 -12.86
CA ALA D 382 -19.22 -16.19 -12.81
C ALA D 382 -18.53 -15.68 -14.07
N PRO D 383 -17.31 -15.14 -13.91
CA PRO D 383 -16.61 -14.96 -12.63
C PRO D 383 -16.83 -13.57 -12.05
N PHE D 384 -17.66 -12.78 -12.72
CA PHE D 384 -17.89 -11.39 -12.33
C PHE D 384 -18.60 -11.30 -10.98
N VAL D 385 -19.68 -12.06 -10.82
CA VAL D 385 -20.40 -12.13 -9.56
C VAL D 385 -20.63 -13.58 -9.14
N ILE D 386 -19.81 -14.06 -8.22
CA ILE D 386 -19.94 -15.41 -7.71
C ILE D 386 -20.56 -15.39 -6.31
N VAL D 387 -21.69 -16.07 -6.17
CA VAL D 387 -22.37 -16.12 -4.88
C VAL D 387 -22.07 -17.43 -4.16
N GLU D 388 -21.30 -17.33 -3.08
CA GLU D 388 -20.94 -18.49 -2.28
C GLU D 388 -21.68 -18.45 -0.95
N SER D 389 -22.02 -19.63 -0.42
CA SER D 389 -22.74 -19.73 0.84
C SER D 389 -21.92 -19.15 2.00
N VAL D 390 -22.61 -18.68 3.03
CA VAL D 390 -21.96 -18.10 4.19
C VAL D 390 -21.19 -19.15 4.98
N ASP D 391 -20.22 -18.70 5.77
CA ASP D 391 -19.42 -19.61 6.58
C ASP D 391 -20.23 -20.20 7.73
N PRO D 392 -20.40 -21.53 7.73
CA PRO D 392 -21.19 -22.22 8.74
C PRO D 392 -20.48 -22.31 10.09
N LEU D 393 -19.17 -22.04 10.09
CA LEU D 393 -18.37 -22.12 11.31
C LEU D 393 -18.38 -20.81 12.08
N SER D 394 -19.27 -19.90 11.68
CA SER D 394 -19.38 -18.60 12.33
C SER D 394 -20.80 -18.05 12.24
N GLY D 395 -21.55 -18.51 11.25
CA GLY D 395 -22.91 -18.05 11.05
C GLY D 395 -22.97 -16.73 10.31
N THR D 396 -21.83 -16.31 9.77
CA THR D 396 -21.74 -15.05 9.05
C THR D 396 -20.82 -15.18 7.84
N CYS D 397 -20.78 -14.14 7.01
CA CYS D 397 -19.95 -14.14 5.81
C CYS D 397 -18.46 -14.09 6.16
N MET D 398 -17.63 -14.65 5.30
CA MET D 398 -16.20 -14.74 5.56
C MET D 398 -15.36 -14.26 4.38
N ARG D 399 -14.05 -14.41 4.51
CA ARG D 399 -13.09 -14.04 3.47
C ARG D 399 -13.22 -12.57 3.06
N ASN D 400 -12.77 -12.27 1.85
CA ASN D 400 -12.86 -10.92 1.32
C ASN D 400 -14.18 -10.68 0.58
N THR D 401 -15.10 -11.63 0.73
CA THR D 401 -16.41 -11.53 0.09
C THR D 401 -17.32 -10.57 0.83
N VAL D 402 -18.15 -9.84 0.08
CA VAL D 402 -19.10 -8.91 0.68
C VAL D 402 -20.47 -9.57 0.81
N PRO D 403 -21.19 -9.25 1.90
CA PRO D 403 -22.49 -9.86 2.15
C PRO D 403 -23.61 -9.28 1.29
N CYS D 404 -24.49 -10.14 0.80
CA CYS D 404 -25.65 -9.71 0.02
C CYS D 404 -26.85 -10.61 0.30
N GLN D 405 -28.02 -9.99 0.40
CA GLN D 405 -29.24 -10.73 0.72
C GLN D 405 -29.95 -11.24 -0.53
N LYS D 406 -30.84 -12.20 -0.33
CA LYS D 406 -31.60 -12.79 -1.44
C LYS D 406 -32.96 -13.28 -0.96
N ARG D 407 -34.02 -12.67 -1.48
CA ARG D 407 -35.38 -13.03 -1.10
C ARG D 407 -35.83 -14.32 -1.79
N TYR D 420 -35.63 -12.62 3.27
CA TYR D 420 -34.38 -12.70 2.53
C TYR D 420 -33.29 -13.37 3.37
N ILE D 421 -32.51 -14.22 2.73
CA ILE D 421 -31.43 -14.93 3.40
C ILE D 421 -30.08 -14.33 3.02
N LYS D 422 -29.09 -14.49 3.90
CA LYS D 422 -27.77 -13.93 3.67
C LYS D 422 -26.89 -14.85 2.83
N LYS D 423 -26.11 -14.25 1.93
CA LYS D 423 -25.19 -15.02 1.08
C LYS D 423 -23.97 -14.19 0.74
N CYS D 424 -22.80 -14.83 0.72
CA CYS D 424 -21.56 -14.13 0.41
C CYS D 424 -21.39 -13.94 -1.09
N CYS D 425 -20.72 -12.86 -1.47
CA CYS D 425 -20.52 -12.54 -2.88
C CYS D 425 -19.10 -12.07 -3.14
N LYS D 426 -18.45 -12.69 -4.13
CA LYS D 426 -17.11 -12.30 -4.54
C LYS D 426 -17.04 -12.20 -6.05
N GLY D 427 -15.83 -11.99 -6.58
CA GLY D 427 -15.66 -11.93 -8.03
C GLY D 427 -15.06 -10.63 -8.51
N PHE D 428 -15.23 -10.36 -9.81
CA PHE D 428 -14.66 -9.17 -10.42
C PHE D 428 -15.47 -7.91 -10.07
N CYS D 429 -16.72 -7.89 -10.48
CA CYS D 429 -17.59 -6.73 -10.26
C CYS D 429 -17.77 -6.44 -8.77
N ILE D 430 -17.61 -7.46 -7.95
CA ILE D 430 -17.65 -7.28 -6.50
C ILE D 430 -16.47 -6.43 -6.04
N ASP D 431 -15.28 -6.80 -6.49
CA ASP D 431 -14.07 -6.04 -6.16
C ASP D 431 -14.14 -4.64 -6.75
N ILE D 432 -14.75 -4.52 -7.93
CA ILE D 432 -14.96 -3.21 -8.55
C ILE D 432 -15.82 -2.33 -7.67
N LEU D 433 -16.94 -2.90 -7.21
CA LEU D 433 -17.86 -2.18 -6.33
C LEU D 433 -17.18 -1.78 -5.03
N LYS D 434 -16.35 -2.67 -4.50
CA LYS D 434 -15.61 -2.39 -3.27
C LYS D 434 -14.63 -1.25 -3.45
N LYS D 435 -13.92 -1.25 -4.57
CA LYS D 435 -12.94 -0.21 -4.88
C LYS D 435 -13.63 1.15 -5.07
N ILE D 436 -14.69 1.18 -5.86
CA ILE D 436 -15.39 2.43 -6.13
C ILE D 436 -16.18 2.90 -4.90
N SER D 437 -16.42 1.99 -3.96
CA SER D 437 -17.04 2.37 -2.70
C SER D 437 -16.01 2.98 -1.78
N LYS D 438 -14.79 2.45 -1.84
CA LYS D 438 -13.68 2.99 -1.07
C LYS D 438 -13.04 4.18 -1.77
N SER D 439 -13.59 4.56 -2.92
CA SER D 439 -13.08 5.70 -3.67
C SER D 439 -14.08 6.86 -3.68
N VAL D 440 -15.35 6.55 -3.91
CA VAL D 440 -16.40 7.56 -3.96
C VAL D 440 -16.97 7.84 -2.57
N LYS D 441 -16.53 7.05 -1.59
CA LYS D 441 -16.94 7.20 -0.20
C LYS D 441 -18.45 7.10 0.00
N PHE D 442 -18.95 5.87 0.04
CA PHE D 442 -20.36 5.62 0.32
C PHE D 442 -20.57 4.18 0.80
N THR D 443 -21.45 4.01 1.78
CA THR D 443 -21.80 2.68 2.27
C THR D 443 -22.89 2.07 1.42
N TYR D 444 -22.86 0.75 1.26
CA TYR D 444 -23.82 0.07 0.40
C TYR D 444 -24.30 -1.25 0.99
N ASP D 445 -25.58 -1.54 0.82
CA ASP D 445 -26.16 -2.82 1.22
C ASP D 445 -26.55 -3.63 -0.01
N LEU D 446 -25.63 -4.49 -0.43
CA LEU D 446 -25.82 -5.30 -1.64
C LEU D 446 -26.90 -6.37 -1.42
N TYR D 447 -27.61 -6.70 -2.49
CA TYR D 447 -28.62 -7.76 -2.44
C TYR D 447 -28.85 -8.35 -3.83
N LEU D 448 -29.16 -9.64 -3.88
CA LEU D 448 -29.38 -10.34 -5.14
C LEU D 448 -30.75 -10.05 -5.72
N VAL D 449 -30.83 -9.94 -7.03
CA VAL D 449 -32.10 -9.72 -7.72
C VAL D 449 -32.91 -11.01 -7.74
N THR D 450 -34.22 -10.89 -7.54
CA THR D 450 -35.08 -12.07 -7.44
C THR D 450 -35.79 -12.40 -8.75
N ASN D 451 -36.26 -11.38 -9.46
CA ASN D 451 -37.07 -11.58 -10.65
C ASN D 451 -36.36 -11.20 -11.95
N GLY D 452 -36.41 -12.10 -12.92
CA GLY D 452 -35.96 -11.81 -14.27
C GLY D 452 -34.46 -11.87 -14.51
N LYS D 453 -33.69 -12.03 -13.43
CA LYS D 453 -32.23 -12.05 -13.51
C LYS D 453 -31.70 -10.79 -14.19
N HIS D 454 -31.34 -10.90 -15.46
CA HIS D 454 -30.86 -9.76 -16.22
C HIS D 454 -32.00 -8.82 -16.60
N GLY D 455 -31.68 -7.72 -17.26
CA GLY D 455 -32.67 -6.75 -17.68
C GLY D 455 -33.48 -7.22 -18.87
N LYS D 456 -34.81 -7.07 -18.77
CA LYS D 456 -35.70 -7.48 -19.85
C LYS D 456 -37.01 -6.71 -19.79
N LYS D 457 -37.75 -6.75 -20.90
CA LYS D 457 -39.04 -6.07 -20.99
C LYS D 457 -40.17 -7.06 -21.29
N ILE D 458 -41.22 -7.00 -20.49
CA ILE D 458 -42.36 -7.90 -20.67
C ILE D 458 -43.53 -7.21 -21.37
N ASN D 459 -43.75 -5.94 -21.03
CA ASN D 459 -44.85 -5.17 -21.63
C ASN D 459 -44.53 -3.68 -21.64
N GLY D 460 -45.04 -2.97 -20.64
CA GLY D 460 -44.79 -1.54 -20.51
C GLY D 460 -43.75 -1.25 -19.46
N THR D 461 -43.48 -2.24 -18.61
CA THR D 461 -42.50 -2.09 -17.55
C THR D 461 -41.38 -3.13 -17.67
N TRP D 462 -40.28 -2.89 -16.98
CA TRP D 462 -39.14 -3.80 -17.01
C TRP D 462 -39.29 -4.93 -15.99
N ASN D 463 -38.44 -5.94 -16.12
CA ASN D 463 -38.48 -7.09 -15.22
C ASN D 463 -37.10 -7.68 -14.99
N GLY D 464 -36.21 -6.89 -14.39
CA GLY D 464 -34.86 -7.32 -14.11
C GLY D 464 -34.12 -6.34 -13.22
N MET D 465 -32.80 -6.35 -13.31
CA MET D 465 -31.97 -5.44 -12.53
C MET D 465 -32.28 -3.98 -12.88
N ILE D 466 -32.39 -3.71 -14.17
CA ILE D 466 -32.77 -2.39 -14.65
C ILE D 466 -34.14 -2.01 -14.12
N GLY D 467 -35.01 -3.01 -14.00
CA GLY D 467 -36.33 -2.83 -13.43
C GLY D 467 -36.24 -2.55 -11.94
N GLU D 468 -35.27 -3.18 -11.28
CA GLU D 468 -35.04 -2.97 -9.86
C GLU D 468 -34.49 -1.57 -9.60
N VAL D 469 -33.86 -0.99 -10.61
CA VAL D 469 -33.29 0.35 -10.49
C VAL D 469 -34.33 1.43 -10.81
N VAL D 470 -35.05 1.24 -11.91
CA VAL D 470 -36.02 2.24 -12.39
C VAL D 470 -37.24 2.32 -11.46
N MET D 471 -37.48 1.26 -10.69
CA MET D 471 -38.61 1.24 -9.77
C MET D 471 -38.22 1.74 -8.40
N LYS D 472 -37.06 2.40 -8.32
CA LYS D 472 -36.54 2.97 -7.08
C LYS D 472 -36.38 1.93 -5.98
N ARG D 473 -36.17 0.67 -6.38
CA ARG D 473 -35.97 -0.42 -5.43
C ARG D 473 -34.49 -0.60 -5.15
N ALA D 474 -33.66 -0.15 -6.10
CA ALA D 474 -32.22 -0.18 -5.94
C ALA D 474 -31.61 1.04 -6.62
N TYR D 475 -30.67 1.69 -5.93
CA TYR D 475 -30.06 2.90 -6.46
C TYR D 475 -29.07 2.56 -7.56
N MET D 476 -28.27 1.53 -7.36
CA MET D 476 -27.27 1.11 -8.34
C MET D 476 -27.39 -0.38 -8.65
N ALA D 477 -26.75 -0.81 -9.74
CA ALA D 477 -26.79 -2.21 -10.13
C ALA D 477 -25.43 -2.67 -10.67
N VAL D 478 -24.75 -3.52 -9.91
CA VAL D 478 -23.43 -4.01 -10.31
C VAL D 478 -23.51 -5.44 -10.81
N GLY D 479 -22.50 -5.84 -11.58
CA GLY D 479 -22.45 -7.19 -12.12
C GLY D 479 -22.36 -7.21 -13.64
N SER D 480 -22.37 -8.41 -14.21
CA SER D 480 -22.33 -8.56 -15.66
C SER D 480 -23.57 -7.95 -16.31
N LEU D 481 -23.47 -6.69 -16.69
CA LEU D 481 -24.60 -5.97 -17.25
C LEU D 481 -24.22 -5.24 -18.55
N THR D 482 -24.66 -5.79 -19.68
CA THR D 482 -24.35 -5.23 -20.98
C THR D 482 -25.05 -3.90 -21.21
N ILE D 483 -24.31 -2.91 -21.68
CA ILE D 483 -24.86 -1.59 -21.94
C ILE D 483 -25.36 -1.45 -23.37
N ASN D 484 -26.62 -1.10 -23.53
CA ASN D 484 -27.20 -0.87 -24.85
C ASN D 484 -28.10 0.36 -24.87
N GLU D 485 -28.64 0.67 -26.04
CA GLU D 485 -29.49 1.85 -26.21
C GLU D 485 -30.84 1.66 -25.52
N GLU D 486 -31.25 0.40 -25.36
CA GLU D 486 -32.55 0.09 -24.77
C GLU D 486 -32.58 0.39 -23.26
N ARG D 487 -31.67 -0.22 -22.53
CA ARG D 487 -31.63 -0.08 -21.08
C ARG D 487 -31.19 1.31 -20.64
N SER D 488 -30.38 1.97 -21.46
CA SER D 488 -29.86 3.28 -21.13
C SER D 488 -30.93 4.37 -21.30
N GLU D 489 -32.10 3.99 -21.76
CA GLU D 489 -33.19 4.93 -21.95
C GLU D 489 -33.88 5.27 -20.64
N VAL D 490 -34.01 4.28 -19.76
CA VAL D 490 -34.69 4.48 -18.49
C VAL D 490 -33.72 4.74 -17.34
N VAL D 491 -32.53 4.17 -17.43
CA VAL D 491 -31.50 4.37 -16.40
C VAL D 491 -30.21 4.88 -17.01
N ASP D 492 -29.23 5.17 -16.17
CA ASP D 492 -27.93 5.65 -16.63
C ASP D 492 -26.85 4.60 -16.42
N PHE D 493 -25.82 4.64 -17.25
CA PHE D 493 -24.69 3.72 -17.13
C PHE D 493 -23.38 4.46 -16.97
N SER D 494 -22.48 3.89 -16.17
CA SER D 494 -21.16 4.46 -15.99
C SER D 494 -20.23 4.04 -17.12
N VAL D 495 -19.02 4.57 -17.12
CA VAL D 495 -18.01 4.18 -18.11
C VAL D 495 -17.69 2.69 -17.97
N PRO D 496 -17.77 1.93 -19.07
CA PRO D 496 -17.55 0.49 -19.06
C PRO D 496 -16.19 0.09 -18.50
N PHE D 497 -16.19 -0.89 -17.61
CA PHE D 497 -14.95 -1.37 -16.99
C PHE D 497 -14.44 -2.63 -17.68
N ILE D 498 -15.35 -3.36 -18.32
CA ILE D 498 -14.99 -4.55 -19.09
C ILE D 498 -15.69 -4.55 -20.44
N GLU D 499 -14.91 -4.57 -21.51
CA GLU D 499 -15.46 -4.57 -22.86
C GLU D 499 -16.03 -5.96 -23.20
N THR D 500 -17.13 -5.96 -23.95
CA THR D 500 -17.78 -7.21 -24.33
C THR D 500 -18.70 -7.02 -25.54
N GLY D 501 -19.59 -7.98 -25.75
CA GLY D 501 -20.51 -7.93 -26.86
C GLY D 501 -21.02 -9.32 -27.22
N ILE D 502 -21.50 -9.48 -28.44
CA ILE D 502 -22.01 -10.76 -28.91
C ILE D 502 -20.90 -11.58 -29.55
N SER D 503 -20.65 -12.77 -29.01
CA SER D 503 -19.62 -13.66 -29.53
C SER D 503 -20.11 -15.10 -29.55
N VAL D 504 -19.38 -15.95 -30.27
CA VAL D 504 -19.74 -17.36 -30.41
C VAL D 504 -18.60 -18.28 -30.02
N MET D 505 -18.89 -19.26 -29.16
CA MET D 505 -17.90 -20.24 -28.76
C MET D 505 -18.30 -21.63 -29.25
N VAL D 506 -17.82 -22.00 -30.43
CA VAL D 506 -18.13 -23.30 -31.02
C VAL D 506 -17.33 -24.41 -30.36
N SER D 507 -17.57 -25.64 -30.80
CA SER D 507 -16.86 -26.79 -30.25
C SER D 507 -15.50 -26.96 -30.89
N ARG D 508 -14.75 -27.97 -30.43
CA ARG D 508 -13.41 -28.23 -30.95
C ARG D 508 -13.45 -28.73 -32.39
N PHE D 518 -2.64 -29.87 -49.51
CA PHE D 518 -1.84 -30.65 -50.46
C PHE D 518 -1.18 -29.75 -51.49
N LEU D 519 0.06 -30.06 -51.81
CA LEU D 519 0.85 -29.29 -52.78
C LEU D 519 0.93 -27.82 -52.40
N GLU D 520 1.02 -27.55 -51.10
CA GLU D 520 1.07 -26.19 -50.59
C GLU D 520 2.50 -25.69 -50.30
N PRO D 521 3.35 -26.52 -49.65
CA PRO D 521 4.72 -26.03 -49.43
C PRO D 521 5.49 -25.79 -50.72
N PHE D 522 5.15 -26.52 -51.77
CA PHE D 522 5.81 -26.36 -53.06
C PHE D 522 5.36 -25.07 -53.75
N SER D 523 6.33 -24.25 -54.14
CA SER D 523 6.04 -22.98 -54.80
C SER D 523 5.48 -23.21 -56.20
N ALA D 524 4.80 -22.20 -56.72
CA ALA D 524 4.21 -22.28 -58.06
C ALA D 524 5.28 -22.26 -59.15
N CYS D 525 6.44 -21.72 -58.80
CA CYS D 525 7.56 -21.64 -59.74
C CYS D 525 8.36 -22.94 -59.77
N VAL D 526 8.21 -23.74 -58.72
CA VAL D 526 8.93 -25.00 -58.60
C VAL D 526 8.46 -26.00 -59.65
N TRP D 527 7.16 -26.01 -59.92
CA TRP D 527 6.59 -26.92 -60.91
C TRP D 527 7.05 -26.56 -62.31
N VAL D 528 7.06 -25.27 -62.61
CA VAL D 528 7.51 -24.78 -63.91
C VAL D 528 9.02 -25.02 -64.08
N MET D 529 9.76 -24.89 -62.99
CA MET D 529 11.20 -25.12 -63.01
C MET D 529 11.49 -26.61 -63.22
N MET D 530 10.65 -27.46 -62.67
CA MET D 530 10.79 -28.90 -62.83
C MET D 530 10.43 -29.30 -64.26
N PHE D 531 9.40 -28.68 -64.80
CA PHE D 531 8.98 -28.95 -66.17
C PHE D 531 10.03 -28.46 -67.17
N VAL D 532 10.71 -27.38 -66.81
CA VAL D 532 11.76 -26.83 -67.65
C VAL D 532 13.04 -27.67 -67.55
N MET D 533 13.29 -28.21 -66.36
CA MET D 533 14.45 -29.05 -66.14
C MET D 533 14.27 -30.41 -66.80
N LEU D 534 13.02 -30.85 -66.91
CA LEU D 534 12.70 -32.12 -67.55
C LEU D 534 12.96 -32.06 -69.05
N LEU D 535 12.79 -30.87 -69.63
CA LEU D 535 13.01 -30.68 -71.06
C LEU D 535 14.49 -30.45 -71.36
N ILE D 570 12.53 -36.94 -77.09
CA ILE D 570 12.07 -37.36 -75.77
C ILE D 570 11.47 -38.76 -75.81
N GLY D 571 10.14 -38.83 -75.77
CA GLY D 571 9.44 -40.10 -75.79
C GLY D 571 9.43 -40.79 -74.44
N LYS D 572 10.41 -41.65 -74.21
CA LYS D 572 10.52 -42.36 -72.94
C LYS D 572 11.47 -41.64 -71.99
N ALA D 573 12.13 -40.60 -72.49
CA ALA D 573 13.07 -39.82 -71.69
C ALA D 573 12.33 -38.99 -70.64
N ILE D 574 11.16 -38.48 -71.01
CA ILE D 574 10.34 -37.69 -70.11
C ILE D 574 9.78 -38.54 -68.98
N TRP D 575 9.36 -39.76 -69.33
CA TRP D 575 8.81 -40.68 -68.34
C TRP D 575 9.90 -41.20 -67.42
N LEU D 576 11.13 -41.24 -67.92
CA LEU D 576 12.27 -41.69 -67.14
C LEU D 576 12.77 -40.59 -66.22
N LEU D 577 12.66 -39.35 -66.68
CA LEU D 577 13.07 -38.20 -65.89
C LEU D 577 12.06 -37.89 -64.79
N TRP D 578 10.78 -37.97 -65.14
CA TRP D 578 9.70 -37.72 -64.18
C TRP D 578 9.49 -38.92 -63.27
N GLY D 579 9.83 -40.11 -63.78
CA GLY D 579 9.68 -41.33 -63.00
C GLY D 579 10.74 -41.45 -61.93
N LEU D 580 11.89 -40.83 -62.17
CA LEU D 580 12.98 -40.83 -61.20
C LEU D 580 12.83 -39.68 -60.21
N VAL D 581 11.81 -38.85 -60.42
CA VAL D 581 11.57 -37.71 -59.55
C VAL D 581 10.83 -38.11 -58.28
N PHE D 582 10.23 -39.29 -58.31
CA PHE D 582 9.49 -39.80 -57.15
C PHE D 582 10.12 -41.08 -56.61
N ILE D 598 25.05 -41.48 -68.55
CA ILE D 598 25.26 -41.88 -67.16
C ILE D 598 25.21 -40.66 -66.24
N MET D 599 24.44 -39.65 -66.63
CA MET D 599 24.31 -38.43 -65.84
C MET D 599 22.94 -38.33 -65.20
N VAL D 600 22.13 -39.37 -65.37
CA VAL D 600 20.78 -39.41 -64.82
C VAL D 600 20.82 -39.66 -63.31
N SER D 601 21.96 -40.16 -62.84
CA SER D 601 22.14 -40.43 -61.41
C SER D 601 22.15 -39.14 -60.61
N VAL D 602 22.78 -38.11 -61.17
CA VAL D 602 22.80 -36.79 -60.54
C VAL D 602 21.40 -36.20 -60.50
N TRP D 603 20.62 -36.46 -61.54
CA TRP D 603 19.24 -36.01 -61.61
C TRP D 603 18.42 -36.75 -60.57
N ALA D 604 18.77 -38.01 -60.30
CA ALA D 604 18.11 -38.80 -59.28
C ALA D 604 18.47 -38.30 -57.89
N PHE D 605 19.69 -37.76 -57.76
CA PHE D 605 20.14 -37.17 -56.51
C PHE D 605 19.39 -35.86 -56.23
N PHE D 606 19.27 -35.04 -57.27
CA PHE D 606 18.53 -33.78 -57.17
C PHE D 606 17.05 -34.06 -56.91
N ALA D 607 16.57 -35.18 -57.44
CA ALA D 607 15.18 -35.59 -57.22
C ALA D 607 15.01 -36.09 -55.78
N VAL D 608 16.06 -36.70 -55.25
CA VAL D 608 16.05 -37.16 -53.86
C VAL D 608 16.04 -35.96 -52.91
N ILE D 609 16.80 -34.93 -53.26
CA ILE D 609 16.83 -33.70 -52.47
C ILE D 609 15.49 -32.98 -52.56
N PHE D 610 14.91 -32.97 -53.75
CA PHE D 610 13.61 -32.33 -53.97
C PHE D 610 12.51 -33.06 -53.21
N LEU D 611 12.65 -34.38 -53.09
CA LEU D 611 11.71 -35.18 -52.35
C LEU D 611 11.87 -34.95 -50.84
N ALA D 612 13.12 -34.86 -50.41
CA ALA D 612 13.44 -34.58 -49.01
C ALA D 612 12.88 -33.24 -48.59
N SER D 613 12.94 -32.27 -49.50
CA SER D 613 12.38 -30.95 -49.25
C SER D 613 10.86 -31.00 -49.29
N TYR D 614 10.33 -31.82 -50.19
CA TYR D 614 8.88 -31.97 -50.34
C TYR D 614 8.28 -32.70 -49.14
N THR D 615 9.12 -33.36 -48.35
CA THR D 615 8.67 -34.02 -47.13
C THR D 615 8.89 -33.13 -45.91
N ALA D 616 10.06 -32.50 -45.86
CA ALA D 616 10.42 -31.62 -44.74
C ALA D 616 9.50 -30.40 -44.66
N ASN D 617 9.33 -29.73 -45.80
CA ASN D 617 8.46 -28.56 -45.85
C ASN D 617 7.01 -28.92 -45.61
N LEU D 618 6.63 -30.13 -46.01
CA LEU D 618 5.30 -30.64 -45.77
C LEU D 618 5.09 -30.89 -44.27
N ALA D 619 6.16 -31.32 -43.61
CA ALA D 619 6.12 -31.53 -42.16
C ALA D 619 6.08 -30.19 -41.43
N ALA D 620 6.71 -29.18 -42.02
CA ALA D 620 6.74 -27.85 -41.44
C ALA D 620 5.40 -27.14 -41.64
N PHE D 621 4.69 -27.51 -42.69
CA PHE D 621 3.38 -26.92 -42.99
C PHE D 621 2.26 -27.68 -42.29
N MET D 622 2.59 -28.84 -41.74
CA MET D 622 1.62 -29.66 -41.02
C MET D 622 1.84 -29.59 -39.52
N ILE D 623 2.77 -28.73 -39.10
CA ILE D 623 3.08 -28.56 -37.69
C ILE D 623 3.24 -27.10 -37.33
N GLN D 624 2.43 -26.25 -37.97
CA GLN D 624 2.49 -24.81 -37.72
C GLN D 624 1.15 -24.14 -38.03
N GLU D 625 0.47 -24.63 -39.05
CA GLU D 625 -0.81 -24.06 -39.47
C GLU D 625 -1.94 -24.49 -38.55
N GLU D 626 -2.44 -23.55 -37.75
CA GLU D 626 -3.55 -23.81 -36.85
C GLU D 626 -4.87 -23.37 -37.48
N TYR D 627 -5.31 -24.11 -38.50
CA TYR D 627 -6.53 -23.77 -39.22
C TYR D 627 -7.77 -23.97 -38.36
N VAL D 628 -8.50 -22.88 -38.13
CA VAL D 628 -9.73 -22.92 -37.35
C VAL D 628 -10.91 -22.44 -38.19
N ASP D 629 -12.11 -22.89 -37.84
CA ASP D 629 -13.31 -22.51 -38.57
C ASP D 629 -13.72 -21.08 -38.28
N GLN D 630 -13.39 -20.17 -39.19
CA GLN D 630 -13.79 -18.77 -39.05
C GLN D 630 -15.25 -18.59 -39.42
N VAL D 631 -16.05 -18.14 -38.45
CA VAL D 631 -17.45 -17.87 -38.69
C VAL D 631 -17.60 -16.67 -39.62
N SER D 632 -18.30 -16.87 -40.74
CA SER D 632 -18.49 -15.82 -41.73
C SER D 632 -19.35 -14.68 -41.19
N GLY D 633 -18.81 -13.95 -40.22
CA GLY D 633 -19.52 -12.86 -39.59
C GLY D 633 -20.69 -13.35 -38.76
N LEU D 634 -21.51 -12.41 -38.28
CA LEU D 634 -22.70 -12.76 -37.51
C LEU D 634 -23.81 -13.26 -38.44
N SER D 635 -23.72 -12.87 -39.70
CA SER D 635 -24.69 -13.29 -40.71
C SER D 635 -24.11 -14.37 -41.62
N ASP D 636 -23.62 -15.44 -41.00
CA ASP D 636 -23.03 -16.55 -41.76
C ASP D 636 -24.11 -17.32 -42.52
N LYS D 637 -23.67 -18.13 -43.48
CA LYS D 637 -24.58 -18.91 -44.30
C LYS D 637 -25.28 -19.99 -43.47
N LYS D 638 -24.59 -20.48 -42.45
CA LYS D 638 -25.15 -21.50 -41.57
C LYS D 638 -26.03 -20.89 -40.49
N PHE D 639 -25.92 -19.58 -40.31
CA PHE D 639 -26.71 -18.87 -39.30
C PHE D 639 -27.92 -18.18 -39.91
N GLN D 640 -27.71 -17.49 -41.02
CA GLN D 640 -28.78 -16.76 -41.69
C GLN D 640 -29.75 -17.71 -42.37
N ARG D 641 -29.26 -18.88 -42.77
CA ARG D 641 -30.09 -19.88 -43.44
C ARG D 641 -29.63 -21.29 -43.12
N PRO D 642 -30.09 -21.84 -41.98
CA PRO D 642 -29.71 -23.18 -41.54
C PRO D 642 -30.42 -24.29 -42.33
N ASN D 643 -31.54 -23.96 -42.95
CA ASN D 643 -32.33 -24.95 -43.68
C ASN D 643 -31.84 -25.15 -45.12
N ASP D 644 -30.89 -24.32 -45.54
CA ASP D 644 -30.34 -24.42 -46.89
C ASP D 644 -29.44 -25.63 -47.06
N PHE D 645 -28.47 -25.78 -46.15
CA PHE D 645 -27.56 -26.92 -46.17
C PHE D 645 -28.30 -28.20 -45.78
N SER D 646 -27.60 -29.34 -45.82
CA SER D 646 -28.24 -30.61 -45.53
C SER D 646 -28.43 -30.83 -44.02
N PRO D 647 -27.36 -30.67 -43.21
CA PRO D 647 -27.66 -30.76 -41.78
C PRO D 647 -27.92 -29.37 -41.17
N PRO D 648 -29.14 -29.15 -40.66
CA PRO D 648 -29.53 -27.86 -40.07
C PRO D 648 -28.65 -27.46 -38.89
N PHE D 649 -28.06 -26.26 -38.95
CA PHE D 649 -27.21 -25.78 -37.88
C PHE D 649 -27.99 -25.54 -36.61
N ARG D 650 -27.51 -26.11 -35.51
CA ARG D 650 -28.19 -25.99 -34.21
C ARG D 650 -27.52 -24.95 -33.33
N PHE D 651 -27.91 -23.70 -33.50
CA PHE D 651 -27.37 -22.62 -32.69
C PHE D 651 -28.49 -21.85 -31.99
N GLY D 652 -28.21 -21.36 -30.78
CA GLY D 652 -29.19 -20.62 -30.02
C GLY D 652 -28.57 -19.71 -28.98
N THR D 653 -29.42 -19.07 -28.18
CA THR D 653 -28.96 -18.16 -27.14
C THR D 653 -29.90 -18.21 -25.93
N VAL D 654 -29.55 -17.45 -24.90
CA VAL D 654 -30.38 -17.39 -23.70
C VAL D 654 -31.53 -16.41 -23.89
N PRO D 655 -32.69 -16.73 -23.29
CA PRO D 655 -33.85 -15.84 -23.39
C PRO D 655 -33.70 -14.59 -22.51
N ASN D 656 -34.31 -13.49 -22.95
CA ASN D 656 -34.25 -12.20 -22.24
C ASN D 656 -32.82 -11.71 -22.02
N GLY D 657 -31.93 -12.02 -22.96
CA GLY D 657 -30.55 -11.56 -22.87
C GLY D 657 -30.30 -10.36 -23.78
N SER D 658 -29.16 -9.72 -23.59
CA SER D 658 -28.78 -8.59 -24.43
C SER D 658 -28.52 -9.06 -25.86
N THR D 659 -27.96 -10.26 -25.97
CA THR D 659 -27.66 -10.85 -27.27
C THR D 659 -28.95 -11.16 -28.04
N GLU D 660 -29.98 -11.57 -27.31
CA GLU D 660 -31.27 -11.87 -27.93
C GLU D 660 -31.98 -10.58 -28.34
N ARG D 661 -31.88 -9.56 -27.50
CA ARG D 661 -32.51 -8.28 -27.79
C ARG D 661 -31.80 -7.56 -28.92
N ASN D 662 -30.52 -7.88 -29.12
CA ASN D 662 -29.74 -7.28 -30.20
C ASN D 662 -29.90 -8.05 -31.51
N ILE D 663 -30.03 -9.37 -31.41
CA ILE D 663 -30.17 -10.22 -32.58
C ILE D 663 -31.56 -10.07 -33.21
N ARG D 664 -32.58 -9.92 -32.36
CA ARG D 664 -33.95 -9.79 -32.83
C ARG D 664 -34.20 -8.43 -33.47
N ASN D 665 -33.24 -7.52 -33.31
CA ASN D 665 -33.35 -6.19 -33.90
C ASN D 665 -32.36 -5.99 -35.04
N ASN D 666 -31.55 -7.02 -35.30
CA ASN D 666 -30.56 -6.95 -36.36
C ASN D 666 -30.68 -8.12 -37.33
N TYR D 667 -31.34 -9.18 -36.89
CA TYR D 667 -31.55 -10.36 -37.71
C TYR D 667 -32.77 -11.16 -37.24
N ALA D 668 -33.92 -10.87 -37.84
CA ALA D 668 -35.17 -11.52 -37.46
C ALA D 668 -35.13 -13.02 -37.75
N GLU D 669 -34.41 -13.40 -38.79
CA GLU D 669 -34.28 -14.80 -39.16
C GLU D 669 -33.52 -15.58 -38.09
N MET D 670 -32.51 -14.95 -37.50
CA MET D 670 -31.72 -15.59 -36.46
C MET D 670 -32.56 -15.82 -35.20
N HIS D 671 -33.36 -14.83 -34.83
CA HIS D 671 -34.22 -14.95 -33.66
C HIS D 671 -35.34 -15.96 -33.90
N ALA D 672 -35.86 -16.00 -35.13
CA ALA D 672 -36.92 -16.93 -35.49
C ALA D 672 -36.41 -18.36 -35.49
N TYR D 673 -35.17 -18.55 -35.97
CA TYR D 673 -34.57 -19.87 -36.01
C TYR D 673 -34.15 -20.32 -34.61
N MET D 674 -33.72 -19.38 -33.79
CA MET D 674 -33.32 -19.68 -32.42
C MET D 674 -34.49 -19.57 -31.45
N GLY D 675 -35.69 -19.43 -32.01
CA GLY D 675 -36.90 -19.35 -31.20
C GLY D 675 -37.22 -20.66 -30.50
N LYS D 676 -36.76 -21.76 -31.08
CA LYS D 676 -36.97 -23.08 -30.50
C LYS D 676 -35.64 -23.70 -30.07
N PHE D 677 -34.55 -23.04 -30.40
CA PHE D 677 -33.22 -23.51 -30.04
C PHE D 677 -32.70 -22.79 -28.80
N ASN D 678 -33.57 -22.02 -28.16
CA ASN D 678 -33.20 -21.28 -26.96
C ASN D 678 -32.94 -22.21 -25.78
N GLN D 679 -31.85 -21.97 -25.07
CA GLN D 679 -31.48 -22.79 -23.91
C GLN D 679 -31.30 -21.93 -22.65
N ARG D 680 -31.81 -22.43 -21.53
CA ARG D 680 -31.69 -21.73 -20.26
C ARG D 680 -30.48 -22.23 -19.48
N GLY D 681 -29.66 -21.29 -19.03
CA GLY D 681 -28.45 -21.63 -18.30
C GLY D 681 -27.24 -21.72 -19.22
N VAL D 682 -26.21 -20.94 -18.92
CA VAL D 682 -25.00 -20.92 -19.72
C VAL D 682 -24.25 -22.25 -19.64
N ASP D 683 -24.17 -22.77 -18.42
CA ASP D 683 -23.50 -24.05 -18.19
C ASP D 683 -24.23 -25.20 -18.89
N ASP D 684 -25.55 -25.11 -18.94
CA ASP D 684 -26.36 -26.12 -19.60
C ASP D 684 -26.16 -26.05 -21.12
N ALA D 685 -25.98 -24.84 -21.64
CA ALA D 685 -25.75 -24.64 -23.06
C ALA D 685 -24.36 -25.13 -23.45
N LEU D 686 -23.40 -24.89 -22.58
CA LEU D 686 -22.03 -25.35 -22.80
C LEU D 686 -21.97 -26.88 -22.74
N LEU D 687 -22.73 -27.46 -21.82
CA LEU D 687 -22.81 -28.90 -21.68
C LEU D 687 -23.51 -29.51 -22.90
N SER D 688 -24.47 -28.76 -23.45
CA SER D 688 -25.19 -29.19 -24.64
C SER D 688 -24.28 -29.13 -25.86
N LEU D 689 -23.39 -28.14 -25.88
CA LEU D 689 -22.42 -28.00 -26.96
C LEU D 689 -21.35 -29.08 -26.87
N LYS D 690 -21.02 -29.49 -25.65
CA LYS D 690 -20.04 -30.54 -25.43
C LYS D 690 -20.65 -31.91 -25.70
N THR D 691 -21.97 -32.01 -25.56
CA THR D 691 -22.68 -33.27 -25.79
C THR D 691 -22.88 -33.51 -27.28
N GLY D 692 -23.32 -32.48 -28.00
CA GLY D 692 -23.55 -32.57 -29.43
C GLY D 692 -24.96 -32.16 -29.82
N LYS D 693 -25.70 -31.63 -28.84
CA LYS D 693 -27.07 -31.20 -29.08
C LYS D 693 -27.10 -29.76 -29.60
N LEU D 694 -25.97 -29.08 -29.53
CA LEU D 694 -25.86 -27.71 -30.01
C LEU D 694 -24.57 -27.49 -30.79
N ASP D 695 -24.68 -26.98 -32.01
CA ASP D 695 -23.53 -26.74 -32.85
C ASP D 695 -22.69 -25.58 -32.32
N ALA D 696 -23.33 -24.44 -32.10
CA ALA D 696 -22.64 -23.25 -31.60
C ALA D 696 -23.44 -22.59 -30.49
N PHE D 697 -22.93 -21.48 -29.98
CA PHE D 697 -23.60 -20.74 -28.90
C PHE D 697 -23.29 -19.26 -28.98
N ILE D 698 -24.32 -18.46 -29.24
CA ILE D 698 -24.18 -17.01 -29.27
C ILE D 698 -24.48 -16.41 -27.90
N TYR D 699 -23.46 -15.87 -27.26
CA TYR D 699 -23.60 -15.34 -25.90
C TYR D 699 -22.61 -14.19 -25.68
N ASP D 700 -22.62 -13.63 -24.47
CA ASP D 700 -21.73 -12.53 -24.11
C ASP D 700 -20.26 -12.85 -24.38
N ALA D 701 -19.51 -11.84 -24.82
CA ALA D 701 -18.12 -12.02 -25.21
C ALA D 701 -17.21 -12.39 -24.04
N ALA D 702 -17.28 -11.59 -22.98
CA ALA D 702 -16.41 -11.78 -21.81
C ALA D 702 -16.63 -13.14 -21.14
N VAL D 703 -17.89 -13.49 -20.94
CA VAL D 703 -18.24 -14.76 -20.30
C VAL D 703 -17.71 -15.95 -21.11
N LEU D 704 -17.85 -15.86 -22.43
CA LEU D 704 -17.39 -16.92 -23.31
C LEU D 704 -15.86 -16.99 -23.37
N ASN D 705 -15.22 -15.84 -23.27
CA ASN D 705 -13.76 -15.78 -23.25
C ASN D 705 -13.21 -16.42 -21.98
N TYR D 706 -13.82 -16.10 -20.85
CA TYR D 706 -13.42 -16.69 -19.57
C TYR D 706 -13.70 -18.19 -19.55
N MET D 707 -14.87 -18.57 -20.07
CA MET D 707 -15.28 -19.97 -20.07
C MET D 707 -14.35 -20.80 -20.96
N ALA D 708 -13.94 -20.22 -22.08
CA ALA D 708 -13.00 -20.88 -22.97
C ALA D 708 -11.61 -20.95 -22.34
N GLY D 709 -11.27 -19.91 -21.58
CA GLY D 709 -10.00 -19.86 -20.89
C GLY D 709 -9.92 -20.86 -19.76
N ARG D 710 -11.04 -21.01 -19.04
CA ARG D 710 -11.11 -21.92 -17.91
C ARG D 710 -12.27 -22.90 -18.04
N ASP D 711 -11.96 -24.15 -18.34
CA ASP D 711 -12.98 -25.19 -18.47
C ASP D 711 -12.47 -26.54 -17.97
N GLU D 712 -13.32 -27.56 -18.04
CA GLU D 712 -12.94 -28.91 -17.64
C GLU D 712 -11.86 -29.45 -18.57
N GLY D 713 -11.93 -29.05 -19.84
CA GLY D 713 -10.93 -29.42 -20.82
C GLY D 713 -10.62 -28.23 -21.71
N CYS D 714 -9.93 -28.50 -22.82
CA CYS D 714 -9.60 -27.44 -23.78
C CYS D 714 -10.24 -27.71 -25.13
N LYS D 715 -11.57 -27.71 -25.17
CA LYS D 715 -12.31 -27.96 -26.39
C LYS D 715 -13.04 -26.71 -26.87
N LEU D 716 -13.73 -26.05 -25.95
CA LEU D 716 -14.47 -24.84 -26.27
C LEU D 716 -13.55 -23.69 -26.63
N VAL D 717 -13.88 -22.97 -27.70
CA VAL D 717 -13.06 -21.85 -28.17
C VAL D 717 -13.91 -20.79 -28.86
N THR D 718 -13.55 -19.53 -28.67
CA THR D 718 -14.28 -18.42 -29.27
C THR D 718 -14.10 -18.39 -30.79
N ILE D 719 -15.09 -17.84 -31.49
CA ILE D 719 -15.04 -17.76 -32.94
C ILE D 719 -14.00 -16.76 -33.42
N GLY D 720 -13.07 -17.22 -34.25
CA GLY D 720 -12.02 -16.38 -34.77
C GLY D 720 -10.88 -16.18 -33.78
N SER D 721 -10.14 -15.10 -33.96
CA SER D 721 -9.01 -14.80 -33.07
C SER D 721 -9.51 -14.14 -31.78
N GLY D 722 -10.76 -13.72 -31.78
CA GLY D 722 -11.36 -13.07 -30.62
C GLY D 722 -12.30 -11.95 -31.00
N LYS D 723 -12.85 -12.04 -32.22
CA LYS D 723 -13.78 -11.03 -32.71
C LYS D 723 -15.09 -11.06 -31.93
N VAL D 724 -15.72 -9.89 -31.81
CA VAL D 724 -16.97 -9.78 -31.08
C VAL D 724 -17.97 -8.87 -31.81
N PHE D 725 -19.04 -9.48 -32.31
CA PHE D 725 -20.10 -8.74 -32.99
C PHE D 725 -20.83 -7.83 -32.00
N ALA D 726 -21.25 -6.66 -32.49
CA ALA D 726 -21.90 -5.65 -31.65
C ALA D 726 -21.03 -5.31 -30.44
N SER D 727 -19.91 -4.66 -30.69
CA SER D 727 -18.95 -4.33 -29.65
C SER D 727 -19.52 -3.36 -28.62
N THR D 728 -19.40 -3.73 -27.34
CA THR D 728 -19.88 -2.90 -26.26
C THR D 728 -19.09 -3.18 -24.98
N GLY D 729 -19.73 -3.01 -23.83
CA GLY D 729 -19.06 -3.26 -22.56
C GLY D 729 -20.02 -3.33 -21.39
N TYR D 730 -19.56 -3.92 -20.29
CA TYR D 730 -20.36 -3.99 -19.06
C TYR D 730 -20.48 -2.60 -18.44
N GLY D 731 -21.21 -2.52 -17.32
CA GLY D 731 -21.38 -1.25 -16.64
C GLY D 731 -22.21 -1.34 -15.39
N ILE D 732 -22.48 -0.19 -14.77
CA ILE D 732 -23.27 -0.13 -13.55
C ILE D 732 -24.48 0.76 -13.75
N ALA D 733 -25.67 0.15 -13.69
CA ALA D 733 -26.91 0.90 -13.88
C ALA D 733 -27.31 1.62 -12.60
N ILE D 734 -27.36 2.95 -12.67
CA ILE D 734 -27.78 3.76 -11.54
C ILE D 734 -29.07 4.49 -11.84
N GLN D 735 -29.60 5.20 -10.85
CA GLN D 735 -30.83 5.98 -11.04
C GLN D 735 -30.62 7.09 -12.06
N LYS D 736 -31.65 7.36 -12.85
CA LYS D 736 -31.57 8.38 -13.89
C LYS D 736 -31.45 9.78 -13.30
N ASP D 737 -30.66 10.63 -13.95
CA ASP D 737 -30.44 12.01 -13.53
C ASP D 737 -29.95 12.10 -12.09
N SER D 738 -29.03 11.20 -11.72
CA SER D 738 -28.49 11.18 -10.37
C SER D 738 -27.30 12.12 -10.23
N GLY D 739 -26.55 11.96 -9.14
CA GLY D 739 -25.38 12.79 -8.89
C GLY D 739 -24.16 11.95 -8.57
N TRP D 740 -24.26 10.65 -8.82
CA TRP D 740 -23.17 9.72 -8.55
C TRP D 740 -22.50 9.26 -9.83
N LYS D 741 -23.14 9.53 -10.97
CA LYS D 741 -22.62 9.10 -12.27
C LYS D 741 -21.22 9.64 -12.53
N ARG D 742 -21.04 10.94 -12.32
CA ARG D 742 -19.76 11.58 -12.55
C ARG D 742 -18.67 11.02 -11.64
N GLN D 743 -18.97 10.94 -10.35
CA GLN D 743 -18.00 10.47 -9.36
C GLN D 743 -17.61 9.01 -9.60
N VAL D 744 -18.60 8.16 -9.87
CA VAL D 744 -18.35 6.75 -10.14
C VAL D 744 -17.53 6.59 -11.42
N ASP D 745 -17.88 7.35 -12.44
CA ASP D 745 -17.14 7.32 -13.71
C ASP D 745 -15.68 7.70 -13.50
N LEU D 746 -15.46 8.80 -12.78
CA LEU D 746 -14.11 9.25 -12.47
C LEU D 746 -13.36 8.21 -11.65
N ALA D 747 -14.08 7.48 -10.81
CA ALA D 747 -13.48 6.44 -9.99
C ALA D 747 -13.01 5.26 -10.84
N ILE D 748 -13.88 4.81 -11.74
CA ILE D 748 -13.55 3.68 -12.62
C ILE D 748 -12.39 4.05 -13.55
N LEU D 749 -12.43 5.26 -14.09
CA LEU D 749 -11.35 5.75 -14.95
C LEU D 749 -10.06 5.89 -14.14
N GLN D 750 -10.20 6.19 -12.86
CA GLN D 750 -9.05 6.25 -11.96
C GLN D 750 -8.47 4.85 -11.76
N LEU D 751 -9.36 3.85 -11.77
CA LEU D 751 -8.92 2.46 -11.70
C LEU D 751 -8.20 2.07 -12.98
N PHE D 752 -8.65 2.63 -14.10
CA PHE D 752 -7.96 2.42 -15.38
C PHE D 752 -6.56 3.03 -15.36
N GLY D 753 -6.47 4.24 -14.82
CA GLY D 753 -5.20 4.95 -14.76
C GLY D 753 -4.20 4.33 -13.81
N ASP D 754 -4.69 3.87 -12.65
CA ASP D 754 -3.83 3.25 -11.65
C ASP D 754 -3.30 1.91 -12.14
N GLY D 755 -4.07 1.24 -13.00
CA GLY D 755 -3.67 -0.04 -13.55
C GLY D 755 -4.17 -1.21 -12.72
N GLU D 756 -4.95 -0.91 -11.69
CA GLU D 756 -5.50 -1.94 -10.82
C GLU D 756 -6.52 -2.80 -11.55
N MET D 757 -7.13 -2.22 -12.59
CA MET D 757 -8.13 -2.92 -13.39
C MET D 757 -7.52 -4.13 -14.09
N GLU D 758 -6.29 -3.97 -14.57
CA GLU D 758 -5.57 -5.06 -15.22
C GLU D 758 -5.22 -6.15 -14.23
N GLU D 759 -4.95 -5.75 -12.98
CA GLU D 759 -4.64 -6.69 -11.92
C GLU D 759 -5.87 -7.50 -11.54
N LEU D 760 -7.02 -6.83 -11.49
CA LEU D 760 -8.29 -7.50 -11.20
C LEU D 760 -8.70 -8.38 -12.37
N GLU D 761 -8.29 -8.00 -13.57
CA GLU D 761 -8.59 -8.77 -14.77
C GLU D 761 -7.72 -10.03 -14.83
N ALA D 762 -6.53 -9.95 -14.24
CA ALA D 762 -5.61 -11.07 -14.21
C ALA D 762 -5.85 -11.92 -12.97
N LEU D 763 -6.78 -11.49 -12.13
CA LEU D 763 -7.10 -12.19 -10.90
C LEU D 763 -8.34 -13.08 -11.07
N TRP D 764 -9.31 -12.59 -11.82
CA TRP D 764 -10.57 -13.30 -12.00
C TRP D 764 -10.77 -13.77 -13.45
N LEU D 765 -10.48 -12.89 -14.40
CA LEU D 765 -10.70 -13.19 -15.81
C LEU D 765 -9.53 -13.93 -16.44
N THR D 766 -8.66 -14.47 -15.60
CA THR D 766 -7.49 -15.20 -16.08
C THR D 766 -7.86 -16.63 -16.51
N GLY D 767 -7.38 -17.03 -17.68
CA GLY D 767 -7.65 -18.37 -18.18
C GLY D 767 -6.44 -19.27 -18.07
N ILE D 768 -6.66 -20.57 -18.21
CA ILE D 768 -5.58 -21.55 -18.11
C ILE D 768 -5.28 -22.15 -19.49
N CYS D 769 -6.28 -22.20 -20.35
CA CYS D 769 -6.11 -22.73 -21.70
C CYS D 769 -5.75 -21.62 -22.68
N HIS D 770 -5.44 -22.02 -23.91
CA HIS D 770 -5.05 -21.09 -24.98
C HIS D 770 -3.88 -20.21 -24.58
N GLU D 775 -3.05 -28.78 -30.58
CA GLU D 775 -3.49 -28.76 -31.98
C GLU D 775 -2.88 -29.93 -32.76
N VAL D 776 -2.60 -31.02 -32.07
CA VAL D 776 -2.01 -32.20 -32.69
C VAL D 776 -3.03 -33.33 -32.81
N MET D 777 -3.28 -33.77 -34.03
CA MET D 777 -4.23 -34.85 -34.29
C MET D 777 -3.94 -35.55 -35.61
N SER D 778 -4.97 -36.17 -36.17
CA SER D 778 -4.84 -36.89 -37.43
C SER D 778 -5.63 -36.20 -38.54
N SER D 779 -5.08 -36.22 -39.75
CA SER D 779 -5.73 -35.57 -40.89
C SER D 779 -6.48 -36.57 -41.76
N GLN D 780 -7.74 -36.28 -42.05
CA GLN D 780 -8.57 -37.15 -42.88
C GLN D 780 -9.09 -36.41 -44.09
N LEU D 781 -8.87 -35.09 -44.11
CA LEU D 781 -9.28 -34.22 -45.23
C LEU D 781 -10.78 -34.26 -45.49
N ASP D 782 -11.55 -34.65 -44.47
CA ASP D 782 -13.01 -34.70 -44.54
C ASP D 782 -13.52 -35.56 -45.69
N CYS D 783 -14.80 -35.41 -46.01
CA CYS D 783 -15.42 -36.16 -47.10
C CYS D 783 -16.43 -35.30 -47.86
N ASP D 784 -16.01 -34.09 -48.21
CA ASP D 784 -16.89 -33.17 -48.94
C ASP D 784 -16.09 -32.18 -49.77
N ASN D 785 -16.78 -31.46 -50.66
CA ASN D 785 -16.18 -30.45 -51.52
C ASN D 785 -15.05 -30.99 -52.40
N MET D 786 -14.31 -30.07 -53.02
CA MET D 786 -13.20 -30.44 -53.88
C MET D 786 -11.87 -30.22 -53.18
N ALA D 787 -11.34 -31.27 -52.58
CA ALA D 787 -10.07 -31.18 -51.84
C ALA D 787 -8.89 -31.57 -52.71
N GLY D 788 -7.76 -31.86 -52.08
CA GLY D 788 -6.57 -32.27 -52.79
C GLY D 788 -6.70 -33.66 -53.37
N VAL D 789 -5.66 -34.10 -54.09
CA VAL D 789 -5.63 -35.42 -54.73
C VAL D 789 -6.75 -35.61 -55.76
N PHE D 790 -8.00 -35.45 -55.31
CA PHE D 790 -9.16 -35.55 -56.18
C PHE D 790 -9.11 -34.51 -57.30
N TYR D 791 -8.55 -33.34 -56.98
CA TYR D 791 -8.37 -32.29 -57.97
C TYR D 791 -7.30 -32.69 -58.98
N MET D 792 -6.27 -33.36 -58.48
CA MET D 792 -5.20 -33.86 -59.35
C MET D 792 -5.72 -34.99 -60.22
N LEU D 793 -6.63 -35.79 -59.68
CA LEU D 793 -7.26 -36.88 -60.42
C LEU D 793 -8.21 -36.32 -61.46
N GLY D 794 -8.80 -35.16 -61.16
CA GLY D 794 -9.68 -34.48 -62.10
C GLY D 794 -8.89 -33.87 -63.24
N ALA D 795 -7.75 -33.27 -62.91
CA ALA D 795 -6.87 -32.70 -63.92
C ALA D 795 -6.28 -33.81 -64.79
N ALA D 796 -6.01 -34.95 -64.18
CA ALA D 796 -5.53 -36.11 -64.91
C ALA D 796 -6.64 -36.70 -65.78
N MET D 797 -7.87 -36.52 -65.34
CA MET D 797 -9.04 -36.98 -66.10
C MET D 797 -9.26 -36.09 -67.32
N ALA D 798 -8.99 -34.80 -67.15
CA ALA D 798 -9.09 -33.84 -68.25
C ALA D 798 -7.96 -34.06 -69.25
N LEU D 799 -6.76 -34.32 -68.73
CA LEU D 799 -5.61 -34.62 -69.57
C LEU D 799 -5.83 -35.91 -70.33
N SER D 800 -6.48 -36.88 -69.68
CA SER D 800 -6.81 -38.14 -70.31
C SER D 800 -7.91 -37.94 -71.35
N LEU D 801 -8.78 -36.96 -71.11
CA LEU D 801 -9.83 -36.62 -72.05
C LEU D 801 -9.24 -35.92 -73.28
N ILE D 802 -8.10 -35.27 -73.08
CA ILE D 802 -7.40 -34.60 -74.17
C ILE D 802 -6.41 -35.55 -74.85
N THR D 803 -6.18 -36.70 -74.22
CA THR D 803 -5.25 -37.69 -74.76
C THR D 803 -6.00 -38.82 -75.46
N PHE D 804 -7.29 -38.95 -75.16
CA PHE D 804 -8.12 -39.99 -75.76
C PHE D 804 -8.87 -39.47 -76.97
N ILE D 805 -9.07 -38.15 -77.02
CA ILE D 805 -9.76 -37.52 -78.12
C ILE D 805 -8.78 -37.13 -79.24
N SER D 806 -7.50 -37.26 -78.96
CA SER D 806 -6.46 -36.94 -79.92
C SER D 806 -6.22 -38.10 -80.88
#